data_8S9T
#
_entry.id   8S9T
#
_cell.length_a   1.00
_cell.length_b   1.00
_cell.length_c   1.00
_cell.angle_alpha   90.00
_cell.angle_beta   90.00
_cell.angle_gamma   90.00
#
_symmetry.space_group_name_H-M   'P 1'
#
loop_
_entity.id
_entity.type
_entity.pdbx_description
1 polymer Cas7-Cas5-Cas11
2 polymer 'TIGR03984 family CRISPR-associated protein'
3 polymer Cas10
4 polymer Cas7-2x
5 polymer 'TIGR03986 family CRISPR-associated RAMP protein'
6 polymer 'CRISPR RNA'
#
loop_
_entity_poly.entity_id
_entity_poly.type
_entity_poly.pdbx_seq_one_letter_code
_entity_poly.pdbx_strand_id
1 'polypeptide(L)'
;MRGIEITITMQSDWHVGTGMGRGELDSVVQRDGDNLPYIPGKTLTGILRDSCEQVALGLDNGQTRGLWHGWINFIFGDQP
ALAQGAIEPEPRPALIAIGSAHLDPKLKAAFQGKKQLQEAIAFMKPGVAIDAITGTAKKDFLRFEEVVRLGAKLTAEVEL
NLPDNLSETNKKVIAGILASGAKLTERLGGKRRRGNGRCELKFSGYSDQQIQWLKDNYQSVDQPPKYQQNKLQSAGDNPE
QQPPWHIIPLTIKTLSPVVLPARTVGNVVECLDYIPGRYLLGYIHKTLGEYFDVSQAIAAGDLIITNATIKIDGKAGRAT
PFCLFGEKLDGGLGKGKGVYNRFQESEPDGIQLKGERGGYVGQFEQEQRNLPNTGKINSELFTHNTIQDDVQRPTSDVGG
VYSYEAIIAGQTFVAELRLPDSLVKQITSKNKNWQAQLKATIRIGQSKKDQYGKIEVTSGNSADLPKPTGNNKTLSIWFL
SDILLRGDRLNFNATPDDLKKYLENALDIKLKERSDNDLICIALRSQRTESWQVRWGLPRPSLVGWQAGSCLIYDIESGT
VNAEKLQELMITGIGDRCTEGYGQIGFNDPLLSASLGKLTAKPKASNNQSQNSQSNPLPTNHPTQDYARLIEKAAWREAI
QNKALALASSRAKREEILGIKIMGKDSQPTMTQLGGFRSVLKRLHSRNNRDIVTGYLTALEQVSNRKEKWSNTSQGLTKI
RNLVTQENLIWNHLDIDFSPLTITQNGVNQLKSELWAEAVRTLVDAIIRGHKRDLEKAQENESNQQSQGAA
;
A
2 'polypeptide(L)'
;MPAGGRLMKNLYHYHQYEITLESAVDSCKNHLQAAIGLLYSPQKCELVKLDNSGKLVDSYNRLKFNNLGVFEARFFNLNC
ELRWVNESNGNGTAVLLSESDITLTGFEKGLQEFITAIDQQYLLWGEPAKHPPNADGWQRLAEARIGKLDIPLDNPLKPK
DRVFLTSEEYIAEVDDFGNCAVIDERLIKLEVK
;
B
3 'polypeptide(L)'
;MAHHHHHHVGTENLYFQGFLVLIETSGNQHFIFSTNKLRENIGASELTYLATTEILFQGVDRVFQTNYYDQWSDTNSLNF
LADSKLNPAIDDPKNNADIEILLATSGKAIALVKEEGKAKQLIKEVTKQALINAPGLEIGGIYVNCNWQDKLGVAKAVKE
AHKQFEVNRAKRAGANGRFLRLPIAAGCSVSELPASDFDYNADGDKIPVSTVSKVKRETAKSAKKRLRSVDGRLVNDLAQ
LEKSFDELDWLAVVHADGNGLGQILLSLEKYIGEQTNRNYIDKYRRLSLALDNCTINAFKMAIAVFKEDSKKIDLPIVPL
ILGGDDLTVICRGDYALEFTREFLEAFEGQTETHDDIKVIAQKAFGVDRLSACAGISIIKPHFPFSVAYTLAERLIKSAK
EVKQKVTVTNSSPITPFPCSAIDFHILYDSSGIDFDRIREKLRPEDNTELYNRPYVVTAAENLSQAQGYEWSQAHSLQTL
ADRVSYLRSEDGEGKSALPSSQSHALRTALYLEKNEADAQYSLISQRYKILKNFAEDGENKSLFHLENGKYVTRFLDALD
AKDFFANANHKNQGE
;
C
4 'polypeptide(L)'
;MARKVTTRWKITGTLIAETPLHIGGVGGDADTDLALAVNGAGEYYVPGTSLAGALRGWMTQLLNNDESQIKDLWGDHLDA
KRGASFVIVDDAVIHIPNNADVEIREGVGIDRHFGTAANGFKYSRAVIPKGSKFKLPLTFDSQDDGLPNALIQLLCALEA
GDIRLGAAKTRGLGRIKLDDLKLKSFALDKPEGIFSALLDQGKKLDWNQLKANVTYQSPPYLGISITWNPKDPVMVKAEG
DGLAIDILPLVSQVGSDVRFVIPGSSIKGILRTQAERIIRTICQSNGSEKNFLEQLRINLVNELFGSASLSQKQNGKDID
LGKIGALAVNDCFSSLSMTPDQWKAVENATEMTGNLQPALKQATGYPNNISQAYKVLQPAMHVAVDRWTGGAAEGMLYSV
LEPIGVTWEPIQVHLDIARLKNYYHGKEEKLKPAIALLLLVLRDLANKKIPVGYGTNRGMGTITVSQITLNGKALPTELE
PLNKTMTCPNLTDLDEAFRQDLSTAWKEWIADPIDLCQQEAA
;
D
5 'polypeptide(L)'
;MTVGTLGVVGSAKNLKLQLSFINTRQQYVQITLFERNSFKVAEEEFSTELVEIIKTALPTLKNKKVEFEEDGDQIKQIRE
KGQAWVGAAEQIAPYVLPSGNITETPRNVNASNFHNPYNFVPALPRDGITGDLGDCAPAGHSYYHGDKYSGRIAVKLTTV
TPLLIPDASKEEINNNHKTYPVRIGKDGKPYLPPTSIKGMLRSAYEAVTNSRLAVFEDHDSRLAYRMPATMGLQMVPARI
EGDNIVLYPGTSRIGNNGRPANNDPMYAAWLPYYQNRIAYDGSRDYQMAEHGDHVRFWAERYTRGNFCYWRVRQIARHNQ
NLGNRPERGRNYGQHHSTGVIEQFEGFVYKTNKNIGNKHDERVFIIDRESIEIPLSRDLRRKWRELITSYQEIHKKEVDR
GDTGPSAVNGAVWSRQIIADESERNLSDGTLCYAHVKKEDGQYKILNLYPVMITRGLYEIAPVDLLDETLKPATDKKQLS
PADRVFGWVNQRGNGCYKGQLRIHSVTCQHDDAIDDFGNQNFSVPLAILGQPKPEQARFYCADDRKGIPLEDGYDRDDGY
SDSEQGLRGRKVYPHHKGLPNGYWSNPTEDRSQQAIQGHYQEYRRPKKDGLEQRDDQNRSVKGWVKPLTEFTFEIDVTNL
SEVELGALLWLLTLPDLHFHRLGGGKPLGFGSVRLDIDPDKTDLRNGAGWRDYYGSLLETSQPDFTTLISQWINAFQTAV
KEEYGSSSFDQVTFIKASGQSLQGFHDNASIHYPRSTPEPKPDGEAFKWFVANEKGRRLALPALEKSQSFPIKPS
;
E
6 'polyribonucleotide' ACUGAAACUGUAGUAGAACCAAUCGGGGUCGUCAAUA F
#
# COMPACT_ATOMS: atom_id res chain seq x y z
N MET A 1 24.25 39.94 12.43
CA MET A 1 24.12 39.03 13.56
C MET A 1 23.62 37.67 13.09
N ARG A 2 24.51 36.92 12.46
CA ARG A 2 24.39 35.47 12.33
C ARG A 2 24.94 34.78 13.57
N GLY A 3 24.43 33.58 13.82
CA GLY A 3 24.84 32.73 14.91
C GLY A 3 23.70 32.38 15.84
N ILE A 4 22.60 33.12 15.72
CA ILE A 4 21.33 32.67 16.25
C ILE A 4 20.92 31.42 15.49
N GLU A 5 20.26 30.51 16.18
CA GLU A 5 19.60 29.40 15.54
C GLU A 5 18.14 29.38 15.94
N ILE A 6 17.32 28.80 15.07
CA ILE A 6 16.03 28.24 15.46
C ILE A 6 16.20 26.73 15.56
N THR A 7 15.72 26.15 16.64
CA THR A 7 15.47 24.72 16.71
C THR A 7 13.99 24.48 16.53
N ILE A 8 13.66 23.55 15.65
CA ILE A 8 12.32 22.99 15.57
C ILE A 8 12.42 21.56 16.07
N THR A 9 11.60 21.21 17.04
CA THR A 9 11.38 19.83 17.41
C THR A 9 10.00 19.44 16.91
N MET A 10 9.95 18.42 16.06
CA MET A 10 8.69 17.91 15.55
C MET A 10 8.06 16.98 16.57
N GLN A 11 6.85 17.32 17.02
CA GLN A 11 6.16 16.61 18.09
C GLN A 11 5.09 15.67 17.57
N SER A 12 4.72 15.79 16.31
CA SER A 12 3.91 14.80 15.62
C SER A 12 4.51 14.58 14.25
N ASP A 13 4.07 13.51 13.59
CA ASP A 13 4.52 13.25 12.24
C ASP A 13 4.16 14.41 11.34
N TRP A 14 5.00 14.68 10.36
CA TRP A 14 5.02 15.98 9.73
C TRP A 14 5.23 15.82 8.25
N HIS A 15 4.77 16.82 7.51
CA HIS A 15 4.70 16.74 6.06
C HIS A 15 4.88 18.16 5.51
N VAL A 16 6.11 18.50 5.16
CA VAL A 16 6.32 19.60 4.23
C VAL A 16 6.13 19.03 2.83
N GLY A 17 5.05 19.39 2.20
CA GLY A 17 4.68 18.80 0.94
C GLY A 17 5.38 19.40 -0.24
N THR A 18 5.22 18.71 -1.37
CA THR A 18 5.73 19.12 -2.67
C THR A 18 4.61 19.53 -3.61
N GLY A 19 3.38 19.58 -3.13
CA GLY A 19 2.21 19.80 -3.94
C GLY A 19 1.82 18.68 -4.86
N MET A 20 2.43 17.51 -4.75
CA MET A 20 2.17 16.41 -5.65
C MET A 20 2.60 15.13 -4.97
N GLY A 21 2.16 14.01 -5.53
CA GLY A 21 2.64 12.71 -5.14
C GLY A 21 3.66 12.16 -6.12
N ARG A 22 3.91 10.87 -6.02
CA ARG A 22 4.67 10.17 -7.04
C ARG A 22 4.27 8.71 -7.06
N GLY A 23 3.85 8.24 -8.23
CA GLY A 23 3.39 6.88 -8.38
C GLY A 23 2.30 6.47 -7.42
N GLU A 24 2.62 5.46 -6.62
CA GLU A 24 1.75 4.95 -5.57
C GLU A 24 1.52 5.92 -4.43
N LEU A 25 2.35 6.95 -4.27
CA LEU A 25 2.12 7.96 -3.25
C LEU A 25 1.35 9.15 -3.80
N ASP A 26 0.37 9.60 -3.03
CA ASP A 26 -0.45 10.73 -3.40
C ASP A 26 0.09 12.05 -2.88
N SER A 27 0.89 12.04 -1.81
CA SER A 27 1.67 13.19 -1.36
C SER A 27 3.04 12.73 -0.91
N VAL A 28 4.09 13.42 -1.36
CA VAL A 28 5.45 13.14 -0.94
C VAL A 28 6.07 14.38 -0.31
N VAL A 29 6.94 14.16 0.65
CA VAL A 29 7.58 15.26 1.36
C VAL A 29 8.79 15.80 0.58
N GLN A 30 9.12 17.05 0.87
CA GLN A 30 10.37 17.64 0.41
C GLN A 30 11.59 17.00 1.06
N ARG A 31 12.60 16.72 0.26
CA ARG A 31 13.86 16.19 0.74
C ARG A 31 15.00 17.08 0.30
N ASP A 32 15.98 17.27 1.17
CA ASP A 32 17.12 18.11 0.88
C ASP A 32 18.10 17.40 -0.06
N GLY A 33 19.24 18.02 -0.32
CA GLY A 33 20.25 17.44 -1.18
C GLY A 33 20.84 16.13 -0.71
N ASP A 34 20.69 15.80 0.57
CA ASP A 34 21.09 14.51 1.10
C ASP A 34 19.96 13.49 1.07
N ASN A 35 18.85 13.80 0.43
CA ASN A 35 17.64 12.98 0.38
C ASN A 35 16.99 12.86 1.75
N LEU A 36 17.33 13.72 2.65
CA LEU A 36 16.68 13.73 3.94
C LEU A 36 15.56 14.76 3.99
N PRO A 37 14.52 14.48 4.76
CA PRO A 37 13.52 15.51 5.07
C PRO A 37 14.10 16.71 5.82
N TYR A 38 13.51 17.85 5.56
CA TYR A 38 13.93 19.13 6.11
C TYR A 38 12.74 20.07 6.02
N ILE A 39 12.84 21.19 6.72
CA ILE A 39 11.90 22.28 6.56
C ILE A 39 12.59 23.37 5.76
N PRO A 40 12.11 23.69 4.56
CA PRO A 40 12.70 24.78 3.80
C PRO A 40 12.54 26.13 4.49
N GLY A 41 13.56 26.98 4.35
CA GLY A 41 13.55 28.29 4.98
C GLY A 41 12.41 29.19 4.56
N LYS A 42 11.87 28.97 3.35
CA LYS A 42 10.67 29.67 2.90
C LYS A 42 9.43 29.23 3.67
N THR A 43 9.32 27.93 3.94
CA THR A 43 8.29 27.41 4.84
C THR A 43 8.45 27.93 6.27
N LEU A 44 9.70 28.03 6.73
CA LEU A 44 9.94 28.41 8.12
C LEU A 44 9.68 29.89 8.35
N THR A 45 10.11 30.75 7.42
CA THR A 45 9.75 32.15 7.49
C THR A 45 8.24 32.35 7.46
N GLY A 46 7.57 31.64 6.56
CA GLY A 46 6.13 31.79 6.43
C GLY A 46 5.36 31.43 7.69
N ILE A 47 5.73 30.34 8.34
CA ILE A 47 5.10 29.96 9.60
C ILE A 47 5.45 30.93 10.71
N LEU A 48 6.72 31.29 10.84
CA LEU A 48 7.11 32.24 11.87
C LEU A 48 6.53 33.63 11.62
N ARG A 49 6.53 34.08 10.37
CA ARG A 49 5.90 35.36 10.04
C ARG A 49 4.44 35.37 10.46
N ASP A 50 3.71 34.33 10.08
CA ASP A 50 2.29 34.20 10.37
C ASP A 50 1.99 34.29 11.86
N SER A 51 2.88 33.76 12.70
CA SER A 51 2.67 33.80 14.14
C SER A 51 3.02 35.15 14.75
N CYS A 52 4.06 35.81 14.25
CA CYS A 52 4.30 37.18 14.66
C CYS A 52 3.18 38.11 14.24
N GLU A 53 2.53 37.82 13.11
CA GLU A 53 1.31 38.51 12.72
C GLU A 53 0.12 38.18 13.62
N GLN A 54 0.03 36.96 14.15
CA GLN A 54 -0.94 36.68 15.21
C GLN A 54 -0.69 37.51 16.46
N VAL A 55 0.57 37.63 16.88
CA VAL A 55 0.88 38.46 18.03
C VAL A 55 0.56 39.91 17.75
N ALA A 56 0.96 40.40 16.56
CA ALA A 56 0.68 41.77 16.17
C ALA A 56 -0.81 42.11 16.20
N LEU A 57 -1.67 41.21 15.73
CA LEU A 57 -3.10 41.44 15.79
C LEU A 57 -3.58 41.67 17.22
N GLY A 58 -3.11 40.86 18.16
CA GLY A 58 -3.44 41.07 19.56
C GLY A 58 -2.96 42.41 20.07
N LEU A 59 -1.71 42.74 19.78
CA LEU A 59 -1.15 44.00 20.26
C LEU A 59 -1.80 45.19 19.58
N ASP A 60 -2.19 45.05 18.31
CA ASP A 60 -2.96 46.08 17.62
C ASP A 60 -4.45 46.01 17.89
N ASN A 61 -4.89 45.24 18.88
CA ASN A 61 -6.31 45.17 19.24
C ASN A 61 -7.18 44.84 18.03
N GLY A 62 -6.70 43.93 17.19
CA GLY A 62 -7.41 43.52 16.01
C GLY A 62 -7.29 44.42 14.80
N GLN A 63 -6.67 45.58 14.93
CA GLN A 63 -6.45 46.45 13.78
C GLN A 63 -5.48 45.77 12.81
N THR A 64 -5.94 45.57 11.58
CA THR A 64 -5.14 44.82 10.63
C THR A 64 -3.93 45.61 10.13
N ARG A 65 -3.99 46.94 10.23
CA ARG A 65 -2.86 47.82 9.97
C ARG A 65 -2.77 48.80 11.12
N GLY A 66 -1.54 49.09 11.53
CA GLY A 66 -1.30 49.77 12.78
C GLY A 66 0.18 49.77 13.10
N LEU A 67 0.48 50.10 14.36
CA LEU A 67 1.86 50.23 14.79
C LEU A 67 2.57 48.88 14.81
N TRP A 68 1.94 47.89 15.41
CA TRP A 68 2.57 46.60 15.60
C TRP A 68 2.59 45.76 14.35
N HIS A 69 1.64 45.93 13.46
CA HIS A 69 1.75 45.31 12.16
C HIS A 69 2.89 45.91 11.34
N GLY A 70 3.12 47.22 11.49
CA GLY A 70 4.30 47.84 10.88
C GLY A 70 5.60 47.25 11.36
N TRP A 71 5.67 46.83 12.63
CA TRP A 71 6.81 46.11 13.17
C TRP A 71 7.05 44.76 12.49
N ILE A 72 5.99 44.08 12.06
CA ILE A 72 6.16 42.86 11.26
C ILE A 72 6.73 43.18 9.87
N ASN A 73 6.22 44.22 9.22
CA ASN A 73 6.79 44.66 7.97
C ASN A 73 8.19 45.23 8.12
N PHE A 74 8.54 45.66 9.33
CA PHE A 74 9.93 45.98 9.63
C PHE A 74 10.77 44.71 9.75
N ILE A 75 10.35 43.78 10.61
CA ILE A 75 11.13 42.59 10.87
C ILE A 75 11.16 41.67 9.66
N PHE A 76 10.01 41.43 9.04
CA PHE A 76 9.88 40.47 7.95
C PHE A 76 9.80 41.09 6.58
N GLY A 77 9.91 42.40 6.48
CA GLY A 77 9.77 43.08 5.21
C GLY A 77 8.33 43.24 4.77
N ASP A 78 8.12 44.23 3.92
CA ASP A 78 6.82 44.48 3.34
C ASP A 78 6.41 43.32 2.46
N GLN A 79 5.13 43.25 2.13
CA GLN A 79 4.65 42.29 1.15
C GLN A 79 4.12 42.98 -0.09
N PRO A 80 4.99 43.57 -0.90
CA PRO A 80 4.53 44.43 -2.00
C PRO A 80 3.62 43.78 -3.02
N ALA A 81 3.69 42.47 -3.18
CA ALA A 81 2.81 41.80 -4.13
C ALA A 81 1.35 41.87 -3.72
N LEU A 82 1.07 42.02 -2.43
CA LEU A 82 -0.29 42.15 -1.96
C LEU A 82 -0.77 43.59 -1.92
N ALA A 83 0.12 44.54 -1.71
CA ALA A 83 -0.27 45.94 -1.71
C ALA A 83 -0.63 46.41 -3.12
N GLN A 84 -1.62 47.28 -3.19
CA GLN A 84 -2.08 47.82 -4.46
C GLN A 84 -2.37 49.30 -4.30
N GLY A 85 -2.35 50.01 -5.42
CA GLY A 85 -2.32 51.45 -5.41
C GLY A 85 -0.92 52.00 -5.23
N ALA A 86 -0.88 53.33 -5.09
CA ALA A 86 0.36 54.10 -5.17
C ALA A 86 1.13 54.09 -3.85
N ILE A 87 1.63 52.91 -3.48
CA ILE A 87 2.49 52.81 -2.30
C ILE A 87 3.81 53.51 -2.61
N GLU A 88 4.05 54.65 -1.98
CA GLU A 88 5.25 55.47 -2.19
C GLU A 88 6.53 54.98 -1.53
N PRO A 89 6.52 54.41 -0.32
CA PRO A 89 7.78 53.94 0.25
C PRO A 89 8.30 52.70 -0.44
N GLU A 90 9.62 52.66 -0.62
CA GLU A 90 10.26 51.45 -1.14
C GLU A 90 9.95 50.27 -0.23
N PRO A 91 9.79 49.07 -0.79
CA PRO A 91 9.52 47.90 0.06
C PRO A 91 10.70 47.58 0.96
N ARG A 92 10.42 47.51 2.25
CA ARG A 92 11.41 47.06 3.24
C ARG A 92 11.75 45.60 3.06
N PRO A 93 13.02 45.23 2.99
CA PRO A 93 13.40 43.84 3.19
C PRO A 93 13.27 43.41 4.65
N ALA A 94 13.34 42.11 4.86
CA ALA A 94 13.43 41.59 6.21
C ALA A 94 14.72 42.02 6.89
N LEU A 95 14.65 42.19 8.21
CA LEU A 95 15.82 42.17 9.08
C LEU A 95 16.30 40.77 9.41
N ILE A 96 15.43 39.79 9.36
CA ILE A 96 15.74 38.42 9.72
C ILE A 96 15.92 37.57 8.48
N ALA A 97 17.08 36.92 8.37
CA ALA A 97 17.27 35.82 7.45
C ALA A 97 17.12 34.52 8.22
N ILE A 98 16.27 33.64 7.73
CA ILE A 98 16.05 32.33 8.34
C ILE A 98 16.41 31.30 7.28
N GLY A 99 17.38 30.46 7.61
CA GLY A 99 17.74 29.33 6.79
C GLY A 99 16.73 28.21 6.81
N SER A 100 16.99 27.20 5.97
CA SER A 100 16.34 25.91 6.07
C SER A 100 16.74 25.18 7.34
N ALA A 101 15.79 24.45 7.89
CA ALA A 101 16.05 23.59 9.04
C ALA A 101 16.42 22.19 8.57
N HIS A 102 17.63 21.76 8.90
CA HIS A 102 18.13 20.45 8.54
C HIS A 102 18.34 19.61 9.78
N LEU A 103 18.32 18.30 9.60
CA LEU A 103 18.74 17.38 10.65
C LEU A 103 20.21 17.61 11.03
N ASP A 104 20.53 17.25 12.27
CA ASP A 104 21.87 17.41 12.81
C ASP A 104 22.92 16.80 11.88
N PRO A 105 24.05 17.48 11.66
CA PRO A 105 25.01 17.02 10.66
C PRO A 105 25.59 15.63 10.91
N LYS A 106 25.72 15.22 12.17
CA LYS A 106 26.18 13.86 12.45
C LYS A 106 25.13 12.83 12.10
N LEU A 107 23.87 13.13 12.40
CA LEU A 107 22.78 12.26 11.96
C LEU A 107 22.70 12.15 10.44
N LYS A 108 22.85 13.27 9.72
CA LYS A 108 22.87 13.18 8.26
C LYS A 108 24.11 12.47 7.74
N ALA A 109 25.23 12.58 8.44
CA ALA A 109 26.41 11.83 8.06
C ALA A 109 26.18 10.33 8.21
N ALA A 110 25.43 9.92 9.23
CA ALA A 110 25.08 8.52 9.39
C ALA A 110 24.22 8.00 8.25
N PHE A 111 23.35 8.82 7.69
CA PHE A 111 22.48 8.38 6.61
C PHE A 111 23.17 8.21 5.27
N GLN A 112 24.40 8.67 5.12
CA GLN A 112 25.07 8.59 3.83
C GLN A 112 25.33 7.14 3.43
N GLY A 113 24.83 6.76 2.27
CA GLY A 113 24.95 5.41 1.78
C GLY A 113 23.81 4.49 2.14
N LYS A 114 22.92 4.89 3.02
CA LYS A 114 21.89 4.03 3.56
C LYS A 114 20.53 4.44 3.01
N LYS A 115 20.34 4.15 1.73
CA LYS A 115 19.12 4.51 1.00
C LYS A 115 17.87 3.90 1.63
N GLN A 116 17.96 2.68 2.15
CA GLN A 116 16.81 2.08 2.83
C GLN A 116 16.41 2.85 4.07
N LEU A 117 17.36 3.24 4.91
CA LEU A 117 17.06 4.10 6.04
C LEU A 117 16.56 5.47 5.62
N GLN A 118 17.16 6.05 4.57
CA GLN A 118 16.72 7.35 4.09
C GLN A 118 15.25 7.35 3.72
N GLU A 119 14.75 6.25 3.17
CA GLU A 119 13.32 6.13 2.95
C GLU A 119 12.56 5.87 4.24
N ALA A 120 13.11 5.07 5.14
CA ALA A 120 12.47 4.72 6.40
C ALA A 120 12.23 5.89 7.34
N ILE A 121 12.83 7.06 7.11
CA ILE A 121 12.50 8.22 7.92
C ILE A 121 11.05 8.62 7.74
N ALA A 122 10.43 8.22 6.65
CA ALA A 122 9.04 8.52 6.38
C ALA A 122 8.26 7.24 6.21
N PHE A 123 6.96 7.34 6.43
CA PHE A 123 6.05 6.21 6.29
C PHE A 123 4.75 6.68 5.68
N MET A 124 4.01 5.72 5.11
CA MET A 124 2.73 6.00 4.47
C MET A 124 1.63 6.16 5.49
N LYS A 125 0.89 7.26 5.38
CA LYS A 125 -0.36 7.45 6.09
C LYS A 125 -1.52 7.29 5.12
N PRO A 126 -2.46 6.39 5.36
CA PRO A 126 -3.64 6.33 4.49
C PRO A 126 -4.62 7.46 4.78
N GLY A 127 -5.33 7.87 3.74
CA GLY A 127 -6.45 8.75 3.87
C GLY A 127 -7.54 8.31 2.94
N VAL A 128 -8.78 8.32 3.41
CA VAL A 128 -9.91 7.93 2.57
C VAL A 128 -11.09 8.81 2.94
N ALA A 129 -11.83 9.24 1.92
CA ALA A 129 -13.12 9.88 2.14
C ALA A 129 -14.21 8.84 2.31
N ILE A 130 -15.12 9.10 3.23
CA ILE A 130 -16.27 8.24 3.48
C ILE A 130 -17.49 8.88 2.85
N ASP A 131 -18.26 8.09 2.12
CA ASP A 131 -19.55 8.55 1.60
C ASP A 131 -20.51 8.85 2.75
N ALA A 132 -21.02 10.08 2.78
CA ALA A 132 -21.92 10.51 3.84
C ALA A 132 -23.24 9.74 3.88
N ILE A 133 -23.67 9.15 2.78
CA ILE A 133 -24.87 8.33 2.80
C ILE A 133 -24.53 6.90 3.23
N THR A 134 -23.82 6.17 2.38
CA THR A 134 -23.58 4.76 2.61
C THR A 134 -22.55 4.48 3.68
N GLY A 135 -21.82 5.48 4.16
CA GLY A 135 -20.83 5.27 5.19
C GLY A 135 -19.66 4.41 4.79
N THR A 136 -19.38 4.30 3.50
CA THR A 136 -18.36 3.40 2.99
C THR A 136 -17.20 4.20 2.41
N ALA A 137 -16.03 3.57 2.44
CA ALA A 137 -14.84 4.12 1.79
C ALA A 137 -15.15 4.41 0.34
N LYS A 138 -15.01 5.67 -0.02
CA LYS A 138 -15.28 6.17 -1.36
C LYS A 138 -14.05 5.85 -2.21
N LYS A 139 -14.14 4.81 -3.02
CA LYS A 139 -12.99 4.34 -3.78
C LYS A 139 -12.55 5.39 -4.81
N ASP A 140 -11.25 5.35 -5.12
CA ASP A 140 -10.51 6.39 -5.84
C ASP A 140 -10.45 7.70 -5.06
N PHE A 141 -10.94 7.73 -3.82
CA PHE A 141 -10.51 8.67 -2.81
C PHE A 141 -9.58 8.04 -1.79
N LEU A 142 -9.20 6.78 -1.98
CA LEU A 142 -8.10 6.21 -1.20
C LEU A 142 -6.78 6.83 -1.59
N ARG A 143 -5.99 7.16 -0.58
CA ARG A 143 -4.93 8.14 -0.70
C ARG A 143 -3.81 7.75 0.26
N PHE A 144 -2.56 7.83 -0.17
CA PHE A 144 -1.42 7.61 0.70
C PHE A 144 -0.50 8.81 0.69
N GLU A 145 -0.27 9.39 1.87
CA GLU A 145 0.61 10.52 2.07
C GLU A 145 1.87 10.06 2.80
N GLU A 146 3.03 10.43 2.26
CA GLU A 146 4.29 10.33 2.99
C GLU A 146 4.35 11.35 4.11
N VAL A 147 4.55 10.90 5.35
CA VAL A 147 4.80 11.76 6.50
C VAL A 147 6.12 11.36 7.15
N VAL A 148 6.86 12.35 7.65
CA VAL A 148 8.11 12.14 8.36
C VAL A 148 7.84 11.84 9.84
N ARG A 149 8.65 10.96 10.41
CA ARG A 149 8.51 10.54 11.80
C ARG A 149 8.75 11.68 12.78
N LEU A 150 7.87 11.77 13.78
CA LEU A 150 8.03 12.70 14.89
C LEU A 150 9.32 12.45 15.67
N GLY A 151 9.72 13.46 16.42
CA GLY A 151 10.97 13.47 17.13
C GLY A 151 12.11 14.17 16.43
N ALA A 152 11.92 14.55 15.17
CA ALA A 152 12.96 15.26 14.45
C ALA A 152 13.27 16.59 15.12
N LYS A 153 14.54 16.81 15.41
CA LYS A 153 15.04 18.11 15.82
C LYS A 153 15.80 18.70 14.63
N LEU A 154 15.27 19.77 14.07
CA LEU A 154 15.85 20.46 12.93
C LEU A 154 16.31 21.84 13.35
N THR A 155 17.38 22.32 12.75
CA THR A 155 17.91 23.63 13.12
C THR A 155 18.26 24.45 11.89
N ALA A 156 17.90 25.73 11.95
CA ALA A 156 18.15 26.70 10.90
C ALA A 156 19.07 27.80 11.40
N GLU A 157 20.03 28.18 10.58
CA GLU A 157 20.84 29.37 10.83
C GLU A 157 20.01 30.63 10.66
N VAL A 158 20.03 31.51 11.65
CA VAL A 158 19.33 32.79 11.61
C VAL A 158 20.35 33.92 11.62
N GLU A 159 20.16 34.90 10.74
CA GLU A 159 20.90 36.15 10.76
C GLU A 159 19.95 37.33 10.91
N LEU A 160 20.10 38.09 12.00
CA LEU A 160 19.42 39.37 12.17
C LEU A 160 20.33 40.51 11.75
N ASN A 161 20.12 41.02 10.53
CA ASN A 161 20.86 42.18 10.04
C ASN A 161 20.20 43.49 10.51
N LEU A 162 20.11 43.65 11.83
CA LEU A 162 19.49 44.82 12.43
C LEU A 162 20.17 46.11 11.94
N PRO A 163 19.40 47.19 11.83
CA PRO A 163 20.01 48.49 11.54
C PRO A 163 21.03 48.89 12.59
N ASP A 164 22.17 49.40 12.13
CA ASP A 164 23.28 49.73 13.02
C ASP A 164 23.01 50.90 13.94
N ASN A 165 22.01 51.72 13.65
CA ASN A 165 21.60 52.79 14.55
C ASN A 165 20.41 52.41 15.43
N LEU A 166 19.95 51.17 15.37
CA LEU A 166 18.72 50.76 16.04
C LEU A 166 18.83 50.95 17.54
N SER A 167 17.83 51.61 18.12
CA SER A 167 17.80 51.86 19.56
C SER A 167 17.76 50.57 20.35
N GLU A 168 18.44 50.56 21.50
CA GLU A 168 18.47 49.39 22.37
C GLU A 168 17.08 48.96 22.83
N THR A 169 16.16 49.91 22.99
CA THR A 169 14.77 49.54 23.27
C THR A 169 14.14 48.84 22.07
N ASN A 170 14.36 49.36 20.85
CA ASN A 170 13.83 48.73 19.65
C ASN A 170 14.47 47.37 19.38
N LYS A 171 15.72 47.18 19.76
CA LYS A 171 16.29 45.84 19.74
C LYS A 171 15.47 44.88 20.59
N LYS A 172 15.09 45.32 21.78
CA LYS A 172 14.29 44.48 22.66
C LYS A 172 12.90 44.22 22.12
N VAL A 173 12.34 45.17 21.38
CA VAL A 173 11.06 44.96 20.70
C VAL A 173 11.18 43.87 19.66
N ILE A 174 12.21 43.93 18.81
CA ILE A 174 12.40 42.88 17.80
C ILE A 174 12.61 41.53 18.47
N ALA A 175 13.53 41.46 19.43
CA ALA A 175 13.75 40.23 20.18
C ALA A 175 12.46 39.75 20.86
N GLY A 176 11.69 40.69 21.42
CA GLY A 176 10.44 40.34 22.06
C GLY A 176 9.41 39.78 21.11
N ILE A 177 9.25 40.42 19.94
CA ILE A 177 8.32 39.91 18.94
C ILE A 177 8.73 38.52 18.47
N LEU A 178 10.00 38.36 18.11
CA LEU A 178 10.44 37.09 17.55
C LEU A 178 10.31 35.97 18.56
N ALA A 179 10.72 36.21 19.80
CA ALA A 179 10.48 35.26 20.88
C ALA A 179 9.00 34.93 21.00
N SER A 180 8.16 35.96 20.99
CA SER A 180 6.72 35.79 21.12
C SER A 180 6.11 35.06 19.93
N GLY A 181 6.52 35.41 18.72
CA GLY A 181 5.99 34.71 17.56
C GLY A 181 6.47 33.28 17.45
N ALA A 182 7.73 33.02 17.83
CA ALA A 182 8.22 31.66 17.89
C ALA A 182 7.42 30.82 18.86
N LYS A 183 7.18 31.34 20.06
CA LYS A 183 6.40 30.66 21.08
C LYS A 183 5.01 30.30 20.61
N LEU A 184 4.33 31.21 19.93
CA LEU A 184 2.97 30.96 19.49
C LEU A 184 2.87 29.96 18.35
N THR A 185 3.94 29.73 17.60
CA THR A 185 3.94 28.68 16.59
C THR A 185 3.74 27.30 17.19
N GLU A 186 2.72 26.61 16.72
CA GLU A 186 2.40 25.26 17.14
C GLU A 186 2.46 24.24 16.02
N ARG A 187 2.36 24.68 14.76
CA ARG A 187 2.21 23.81 13.61
C ARG A 187 2.92 24.38 12.40
N LEU A 188 3.34 23.49 11.52
CA LEU A 188 3.88 23.86 10.22
C LEU A 188 3.53 22.74 9.25
N GLY A 189 3.62 23.06 7.96
CA GLY A 189 3.50 22.05 6.93
C GLY A 189 2.09 21.63 6.57
N GLY A 190 2.02 20.50 5.87
CA GLY A 190 0.76 20.04 5.32
C GLY A 190 -0.09 19.29 6.31
N LYS A 191 -1.39 19.50 6.22
CA LYS A 191 -2.40 18.97 7.12
C LYS A 191 -2.15 19.36 8.58
N ARG A 192 -1.76 20.62 8.81
CA ARG A 192 -1.68 21.19 10.15
C ARG A 192 -2.96 21.01 10.95
N ARG A 193 -4.10 21.28 10.34
CA ARG A 193 -5.40 21.23 11.01
C ARG A 193 -5.87 19.82 11.32
N ARG A 194 -5.18 18.79 10.85
CA ARG A 194 -5.53 17.40 11.13
C ARG A 194 -4.40 16.68 11.86
N GLY A 195 -3.55 17.42 12.53
CA GLY A 195 -2.60 16.87 13.47
C GLY A 195 -1.21 16.60 12.95
N ASN A 196 -0.94 16.78 11.67
CA ASN A 196 0.43 16.83 11.20
C ASN A 196 1.16 18.06 11.74
N GLY A 197 2.47 17.90 11.90
CA GLY A 197 3.35 19.06 11.98
C GLY A 197 3.36 19.82 13.27
N ARG A 198 2.86 19.22 14.35
CA ARG A 198 2.98 19.80 15.68
C ARG A 198 4.46 19.96 16.05
N CYS A 199 4.82 21.14 16.57
CA CYS A 199 6.22 21.45 16.77
C CYS A 199 6.41 22.46 17.89
N GLU A 200 7.63 22.49 18.43
CA GLU A 200 8.16 23.63 19.18
C GLU A 200 9.23 24.33 18.36
N LEU A 201 9.11 25.63 18.25
CA LEU A 201 10.09 26.46 17.55
C LEU A 201 10.72 27.39 18.58
N LYS A 202 12.03 27.26 18.77
CA LYS A 202 12.74 28.06 19.75
C LYS A 202 13.94 28.73 19.12
N PHE A 203 14.07 30.04 19.31
CA PHE A 203 15.32 30.72 19.03
C PHE A 203 16.33 30.43 20.14
N SER A 204 17.59 30.31 19.75
CA SER A 204 18.68 30.36 20.71
C SER A 204 18.79 31.78 21.27
N GLY A 205 18.77 31.89 22.58
CA GLY A 205 18.95 33.17 23.21
C GLY A 205 17.74 34.07 23.27
N TYR A 206 16.58 33.63 22.77
CA TYR A 206 15.30 34.25 23.07
C TYR A 206 14.48 33.35 23.96
N SER A 207 14.05 33.87 25.10
CA SER A 207 13.27 33.12 26.07
C SER A 207 12.02 33.89 26.45
N ASP A 208 11.32 33.40 27.47
CA ASP A 208 10.22 34.16 28.06
C ASP A 208 10.67 35.49 28.62
N GLN A 209 11.96 35.66 28.91
CA GLN A 209 12.47 36.99 29.27
C GLN A 209 12.20 38.00 28.16
N GLN A 210 12.37 37.60 26.91
CA GLN A 210 12.12 38.53 25.81
C GLN A 210 10.64 38.73 25.61
N ILE A 211 9.84 37.70 25.89
CA ILE A 211 8.39 37.84 25.90
C ILE A 211 7.94 38.76 27.01
N GLN A 212 8.45 38.54 28.22
CA GLN A 212 8.05 39.31 29.37
C GLN A 212 8.39 40.78 29.23
N TRP A 213 9.53 41.10 28.63
CA TRP A 213 9.87 42.49 28.40
C TRP A 213 8.85 43.21 27.51
N LEU A 214 8.41 42.56 26.43
CA LEU A 214 7.39 43.15 25.58
C LEU A 214 6.06 43.32 26.32
N LYS A 215 5.61 42.29 27.04
CA LYS A 215 4.42 42.43 27.87
C LYS A 215 4.56 43.61 28.84
N ASP A 216 5.75 43.79 29.43
CA ASP A 216 5.99 44.92 30.30
C ASP A 216 6.04 46.25 29.54
N ASN A 217 6.44 46.24 28.28
CA ASN A 217 6.81 47.47 27.59
C ASN A 217 6.00 47.79 26.34
N TYR A 218 5.19 46.88 25.83
CA TYR A 218 4.61 47.07 24.51
C TYR A 218 3.83 48.37 24.38
N GLN A 219 3.21 48.84 25.47
CA GLN A 219 2.41 50.05 25.41
C GLN A 219 3.22 51.32 25.14
N SER A 220 4.54 51.28 25.29
CA SER A 220 5.36 52.46 25.07
C SER A 220 6.33 52.27 23.92
N VAL A 221 6.13 51.25 23.09
CA VAL A 221 6.88 51.11 21.86
C VAL A 221 6.41 52.25 20.97
N ASP A 222 7.08 52.53 19.84
CA ASP A 222 6.50 53.33 18.74
C ASP A 222 6.70 52.63 17.41
N GLN A 223 6.44 53.34 16.33
CA GLN A 223 6.78 52.84 15.02
C GLN A 223 8.28 52.51 14.96
N PRO A 224 8.65 51.47 14.24
CA PRO A 224 10.04 51.20 13.98
C PRO A 224 10.65 52.28 13.12
N PRO A 225 11.97 52.42 13.14
CA PRO A 225 12.63 53.42 12.30
C PRO A 225 12.43 53.14 10.81
N LYS A 226 12.49 54.20 10.01
CA LYS A 226 12.38 54.08 8.58
C LYS A 226 13.59 53.42 7.94
N TYR A 227 13.34 52.59 6.94
CA TYR A 227 14.40 51.90 6.20
C TYR A 227 15.10 52.84 5.23
N GLN A 228 16.43 52.72 5.16
CA GLN A 228 17.22 53.35 4.10
C GLN A 228 18.31 52.39 3.65
N GLN A 229 18.67 52.48 2.38
CA GLN A 229 19.78 51.69 1.87
C GLN A 229 21.10 52.14 2.48
N ASN A 230 22.02 51.18 2.59
CA ASN A 230 23.43 51.50 2.75
C ASN A 230 23.97 52.05 1.44
N LYS A 231 24.33 53.33 1.42
CA LYS A 231 24.86 53.91 0.20
C LYS A 231 26.36 53.65 0.03
N LEU A 232 26.78 53.63 -1.22
CA LEU A 232 28.21 53.65 -1.56
C LEU A 232 28.88 54.95 -1.14
N GLN A 233 30.18 54.86 -0.92
CA GLN A 233 31.02 56.00 -0.63
C GLN A 233 32.25 55.91 -1.54
N SER A 234 32.74 57.06 -1.96
CA SER A 234 33.96 57.07 -2.78
C SER A 234 34.89 58.17 -2.31
N ALA A 235 36.18 57.83 -2.19
CA ALA A 235 37.22 58.79 -1.94
C ALA A 235 37.90 59.30 -3.20
N GLY A 236 38.01 58.45 -4.23
CA GLY A 236 38.77 58.79 -5.41
C GLY A 236 40.27 58.72 -5.28
N ASP A 237 40.78 58.24 -4.15
CA ASP A 237 42.21 58.29 -3.86
C ASP A 237 42.99 57.08 -4.37
N ASN A 238 42.38 56.20 -5.16
CA ASN A 238 43.10 55.05 -5.68
C ASN A 238 44.26 55.51 -6.57
N PRO A 239 45.39 54.80 -6.55
CA PRO A 239 46.41 55.03 -7.55
C PRO A 239 45.96 54.61 -8.94
N GLU A 240 46.53 55.27 -9.94
CA GLU A 240 46.30 54.90 -11.33
C GLU A 240 46.74 53.47 -11.56
N GLN A 241 46.01 52.74 -12.42
CA GLN A 241 46.31 51.34 -12.64
C GLN A 241 47.63 51.16 -13.38
N GLN A 242 48.43 50.22 -12.90
CA GLN A 242 49.71 49.89 -13.48
C GLN A 242 49.80 48.37 -13.61
N PRO A 243 50.30 47.88 -14.73
CA PRO A 243 50.63 46.46 -14.82
C PRO A 243 51.78 46.10 -13.89
N PRO A 244 51.97 44.81 -13.58
CA PRO A 244 51.19 43.67 -14.03
C PRO A 244 49.78 43.60 -13.45
N TRP A 245 48.93 42.77 -14.04
CA TRP A 245 47.73 42.31 -13.37
C TRP A 245 48.05 41.18 -12.42
N HIS A 246 47.29 41.12 -11.34
CA HIS A 246 47.22 39.97 -10.46
C HIS A 246 45.90 39.27 -10.68
N ILE A 247 45.95 37.96 -10.79
CA ILE A 247 44.74 37.16 -10.89
C ILE A 247 44.63 36.36 -9.62
N ILE A 248 43.60 36.68 -8.84
CA ILE A 248 43.33 36.01 -7.57
C ILE A 248 42.18 35.04 -7.82
N PRO A 249 42.43 33.74 -7.83
CA PRO A 249 41.34 32.79 -8.02
C PRO A 249 40.44 32.73 -6.79
N LEU A 250 39.13 32.66 -7.05
CA LEU A 250 38.11 32.53 -6.02
C LEU A 250 37.36 31.24 -6.28
N THR A 251 37.39 30.32 -5.33
CA THR A 251 36.57 29.12 -5.40
C THR A 251 35.25 29.34 -4.67
N ILE A 252 34.15 29.19 -5.38
CA ILE A 252 32.81 29.27 -4.82
C ILE A 252 32.25 27.87 -4.68
N LYS A 253 31.86 27.49 -3.48
CA LYS A 253 31.08 26.29 -3.26
C LYS A 253 29.67 26.67 -2.83
N THR A 254 28.68 26.08 -3.49
CA THR A 254 27.29 26.26 -3.09
C THR A 254 26.99 25.43 -1.84
N LEU A 255 26.39 26.08 -0.84
CA LEU A 255 26.02 25.43 0.40
C LEU A 255 24.53 25.24 0.54
N SER A 256 23.74 26.15 0.05
CA SER A 256 22.33 25.93 -0.21
C SER A 256 22.13 25.91 -1.71
N PRO A 257 20.92 25.64 -2.22
CA PRO A 257 20.61 26.02 -3.60
C PRO A 257 20.73 27.53 -3.79
N VAL A 258 21.12 27.91 -5.00
CA VAL A 258 21.35 29.31 -5.33
C VAL A 258 20.53 29.62 -6.57
N VAL A 259 19.68 30.63 -6.48
CA VAL A 259 18.89 31.09 -7.61
C VAL A 259 19.59 32.28 -8.22
N LEU A 260 19.96 32.15 -9.49
CA LEU A 260 20.67 33.19 -10.23
C LEU A 260 19.80 33.48 -11.44
N PRO A 261 18.92 34.47 -11.36
CA PRO A 261 17.86 34.62 -12.37
C PRO A 261 18.37 34.72 -13.80
N ALA A 262 18.04 33.70 -14.59
CA ALA A 262 18.20 33.79 -16.04
C ALA A 262 17.05 34.56 -16.66
N ARG A 263 15.82 34.16 -16.38
CA ARG A 263 14.65 34.88 -16.82
C ARG A 263 13.54 34.71 -15.81
N THR A 264 12.86 35.80 -15.51
CA THR A 264 11.72 35.82 -14.61
C THR A 264 10.47 35.98 -15.46
N VAL A 265 9.58 35.01 -15.40
CA VAL A 265 8.51 34.86 -16.38
C VAL A 265 7.26 34.41 -15.64
N GLY A 266 6.41 35.36 -15.32
CA GLY A 266 5.27 35.09 -14.48
C GLY A 266 5.68 34.61 -13.10
N ASN A 267 5.17 33.46 -12.71
CA ASN A 267 5.43 32.83 -11.43
C ASN A 267 6.59 31.83 -11.45
N VAL A 268 7.49 31.88 -12.43
CA VAL A 268 8.67 31.03 -12.40
C VAL A 268 9.91 31.86 -12.68
N VAL A 269 10.99 31.57 -11.97
CA VAL A 269 12.31 32.10 -12.24
C VAL A 269 13.21 30.96 -12.70
N GLU A 270 13.73 31.06 -13.92
CA GLU A 270 14.79 30.20 -14.39
C GLU A 270 16.17 30.67 -13.92
N CYS A 271 17.07 29.71 -13.75
CA CYS A 271 18.36 29.94 -13.14
C CYS A 271 19.46 29.71 -14.15
N LEU A 272 20.51 30.51 -14.05
CA LEU A 272 21.75 30.30 -14.77
C LEU A 272 22.47 29.04 -14.28
N ASP A 273 23.41 28.56 -15.10
CA ASP A 273 24.31 27.49 -14.69
C ASP A 273 25.70 28.01 -14.36
N TYR A 274 25.81 29.28 -14.02
CA TYR A 274 27.05 29.91 -13.59
C TYR A 274 26.66 31.06 -12.68
N ILE A 275 27.61 31.55 -11.91
CA ILE A 275 27.42 32.73 -11.08
C ILE A 275 27.99 33.94 -11.80
N PRO A 276 27.20 34.93 -12.15
CA PRO A 276 27.75 36.16 -12.74
C PRO A 276 28.61 36.93 -11.75
N GLY A 277 29.61 37.63 -12.30
CA GLY A 277 30.54 38.38 -11.47
C GLY A 277 29.91 39.47 -10.62
N ARG A 278 28.78 40.02 -11.06
CA ARG A 278 28.10 41.07 -10.30
C ARG A 278 27.60 40.61 -8.93
N TYR A 279 27.38 39.32 -8.71
CA TYR A 279 26.91 38.87 -7.41
C TYR A 279 28.02 38.93 -6.37
N LEU A 280 29.26 38.78 -6.78
CA LEU A 280 30.41 38.90 -5.91
C LEU A 280 30.83 40.33 -5.61
N LEU A 281 30.26 41.32 -6.29
CA LEU A 281 30.64 42.71 -6.05
C LEU A 281 30.41 43.15 -4.61
N GLY A 282 29.29 42.77 -4.00
CA GLY A 282 29.06 43.14 -2.62
C GLY A 282 30.05 42.52 -1.65
N TYR A 283 30.49 41.31 -1.94
CA TYR A 283 31.60 40.69 -1.22
C TYR A 283 32.92 41.44 -1.44
N ILE A 284 33.18 41.88 -2.67
CA ILE A 284 34.38 42.69 -2.95
C ILE A 284 34.36 44.00 -2.17
N HIS A 285 33.21 44.68 -2.13
CA HIS A 285 33.07 45.86 -1.29
C HIS A 285 33.30 45.54 0.18
N LYS A 286 32.62 44.54 0.69
CA LYS A 286 32.68 44.22 2.11
C LYS A 286 34.09 43.84 2.55
N THR A 287 34.79 43.04 1.76
CA THR A 287 36.08 42.54 2.19
C THR A 287 37.21 43.52 1.91
N LEU A 288 37.19 44.17 0.75
CA LEU A 288 38.31 44.98 0.31
C LEU A 288 38.01 46.47 0.26
N GLY A 289 36.76 46.89 0.47
CA GLY A 289 36.42 48.28 0.27
C GLY A 289 37.12 49.24 1.20
N GLU A 290 37.71 48.74 2.28
CA GLU A 290 38.52 49.56 3.17
C GLU A 290 39.94 49.74 2.69
N TYR A 291 40.41 48.91 1.77
CA TYR A 291 41.80 48.97 1.33
C TYR A 291 41.99 49.83 0.09
N PHE A 292 40.95 49.98 -0.72
CA PHE A 292 40.97 50.90 -1.84
C PHE A 292 39.54 51.29 -2.13
N ASP A 293 39.37 52.34 -2.91
CA ASP A 293 38.04 52.77 -3.35
C ASP A 293 37.56 51.79 -4.41
N VAL A 294 36.78 50.80 -4.00
CA VAL A 294 36.28 49.78 -4.92
C VAL A 294 35.43 50.41 -6.03
N SER A 295 34.58 51.35 -5.67
CA SER A 295 33.70 51.96 -6.66
C SER A 295 34.48 52.69 -7.74
N GLN A 296 35.54 53.38 -7.34
CA GLN A 296 36.42 54.04 -8.31
C GLN A 296 37.09 53.04 -9.23
N ALA A 297 37.57 51.92 -8.68
CA ALA A 297 38.18 50.89 -9.51
C ALA A 297 37.19 50.34 -10.54
N ILE A 298 35.96 50.05 -10.10
CA ILE A 298 34.91 49.61 -11.02
C ILE A 298 34.72 50.63 -12.14
N ALA A 299 34.60 51.91 -11.79
CA ALA A 299 34.36 52.94 -12.80
C ALA A 299 35.53 53.05 -13.77
N ALA A 300 36.76 52.94 -13.28
CA ALA A 300 37.96 53.01 -14.10
C ALA A 300 38.30 51.71 -14.82
N GLY A 301 37.69 50.60 -14.44
CA GLY A 301 38.08 49.32 -14.98
C GLY A 301 39.28 48.66 -14.33
N ASP A 302 39.69 49.13 -13.15
CA ASP A 302 40.76 48.51 -12.37
C ASP A 302 40.31 47.27 -11.62
N LEU A 303 39.09 46.80 -11.81
CA LEU A 303 38.65 45.61 -11.13
C LEU A 303 37.92 44.76 -12.14
N ILE A 304 38.23 43.48 -12.18
CA ILE A 304 37.41 42.49 -12.87
C ILE A 304 37.15 41.36 -11.89
N ILE A 305 35.88 41.01 -11.74
CA ILE A 305 35.49 39.74 -11.15
C ILE A 305 34.78 38.96 -12.23
N THR A 306 35.36 37.82 -12.62
CA THR A 306 34.76 37.00 -13.67
C THR A 306 33.53 36.27 -13.15
N ASN A 307 32.75 35.74 -14.10
CA ASN A 307 31.75 34.73 -13.78
C ASN A 307 32.40 33.55 -13.06
N ALA A 308 31.68 32.95 -12.14
CA ALA A 308 32.08 31.69 -11.55
C ALA A 308 31.47 30.56 -12.34
N THR A 309 32.30 29.80 -13.04
CA THR A 309 31.86 28.67 -13.84
C THR A 309 32.34 27.38 -13.21
N ILE A 310 31.63 26.30 -13.51
CA ILE A 310 31.90 25.02 -12.89
C ILE A 310 33.37 24.64 -13.03
N LYS A 311 33.93 24.16 -11.94
CA LYS A 311 35.32 23.74 -11.90
C LYS A 311 35.51 22.43 -12.65
N ILE A 312 36.38 22.43 -13.65
CA ILE A 312 36.73 21.26 -14.44
C ILE A 312 38.25 21.20 -14.47
N ASP A 313 38.80 20.00 -14.28
CA ASP A 313 40.24 19.78 -14.24
C ASP A 313 40.94 20.64 -13.19
N GLY A 314 40.22 21.08 -12.18
CA GLY A 314 40.76 21.98 -11.20
C GLY A 314 40.77 23.44 -11.60
N LYS A 315 40.16 23.78 -12.71
CA LYS A 315 40.13 25.14 -13.22
C LYS A 315 38.70 25.50 -13.56
N ALA A 316 38.47 26.76 -13.84
CA ALA A 316 37.16 27.22 -14.31
C ALA A 316 36.78 26.53 -15.62
N GLY A 317 35.61 25.91 -15.64
CA GLY A 317 35.07 25.36 -16.86
C GLY A 317 34.72 26.44 -17.87
N ARG A 318 34.92 26.11 -19.14
CA ARG A 318 34.85 27.07 -20.23
C ARG A 318 33.67 26.71 -21.10
N ALA A 319 32.86 27.71 -21.45
CA ALA A 319 31.59 27.44 -22.11
C ALA A 319 31.79 26.75 -23.45
N THR A 320 31.09 25.62 -23.64
CA THR A 320 31.28 24.77 -24.80
C THR A 320 31.26 25.59 -26.09
N PRO A 321 32.29 25.47 -26.91
CA PRO A 321 32.31 26.19 -28.19
C PRO A 321 31.20 25.78 -29.13
N PHE A 322 30.49 26.76 -29.67
CA PHE A 322 29.43 26.50 -30.65
C PHE A 322 29.96 25.97 -31.97
N CYS A 323 31.26 26.03 -32.23
CA CYS A 323 31.86 25.41 -33.40
C CYS A 323 31.97 23.89 -33.29
N LEU A 324 31.67 23.31 -32.14
CA LEU A 324 31.66 21.87 -32.00
C LEU A 324 30.30 21.32 -32.38
N PHE A 325 30.31 20.20 -33.11
CA PHE A 325 29.10 19.55 -33.61
C PHE A 325 29.15 18.07 -33.30
N GLY A 326 28.02 17.53 -32.87
CA GLY A 326 27.87 16.11 -32.67
C GLY A 326 27.20 15.42 -33.85
N GLU A 327 27.57 14.17 -34.08
CA GLU A 327 26.75 13.30 -34.90
C GLU A 327 25.38 13.13 -34.27
N LYS A 328 24.34 13.42 -35.05
CA LYS A 328 23.02 13.64 -34.48
C LYS A 328 22.46 12.39 -33.81
N LEU A 329 22.72 11.21 -34.37
CA LEU A 329 22.21 9.98 -33.76
C LEU A 329 23.11 9.42 -32.68
N ASP A 330 24.42 9.41 -32.89
CA ASP A 330 25.32 8.61 -32.09
C ASP A 330 26.45 9.40 -31.45
N GLY A 331 26.53 10.71 -31.70
CA GLY A 331 27.67 11.48 -31.25
C GLY A 331 27.34 12.70 -30.40
N GLY A 332 28.29 13.61 -30.29
CA GLY A 332 28.21 14.74 -29.38
C GLY A 332 29.01 14.51 -28.11
N LEU A 333 29.32 15.63 -27.43
CA LEU A 333 30.16 15.58 -26.24
C LEU A 333 29.53 14.77 -25.12
N GLY A 334 28.20 14.72 -25.07
CA GLY A 334 27.54 13.88 -24.09
C GLY A 334 27.73 12.40 -24.37
N LYS A 335 27.79 12.02 -25.63
CA LYS A 335 28.11 10.65 -26.02
C LYS A 335 29.61 10.40 -26.13
N GLY A 336 30.43 11.44 -26.03
CA GLY A 336 31.86 11.27 -25.99
C GLY A 336 32.50 10.82 -27.29
N LYS A 337 31.81 11.01 -28.41
CA LYS A 337 32.30 10.53 -29.69
C LYS A 337 31.62 11.34 -30.78
N GLY A 338 32.20 11.27 -31.97
CA GLY A 338 31.62 11.92 -33.13
C GLY A 338 31.46 13.42 -32.99
N VAL A 339 32.43 14.09 -32.37
CA VAL A 339 32.42 15.52 -32.17
C VAL A 339 33.34 16.15 -33.20
N TYR A 340 32.78 17.00 -34.04
CA TYR A 340 33.53 17.67 -35.09
C TYR A 340 33.69 19.15 -34.76
N ASN A 341 34.91 19.65 -34.90
CA ASN A 341 35.16 21.09 -34.90
C ASN A 341 34.96 21.58 -36.32
N ARG A 342 33.79 22.13 -36.59
CA ARG A 342 33.48 22.62 -37.93
C ARG A 342 34.28 23.84 -38.34
N PHE A 343 35.12 24.42 -37.47
CA PHE A 343 36.11 25.37 -37.95
C PHE A 343 37.23 24.68 -38.70
N GLN A 344 37.43 23.38 -38.46
CA GLN A 344 38.56 22.65 -39.00
C GLN A 344 38.19 21.43 -39.81
N GLU A 345 37.00 20.87 -39.59
CA GLU A 345 36.60 19.60 -40.18
C GLU A 345 35.41 19.79 -41.11
N SER A 346 35.49 19.18 -42.29
CA SER A 346 34.33 19.11 -43.17
C SER A 346 33.22 18.31 -42.51
N GLU A 347 31.99 18.60 -42.89
CA GLU A 347 30.87 17.77 -42.45
C GLU A 347 30.98 16.39 -43.09
N PRO A 348 30.88 15.32 -42.29
CA PRO A 348 31.13 13.98 -42.82
C PRO A 348 30.17 13.58 -43.93
N ASP A 349 30.57 12.58 -44.70
CA ASP A 349 29.72 12.01 -45.74
C ASP A 349 28.50 11.34 -45.14
N GLY A 350 27.30 11.80 -45.54
CA GLY A 350 26.07 11.14 -45.19
C GLY A 350 25.61 11.27 -43.76
N ILE A 351 26.38 11.92 -42.89
CA ILE A 351 26.05 12.04 -41.48
C ILE A 351 25.67 13.48 -41.20
N GLN A 352 24.45 13.68 -40.69
CA GLN A 352 24.00 15.00 -40.27
C GLN A 352 24.44 15.29 -38.85
N LEU A 353 24.76 16.56 -38.59
CA LEU A 353 25.35 16.99 -37.33
C LEU A 353 24.45 17.98 -36.61
N LYS A 354 24.47 17.90 -35.29
CA LYS A 354 23.83 18.89 -34.42
C LYS A 354 24.91 19.75 -33.77
N GLY A 355 24.71 21.07 -33.80
CA GLY A 355 25.62 21.94 -33.09
C GLY A 355 25.56 21.71 -31.59
N GLU A 356 26.72 21.83 -30.95
CA GLU A 356 26.79 21.87 -29.50
C GLU A 356 26.25 23.20 -28.98
N ARG A 357 25.75 23.18 -27.74
CA ARG A 357 25.18 24.38 -27.14
C ARG A 357 25.67 24.60 -25.72
N GLY A 358 24.98 23.99 -24.76
CA GLY A 358 25.25 24.24 -23.36
C GLY A 358 26.49 23.55 -22.87
N GLY A 359 26.60 23.52 -21.55
CA GLY A 359 27.71 22.88 -20.85
C GLY A 359 29.02 23.61 -20.95
N TYR A 360 30.01 23.05 -20.26
CA TYR A 360 31.33 23.62 -20.14
C TYR A 360 32.35 22.53 -20.45
N VAL A 361 33.51 22.93 -20.94
CA VAL A 361 34.58 22.02 -21.29
C VAL A 361 35.81 22.34 -20.46
N GLY A 362 36.56 21.29 -20.14
CA GLY A 362 37.80 21.45 -19.40
C GLY A 362 38.92 21.95 -20.29
N GLN A 363 40.14 21.77 -19.80
CA GLN A 363 41.30 22.18 -20.58
C GLN A 363 41.53 21.27 -21.78
N PHE A 364 42.18 21.83 -22.78
CA PHE A 364 42.56 21.11 -23.98
C PHE A 364 43.88 21.67 -24.47
N GLU A 365 44.63 20.84 -25.19
CA GLU A 365 45.90 21.26 -25.77
C GLU A 365 46.04 20.62 -27.14
N GLN A 366 46.94 21.21 -27.96
CA GLN A 366 46.96 20.93 -29.40
C GLN A 366 46.99 19.45 -29.75
N GLU A 367 47.62 18.62 -28.93
CA GLU A 367 47.76 17.20 -29.28
C GLU A 367 47.23 16.31 -28.17
N GLN A 368 46.11 16.72 -27.58
CA GLN A 368 45.58 16.01 -26.42
C GLN A 368 45.15 14.59 -26.73
N ARG A 369 44.62 14.35 -27.93
CA ARG A 369 44.13 13.04 -28.36
C ARG A 369 43.02 12.46 -27.48
N ASN A 370 42.45 13.27 -26.60
CA ASN A 370 41.18 12.96 -25.95
C ASN A 370 40.30 14.20 -26.04
N LEU A 371 38.99 13.99 -26.19
CA LEU A 371 38.07 15.09 -26.08
C LEU A 371 38.21 15.77 -24.72
N PRO A 372 38.01 17.08 -24.64
CA PRO A 372 38.02 17.76 -23.34
C PRO A 372 36.93 17.25 -22.41
N ASN A 373 37.25 17.22 -21.12
CA ASN A 373 36.27 16.86 -20.10
C ASN A 373 35.14 17.88 -20.06
N THR A 374 33.91 17.39 -20.00
CA THR A 374 32.73 18.22 -19.86
C THR A 374 32.35 18.40 -18.40
N GLY A 375 31.77 19.55 -18.09
CA GLY A 375 31.15 19.79 -16.81
C GLY A 375 29.68 20.10 -16.93
N LYS A 376 28.90 19.63 -15.97
CA LYS A 376 27.46 19.86 -15.92
C LYS A 376 27.09 20.46 -14.57
N ILE A 377 26.17 21.41 -14.58
CA ILE A 377 25.65 22.00 -13.37
C ILE A 377 24.28 21.41 -13.11
N ASN A 378 24.08 20.91 -11.91
CA ASN A 378 22.79 20.34 -11.51
C ASN A 378 21.88 21.45 -10.99
N SER A 379 20.73 21.60 -11.62
CA SER A 379 19.71 22.53 -11.21
C SER A 379 18.45 21.76 -10.85
N GLU A 380 17.72 22.27 -9.87
CA GLU A 380 16.43 21.72 -9.51
C GLU A 380 15.39 22.82 -9.48
N LEU A 381 14.14 22.47 -9.79
CA LEU A 381 13.02 23.37 -9.63
C LEU A 381 12.44 23.29 -8.23
N PHE A 382 12.37 24.44 -7.56
CA PHE A 382 11.76 24.56 -6.25
C PHE A 382 10.44 25.29 -6.37
N THR A 383 9.42 24.81 -5.69
CA THR A 383 8.09 25.37 -5.79
C THR A 383 7.61 25.84 -4.42
N HIS A 384 6.94 26.99 -4.42
CA HIS A 384 6.55 27.71 -3.21
C HIS A 384 5.13 28.22 -3.41
N ASN A 385 4.50 28.60 -2.32
CA ASN A 385 3.20 29.24 -2.40
C ASN A 385 3.16 30.48 -1.52
N THR A 386 2.15 31.29 -1.78
CA THR A 386 1.65 32.28 -0.85
C THR A 386 0.30 31.81 -0.34
N ILE A 387 0.09 32.00 0.94
CA ILE A 387 -1.16 31.68 1.62
C ILE A 387 -1.94 32.97 1.73
N GLN A 388 -3.18 32.98 1.26
CA GLN A 388 -4.10 34.08 1.53
C GLN A 388 -4.62 33.99 2.96
N ASP A 389 -4.40 35.04 3.75
CA ASP A 389 -4.37 34.87 5.20
C ASP A 389 -5.76 34.65 5.78
N ASP A 390 -6.80 35.19 5.15
CA ASP A 390 -8.14 34.98 5.66
C ASP A 390 -8.63 33.56 5.44
N VAL A 391 -8.42 33.02 4.23
CA VAL A 391 -8.76 31.63 3.96
C VAL A 391 -7.70 30.63 4.36
N GLN A 392 -6.47 31.10 4.64
CA GLN A 392 -5.35 30.25 5.08
C GLN A 392 -5.00 29.17 4.06
N ARG A 393 -5.12 29.51 2.80
CA ARG A 393 -4.78 28.62 1.70
C ARG A 393 -4.31 29.47 0.54
N PRO A 394 -3.63 28.88 -0.43
CA PRO A 394 -3.28 29.64 -1.63
C PRO A 394 -4.52 30.06 -2.39
N THR A 395 -4.47 31.28 -2.92
CA THR A 395 -5.56 31.77 -3.77
C THR A 395 -5.24 31.31 -5.18
N SER A 396 -5.68 30.08 -5.45
CA SER A 396 -5.60 29.40 -6.73
C SER A 396 -4.25 28.76 -6.97
N ASP A 397 -4.19 27.87 -7.96
CA ASP A 397 -2.93 27.34 -8.46
C ASP A 397 -2.21 28.35 -9.35
N VAL A 398 -2.94 29.11 -10.16
CA VAL A 398 -2.32 30.01 -11.13
C VAL A 398 -1.54 31.12 -10.44
N GLY A 399 -2.10 31.73 -9.41
CA GLY A 399 -1.47 32.87 -8.79
C GLY A 399 -1.16 32.67 -7.32
N GLY A 400 -1.15 31.42 -6.91
CA GLY A 400 -0.82 31.10 -5.54
C GLY A 400 0.52 30.42 -5.40
N VAL A 401 1.02 29.86 -6.50
CA VAL A 401 2.22 29.06 -6.47
C VAL A 401 3.26 29.74 -7.35
N TYR A 402 4.53 29.61 -6.98
CA TYR A 402 5.63 30.11 -7.79
C TYR A 402 6.81 29.16 -7.66
N SER A 403 7.70 29.19 -8.65
CA SER A 403 8.82 28.27 -8.74
C SER A 403 10.13 28.98 -9.03
N TYR A 404 11.20 28.49 -8.43
CA TYR A 404 12.58 28.89 -8.72
C TYR A 404 13.39 27.68 -9.18
N GLU A 405 14.05 27.79 -10.33
CA GLU A 405 15.25 26.97 -10.54
C GLU A 405 16.38 27.45 -9.66
N ALA A 406 17.11 26.51 -9.08
CA ALA A 406 18.32 26.84 -8.36
C ALA A 406 19.41 25.84 -8.69
N ILE A 407 20.65 26.33 -8.71
CA ILE A 407 21.84 25.51 -8.63
C ILE A 407 21.88 24.85 -7.25
N ILE A 408 21.92 23.52 -7.23
CA ILE A 408 21.88 22.80 -5.97
C ILE A 408 23.22 22.89 -5.23
N ALA A 409 23.16 22.63 -3.94
CA ALA A 409 24.33 22.65 -3.05
C ALA A 409 25.38 21.62 -3.45
N GLY A 410 26.60 21.85 -2.97
CA GLY A 410 27.68 20.91 -3.15
C GLY A 410 28.43 21.05 -4.45
N GLN A 411 28.06 22.00 -5.27
CA GLN A 411 28.73 22.29 -6.53
C GLN A 411 29.81 23.35 -6.32
N THR A 412 30.86 23.26 -7.14
CA THR A 412 32.04 24.10 -6.96
C THR A 412 32.27 24.94 -8.21
N PHE A 413 32.55 26.22 -8.01
CA PHE A 413 32.68 27.20 -9.07
C PHE A 413 33.96 27.98 -8.86
N VAL A 414 34.60 28.37 -9.94
CA VAL A 414 35.82 29.18 -9.87
C VAL A 414 35.57 30.50 -10.55
N ALA A 415 35.74 31.58 -9.80
CA ALA A 415 35.85 32.93 -10.33
C ALA A 415 37.29 33.42 -10.20
N GLU A 416 37.57 34.55 -10.83
CA GLU A 416 38.85 35.23 -10.67
C GLU A 416 38.63 36.70 -10.40
N LEU A 417 39.18 37.18 -9.30
CA LEU A 417 39.37 38.61 -9.10
C LEU A 417 40.67 39.03 -9.77
N ARG A 418 40.59 39.99 -10.67
CA ARG A 418 41.78 40.55 -11.30
C ARG A 418 41.94 42.01 -10.88
N LEU A 419 43.12 42.33 -10.36
CA LEU A 419 43.43 43.67 -9.90
C LEU A 419 44.79 44.06 -10.43
N PRO A 420 44.98 45.31 -10.84
CA PRO A 420 46.30 45.75 -11.25
C PRO A 420 47.25 45.86 -10.06
N ASP A 421 48.54 45.81 -10.38
CA ASP A 421 49.57 45.90 -9.36
C ASP A 421 49.44 47.17 -8.54
N SER A 422 48.95 48.25 -9.15
CA SER A 422 48.69 49.50 -8.42
C SER A 422 47.85 49.26 -7.18
N LEU A 423 46.72 48.59 -7.33
CA LEU A 423 45.85 48.38 -6.18
C LEU A 423 46.39 47.31 -5.26
N VAL A 424 46.99 46.26 -5.83
CA VAL A 424 47.54 45.18 -5.01
C VAL A 424 48.65 45.67 -4.09
N LYS A 425 49.50 46.58 -4.58
CA LYS A 425 50.48 47.21 -3.71
C LYS A 425 49.81 47.98 -2.58
N GLN A 426 48.81 48.79 -2.91
CA GLN A 426 48.07 49.52 -1.89
C GLN A 426 47.43 48.58 -0.86
N ILE A 427 46.76 47.54 -1.33
CA ILE A 427 46.11 46.60 -0.43
C ILE A 427 47.13 45.90 0.47
N THR A 428 48.20 45.37 -0.14
CA THR A 428 49.24 44.69 0.65
C THR A 428 49.93 45.63 1.63
N SER A 429 50.00 46.92 1.32
CA SER A 429 50.58 47.86 2.27
C SER A 429 49.68 48.05 3.48
N LYS A 430 48.36 47.97 3.29
CA LYS A 430 47.44 48.13 4.39
C LYS A 430 47.22 46.83 5.15
N ASN A 431 47.28 45.70 4.45
CA ASN A 431 47.16 44.39 5.09
C ASN A 431 47.94 43.39 4.27
N LYS A 432 48.98 42.80 4.87
CA LYS A 432 49.76 41.79 4.17
C LYS A 432 49.00 40.48 3.98
N ASN A 433 48.05 40.18 4.86
CA ASN A 433 47.31 38.94 4.78
C ASN A 433 46.00 39.08 4.03
N TRP A 434 45.86 40.10 3.18
CA TRP A 434 44.54 40.46 2.66
C TRP A 434 43.85 39.31 1.95
N GLN A 435 44.60 38.42 1.29
CA GLN A 435 43.99 37.23 0.70
C GLN A 435 43.34 36.32 1.73
N ALA A 436 43.74 36.39 3.00
CA ALA A 436 43.05 35.65 4.03
C ALA A 436 41.63 36.16 4.24
N GLN A 437 41.40 37.44 3.99
CA GLN A 437 40.09 38.06 4.17
C GLN A 437 39.10 37.71 3.07
N LEU A 438 39.57 37.13 1.96
CA LEU A 438 38.68 36.67 0.90
C LEU A 438 37.93 35.39 1.24
N LYS A 439 38.32 34.67 2.27
CA LYS A 439 37.55 33.53 2.73
C LYS A 439 36.32 34.00 3.51
N ALA A 440 35.13 33.67 3.01
CA ALA A 440 33.89 34.13 3.62
C ALA A 440 32.75 33.20 3.23
N THR A 441 31.71 33.16 4.05
CA THR A 441 30.43 32.59 3.69
C THR A 441 29.41 33.72 3.51
N ILE A 442 28.84 33.82 2.31
CA ILE A 442 27.94 34.90 1.95
C ILE A 442 26.70 34.32 1.29
N ARG A 443 25.60 35.06 1.37
CA ARG A 443 24.38 34.70 0.65
C ARG A 443 24.24 35.61 -0.56
N ILE A 444 24.06 35.02 -1.74
CA ILE A 444 24.00 35.72 -3.01
C ILE A 444 22.71 35.41 -3.75
N GLY A 445 22.27 36.36 -4.56
CA GLY A 445 21.23 36.18 -5.55
C GLY A 445 19.80 36.39 -5.10
N GLN A 446 18.86 35.73 -5.77
CA GLN A 446 17.46 35.90 -5.45
C GLN A 446 17.05 35.09 -4.23
N SER A 447 16.20 35.69 -3.41
CA SER A 447 15.64 35.06 -2.22
C SER A 447 16.73 34.63 -1.26
N LYS A 448 17.84 35.36 -1.27
CA LYS A 448 19.03 34.99 -0.53
C LYS A 448 18.79 34.96 0.98
N LYS A 449 17.77 35.62 1.50
CA LYS A 449 17.51 35.56 2.93
C LYS A 449 16.87 34.25 3.40
N ASP A 450 16.31 33.44 2.51
CA ASP A 450 15.53 32.27 2.89
C ASP A 450 16.41 31.03 2.81
N GLN A 451 15.96 29.95 2.24
CA GLN A 451 16.60 28.72 1.83
C GLN A 451 17.53 28.87 0.64
N TYR A 452 17.89 30.05 0.16
CA TYR A 452 18.68 30.19 -1.06
C TYR A 452 19.92 31.02 -0.82
N GLY A 453 20.96 30.73 -1.59
CA GLY A 453 22.06 31.64 -1.82
C GLY A 453 23.32 31.42 -1.02
N LYS A 454 23.30 30.56 -0.01
CA LYS A 454 24.46 30.37 0.86
C LYS A 454 25.64 29.78 0.09
N ILE A 455 26.74 30.54 -0.01
CA ILE A 455 27.95 30.08 -0.67
C ILE A 455 29.16 30.33 0.23
N GLU A 456 30.10 29.39 0.19
CA GLU A 456 31.44 29.59 0.69
C GLU A 456 32.33 30.13 -0.42
N VAL A 457 33.07 31.19 -0.12
CA VAL A 457 34.11 31.71 -1.00
C VAL A 457 35.47 31.43 -0.38
N THR A 458 36.38 30.91 -1.20
CA THR A 458 37.76 30.66 -0.82
C THR A 458 38.66 31.30 -1.84
N SER A 459 39.78 31.87 -1.39
CA SER A 459 40.76 32.46 -2.28
C SER A 459 41.95 31.53 -2.46
N GLY A 460 42.38 31.35 -3.70
CA GLY A 460 43.57 30.60 -4.02
C GLY A 460 44.80 31.48 -4.24
N ASN A 461 45.95 30.82 -4.37
CA ASN A 461 47.19 31.51 -4.69
C ASN A 461 47.10 32.16 -6.06
N SER A 462 47.70 33.34 -6.19
CA SER A 462 47.60 34.13 -7.41
C SER A 462 47.93 33.30 -8.65
N ALA A 463 46.99 33.27 -9.59
CA ALA A 463 47.11 32.48 -10.79
C ALA A 463 48.07 33.14 -11.77
N ASP A 464 48.61 32.31 -12.66
CA ASP A 464 49.36 32.81 -13.80
C ASP A 464 48.44 33.50 -14.79
N LEU A 465 48.96 34.54 -15.42
CA LEU A 465 48.22 35.28 -16.42
C LEU A 465 48.06 34.46 -17.70
N PRO A 466 46.99 34.70 -18.47
CA PRO A 466 46.83 34.01 -19.75
C PRO A 466 47.94 34.35 -20.72
N LYS A 467 48.38 33.35 -21.48
CA LYS A 467 49.52 33.46 -22.39
C LYS A 467 49.17 33.02 -23.81
N PRO A 468 48.20 33.68 -24.45
CA PRO A 468 47.78 33.26 -25.79
C PRO A 468 48.92 33.24 -26.79
N THR A 469 48.91 32.23 -27.65
CA THR A 469 49.82 32.21 -28.79
C THR A 469 49.42 33.27 -29.81
N GLY A 470 50.35 34.17 -30.11
CA GLY A 470 50.20 35.08 -31.23
C GLY A 470 50.51 34.44 -32.57
N ASN A 471 49.46 34.17 -33.35
CA ASN A 471 49.57 33.63 -34.69
C ASN A 471 49.17 34.69 -35.70
N ASN A 472 50.01 34.90 -36.71
CA ASN A 472 49.73 35.86 -37.76
C ASN A 472 48.92 35.28 -38.92
N LYS A 473 48.65 33.98 -38.93
CA LYS A 473 47.83 33.40 -39.99
C LYS A 473 46.34 33.57 -39.72
N THR A 474 45.89 33.22 -38.51
CA THR A 474 44.48 33.28 -38.17
C THR A 474 44.33 33.84 -36.76
N LEU A 475 43.17 34.44 -36.50
CA LEU A 475 42.71 34.75 -35.16
C LEU A 475 41.48 33.93 -34.84
N SER A 476 41.54 33.19 -33.74
CA SER A 476 40.42 32.43 -33.21
C SER A 476 39.91 33.08 -31.93
N ILE A 477 38.59 33.21 -31.80
CA ILE A 477 37.96 33.87 -30.67
C ILE A 477 36.91 32.94 -30.09
N TRP A 478 37.02 32.71 -28.78
CA TRP A 478 36.05 31.91 -28.03
C TRP A 478 35.47 32.81 -26.94
N PHE A 479 34.15 32.95 -26.94
CA PHE A 479 33.45 33.72 -25.91
C PHE A 479 33.30 32.89 -24.65
N LEU A 480 34.12 33.17 -23.66
CA LEU A 480 34.03 32.50 -22.38
C LEU A 480 32.91 33.07 -21.54
N SER A 481 32.45 34.26 -21.87
CA SER A 481 31.38 34.96 -21.20
C SER A 481 30.51 35.61 -22.26
N ASP A 482 29.30 35.99 -21.86
CA ASP A 482 28.47 36.79 -22.75
C ASP A 482 29.16 38.09 -23.11
N ILE A 483 29.16 38.43 -24.40
CA ILE A 483 29.81 39.64 -24.88
C ILE A 483 28.73 40.66 -25.12
N LEU A 484 28.81 41.79 -24.44
CA LEU A 484 27.90 42.88 -24.65
C LEU A 484 28.64 43.92 -25.46
N LEU A 485 28.11 44.27 -26.62
CA LEU A 485 28.68 45.32 -27.45
C LEU A 485 27.63 46.38 -27.75
N ARG A 486 28.04 47.64 -27.66
CA ARG A 486 27.27 48.73 -28.25
C ARG A 486 27.32 48.65 -29.76
N GLY A 487 26.19 48.83 -30.40
CA GLY A 487 26.21 49.22 -31.79
C GLY A 487 26.81 50.60 -31.94
N ASP A 488 27.01 51.02 -33.19
CA ASP A 488 27.52 52.36 -33.40
C ASP A 488 26.52 53.45 -33.03
N ARG A 489 25.26 53.11 -32.72
CA ARG A 489 24.36 54.06 -32.06
C ARG A 489 24.26 53.82 -30.56
N LEU A 490 25.16 53.02 -29.98
CA LEU A 490 25.24 52.75 -28.55
C LEU A 490 24.03 52.02 -27.98
N ASN A 491 23.07 51.67 -28.82
CA ASN A 491 22.16 50.60 -28.44
C ASN A 491 22.93 49.30 -28.36
N PHE A 492 22.39 48.33 -27.64
CA PHE A 492 23.05 47.05 -27.72
C PHE A 492 22.66 46.35 -29.01
N ASN A 493 23.48 45.40 -29.44
CA ASN A 493 23.49 45.04 -30.84
C ASN A 493 23.82 43.56 -31.03
N ALA A 494 23.48 43.07 -32.22
CA ALA A 494 23.80 41.72 -32.66
C ALA A 494 24.35 41.74 -34.09
N THR A 495 25.37 42.57 -34.35
CA THR A 495 26.02 42.59 -35.66
C THR A 495 27.48 42.20 -35.54
N PRO A 496 27.87 41.02 -36.03
CA PRO A 496 29.26 40.56 -35.82
C PRO A 496 30.30 41.37 -36.55
N ASP A 497 29.94 42.09 -37.62
CA ASP A 497 30.88 43.01 -38.24
C ASP A 497 31.35 44.08 -37.27
N ASP A 498 30.54 44.42 -36.27
CA ASP A 498 30.98 45.36 -35.25
C ASP A 498 32.02 44.75 -34.34
N LEU A 499 31.87 43.47 -34.03
CA LEU A 499 32.90 42.77 -33.27
C LEU A 499 34.18 42.59 -34.08
N LYS A 500 34.04 42.29 -35.37
CA LYS A 500 35.19 42.29 -36.28
C LYS A 500 35.92 43.62 -36.23
N LYS A 501 35.18 44.72 -36.41
CA LYS A 501 35.76 46.05 -36.30
C LYS A 501 36.37 46.29 -34.94
N TYR A 502 35.67 45.90 -33.87
CA TYR A 502 36.18 46.10 -32.52
C TYR A 502 37.52 45.40 -32.31
N LEU A 503 37.60 44.12 -32.68
CA LEU A 503 38.84 43.38 -32.49
C LEU A 503 39.99 43.97 -33.28
N GLU A 504 39.77 44.22 -34.57
CA GLU A 504 40.87 44.70 -35.39
C GLU A 504 41.32 46.09 -34.95
N ASN A 505 40.43 46.88 -34.37
CA ASN A 505 40.86 48.11 -33.72
C ASN A 505 41.61 47.82 -32.43
N ALA A 506 41.03 46.98 -31.56
CA ALA A 506 41.65 46.68 -30.28
C ALA A 506 43.01 46.03 -30.43
N LEU A 507 43.21 45.22 -31.46
CA LEU A 507 44.48 44.57 -31.71
C LEU A 507 45.34 45.30 -32.72
N ASP A 508 44.81 46.32 -33.40
CA ASP A 508 45.51 47.05 -34.45
C ASP A 508 45.98 46.11 -35.56
N ILE A 509 45.02 45.40 -36.14
CA ILE A 509 45.26 44.46 -37.22
C ILE A 509 44.19 44.65 -38.27
N LYS A 510 44.12 43.77 -39.25
CA LYS A 510 42.96 43.66 -40.11
C LYS A 510 42.55 42.20 -40.21
N LEU A 511 41.24 41.95 -40.14
CA LEU A 511 40.69 40.61 -40.11
C LEU A 511 39.84 40.35 -41.33
N LYS A 512 39.84 39.09 -41.78
CA LYS A 512 39.00 38.67 -42.89
C LYS A 512 38.35 37.34 -42.52
N GLU A 513 37.11 37.16 -42.96
CA GLU A 513 36.41 35.91 -42.72
C GLU A 513 37.12 34.74 -43.38
N ARG A 514 37.15 33.61 -42.68
CA ARG A 514 37.62 32.36 -43.26
C ARG A 514 36.70 31.91 -44.39
N SER A 515 37.26 31.80 -45.59
CA SER A 515 36.49 31.75 -46.83
C SER A 515 36.07 30.36 -47.28
N ASP A 516 36.54 29.29 -46.63
CA ASP A 516 36.15 27.94 -47.06
C ASP A 516 34.65 27.71 -46.93
N ASN A 517 34.13 26.82 -47.78
CA ASN A 517 32.72 26.45 -47.79
C ASN A 517 32.42 25.21 -46.96
N ASP A 518 33.33 24.24 -46.90
CA ASP A 518 33.12 23.06 -46.10
C ASP A 518 33.31 23.30 -44.62
N LEU A 519 33.76 24.49 -44.24
CA LEU A 519 33.98 24.87 -42.86
C LEU A 519 33.10 26.06 -42.54
N ILE A 520 32.83 26.22 -41.25
CA ILE A 520 32.10 27.40 -40.77
C ILE A 520 33.11 28.38 -40.16
N CYS A 521 32.91 29.66 -40.45
CA CYS A 521 33.72 30.74 -39.91
C CYS A 521 33.14 31.33 -38.63
N ILE A 522 31.82 31.35 -38.49
CA ILE A 522 31.14 32.08 -37.41
C ILE A 522 30.10 31.17 -36.77
N ALA A 523 30.09 31.14 -35.45
CA ALA A 523 29.10 30.38 -34.69
C ALA A 523 28.70 31.17 -33.45
N LEU A 524 27.92 32.24 -33.65
CA LEU A 524 27.38 33.03 -32.55
C LEU A 524 25.93 32.67 -32.26
N ARG A 525 25.52 32.90 -31.02
CA ARG A 525 24.13 33.02 -30.65
C ARG A 525 23.89 34.30 -29.86
N SER A 526 22.73 34.91 -30.08
CA SER A 526 22.27 36.07 -29.33
C SER A 526 22.00 35.74 -27.86
N GLN A 527 22.16 36.75 -27.01
CA GLN A 527 21.90 36.63 -25.59
C GLN A 527 21.23 37.91 -25.12
N ARG A 528 20.12 37.82 -24.38
CA ARG A 528 19.53 38.98 -23.74
C ARG A 528 19.46 38.78 -22.23
N THR A 529 20.01 39.74 -21.47
CA THR A 529 20.09 39.70 -20.00
C THR A 529 19.14 40.73 -19.38
N GLU A 530 18.19 40.24 -18.59
CA GLU A 530 17.10 41.07 -18.05
C GLU A 530 17.16 41.41 -16.55
N SER A 531 18.34 41.37 -15.92
CA SER A 531 18.57 41.83 -14.54
C SER A 531 17.89 43.06 -13.92
N TRP A 532 17.95 43.13 -12.59
CA TRP A 532 17.66 44.28 -11.70
C TRP A 532 18.93 45.02 -11.34
N GLN A 533 18.76 46.21 -10.76
CA GLN A 533 19.83 47.00 -10.18
C GLN A 533 19.26 47.35 -8.81
N VAL A 534 19.73 46.63 -7.79
CA VAL A 534 19.27 46.81 -6.40
C VAL A 534 19.53 48.21 -5.84
N ARG A 535 20.70 48.80 -6.10
CA ARG A 535 20.90 50.18 -5.68
C ARG A 535 20.01 51.16 -6.44
N TRP A 536 19.78 50.93 -7.72
CA TRP A 536 18.84 51.78 -8.44
C TRP A 536 17.44 51.67 -7.87
N GLY A 537 17.05 50.49 -7.42
CA GLY A 537 15.69 50.31 -7.01
C GLY A 537 14.80 50.01 -8.19
N LEU A 538 15.42 49.80 -9.35
CA LEU A 538 14.73 49.74 -10.63
C LEU A 538 15.45 48.73 -11.48
N PRO A 539 14.84 48.30 -12.58
CA PRO A 539 15.47 47.28 -13.41
C PRO A 539 16.71 47.79 -14.08
N ARG A 540 17.62 46.89 -14.37
CA ARG A 540 18.74 47.30 -15.16
C ARG A 540 18.30 47.40 -16.61
N PRO A 541 18.99 48.20 -17.42
CA PRO A 541 18.67 48.21 -18.84
C PRO A 541 18.95 46.86 -19.44
N SER A 542 18.17 46.47 -20.45
CA SER A 542 18.36 45.16 -21.02
C SER A 542 19.67 45.13 -21.79
N LEU A 543 20.49 44.11 -21.55
CA LEU A 543 21.81 44.00 -22.14
C LEU A 543 21.81 42.87 -23.16
N VAL A 544 22.07 43.22 -24.41
CA VAL A 544 22.02 42.30 -25.52
C VAL A 544 23.43 42.09 -26.05
N GLY A 545 23.68 40.90 -26.55
CA GLY A 545 24.95 40.55 -27.12
C GLY A 545 24.99 39.11 -27.54
N TRP A 546 26.07 38.43 -27.21
CA TRP A 546 26.32 37.08 -27.67
C TRP A 546 26.51 36.19 -26.46
N GLN A 547 25.96 34.99 -26.48
CA GLN A 547 26.15 34.13 -25.33
C GLN A 547 27.52 33.46 -25.36
N ALA A 548 28.00 33.15 -24.16
CA ALA A 548 29.17 32.32 -23.96
C ALA A 548 29.08 31.02 -24.75
N GLY A 549 30.21 30.62 -25.30
CA GLY A 549 30.29 29.54 -26.26
C GLY A 549 30.33 30.00 -27.69
N SER A 550 29.87 31.20 -27.99
CA SER A 550 29.95 31.72 -29.33
C SER A 550 31.40 31.81 -29.79
N CYS A 551 31.65 31.42 -31.03
CA CYS A 551 32.99 31.26 -31.56
C CYS A 551 33.08 31.93 -32.91
N LEU A 552 34.24 32.48 -33.21
CA LEU A 552 34.51 32.89 -34.57
C LEU A 552 36.01 32.86 -34.83
N ILE A 553 36.38 32.63 -36.07
CA ILE A 553 37.77 32.55 -36.48
C ILE A 553 37.95 33.40 -37.73
N TYR A 554 39.04 34.15 -37.76
CA TYR A 554 39.35 35.04 -38.87
C TYR A 554 40.71 34.71 -39.43
N ASP A 555 40.84 34.86 -40.75
CA ASP A 555 42.15 35.10 -41.32
C ASP A 555 42.59 36.51 -40.96
N ILE A 556 43.86 36.64 -40.58
CA ILE A 556 44.46 37.97 -40.45
C ILE A 556 44.85 38.44 -41.84
N GLU A 557 44.22 39.51 -42.29
CA GLU A 557 44.47 40.04 -43.62
C GLU A 557 45.76 40.87 -43.66
N SER A 558 46.03 41.62 -42.60
CA SER A 558 47.31 42.32 -42.49
C SER A 558 47.61 42.61 -41.04
N GLY A 559 48.88 42.89 -40.76
CA GLY A 559 49.33 43.26 -39.44
C GLY A 559 49.64 42.12 -38.49
N THR A 560 50.74 42.27 -37.76
CA THR A 560 51.09 41.35 -36.70
C THR A 560 50.15 41.51 -35.50
N VAL A 561 49.85 40.39 -34.85
CA VAL A 561 49.02 40.38 -33.66
C VAL A 561 49.94 40.28 -32.45
N ASN A 562 49.81 41.24 -31.53
CA ASN A 562 50.71 41.32 -30.39
C ASN A 562 50.25 40.35 -29.32
N ALA A 563 51.08 39.35 -29.02
CA ALA A 563 50.78 38.41 -27.94
C ALA A 563 50.60 39.11 -26.60
N GLU A 564 51.27 40.24 -26.38
CA GLU A 564 51.07 41.00 -25.15
C GLU A 564 49.70 41.67 -25.12
N LYS A 565 49.20 42.11 -26.27
CA LYS A 565 47.88 42.71 -26.32
C LYS A 565 46.79 41.67 -26.23
N LEU A 566 46.97 40.53 -26.88
CA LEU A 566 46.04 39.43 -26.70
C LEU A 566 45.94 39.01 -25.24
N GLN A 567 47.08 38.93 -24.56
CA GLN A 567 47.07 38.65 -23.13
C GLN A 567 46.28 39.69 -22.34
N GLU A 568 46.48 40.98 -22.66
CA GLU A 568 45.76 42.02 -21.93
C GLU A 568 44.25 41.96 -22.17
N LEU A 569 43.82 41.67 -23.40
CA LEU A 569 42.39 41.51 -23.66
C LEU A 569 41.84 40.28 -22.97
N MET A 570 42.60 39.19 -22.95
CA MET A 570 42.22 38.01 -22.21
C MET A 570 42.11 38.27 -20.71
N ILE A 571 42.74 39.32 -20.20
CA ILE A 571 42.58 39.72 -18.81
C ILE A 571 41.38 40.65 -18.62
N THR A 572 41.32 41.73 -19.38
CA THR A 572 40.38 42.80 -19.09
C THR A 572 39.00 42.53 -19.66
N GLY A 573 38.90 41.73 -20.71
CA GLY A 573 37.68 41.56 -21.45
C GLY A 573 37.44 42.66 -22.45
N ILE A 574 36.46 42.44 -23.31
CA ILE A 574 36.10 43.35 -24.39
C ILE A 574 34.64 43.76 -24.27
N GLY A 575 34.32 44.93 -24.78
CA GLY A 575 32.97 45.44 -24.76
C GLY A 575 32.56 46.09 -23.45
N ASP A 576 31.28 45.97 -23.12
CA ASP A 576 30.70 46.67 -21.98
C ASP A 576 30.62 45.78 -20.74
N ARG A 577 30.66 46.44 -19.58
CA ARG A 577 30.49 45.82 -18.26
C ARG A 577 31.41 44.62 -18.02
N CYS A 578 32.63 44.72 -18.52
CA CYS A 578 33.64 43.70 -18.29
C CYS A 578 34.05 43.61 -16.83
N THR A 579 33.87 44.68 -16.07
CA THR A 579 34.19 44.67 -14.65
C THR A 579 33.47 43.56 -13.90
N GLU A 580 32.24 43.26 -14.29
CA GLU A 580 31.45 42.21 -13.70
C GLU A 580 31.45 40.93 -14.53
N GLY A 581 32.43 40.78 -15.42
CA GLY A 581 32.73 39.53 -16.06
C GLY A 581 32.16 39.30 -17.43
N TYR A 582 31.45 40.26 -18.00
CA TYR A 582 31.15 40.19 -19.42
C TYR A 582 32.42 40.32 -20.24
N GLY A 583 32.33 39.89 -21.50
CA GLY A 583 33.40 40.16 -22.43
C GLY A 583 34.62 39.27 -22.33
N GLN A 584 34.57 38.22 -21.53
CA GLN A 584 35.73 37.36 -21.33
C GLN A 584 35.94 36.45 -22.55
N ILE A 585 37.17 36.41 -23.02
CA ILE A 585 37.48 36.05 -24.40
C ILE A 585 38.71 35.14 -24.37
N GLY A 586 38.68 34.10 -25.18
CA GLY A 586 39.83 33.24 -25.40
C GLY A 586 40.36 33.40 -26.80
N PHE A 587 41.63 33.75 -26.92
CA PHE A 587 42.26 33.93 -28.23
C PHE A 587 43.11 32.73 -28.59
N ASN A 588 42.99 32.30 -29.85
CA ASN A 588 43.84 31.27 -30.43
C ASN A 588 43.92 30.02 -29.57
N ASP A 589 42.79 29.65 -29.01
CA ASP A 589 42.74 28.48 -28.16
C ASP A 589 42.93 27.20 -28.99
N PRO A 590 43.78 26.28 -28.53
CA PRO A 590 43.94 25.00 -29.26
C PRO A 590 42.67 24.20 -29.49
N LEU A 591 41.65 24.29 -28.63
CA LEU A 591 40.44 23.52 -28.87
C LEU A 591 39.69 23.98 -30.11
N LEU A 592 39.78 25.26 -30.45
CA LEU A 592 39.15 25.73 -31.67
C LEU A 592 39.99 25.45 -32.90
N SER A 593 41.24 25.01 -32.70
CA SER A 593 42.17 24.69 -33.76
C SER A 593 42.25 23.21 -34.04
N ALA A 594 41.75 22.38 -33.13
CA ALA A 594 41.87 20.95 -33.24
C ALA A 594 40.91 20.37 -34.27
N SER A 595 41.29 19.23 -34.82
CA SER A 595 40.35 18.31 -35.46
C SER A 595 40.03 17.23 -34.44
N LEU A 596 38.75 17.06 -34.14
CA LEU A 596 38.33 16.20 -33.05
C LEU A 596 37.51 15.01 -33.50
N GLY A 597 37.18 14.91 -34.77
CA GLY A 597 36.27 13.85 -35.23
C GLY A 597 36.68 12.46 -34.83
N LYS A 598 37.99 12.20 -34.75
CA LYS A 598 38.47 10.89 -34.35
C LYS A 598 38.63 10.72 -32.84
N LEU A 599 38.57 11.79 -32.07
CA LEU A 599 38.85 11.69 -30.64
C LEU A 599 37.63 11.17 -29.90
N THR A 600 37.87 10.67 -28.69
CA THR A 600 36.81 10.24 -27.79
C THR A 600 37.12 10.80 -26.40
N ALA A 601 36.08 10.85 -25.58
CA ALA A 601 36.28 11.21 -24.18
C ALA A 601 37.04 10.14 -23.42
N LYS A 602 37.74 10.57 -22.38
CA LYS A 602 38.37 9.63 -21.46
C LYS A 602 37.30 8.84 -20.73
N PRO A 603 37.60 7.62 -20.29
CA PRO A 603 36.70 6.84 -19.44
C PRO A 603 36.37 7.55 -18.13
N SER A 615 29.12 5.58 5.60
CA SER A 615 28.48 6.44 6.59
C SER A 615 29.31 6.52 7.86
N ASN A 616 28.78 7.24 8.84
CA ASN A 616 29.38 7.34 10.16
C ASN A 616 28.39 6.86 11.19
N PRO A 617 28.72 5.88 12.03
CA PRO A 617 27.81 5.53 13.12
C PRO A 617 27.71 6.67 14.12
N LEU A 618 26.52 6.85 14.66
CA LEU A 618 26.25 7.93 15.58
C LEU A 618 26.85 7.64 16.95
N PRO A 619 27.58 8.58 17.53
CA PRO A 619 28.10 8.38 18.89
C PRO A 619 26.96 8.05 19.84
N THR A 620 27.26 7.21 20.83
CA THR A 620 26.22 6.72 21.73
C THR A 620 25.58 7.82 22.57
N ASN A 621 26.37 8.81 22.99
CA ASN A 621 25.86 9.93 23.78
C ASN A 621 25.19 11.01 22.93
N HIS A 622 25.12 10.83 21.62
CA HIS A 622 24.65 11.89 20.73
C HIS A 622 23.17 12.18 20.97
N PRO A 623 22.78 13.46 20.99
CA PRO A 623 21.40 13.81 21.34
C PRO A 623 20.35 13.29 20.36
N THR A 624 20.69 13.04 19.10
CA THR A 624 19.73 12.51 18.14
C THR A 624 19.68 10.99 18.12
N GLN A 625 20.35 10.33 19.06
CA GLN A 625 20.35 8.87 19.11
C GLN A 625 18.96 8.34 19.41
N ASP A 626 18.15 9.08 20.17
CA ASP A 626 16.76 8.69 20.35
C ASP A 626 15.96 8.75 19.06
N TYR A 627 16.22 9.76 18.23
CA TYR A 627 15.55 9.84 16.94
C TYR A 627 16.08 8.82 15.96
N ALA A 628 17.40 8.62 15.93
CA ALA A 628 17.99 7.59 15.07
C ALA A 628 17.45 6.22 15.42
N ARG A 629 17.42 5.88 16.70
CA ARG A 629 16.86 4.61 17.15
C ARG A 629 15.41 4.44 16.70
N LEU A 630 14.66 5.54 16.60
CA LEU A 630 13.31 5.50 16.07
C LEU A 630 13.28 5.06 14.60
N ILE A 631 14.18 5.60 13.79
CA ILE A 631 14.22 5.21 12.38
C ILE A 631 14.71 3.79 12.22
N GLU A 632 15.72 3.40 13.01
CA GLU A 632 16.22 2.03 12.99
C GLU A 632 15.12 1.02 13.32
N LYS A 633 14.42 1.22 14.43
CA LYS A 633 13.36 0.29 14.80
C LYS A 633 12.32 0.18 13.70
N ALA A 634 11.96 1.28 13.07
CA ALA A 634 11.02 1.24 11.96
C ALA A 634 11.56 0.43 10.80
N ALA A 635 12.81 0.67 10.42
CA ALA A 635 13.42 -0.06 9.31
C ALA A 635 13.56 -1.55 9.61
N TRP A 636 13.94 -1.90 10.84
CA TRP A 636 14.05 -3.30 11.23
C TRP A 636 12.70 -3.99 11.27
N ARG A 637 11.72 -3.35 11.90
CA ARG A 637 10.37 -3.89 11.97
C ARG A 637 9.80 -4.17 10.58
N GLU A 638 9.96 -3.22 9.65
CA GLU A 638 9.45 -3.47 8.31
C GLU A 638 10.22 -4.58 7.61
N ALA A 639 11.53 -4.64 7.80
CA ALA A 639 12.33 -5.72 7.24
C ALA A 639 11.92 -7.07 7.79
N ILE A 640 11.78 -7.17 9.12
CA ILE A 640 11.38 -8.42 9.76
C ILE A 640 10.02 -8.87 9.25
N GLN A 641 9.03 -7.97 9.28
CA GLN A 641 7.68 -8.32 8.86
C GLN A 641 7.61 -8.74 7.40
N ASN A 642 8.31 -8.04 6.52
CA ASN A 642 8.31 -8.43 5.10
C ASN A 642 8.99 -9.78 4.90
N LYS A 643 10.15 -9.98 5.50
CA LYS A 643 10.85 -11.25 5.37
C LYS A 643 10.07 -12.39 6.01
N ALA A 644 9.42 -12.13 7.14
CA ALA A 644 8.52 -13.14 7.71
C ALA A 644 7.42 -13.53 6.74
N LEU A 645 6.78 -12.56 6.11
CA LEU A 645 5.69 -12.85 5.20
C LEU A 645 6.15 -13.54 3.92
N ALA A 646 7.38 -13.28 3.49
CA ALA A 646 7.97 -14.08 2.42
C ALA A 646 8.15 -15.53 2.85
N LEU A 647 8.82 -15.75 3.99
CA LEU A 647 9.05 -17.10 4.49
C LEU A 647 7.75 -17.87 4.67
N ALA A 648 6.80 -17.29 5.38
CA ALA A 648 5.53 -17.93 5.68
C ALA A 648 4.70 -18.26 4.45
N SER A 649 4.96 -17.61 3.32
CA SER A 649 4.22 -17.90 2.10
C SER A 649 4.53 -19.26 1.49
N SER A 650 5.54 -19.98 1.98
CA SER A 650 5.98 -21.21 1.36
C SER A 650 5.83 -22.38 2.31
N ARG A 651 5.25 -23.47 1.80
CA ARG A 651 4.98 -24.64 2.63
C ARG A 651 6.26 -25.24 3.19
N ALA A 652 7.33 -25.27 2.40
CA ALA A 652 8.60 -25.84 2.87
C ALA A 652 9.22 -25.04 4.01
N LYS A 653 9.17 -23.71 3.94
CA LYS A 653 9.77 -22.91 5.00
C LYS A 653 8.94 -22.94 6.27
N ARG A 654 7.62 -22.98 6.14
CA ARG A 654 6.77 -23.12 7.32
C ARG A 654 7.08 -24.42 8.07
N GLU A 655 7.29 -25.51 7.33
CA GLU A 655 7.71 -26.77 7.94
C GLU A 655 9.13 -26.69 8.47
N GLU A 656 10.03 -26.03 7.74
CA GLU A 656 11.40 -25.88 8.23
C GLU A 656 11.46 -25.13 9.55
N ILE A 657 10.67 -24.06 9.70
CA ILE A 657 10.81 -23.21 10.88
C ILE A 657 10.03 -23.77 12.06
N LEU A 658 8.77 -24.19 11.85
CA LEU A 658 7.96 -24.68 12.96
C LEU A 658 7.56 -26.15 12.86
N GLY A 659 7.93 -26.85 11.79
CA GLY A 659 7.55 -28.24 11.64
C GLY A 659 6.13 -28.47 11.18
N ILE A 660 5.25 -27.48 11.29
CA ILE A 660 3.87 -27.64 10.88
C ILE A 660 3.80 -27.91 9.38
N LYS A 661 2.87 -28.77 8.98
CA LYS A 661 2.75 -29.11 7.57
C LYS A 661 1.29 -29.42 7.23
N ILE A 662 0.99 -29.29 5.94
CA ILE A 662 -0.31 -29.67 5.40
C ILE A 662 -0.17 -31.00 4.69
N MET A 663 -1.00 -31.96 5.08
CA MET A 663 -0.99 -33.29 4.48
C MET A 663 -2.27 -33.47 3.67
N GLY A 664 -2.21 -33.06 2.41
CA GLY A 664 -3.34 -33.14 1.52
C GLY A 664 -4.45 -32.16 1.85
N LYS A 665 -5.14 -32.40 2.95
CA LYS A 665 -6.31 -31.58 3.30
C LYS A 665 -6.47 -31.33 4.78
N ASP A 666 -5.70 -31.96 5.66
CA ASP A 666 -5.74 -31.65 7.08
C ASP A 666 -4.37 -31.21 7.55
N SER A 667 -4.35 -30.25 8.47
CA SER A 667 -3.13 -29.66 8.96
C SER A 667 -2.51 -30.48 10.07
N GLN A 668 -1.18 -30.45 10.13
CA GLN A 668 -0.44 -31.08 11.23
C GLN A 668 0.28 -29.98 12.01
N PRO A 669 -0.02 -29.79 13.30
CA PRO A 669 -1.18 -30.28 14.03
C PRO A 669 -2.45 -29.56 13.60
N THR A 670 -3.57 -29.88 14.23
CA THR A 670 -4.79 -29.11 14.03
C THR A 670 -4.59 -27.63 14.40
N MET A 671 -5.36 -26.77 13.73
CA MET A 671 -5.30 -25.33 13.96
C MET A 671 -5.58 -24.93 15.41
N THR A 672 -6.28 -25.76 16.17
CA THR A 672 -6.50 -25.41 17.57
C THR A 672 -5.22 -25.58 18.39
N GLN A 673 -4.33 -26.46 17.95
CA GLN A 673 -3.00 -26.52 18.58
C GLN A 673 -2.16 -25.31 18.19
N LEU A 674 -2.25 -24.88 16.94
CA LEU A 674 -1.58 -23.64 16.55
C LEU A 674 -2.18 -22.43 17.24
N GLY A 675 -3.50 -22.34 17.31
CA GLY A 675 -4.12 -21.29 18.11
C GLY A 675 -3.76 -21.34 19.58
N GLY A 676 -3.64 -22.54 20.13
CA GLY A 676 -3.22 -22.66 21.52
C GLY A 676 -1.83 -22.11 21.77
N PHE A 677 -0.87 -22.56 20.97
CA PHE A 677 0.48 -22.01 21.02
C PHE A 677 0.52 -20.52 20.71
N ARG A 678 -0.19 -20.08 19.68
CA ARG A 678 -0.20 -18.66 19.35
C ARG A 678 -0.75 -17.81 20.50
N SER A 679 -1.77 -18.31 21.20
CA SER A 679 -2.26 -17.60 22.38
C SER A 679 -1.27 -17.62 23.54
N VAL A 680 -0.30 -18.54 23.53
CA VAL A 680 0.76 -18.51 24.53
C VAL A 680 1.88 -17.56 24.12
N LEU A 681 2.27 -17.60 22.85
CA LEU A 681 3.43 -16.82 22.41
C LEU A 681 3.16 -15.32 22.50
N LYS A 682 1.90 -14.89 22.40
CA LYS A 682 1.59 -13.49 22.59
C LYS A 682 1.95 -12.96 23.97
N ARG A 683 2.22 -13.83 24.93
CA ARG A 683 2.72 -13.40 26.24
C ARG A 683 4.22 -13.21 26.27
N LEU A 684 4.92 -13.54 25.18
CA LEU A 684 6.37 -13.34 25.06
C LEU A 684 6.70 -11.88 24.75
N HIS A 685 6.74 -11.06 25.80
CA HIS A 685 7.09 -9.67 25.60
C HIS A 685 8.60 -9.46 25.59
N SER A 686 9.33 -10.28 26.34
CA SER A 686 10.77 -10.15 26.43
C SER A 686 11.37 -11.54 26.59
N ARG A 687 12.69 -11.62 26.44
CA ARG A 687 13.42 -12.84 26.73
C ARG A 687 13.21 -13.31 28.17
N ASN A 688 12.89 -12.41 29.09
CA ASN A 688 12.62 -12.83 30.47
C ASN A 688 11.32 -13.64 30.58
N ASN A 689 10.38 -13.46 29.66
CA ASN A 689 9.13 -14.21 29.68
C ASN A 689 9.23 -15.57 29.00
N ARG A 690 10.39 -15.91 28.42
CA ARG A 690 10.50 -17.09 27.57
C ARG A 690 10.17 -18.39 28.31
N ASP A 691 10.32 -18.42 29.63
CA ASP A 691 9.96 -19.63 30.38
C ASP A 691 8.48 -19.91 30.35
N ILE A 692 7.65 -18.89 30.11
CA ILE A 692 6.22 -19.13 29.89
C ILE A 692 6.01 -19.93 28.62
N VAL A 693 6.79 -19.64 27.58
CA VAL A 693 6.60 -20.34 26.32
C VAL A 693 7.18 -21.75 26.39
N THR A 694 8.40 -21.89 26.90
CA THR A 694 8.97 -23.22 27.10
C THR A 694 8.26 -23.98 28.20
N GLY A 695 7.68 -23.27 29.17
CA GLY A 695 6.79 -23.92 30.12
C GLY A 695 5.60 -24.59 29.46
N TYR A 696 4.92 -23.86 28.58
CA TYR A 696 3.80 -24.42 27.85
C TYR A 696 4.20 -25.64 27.04
N LEU A 697 5.33 -25.57 26.34
CA LEU A 697 5.81 -26.71 25.57
C LEU A 697 6.06 -27.93 26.47
N THR A 698 6.55 -27.72 27.68
CA THR A 698 6.73 -28.84 28.60
C THR A 698 5.41 -29.55 28.87
N ALA A 699 4.36 -28.79 29.19
CA ALA A 699 3.05 -29.38 29.44
C ALA A 699 2.42 -29.98 28.19
N LEU A 700 2.78 -29.52 26.99
CA LEU A 700 2.35 -30.23 25.79
C LEU A 700 2.97 -31.61 25.70
N GLU A 701 4.29 -31.68 25.74
CA GLU A 701 5.00 -32.93 25.55
C GLU A 701 4.98 -33.81 26.79
N GLN A 702 4.51 -33.25 27.91
CA GLN A 702 4.38 -34.03 29.14
C GLN A 702 3.35 -35.16 29.00
N VAL A 703 2.34 -35.00 28.13
CA VAL A 703 1.21 -35.91 28.10
C VAL A 703 0.96 -36.36 26.66
N SER A 704 0.74 -37.67 26.50
CA SER A 704 0.67 -38.28 25.17
C SER A 704 -0.44 -37.68 24.31
N ASN A 705 -1.61 -37.42 24.91
CA ASN A 705 -2.75 -36.92 24.14
C ASN A 705 -2.42 -35.59 23.46
N ARG A 706 -1.60 -34.77 24.09
CA ARG A 706 -1.13 -33.53 23.49
C ARG A 706 0.06 -33.81 22.59
N LYS A 707 1.02 -34.58 23.11
CA LYS A 707 2.22 -34.94 22.37
C LYS A 707 1.90 -35.59 21.03
N GLU A 708 0.86 -36.43 20.98
CA GLU A 708 0.53 -37.12 19.75
C GLU A 708 -0.01 -36.19 18.67
N LYS A 709 -0.55 -35.03 19.04
CA LYS A 709 -1.07 -34.11 18.03
C LYS A 709 0.06 -33.45 17.26
N TRP A 710 1.11 -33.03 17.95
CA TRP A 710 2.30 -32.47 17.34
C TRP A 710 3.24 -33.53 16.75
N SER A 711 3.12 -34.79 17.16
CA SER A 711 4.08 -35.78 16.73
C SER A 711 4.00 -36.09 15.24
N ASN A 712 2.91 -35.74 14.58
CA ASN A 712 2.89 -35.85 13.12
C ASN A 712 3.51 -34.65 12.42
N THR A 713 3.96 -33.64 13.15
CA THR A 713 4.74 -32.55 12.59
C THR A 713 6.19 -32.96 12.33
N SER A 714 6.87 -32.13 11.56
CA SER A 714 8.32 -32.18 11.42
C SER A 714 9.03 -31.68 12.67
N GLN A 715 8.95 -32.43 13.76
CA GLN A 715 9.67 -32.13 14.99
C GLN A 715 9.30 -30.76 15.58
N GLY A 716 8.03 -30.37 15.44
CA GLY A 716 7.63 -28.99 15.67
C GLY A 716 7.86 -28.49 17.09
N LEU A 717 7.68 -29.36 18.08
CA LEU A 717 7.84 -28.90 19.46
C LEU A 717 9.29 -28.63 19.83
N THR A 718 10.25 -29.37 19.27
CA THR A 718 11.64 -28.98 19.43
C THR A 718 11.96 -27.70 18.68
N LYS A 719 11.47 -27.59 17.44
CA LYS A 719 11.69 -26.40 16.64
C LYS A 719 11.13 -25.16 17.31
N ILE A 720 9.95 -25.26 17.93
CA ILE A 720 9.41 -24.15 18.70
C ILE A 720 10.30 -23.83 19.90
N ARG A 721 10.71 -24.87 20.62
CA ARG A 721 11.59 -24.65 21.76
C ARG A 721 12.91 -24.01 21.35
N ASN A 722 13.48 -24.44 20.23
CA ASN A 722 14.71 -23.82 19.74
C ASN A 722 14.51 -22.35 19.40
N LEU A 723 13.45 -22.05 18.67
CA LEU A 723 13.18 -20.66 18.27
C LEU A 723 13.03 -19.73 19.47
N VAL A 724 12.48 -20.24 20.57
CA VAL A 724 12.28 -19.42 21.76
C VAL A 724 13.47 -19.43 22.72
N THR A 725 14.21 -20.53 22.80
CA THR A 725 15.31 -20.62 23.74
C THR A 725 16.59 -20.01 23.21
N GLN A 726 16.79 -20.02 21.90
CA GLN A 726 18.02 -19.53 21.29
C GLN A 726 17.79 -18.12 20.75
N GLU A 727 18.50 -17.16 21.32
CA GLU A 727 18.34 -15.76 20.93
C GLU A 727 18.82 -15.52 19.50
N ASN A 728 19.75 -16.33 19.02
CA ASN A 728 20.28 -16.16 17.68
C ASN A 728 19.38 -16.74 16.59
N LEU A 729 18.59 -17.77 16.92
CA LEU A 729 18.00 -18.60 15.88
C LEU A 729 16.95 -17.85 15.06
N ILE A 730 16.17 -16.98 15.69
CA ILE A 730 15.24 -16.14 14.95
C ILE A 730 15.98 -15.33 13.89
N TRP A 731 17.10 -14.72 14.26
CA TRP A 731 17.88 -13.94 13.31
C TRP A 731 18.51 -14.78 12.22
N ASN A 732 18.83 -16.04 12.49
CA ASN A 732 19.31 -16.92 11.42
C ASN A 732 18.21 -17.28 10.44
N HIS A 733 16.99 -17.52 10.93
CA HIS A 733 15.88 -17.82 10.04
C HIS A 733 15.50 -16.60 9.20
N LEU A 734 15.43 -15.43 9.83
CA LEU A 734 15.13 -14.21 9.09
C LEU A 734 16.25 -13.88 8.10
N ASP A 735 17.50 -14.06 8.53
CA ASP A 735 18.66 -13.89 7.66
C ASP A 735 18.67 -12.52 6.99
N ILE A 736 18.23 -11.50 7.71
CA ILE A 736 18.29 -10.12 7.26
C ILE A 736 19.68 -9.56 7.54
N ASP A 737 20.28 -8.90 6.56
CA ASP A 737 21.45 -8.05 6.82
C ASP A 737 20.98 -6.72 7.38
N PHE A 738 21.18 -6.50 8.67
CA PHE A 738 20.77 -5.27 9.31
C PHE A 738 21.80 -4.16 9.25
N SER A 739 22.95 -4.36 8.63
CA SER A 739 23.92 -3.28 8.50
C SER A 739 23.38 -2.08 7.72
N PRO A 740 22.63 -2.23 6.63
CA PRO A 740 22.01 -1.05 6.01
C PRO A 740 20.92 -0.42 6.84
N LEU A 741 20.45 -1.09 7.88
CA LEU A 741 19.30 -0.65 8.66
C LEU A 741 19.71 -0.13 10.03
N THR A 742 20.99 0.09 10.26
CA THR A 742 21.44 0.58 11.56
C THR A 742 22.44 1.69 11.36
N ILE A 743 22.44 2.65 12.28
CA ILE A 743 23.34 3.79 12.20
C ILE A 743 23.86 4.16 13.58
N THR A 744 23.22 3.65 14.62
CA THR A 744 23.72 3.89 15.96
C THR A 744 24.93 3.00 16.21
N GLN A 745 25.90 3.56 16.91
CA GLN A 745 27.00 2.75 17.39
C GLN A 745 26.50 1.64 18.30
N ASN A 746 26.93 0.41 18.02
CA ASN A 746 26.42 -0.79 18.67
C ASN A 746 24.91 -0.98 18.46
N GLY A 747 24.37 -0.42 17.38
CA GLY A 747 22.93 -0.47 17.17
C GLY A 747 22.39 -1.87 16.96
N VAL A 748 23.10 -2.69 16.20
CA VAL A 748 22.61 -4.04 15.88
C VAL A 748 22.40 -4.86 17.14
N ASN A 749 23.38 -4.85 18.05
CA ASN A 749 23.24 -5.64 19.27
C ASN A 749 22.09 -5.15 20.12
N GLN A 750 21.95 -3.83 20.28
CA GLN A 750 20.86 -3.28 21.05
C GLN A 750 19.50 -3.56 20.40
N LEU A 751 19.40 -3.35 19.08
CA LEU A 751 18.14 -3.62 18.38
C LEU A 751 17.77 -5.11 18.37
N LYS A 752 18.76 -5.99 18.17
CA LYS A 752 18.47 -7.42 18.23
C LYS A 752 17.92 -7.83 19.58
N SER A 753 18.53 -7.36 20.66
CA SER A 753 18.00 -7.71 21.98
C SER A 753 16.63 -7.09 22.20
N GLU A 754 16.43 -5.86 21.72
CA GLU A 754 15.15 -5.19 21.91
C GLU A 754 14.04 -5.80 21.07
N LEU A 755 14.33 -6.12 19.81
CA LEU A 755 13.31 -6.62 18.88
C LEU A 755 13.21 -8.14 18.84
N TRP A 756 14.01 -8.87 19.63
CA TRP A 756 13.99 -10.33 19.55
C TRP A 756 12.58 -10.89 19.75
N ALA A 757 11.93 -10.50 20.85
CA ALA A 757 10.62 -11.06 21.17
C ALA A 757 9.58 -10.68 20.11
N GLU A 758 9.62 -9.44 19.64
CA GLU A 758 8.73 -9.03 18.57
C GLU A 758 9.01 -9.78 17.27
N ALA A 759 10.28 -9.97 16.93
CA ALA A 759 10.63 -10.69 15.71
C ALA A 759 10.17 -12.14 15.77
N VAL A 760 10.36 -12.80 16.91
CA VAL A 760 9.86 -14.16 17.10
C VAL A 760 8.34 -14.19 16.95
N ARG A 761 7.65 -13.32 17.67
CA ARG A 761 6.20 -13.23 17.57
C ARG A 761 5.74 -12.92 16.13
N THR A 762 6.42 -12.00 15.46
CA THR A 762 6.10 -11.70 14.06
C THR A 762 6.21 -12.94 13.19
N LEU A 763 7.32 -13.67 13.27
CA LEU A 763 7.53 -14.81 12.39
C LEU A 763 6.54 -15.93 12.67
N VAL A 764 6.28 -16.23 13.94
CA VAL A 764 5.37 -17.31 14.28
C VAL A 764 3.96 -17.00 13.80
N ASP A 765 3.51 -15.77 14.04
CA ASP A 765 2.19 -15.38 13.56
C ASP A 765 2.08 -15.43 12.04
N ALA A 766 3.10 -14.95 11.33
CA ALA A 766 3.10 -15.04 9.87
C ALA A 766 3.03 -16.49 9.39
N ILE A 767 3.81 -17.37 9.98
CA ILE A 767 3.81 -18.77 9.56
C ILE A 767 2.45 -19.41 9.79
N ILE A 768 1.86 -19.18 10.97
CA ILE A 768 0.56 -19.74 11.26
C ILE A 768 -0.50 -19.19 10.32
N ARG A 769 -0.44 -17.89 10.02
CA ARG A 769 -1.37 -17.30 9.05
C ARG A 769 -1.20 -17.92 7.67
N GLY A 770 0.03 -18.03 7.19
CA GLY A 770 0.26 -18.62 5.88
C GLY A 770 -0.16 -20.06 5.81
N HIS A 771 0.09 -20.81 6.89
CA HIS A 771 -0.37 -22.19 6.98
C HIS A 771 -1.88 -22.30 6.86
N LYS A 772 -2.61 -21.51 7.66
CA LYS A 772 -4.07 -21.56 7.61
C LYS A 772 -4.64 -20.99 6.31
N ARG A 773 -3.94 -20.08 5.65
CA ARG A 773 -4.41 -19.64 4.33
C ARG A 773 -4.31 -20.77 3.29
N ASP A 774 -3.19 -21.49 3.27
CA ASP A 774 -3.08 -22.64 2.39
C ASP A 774 -4.00 -23.78 2.82
N LEU A 775 -4.17 -23.96 4.13
CA LEU A 775 -5.07 -25.00 4.62
C LEU A 775 -6.48 -24.78 4.10
N GLU A 776 -6.95 -23.54 4.17
CA GLU A 776 -8.27 -23.21 3.64
C GLU A 776 -8.31 -23.38 2.12
N LYS A 777 -7.27 -22.94 1.43
CA LYS A 777 -7.19 -23.12 -0.01
C LYS A 777 -7.23 -24.59 -0.41
N ALA A 778 -6.68 -25.47 0.42
CA ALA A 778 -6.79 -26.90 0.16
C ALA A 778 -8.21 -27.40 0.38
N GLN A 779 -8.96 -26.76 1.27
CA GLN A 779 -10.31 -27.19 1.59
C GLN A 779 -11.35 -26.52 0.71
N GLU A 780 -11.11 -25.28 0.28
CA GLU A 780 -12.01 -24.62 -0.66
C GLU A 780 -12.11 -25.41 -1.95
N LYS B 9 13.94 57.52 -47.12
CA LYS B 9 13.63 57.71 -45.72
C LYS B 9 14.85 57.36 -44.87
N ASN B 10 15.42 58.35 -44.17
CA ASN B 10 16.67 58.17 -43.45
C ASN B 10 16.50 58.49 -41.96
N LEU B 11 17.17 57.70 -41.13
CA LEU B 11 17.43 58.05 -39.74
C LEU B 11 18.85 58.62 -39.65
N TYR B 12 18.95 59.91 -39.35
CA TYR B 12 20.24 60.55 -39.19
C TYR B 12 20.78 60.34 -37.79
N HIS B 13 22.08 60.04 -37.70
CA HIS B 13 22.77 59.85 -36.44
C HIS B 13 24.11 60.60 -36.45
N TYR B 14 24.43 61.21 -35.31
CA TYR B 14 25.56 62.12 -35.19
C TYR B 14 26.41 61.62 -34.03
N HIS B 15 27.72 61.53 -34.23
CA HIS B 15 28.57 60.83 -33.29
C HIS B 15 29.76 61.71 -32.91
N GLN B 16 30.07 61.77 -31.62
CA GLN B 16 31.28 62.41 -31.13
C GLN B 16 31.96 61.51 -30.10
N TYR B 17 33.27 61.71 -29.96
CA TYR B 17 34.14 60.78 -29.27
C TYR B 17 35.01 61.51 -28.26
N GLU B 18 35.36 60.78 -27.20
CA GLU B 18 36.19 61.27 -26.10
C GLU B 18 35.61 62.51 -25.43
N ILE B 19 34.30 62.67 -25.48
CA ILE B 19 33.62 63.84 -24.95
C ILE B 19 32.99 63.48 -23.62
N THR B 20 33.09 64.40 -22.67
CA THR B 20 32.42 64.24 -21.37
C THR B 20 30.92 64.38 -21.54
N LEU B 21 30.17 63.87 -20.56
CA LEU B 21 28.71 63.96 -20.66
C LEU B 21 28.22 65.40 -20.65
N GLU B 22 28.65 66.21 -19.68
CA GLU B 22 28.13 67.58 -19.60
C GLU B 22 28.47 68.37 -20.85
N SER B 23 29.62 68.11 -21.47
CA SER B 23 29.93 68.75 -22.73
C SER B 23 29.05 68.23 -23.85
N ALA B 24 28.80 66.92 -23.88
CA ALA B 24 27.90 66.34 -24.88
C ALA B 24 26.50 66.92 -24.81
N VAL B 25 25.97 67.08 -23.59
CA VAL B 25 24.66 67.71 -23.45
C VAL B 25 24.68 69.14 -23.94
N ASP B 26 25.68 69.92 -23.49
CA ASP B 26 25.79 71.31 -23.91
C ASP B 26 25.97 71.44 -25.42
N SER B 27 26.82 70.62 -26.01
CA SER B 27 27.01 70.65 -27.45
C SER B 27 25.74 70.33 -28.23
N CYS B 28 24.77 69.68 -27.59
CA CYS B 28 23.51 69.32 -28.21
C CYS B 28 22.33 70.16 -27.75
N LYS B 29 22.54 71.10 -26.83
CA LYS B 29 21.44 71.66 -26.04
C LYS B 29 20.35 72.32 -26.90
N ASN B 30 20.69 72.90 -28.05
CA ASN B 30 19.66 73.49 -28.90
C ASN B 30 18.66 72.47 -29.41
N HIS B 31 19.01 71.19 -29.43
CA HIS B 31 18.10 70.14 -29.86
C HIS B 31 17.42 69.42 -28.71
N LEU B 32 18.10 69.28 -27.59
CA LEU B 32 17.60 68.65 -26.39
C LEU B 32 16.70 69.54 -25.56
N GLN B 33 16.14 70.59 -26.14
CA GLN B 33 15.28 71.50 -25.41
C GLN B 33 14.08 70.78 -24.80
N ALA B 34 13.88 70.97 -23.49
CA ALA B 34 12.86 70.30 -22.69
C ALA B 34 12.97 68.78 -22.68
N ALA B 35 14.10 68.22 -23.08
CA ALA B 35 14.23 66.76 -23.14
C ALA B 35 14.16 66.16 -21.75
N ILE B 36 13.53 65.00 -21.65
CA ILE B 36 13.69 64.13 -20.49
C ILE B 36 15.03 63.43 -20.59
N GLY B 37 15.85 63.54 -19.54
CA GLY B 37 17.05 62.76 -19.41
C GLY B 37 16.85 61.57 -18.47
N LEU B 38 17.52 60.48 -18.81
CA LEU B 38 17.65 59.34 -17.91
C LEU B 38 19.13 59.08 -17.69
N LEU B 39 19.59 59.26 -16.47
CA LEU B 39 21.01 59.22 -16.14
C LEU B 39 21.30 57.94 -15.36
N TYR B 40 22.37 57.27 -15.73
CA TYR B 40 22.78 56.02 -15.13
C TYR B 40 24.04 56.15 -14.29
N SER B 41 23.93 55.88 -13.00
CA SER B 41 25.03 55.98 -12.05
C SER B 41 25.00 54.71 -11.24
N PRO B 42 26.10 54.39 -10.53
CA PRO B 42 26.12 53.15 -9.76
C PRO B 42 25.07 53.08 -8.69
N GLN B 43 24.64 54.22 -8.17
CA GLN B 43 23.70 54.27 -7.07
C GLN B 43 22.30 54.72 -7.47
N LYS B 44 22.15 55.39 -8.60
CA LYS B 44 20.87 55.96 -8.94
C LYS B 44 20.58 55.98 -10.43
N CYS B 45 19.31 55.75 -10.75
CA CYS B 45 18.81 55.91 -12.10
C CYS B 45 17.81 57.03 -11.85
N GLU B 46 18.08 58.20 -12.37
CA GLU B 46 17.22 59.34 -12.16
C GLU B 46 16.76 59.98 -13.46
N LEU B 47 15.48 60.33 -13.50
CA LEU B 47 14.98 61.18 -14.56
C LEU B 47 15.33 62.62 -14.26
N VAL B 48 15.58 63.38 -15.33
CA VAL B 48 15.77 64.82 -15.25
C VAL B 48 15.02 65.43 -16.42
N LYS B 49 14.75 66.72 -16.32
CA LYS B 49 14.29 67.47 -17.48
C LYS B 49 15.22 68.63 -17.72
N LEU B 50 15.63 68.80 -18.97
CA LEU B 50 16.33 70.00 -19.38
C LEU B 50 15.37 71.18 -19.49
N ASP B 51 15.90 72.38 -19.27
CA ASP B 51 15.13 73.59 -19.49
C ASP B 51 14.67 73.66 -20.95
N ASN B 52 13.69 74.52 -21.20
CA ASN B 52 13.31 74.79 -22.58
C ASN B 52 14.47 75.35 -23.39
N SER B 53 15.48 75.90 -22.73
CA SER B 53 16.74 76.21 -23.39
C SER B 53 17.64 74.98 -23.54
N GLY B 54 17.43 73.95 -22.70
CA GLY B 54 18.23 72.75 -22.74
C GLY B 54 19.24 72.59 -21.63
N LYS B 55 19.32 73.52 -20.68
CA LYS B 55 20.25 73.39 -19.57
C LYS B 55 19.68 72.51 -18.46
N LEU B 56 20.53 72.21 -17.49
CA LEU B 56 20.18 71.47 -16.29
C LEU B 56 20.69 72.24 -15.08
N VAL B 57 19.86 72.33 -14.04
CA VAL B 57 20.07 73.32 -12.99
C VAL B 57 21.31 73.07 -12.14
N ASP B 58 21.80 71.83 -12.08
CA ASP B 58 23.07 71.54 -11.43
C ASP B 58 24.04 70.89 -12.40
N SER B 59 23.90 71.26 -13.69
CA SER B 59 24.44 70.50 -14.81
C SER B 59 25.79 69.85 -14.52
N TYR B 60 26.79 70.66 -14.17
CA TYR B 60 28.12 70.11 -13.93
C TYR B 60 28.09 69.08 -12.81
N ASN B 61 27.53 69.45 -11.66
CA ASN B 61 27.48 68.53 -10.53
C ASN B 61 26.61 67.33 -10.84
N ARG B 62 25.53 67.55 -11.58
CA ARG B 62 24.61 66.47 -11.91
C ARG B 62 25.24 65.48 -12.89
N LEU B 63 26.02 65.97 -13.85
CA LEU B 63 26.58 65.16 -14.92
C LEU B 63 28.06 64.85 -14.73
N LYS B 64 28.66 65.32 -13.65
CA LYS B 64 29.99 64.90 -13.26
C LYS B 64 30.08 63.39 -13.11
N PHE B 65 31.23 62.83 -13.49
CA PHE B 65 31.49 61.39 -13.43
C PHE B 65 32.20 60.96 -12.15
N ASN B 66 33.17 61.75 -11.68
CA ASN B 66 34.27 61.23 -10.88
C ASN B 66 33.85 60.72 -9.50
N ASN B 67 32.66 61.02 -9.02
CA ASN B 67 32.24 60.63 -7.67
C ASN B 67 30.94 59.84 -7.75
N LEU B 68 31.05 58.55 -8.07
CA LEU B 68 29.88 57.68 -8.29
C LEU B 68 28.95 58.28 -9.35
N GLY B 69 29.55 58.92 -10.35
CA GLY B 69 28.83 59.78 -11.27
C GLY B 69 28.29 59.06 -12.48
N VAL B 70 27.81 59.86 -13.42
CA VAL B 70 27.05 59.36 -14.55
C VAL B 70 27.96 58.66 -15.54
N PHE B 71 27.71 57.37 -15.76
CA PHE B 71 28.42 56.60 -16.77
C PHE B 71 27.64 56.43 -18.06
N GLU B 72 26.33 56.67 -18.05
CA GLU B 72 25.52 56.59 -19.25
C GLU B 72 24.35 57.55 -19.13
N ALA B 73 23.93 58.11 -20.26
CA ALA B 73 22.79 59.02 -20.26
C ALA B 73 22.03 58.87 -21.55
N ARG B 74 20.71 59.09 -21.48
CA ARG B 74 19.85 59.22 -22.64
C ARG B 74 19.00 60.47 -22.46
N PHE B 75 19.02 61.36 -23.44
CA PHE B 75 18.16 62.54 -23.48
C PHE B 75 17.26 62.45 -24.69
N PHE B 76 15.95 62.55 -24.49
CA PHE B 76 15.05 62.41 -25.61
C PHE B 76 13.98 63.49 -25.56
N ASN B 77 13.66 64.02 -26.73
CA ASN B 77 12.48 64.84 -26.92
C ASN B 77 11.87 64.48 -28.27
N LEU B 78 10.82 65.20 -28.66
CA LEU B 78 10.10 64.88 -29.89
C LEU B 78 11.03 64.71 -31.08
N ASN B 79 11.95 65.65 -31.27
CA ASN B 79 12.73 65.64 -32.50
C ASN B 79 13.93 64.72 -32.46
N CYS B 80 14.53 64.49 -31.29
CA CYS B 80 15.82 63.80 -31.27
C CYS B 80 16.05 63.11 -29.93
N GLU B 81 17.08 62.28 -29.90
CA GLU B 81 17.58 61.66 -28.69
C GLU B 81 19.10 61.70 -28.66
N LEU B 82 19.68 62.19 -27.56
CA LEU B 82 21.10 62.02 -27.30
C LEU B 82 21.35 60.79 -26.43
N ARG B 83 22.36 60.01 -26.79
CA ARG B 83 22.88 58.91 -26.00
C ARG B 83 24.35 59.14 -25.71
N TRP B 84 24.76 58.86 -24.48
CA TRP B 84 26.17 58.95 -24.12
C TRP B 84 26.54 57.79 -23.21
N VAL B 85 27.74 57.25 -23.39
CA VAL B 85 28.28 56.26 -22.47
C VAL B 85 29.76 56.54 -22.23
N ASN B 86 30.17 56.43 -20.97
CA ASN B 86 31.55 56.61 -20.57
C ASN B 86 32.48 55.57 -21.19
N GLU B 87 33.57 56.05 -21.79
CA GLU B 87 34.64 55.15 -22.22
C GLU B 87 35.75 55.10 -21.18
N SER B 88 36.31 56.25 -20.82
CA SER B 88 37.34 56.29 -19.80
C SER B 88 37.23 57.57 -19.01
N ASN B 89 37.28 57.43 -17.68
CA ASN B 89 37.46 58.53 -16.75
C ASN B 89 36.43 59.64 -16.92
N GLY B 90 35.25 59.28 -17.43
CA GLY B 90 34.21 60.27 -17.65
C GLY B 90 34.19 60.86 -19.03
N ASN B 91 35.08 60.44 -19.93
CA ASN B 91 35.04 60.84 -21.32
C ASN B 91 34.52 59.70 -22.18
N GLY B 92 33.62 60.00 -23.10
CA GLY B 92 33.04 58.91 -23.86
C GLY B 92 32.34 59.33 -25.13
N THR B 93 31.71 58.34 -25.76
CA THR B 93 30.98 58.53 -27.00
C THR B 93 29.59 59.10 -26.78
N ALA B 94 29.26 60.16 -27.51
CA ALA B 94 27.90 60.64 -27.68
C ALA B 94 27.39 60.28 -29.07
N VAL B 95 26.14 59.83 -29.13
CA VAL B 95 25.41 59.67 -30.39
C VAL B 95 24.07 60.36 -30.22
N LEU B 96 23.73 61.22 -31.15
CA LEU B 96 22.41 61.83 -31.21
C LEU B 96 21.63 61.22 -32.36
N LEU B 97 20.40 60.80 -32.10
CA LEU B 97 19.52 60.27 -33.12
C LEU B 97 18.43 61.27 -33.45
N SER B 98 18.23 61.54 -34.74
CA SER B 98 17.18 62.43 -35.18
C SER B 98 16.69 61.98 -36.54
N GLU B 99 15.37 62.01 -36.73
CA GLU B 99 14.83 61.81 -38.06
C GLU B 99 14.96 63.04 -38.93
N SER B 100 15.32 64.18 -38.35
CA SER B 100 15.60 65.38 -39.11
C SER B 100 17.10 65.47 -39.36
N ASP B 101 17.47 65.90 -40.56
CA ASP B 101 18.82 66.32 -40.84
C ASP B 101 19.13 67.65 -40.15
N ILE B 102 20.20 67.67 -39.36
CA ILE B 102 20.53 68.82 -38.52
C ILE B 102 22.04 68.98 -38.52
N THR B 103 22.49 70.19 -38.22
CA THR B 103 23.91 70.50 -38.14
C THR B 103 24.34 70.51 -36.69
N LEU B 104 25.47 69.86 -36.40
CA LEU B 104 26.09 69.91 -35.08
C LEU B 104 27.58 70.20 -35.23
N THR B 105 28.09 71.04 -34.34
CA THR B 105 29.54 71.21 -34.24
C THR B 105 30.18 69.95 -33.70
N GLY B 106 31.23 69.48 -34.37
CA GLY B 106 32.04 68.38 -33.90
C GLY B 106 31.48 66.99 -34.12
N PHE B 107 30.15 66.85 -34.10
CA PHE B 107 29.56 65.55 -34.39
C PHE B 107 29.67 65.20 -35.87
N GLU B 108 30.15 63.99 -36.15
CA GLU B 108 30.15 63.42 -37.49
C GLU B 108 28.74 62.95 -37.81
N LYS B 109 28.15 63.50 -38.88
CA LYS B 109 26.87 63.01 -39.34
C LYS B 109 27.00 61.65 -40.01
N GLY B 110 26.04 60.77 -39.74
CA GLY B 110 25.76 59.64 -40.59
C GLY B 110 24.27 59.49 -40.77
N LEU B 111 23.88 58.47 -41.53
CA LEU B 111 22.46 58.18 -41.70
C LEU B 111 22.26 56.70 -41.95
N GLN B 112 21.05 56.23 -41.68
CA GLN B 112 20.59 54.91 -42.09
C GLN B 112 19.28 55.04 -42.84
N GLU B 113 19.17 54.37 -43.97
CA GLU B 113 17.86 54.19 -44.57
C GLU B 113 17.04 53.23 -43.73
N PHE B 114 15.76 53.52 -43.56
CA PHE B 114 14.85 52.58 -42.95
C PHE B 114 13.56 52.53 -43.76
N ILE B 115 12.99 51.32 -43.84
CA ILE B 115 11.83 51.09 -44.69
C ILE B 115 10.59 51.73 -44.10
N THR B 116 10.39 51.55 -42.81
CA THR B 116 9.28 52.20 -42.11
C THR B 116 9.64 52.29 -40.64
N ALA B 117 8.91 53.13 -39.93
CA ALA B 117 9.00 53.20 -38.48
C ALA B 117 7.63 53.01 -37.87
N ILE B 118 7.59 52.31 -36.75
CA ILE B 118 6.33 51.91 -36.12
C ILE B 118 6.35 52.37 -34.65
N ASP B 119 5.19 52.83 -34.19
CA ASP B 119 5.05 53.31 -32.81
C ASP B 119 5.12 52.16 -31.82
N GLN B 120 5.78 52.40 -30.70
CA GLN B 120 5.79 51.47 -29.58
C GLN B 120 5.56 52.21 -28.28
N GLN B 121 5.10 51.49 -27.26
CA GLN B 121 4.82 52.04 -25.95
C GLN B 121 5.51 51.22 -24.88
N TYR B 122 6.01 51.89 -23.85
CA TYR B 122 6.37 51.23 -22.61
C TYR B 122 5.59 51.83 -21.46
N LEU B 123 4.84 50.98 -20.76
CA LEU B 123 4.17 51.38 -19.54
C LEU B 123 5.20 51.69 -18.47
N LEU B 124 5.13 52.89 -17.90
CA LEU B 124 5.95 53.26 -16.76
C LEU B 124 5.50 52.56 -15.47
N TRP B 125 6.44 52.40 -14.54
CA TRP B 125 6.18 51.87 -13.22
C TRP B 125 5.25 52.76 -12.40
N GLY B 126 4.14 52.20 -11.92
CA GLY B 126 3.33 52.88 -10.93
C GLY B 126 2.08 53.53 -11.47
N GLU B 127 1.15 53.78 -10.54
CA GLU B 127 -0.06 54.56 -10.57
C GLU B 127 0.19 55.95 -10.01
N PRO B 128 -0.62 56.94 -10.39
CA PRO B 128 -0.41 58.31 -9.88
C PRO B 128 -0.47 58.36 -8.36
N ALA B 129 0.54 58.98 -7.76
CA ALA B 129 0.58 59.09 -6.31
C ALA B 129 -0.50 60.03 -5.81
N LYS B 130 -0.84 59.89 -4.53
CA LYS B 130 -1.91 60.65 -3.91
C LYS B 130 -1.63 62.14 -3.85
N HIS B 131 -0.38 62.56 -3.96
CA HIS B 131 -0.10 63.96 -4.25
C HIS B 131 1.14 64.03 -5.13
N PRO B 132 1.23 65.03 -6.00
CA PRO B 132 2.44 65.20 -6.81
C PRO B 132 3.56 65.82 -5.99
N PRO B 133 4.80 65.75 -6.48
CA PRO B 133 5.91 66.41 -5.80
C PRO B 133 5.72 67.92 -5.76
N ASN B 134 6.50 68.55 -4.88
CA ASN B 134 6.45 70.00 -4.75
C ASN B 134 7.06 70.70 -5.95
N ALA B 135 7.95 70.03 -6.69
CA ALA B 135 8.50 70.64 -7.89
C ALA B 135 7.45 70.74 -8.97
N ASP B 136 7.43 71.86 -9.67
CA ASP B 136 6.56 72.03 -10.83
C ASP B 136 7.06 71.24 -12.03
N GLY B 137 6.11 70.74 -12.81
CA GLY B 137 6.43 69.89 -13.94
C GLY B 137 6.88 68.50 -13.55
N TRP B 138 6.61 68.09 -12.31
CA TRP B 138 6.92 66.74 -11.84
C TRP B 138 5.65 66.12 -11.30
N GLN B 139 5.56 64.81 -11.48
CA GLN B 139 4.46 64.02 -10.95
C GLN B 139 5.07 62.80 -10.29
N ARG B 140 4.30 62.14 -9.45
CA ARG B 140 4.79 60.96 -8.78
C ARG B 140 3.89 59.79 -9.12
N LEU B 141 4.47 58.77 -9.75
CA LEU B 141 3.87 57.46 -9.79
C LEU B 141 4.37 56.69 -8.59
N ALA B 142 3.59 55.71 -8.14
CA ALA B 142 4.12 54.80 -7.16
C ALA B 142 3.49 53.43 -7.33
N GLU B 143 4.26 52.43 -6.94
CA GLU B 143 3.85 51.04 -6.94
C GLU B 143 4.53 50.41 -5.75
N ALA B 144 3.85 49.49 -5.07
CA ALA B 144 4.44 48.90 -3.89
C ALA B 144 5.74 48.21 -4.23
N ARG B 145 5.83 47.73 -5.47
CA ARG B 145 7.01 47.04 -5.98
C ARG B 145 8.28 47.89 -5.97
N ILE B 146 8.17 49.20 -6.12
CA ILE B 146 9.35 50.04 -6.33
C ILE B 146 9.31 51.29 -5.47
N GLY B 147 8.16 51.55 -4.85
CA GLY B 147 7.88 52.85 -4.25
C GLY B 147 7.55 53.95 -5.24
N LYS B 148 7.89 55.18 -4.86
CA LYS B 148 7.67 56.33 -5.72
C LYS B 148 8.51 56.27 -6.98
N LEU B 149 7.97 56.89 -8.04
CA LEU B 149 8.74 57.26 -9.23
C LEU B 149 8.31 58.66 -9.63
N ASP B 150 9.16 59.65 -9.39
CA ASP B 150 8.90 60.99 -9.88
C ASP B 150 9.29 61.10 -11.35
N ILE B 151 8.38 61.61 -12.16
CA ILE B 151 8.55 61.68 -13.60
C ILE B 151 8.37 63.13 -14.01
N PRO B 152 9.15 63.64 -14.96
CA PRO B 152 8.99 65.05 -15.39
C PRO B 152 7.81 65.21 -16.34
N LEU B 153 6.62 65.30 -15.75
CA LEU B 153 5.37 65.40 -16.49
C LEU B 153 4.61 66.61 -15.95
N ASP B 154 4.06 67.41 -16.84
CA ASP B 154 3.38 68.64 -16.43
C ASP B 154 1.88 68.49 -16.31
N ASN B 155 1.30 67.50 -16.95
CA ASN B 155 -0.09 67.17 -16.71
C ASN B 155 -0.30 66.70 -15.27
N PRO B 156 -1.21 67.31 -14.52
CA PRO B 156 -1.61 66.74 -13.23
C PRO B 156 -2.29 65.41 -13.45
N LEU B 157 -1.72 64.35 -12.88
CA LEU B 157 -2.21 63.01 -13.15
C LEU B 157 -3.57 62.78 -12.50
N LYS B 158 -4.53 62.38 -13.33
CA LYS B 158 -5.80 61.89 -12.82
C LYS B 158 -5.61 60.55 -12.14
N PRO B 159 -6.35 60.29 -11.07
CA PRO B 159 -6.46 58.90 -10.59
C PRO B 159 -6.83 57.96 -11.73
N LYS B 160 -6.16 56.81 -11.77
CA LYS B 160 -6.26 55.80 -12.80
C LYS B 160 -5.75 56.24 -14.17
N ASP B 161 -5.05 57.36 -14.26
CA ASP B 161 -4.13 57.55 -15.38
C ASP B 161 -2.97 56.56 -15.30
N ARG B 162 -2.45 56.20 -16.47
CA ARG B 162 -1.20 55.49 -16.57
C ARG B 162 -0.29 56.22 -17.55
N VAL B 163 1.01 56.20 -17.28
CA VAL B 163 1.98 56.90 -18.10
C VAL B 163 2.72 55.88 -18.96
N PHE B 164 2.88 56.19 -20.24
CA PHE B 164 3.61 55.38 -21.19
C PHE B 164 4.73 56.20 -21.79
N LEU B 165 5.93 55.64 -21.81
CA LEU B 165 7.01 56.15 -22.65
C LEU B 165 6.78 55.67 -24.08
N THR B 166 6.56 56.61 -24.99
CA THR B 166 6.37 56.30 -26.40
C THR B 166 7.70 56.30 -27.14
N SER B 167 7.82 55.43 -28.12
CA SER B 167 9.05 55.22 -28.87
C SER B 167 8.69 54.91 -30.30
N GLU B 168 9.69 54.99 -31.18
CA GLU B 168 9.49 54.67 -32.58
C GLU B 168 10.60 53.73 -33.03
N GLU B 169 10.23 52.55 -33.54
CA GLU B 169 11.18 51.56 -34.02
C GLU B 169 11.34 51.70 -35.52
N TYR B 170 12.58 51.77 -35.98
CA TYR B 170 12.90 51.93 -37.39
C TYR B 170 13.27 50.59 -38.00
N ILE B 171 12.58 50.23 -39.07
CA ILE B 171 12.71 48.91 -39.69
C ILE B 171 13.52 49.08 -40.97
N ALA B 172 14.54 48.24 -41.14
CA ALA B 172 15.43 48.31 -42.28
C ALA B 172 15.84 46.91 -42.70
N GLU B 173 16.35 46.79 -43.91
CA GLU B 173 16.95 45.55 -44.38
C GLU B 173 18.29 45.31 -43.69
N VAL B 174 18.41 44.19 -42.99
CA VAL B 174 19.70 43.78 -42.44
C VAL B 174 20.53 42.95 -43.42
N ASP B 175 19.89 42.20 -44.31
CA ASP B 175 20.58 41.26 -45.18
C ASP B 175 20.40 41.66 -46.64
N ASP B 176 21.39 41.27 -47.45
CA ASP B 176 21.23 41.32 -48.90
C ASP B 176 20.16 40.37 -49.40
N PHE B 177 19.76 39.38 -48.60
CA PHE B 177 18.60 38.57 -48.94
C PHE B 177 17.27 39.30 -48.75
N GLY B 178 17.28 40.49 -48.15
CA GLY B 178 16.06 41.22 -47.89
C GLY B 178 15.45 41.05 -46.52
N ASN B 179 16.08 40.30 -45.62
CA ASN B 179 15.57 40.18 -44.26
C ASN B 179 15.54 41.53 -43.56
N CYS B 180 14.36 41.91 -43.08
CA CYS B 180 14.17 43.12 -42.29
C CYS B 180 14.43 42.88 -40.81
N ALA B 181 14.87 43.94 -40.13
CA ALA B 181 14.81 44.02 -38.67
C ALA B 181 14.53 45.46 -38.28
N VAL B 182 14.13 45.66 -37.03
CA VAL B 182 14.19 46.98 -36.44
C VAL B 182 15.64 47.28 -36.07
N ILE B 183 16.19 48.32 -36.68
CA ILE B 183 17.61 48.64 -36.52
C ILE B 183 17.87 49.55 -35.35
N ASP B 184 16.89 50.35 -34.94
CA ASP B 184 17.05 51.16 -33.74
C ASP B 184 15.67 51.53 -33.22
N GLU B 185 15.63 52.01 -31.99
CA GLU B 185 14.44 52.57 -31.40
C GLU B 185 14.77 53.89 -30.73
N ARG B 186 14.04 54.94 -31.10
CA ARG B 186 14.20 56.26 -30.52
C ARG B 186 13.07 56.52 -29.53
N LEU B 187 13.42 56.93 -28.32
CA LEU B 187 12.44 57.34 -27.33
C LEU B 187 11.96 58.75 -27.62
N ILE B 188 10.67 58.99 -27.42
CA ILE B 188 10.09 60.28 -27.79
C ILE B 188 9.68 61.05 -26.54
N LYS B 189 8.59 60.63 -25.90
CA LYS B 189 8.00 61.45 -24.84
C LYS B 189 7.22 60.57 -23.88
N LEU B 190 7.04 61.09 -22.67
CA LEU B 190 6.04 60.57 -21.75
C LEU B 190 4.65 61.03 -22.13
N GLU B 191 3.71 60.09 -22.11
CA GLU B 191 2.34 60.32 -22.51
C GLU B 191 1.40 59.67 -21.51
N VAL B 192 0.26 60.30 -21.26
CA VAL B 192 -0.67 59.82 -20.25
C VAL B 192 -1.85 59.17 -20.95
N LYS B 193 -2.14 57.94 -20.58
CA LYS B 193 -3.24 57.17 -21.17
C LYS B 193 -4.12 56.61 -20.06
N PHE C 16 15.29 28.09 -69.36
CA PHE C 16 14.68 28.73 -68.21
C PHE C 16 15.51 28.58 -66.95
N GLN C 17 15.58 29.65 -66.16
CA GLN C 17 16.31 29.62 -64.90
C GLN C 17 15.58 30.51 -63.91
N GLY C 18 15.85 30.29 -62.63
CA GLY C 18 15.26 31.11 -61.59
C GLY C 18 15.96 31.00 -60.26
N PHE C 19 15.19 31.27 -59.20
CA PHE C 19 15.68 31.21 -57.84
C PHE C 19 14.71 30.40 -57.00
N LEU C 20 15.25 29.73 -55.99
CA LEU C 20 14.45 29.11 -54.96
C LEU C 20 14.52 29.96 -53.70
N VAL C 21 13.37 30.40 -53.20
CA VAL C 21 13.27 31.12 -51.95
C VAL C 21 12.83 30.15 -50.86
N LEU C 22 13.59 30.11 -49.77
CA LEU C 22 13.18 29.42 -48.56
C LEU C 22 12.95 30.47 -47.49
N ILE C 23 11.73 30.51 -46.95
CA ILE C 23 11.38 31.37 -45.84
C ILE C 23 11.01 30.47 -44.67
N GLU C 24 11.62 30.70 -43.52
CA GLU C 24 11.44 29.75 -42.44
C GLU C 24 11.43 30.48 -41.09
N THR C 25 10.54 30.02 -40.22
CA THR C 25 10.48 30.48 -38.85
C THR C 25 11.34 29.58 -37.98
N SER C 26 12.11 30.21 -37.10
CA SER C 26 12.94 29.47 -36.16
C SER C 26 12.75 30.05 -34.76
N GLY C 27 13.19 29.30 -33.76
CA GLY C 27 12.91 29.64 -32.39
C GLY C 27 11.45 29.47 -32.01
N ASN C 28 10.79 28.45 -32.55
CA ASN C 28 9.41 28.18 -32.18
C ASN C 28 9.25 27.92 -30.69
N GLN C 29 10.25 27.32 -30.05
CA GLN C 29 10.20 27.21 -28.60
C GLN C 29 10.16 28.59 -27.95
N HIS C 30 11.13 29.43 -28.25
CA HIS C 30 11.25 30.72 -27.62
C HIS C 30 10.14 31.70 -28.00
N PHE C 31 9.37 31.40 -29.03
CA PHE C 31 8.19 32.19 -29.35
C PHE C 31 6.92 31.61 -28.75
N ILE C 32 6.70 30.30 -28.90
CA ILE C 32 5.43 29.72 -28.51
C ILE C 32 5.39 29.42 -27.01
N PHE C 33 6.53 29.09 -26.41
CA PHE C 33 6.59 28.66 -25.02
C PHE C 33 7.25 29.67 -24.11
N SER C 34 7.48 30.90 -24.58
CA SER C 34 8.13 31.88 -23.74
C SER C 34 7.22 32.45 -22.66
N THR C 35 5.94 32.14 -22.70
CA THR C 35 5.05 32.33 -21.56
C THR C 35 4.28 31.06 -21.31
N ASN C 36 3.83 30.91 -20.06
CA ASN C 36 3.04 29.78 -19.63
C ASN C 36 1.55 30.09 -19.65
N LYS C 37 1.13 31.00 -20.52
CA LYS C 37 -0.26 31.41 -20.67
C LYS C 37 -0.83 30.80 -21.93
N LEU C 38 -1.92 30.05 -21.76
CA LEU C 38 -2.41 29.20 -22.83
C LEU C 38 -2.89 30.01 -24.03
N ARG C 39 -3.58 31.13 -23.80
CA ARG C 39 -3.95 32.02 -24.91
C ARG C 39 -2.73 32.49 -25.67
N GLU C 40 -1.62 32.74 -24.99
CA GLU C 40 -0.44 33.19 -25.71
C GLU C 40 0.27 32.05 -26.41
N ASN C 41 0.30 30.86 -25.81
CA ASN C 41 0.81 29.71 -26.53
C ASN C 41 -0.02 29.45 -27.77
N ILE C 42 -1.34 29.43 -27.61
CA ILE C 42 -2.27 29.32 -28.72
C ILE C 42 -2.01 30.43 -29.73
N GLY C 43 -1.99 31.68 -29.25
CA GLY C 43 -1.81 32.81 -30.15
C GLY C 43 -0.48 32.83 -30.88
N ALA C 44 0.61 32.50 -30.18
CA ALA C 44 1.93 32.43 -30.81
C ALA C 44 1.98 31.35 -31.88
N SER C 45 1.34 30.22 -31.62
CA SER C 45 1.31 29.14 -32.61
C SER C 45 0.53 29.56 -33.85
N GLU C 46 -0.54 30.34 -33.68
CA GLU C 46 -1.24 30.90 -34.83
C GLU C 46 -0.38 31.86 -35.63
N LEU C 47 0.28 32.79 -34.96
CA LEU C 47 1.18 33.72 -35.64
C LEU C 47 2.27 33.00 -36.40
N THR C 48 2.80 31.91 -35.85
CA THR C 48 3.79 31.09 -36.55
C THR C 48 3.19 30.45 -37.79
N TYR C 49 1.98 29.90 -37.66
CA TYR C 49 1.31 29.33 -38.82
C TYR C 49 1.00 30.37 -39.87
N LEU C 50 0.44 31.51 -39.46
CA LEU C 50 0.11 32.57 -40.39
C LEU C 50 1.34 33.16 -41.08
N ALA C 51 2.46 33.21 -40.38
CA ALA C 51 3.66 33.85 -40.93
C ALA C 51 4.10 33.23 -42.25
N THR C 52 4.03 31.91 -42.38
CA THR C 52 4.43 31.25 -43.60
C THR C 52 3.25 30.78 -44.44
N THR C 53 2.05 31.29 -44.18
CA THR C 53 0.92 31.03 -45.06
C THR C 53 0.26 32.34 -45.44
N GLU C 54 -0.68 32.81 -44.61
CA GLU C 54 -1.36 34.07 -44.87
C GLU C 54 -0.40 35.19 -45.20
N ILE C 55 0.61 35.39 -44.34
CA ILE C 55 1.53 36.50 -44.56
C ILE C 55 2.39 36.25 -45.79
N LEU C 56 2.71 34.98 -46.07
CA LEU C 56 3.37 34.64 -47.32
C LEU C 56 2.47 34.94 -48.51
N PHE C 57 1.23 34.45 -48.48
CA PHE C 57 0.35 34.60 -49.63
C PHE C 57 -0.04 36.06 -49.85
N GLN C 58 -0.27 36.80 -48.77
CA GLN C 58 -0.48 38.23 -48.90
C GLN C 58 0.76 38.93 -49.41
N GLY C 59 1.93 38.46 -48.98
CA GLY C 59 3.16 38.97 -49.54
C GLY C 59 3.34 38.59 -51.00
N VAL C 60 3.06 37.33 -51.35
CA VAL C 60 3.13 36.89 -52.74
C VAL C 60 2.16 37.70 -53.60
N ASP C 61 0.95 37.94 -53.10
CA ASP C 61 -0.03 38.72 -53.84
C ASP C 61 0.45 40.15 -54.05
N ARG C 62 1.08 40.74 -53.05
CA ARG C 62 1.61 42.09 -53.21
C ARG C 62 2.81 42.12 -54.15
N VAL C 63 3.69 41.13 -54.04
CA VAL C 63 4.92 41.16 -54.83
C VAL C 63 4.69 40.78 -56.29
N PHE C 64 3.78 39.86 -56.57
CA PHE C 64 3.58 39.32 -57.90
C PHE C 64 2.24 39.68 -58.52
N GLN C 65 1.41 40.46 -57.85
CA GLN C 65 0.06 40.77 -58.32
C GLN C 65 -0.75 39.50 -58.60
N THR C 66 -0.81 38.62 -57.60
CA THR C 66 -1.51 37.33 -57.72
C THR C 66 -2.64 37.29 -56.71
N ASN C 67 -3.27 36.12 -56.58
CA ASN C 67 -4.42 35.95 -55.67
C ASN C 67 -4.30 34.64 -54.91
N TYR C 68 -3.08 34.25 -54.55
CA TYR C 68 -2.89 33.10 -53.68
C TYR C 68 -3.65 33.21 -52.37
N TYR C 69 -3.80 34.42 -51.83
CA TYR C 69 -4.52 34.59 -50.57
C TYR C 69 -6.01 34.35 -50.74
N ASP C 70 -6.58 34.78 -51.86
CA ASP C 70 -8.00 34.53 -52.11
C ASP C 70 -8.25 33.03 -52.28
N GLN C 71 -7.42 32.36 -53.07
CA GLN C 71 -7.54 30.91 -53.23
C GLN C 71 -7.41 30.17 -51.91
N TRP C 72 -6.43 30.55 -51.08
CA TRP C 72 -6.29 29.93 -49.77
C TRP C 72 -7.47 30.24 -48.86
N SER C 73 -7.80 31.52 -48.69
CA SER C 73 -8.82 31.90 -47.72
C SER C 73 -10.21 31.41 -48.11
N ASP C 74 -10.49 31.27 -49.41
CA ASP C 74 -11.72 30.60 -49.81
C ASP C 74 -11.66 29.10 -49.50
N THR C 75 -10.52 28.47 -49.75
CA THR C 75 -10.38 27.03 -49.50
C THR C 75 -10.13 26.74 -48.03
N ASN C 76 -9.49 27.66 -47.31
CA ASN C 76 -8.95 27.40 -45.97
C ASN C 76 -8.03 26.18 -45.95
N SER C 77 -7.35 25.91 -47.07
CA SER C 77 -6.40 24.81 -47.08
C SER C 77 -5.33 25.07 -48.13
N LEU C 78 -4.19 24.41 -47.91
CA LEU C 78 -3.02 24.54 -48.76
C LEU C 78 -3.08 23.69 -50.02
N ASN C 79 -4.05 22.79 -50.13
CA ASN C 79 -4.16 21.93 -51.30
C ASN C 79 -4.36 22.72 -52.59
N PHE C 80 -4.84 23.96 -52.51
CA PHE C 80 -5.07 24.75 -53.71
C PHE C 80 -3.81 24.91 -54.57
N LEU C 81 -2.63 24.84 -53.96
CA LEU C 81 -1.40 25.01 -54.71
C LEU C 81 -0.87 23.71 -55.30
N ALA C 82 -1.57 22.59 -55.08
CA ALA C 82 -1.19 21.33 -55.71
C ALA C 82 -1.34 21.39 -57.22
N ASP C 83 -2.57 21.60 -57.69
CA ASP C 83 -2.86 21.56 -59.12
C ASP C 83 -2.35 22.85 -59.78
N SER C 84 -1.32 22.71 -60.60
CA SER C 84 -0.53 23.82 -61.13
C SER C 84 -1.18 24.55 -62.30
N LYS C 85 -2.45 24.33 -62.61
CA LYS C 85 -3.19 25.34 -63.36
C LYS C 85 -3.54 26.52 -62.48
N LEU C 86 -3.67 26.30 -61.17
CA LEU C 86 -3.99 27.33 -60.19
C LEU C 86 -2.75 27.89 -59.50
N ASN C 87 -1.73 27.05 -59.28
CA ASN C 87 -0.42 27.48 -58.81
C ASN C 87 0.56 27.28 -59.96
N PRO C 88 0.70 28.26 -60.85
CA PRO C 88 1.29 28.03 -62.18
C PRO C 88 2.62 27.30 -62.14
N ALA C 89 2.77 26.33 -63.05
CA ALA C 89 4.04 25.64 -63.28
C ALA C 89 4.95 26.53 -64.11
N ILE C 90 5.69 27.41 -63.44
CA ILE C 90 6.39 28.47 -64.16
C ILE C 90 7.55 27.97 -65.00
N ASP C 91 7.91 26.69 -64.88
CA ASP C 91 8.84 26.10 -65.84
C ASP C 91 8.17 25.76 -67.16
N ASP C 92 6.84 25.78 -67.24
CA ASP C 92 6.14 25.83 -68.51
C ASP C 92 6.04 27.29 -68.97
N PRO C 93 6.77 27.67 -70.02
CA PRO C 93 6.76 29.08 -70.44
C PRO C 93 5.41 29.59 -70.94
N LYS C 94 4.49 28.72 -71.33
CA LYS C 94 3.17 29.20 -71.73
C LYS C 94 2.30 29.57 -70.53
N ASN C 95 2.46 28.86 -69.41
CA ASN C 95 1.81 29.22 -68.15
C ASN C 95 2.62 30.28 -67.41
N ASN C 96 3.00 31.35 -68.12
CA ASN C 96 3.98 32.29 -67.58
C ASN C 96 3.50 32.95 -66.30
N ALA C 97 4.36 32.89 -65.28
CA ALA C 97 4.19 33.70 -64.08
C ALA C 97 5.55 33.82 -63.39
N ASP C 98 5.66 34.81 -62.51
CA ASP C 98 6.92 35.10 -61.84
C ASP C 98 7.19 34.18 -60.66
N ILE C 99 6.17 33.47 -60.19
CA ILE C 99 6.21 32.82 -58.88
C ILE C 99 5.56 31.46 -59.01
N GLU C 100 6.16 30.47 -58.34
CA GLU C 100 5.49 29.22 -58.03
C GLU C 100 5.80 28.89 -56.57
N ILE C 101 4.80 28.43 -55.84
CA ILE C 101 5.01 27.99 -54.47
C ILE C 101 5.21 26.49 -54.49
N LEU C 102 6.35 26.05 -53.95
CA LEU C 102 6.66 24.64 -53.80
C LEU C 102 6.10 24.07 -52.50
N LEU C 103 6.27 24.78 -51.40
CA LEU C 103 5.82 24.35 -50.09
C LEU C 103 5.31 25.54 -49.31
N ALA C 104 4.21 25.35 -48.59
CA ALA C 104 3.87 26.18 -47.45
C ALA C 104 3.44 25.30 -46.29
N THR C 105 3.94 25.62 -45.11
CA THR C 105 3.62 24.86 -43.91
C THR C 105 4.00 25.71 -42.72
N SER C 106 3.67 25.21 -41.54
CA SER C 106 4.05 25.92 -40.33
C SER C 106 5.56 26.01 -40.25
N GLY C 107 6.07 27.23 -40.07
CA GLY C 107 7.49 27.47 -39.91
C GLY C 107 8.37 27.26 -41.12
N LYS C 108 7.84 26.83 -42.25
CA LYS C 108 8.66 26.78 -43.45
C LYS C 108 7.79 27.07 -44.66
N ALA C 109 8.40 27.72 -45.65
CA ALA C 109 7.80 27.87 -46.97
C ALA C 109 8.91 27.87 -47.99
N ILE C 110 8.61 27.36 -49.19
CA ILE C 110 9.56 27.35 -50.29
C ILE C 110 8.83 27.79 -51.54
N ALA C 111 9.47 28.64 -52.32
CA ALA C 111 8.90 29.16 -53.55
C ALA C 111 9.98 29.24 -54.61
N LEU C 112 9.57 29.15 -55.87
CA LEU C 112 10.47 29.32 -56.99
C LEU C 112 10.12 30.58 -57.76
N VAL C 113 11.11 31.42 -58.02
CA VAL C 113 10.89 32.69 -58.69
C VAL C 113 11.92 32.85 -59.79
N LYS C 114 11.50 33.47 -60.88
CA LYS C 114 12.34 33.69 -62.05
C LYS C 114 13.15 34.98 -62.00
N GLU C 115 12.98 35.82 -60.97
CA GLU C 115 13.65 37.10 -60.91
C GLU C 115 14.31 37.27 -59.55
N GLU C 116 15.54 37.76 -59.55
CA GLU C 116 16.28 37.92 -58.31
C GLU C 116 15.70 39.04 -57.46
N GLY C 117 15.27 40.14 -58.07
CA GLY C 117 14.67 41.22 -57.32
C GLY C 117 13.40 40.80 -56.59
N LYS C 118 12.50 40.10 -57.28
CA LYS C 118 11.28 39.64 -56.64
C LYS C 118 11.55 38.56 -55.59
N ALA C 119 12.64 37.81 -55.74
CA ALA C 119 13.06 36.92 -54.66
C ALA C 119 13.35 37.72 -53.40
N LYS C 120 14.22 38.73 -53.52
CA LYS C 120 14.54 39.61 -52.40
C LYS C 120 13.33 40.36 -51.90
N GLN C 121 12.51 40.89 -52.83
CA GLN C 121 11.34 41.67 -52.44
C GLN C 121 10.34 40.83 -51.68
N LEU C 122 10.16 39.57 -52.07
CA LEU C 122 9.31 38.66 -51.32
C LEU C 122 9.81 38.48 -49.89
N ILE C 123 11.13 38.31 -49.73
CA ILE C 123 11.67 38.11 -48.40
C ILE C 123 11.51 39.36 -47.54
N LYS C 124 11.78 40.53 -48.11
CA LYS C 124 11.53 41.78 -47.40
C LYS C 124 10.07 41.92 -47.00
N GLU C 125 9.16 41.65 -47.93
CA GLU C 125 7.75 41.81 -47.65
C GLU C 125 7.30 40.90 -46.50
N VAL C 126 7.61 39.61 -46.61
CA VAL C 126 7.18 38.65 -45.59
C VAL C 126 7.85 38.90 -44.25
N THR C 127 9.14 39.28 -44.26
CA THR C 127 9.82 39.52 -42.98
C THR C 127 9.39 40.83 -42.33
N LYS C 128 9.16 41.87 -43.12
CA LYS C 128 8.65 43.13 -42.57
C LYS C 128 7.27 42.96 -41.95
N GLN C 129 6.37 42.27 -42.63
CA GLN C 129 5.04 42.04 -42.09
C GLN C 129 5.06 41.25 -40.79
N ALA C 130 6.00 40.32 -40.63
CA ALA C 130 6.15 39.65 -39.34
C ALA C 130 6.59 40.63 -38.24
N LEU C 131 7.45 41.59 -38.57
CA LEU C 131 7.83 42.58 -37.58
C LEU C 131 6.64 43.43 -37.14
N ILE C 132 5.75 43.75 -38.07
CA ILE C 132 4.62 44.59 -37.74
C ILE C 132 3.51 43.79 -37.08
N ASN C 133 3.15 42.66 -37.67
CA ASN C 133 2.00 41.88 -37.23
C ASN C 133 2.34 40.80 -36.21
N ALA C 134 3.59 40.37 -36.13
CA ALA C 134 4.00 39.30 -35.22
C ALA C 134 5.27 39.69 -34.48
N PRO C 135 5.21 40.74 -33.66
CA PRO C 135 6.40 41.14 -32.89
C PRO C 135 6.94 39.99 -32.04
N GLY C 136 8.26 39.81 -32.10
CA GLY C 136 8.91 38.72 -31.42
C GLY C 136 9.06 37.43 -32.22
N LEU C 137 8.41 37.34 -33.37
CA LEU C 137 8.61 36.19 -34.25
C LEU C 137 9.95 36.32 -34.96
N GLU C 138 10.75 35.26 -34.88
CA GLU C 138 12.01 35.18 -35.63
C GLU C 138 11.73 34.46 -36.95
N ILE C 139 11.64 35.23 -38.03
CA ILE C 139 11.46 34.69 -39.36
C ILE C 139 12.59 35.21 -40.25
N GLY C 140 13.11 34.34 -41.12
CA GLY C 140 14.09 34.76 -42.08
C GLY C 140 13.83 34.09 -43.41
N GLY C 141 14.56 34.53 -44.42
CA GLY C 141 14.49 33.90 -45.72
C GLY C 141 15.82 33.97 -46.44
N ILE C 142 15.94 33.15 -47.48
CA ILE C 142 17.14 33.10 -48.29
C ILE C 142 16.72 32.73 -49.71
N TYR C 143 17.51 33.16 -50.69
CA TYR C 143 17.31 32.71 -52.06
C TYR C 143 18.61 32.14 -52.61
N VAL C 144 18.49 31.09 -53.40
CA VAL C 144 19.61 30.48 -54.10
C VAL C 144 19.22 30.32 -55.57
N ASN C 145 20.24 30.30 -56.42
CA ASN C 145 20.03 30.07 -57.84
C ASN C 145 19.43 28.68 -58.06
N CYS C 146 18.64 28.55 -59.11
CA CYS C 146 18.02 27.27 -59.46
C CYS C 146 18.20 27.04 -60.95
N ASN C 147 19.19 26.22 -61.30
CA ASN C 147 19.50 25.84 -62.67
C ASN C 147 18.49 24.87 -63.25
N TRP C 148 17.39 25.36 -63.82
CA TRP C 148 16.36 24.46 -64.31
C TRP C 148 16.80 23.63 -65.50
N GLN C 149 17.81 24.09 -66.25
CA GLN C 149 18.33 23.24 -67.30
C GLN C 149 18.94 21.98 -66.71
N ASP C 150 19.32 22.01 -65.44
CA ASP C 150 19.81 20.82 -64.74
C ASP C 150 18.65 20.06 -64.11
N LYS C 151 18.48 18.81 -64.52
CA LYS C 151 17.68 17.88 -63.73
C LYS C 151 18.31 17.75 -62.35
N LEU C 152 17.47 17.53 -61.34
CA LEU C 152 17.86 17.64 -59.94
C LEU C 152 18.28 19.06 -59.55
N GLY C 153 18.17 20.02 -60.48
CA GLY C 153 18.50 21.40 -60.15
C GLY C 153 17.71 21.92 -58.97
N VAL C 154 16.42 21.58 -58.89
CA VAL C 154 15.61 21.96 -57.74
C VAL C 154 16.06 21.23 -56.49
N ALA C 155 16.36 19.95 -56.60
CA ALA C 155 16.87 19.22 -55.44
C ALA C 155 18.17 19.81 -54.94
N LYS C 156 19.06 20.19 -55.85
CA LYS C 156 20.29 20.89 -55.48
C LYS C 156 19.98 22.24 -54.85
N ALA C 157 19.10 23.02 -55.47
CA ALA C 157 18.73 24.32 -54.91
C ALA C 157 18.13 24.19 -53.52
N VAL C 158 17.25 23.22 -53.31
CA VAL C 158 16.68 22.98 -51.99
C VAL C 158 17.78 22.69 -50.97
N LYS C 159 18.70 21.78 -51.31
CA LYS C 159 19.81 21.46 -50.42
C LYS C 159 20.65 22.69 -50.09
N GLU C 160 20.99 23.48 -51.11
CA GLU C 160 21.82 24.66 -50.88
C GLU C 160 21.09 25.70 -50.04
N ALA C 161 19.82 25.96 -50.37
CA ALA C 161 19.02 26.92 -49.61
C ALA C 161 18.95 26.56 -48.13
N HIS C 162 18.67 25.28 -47.84
CA HIS C 162 18.61 24.85 -46.45
C HIS C 162 19.94 25.02 -45.73
N LYS C 163 21.03 24.49 -46.30
CA LYS C 163 22.31 24.55 -45.61
C LYS C 163 22.84 25.98 -45.52
N GLN C 164 22.52 26.83 -46.49
CA GLN C 164 22.90 28.23 -46.38
C GLN C 164 22.07 28.98 -45.35
N PHE C 165 20.82 28.56 -45.16
CA PHE C 165 19.98 29.15 -44.11
C PHE C 165 20.59 28.96 -42.73
N GLU C 166 21.05 27.74 -42.44
CA GLU C 166 21.74 27.49 -41.17
C GLU C 166 22.97 28.38 -40.97
N VAL C 167 23.78 28.55 -42.01
CA VAL C 167 24.96 29.41 -41.90
C VAL C 167 24.60 30.85 -41.59
N ASN C 168 23.47 31.34 -42.10
CA ASN C 168 23.01 32.67 -41.72
C ASN C 168 22.51 32.71 -40.29
N ARG C 169 21.74 31.71 -39.86
CA ARG C 169 21.24 31.74 -38.49
C ARG C 169 22.38 31.73 -37.48
N ALA C 170 23.53 31.17 -37.85
CA ALA C 170 24.73 31.29 -37.03
C ALA C 170 25.28 32.71 -36.96
N LYS C 171 24.73 33.65 -37.74
CA LYS C 171 25.11 35.05 -37.66
C LYS C 171 23.93 36.02 -37.59
N ARG C 172 22.70 35.56 -37.79
CA ARG C 172 21.57 36.47 -37.92
C ARG C 172 21.32 37.25 -36.64
N ALA C 173 21.00 38.54 -36.79
CA ALA C 173 20.59 39.38 -35.67
C ALA C 173 19.26 38.91 -35.12
N GLY C 174 19.22 38.62 -33.81
CA GLY C 174 18.03 38.06 -33.20
C GLY C 174 16.94 39.08 -32.94
N ALA C 175 15.74 38.53 -32.68
CA ALA C 175 14.59 39.32 -32.25
C ALA C 175 14.75 39.89 -30.85
N ASN C 176 15.77 39.48 -30.10
CA ASN C 176 15.99 39.97 -28.74
C ASN C 176 16.27 41.46 -28.69
N GLY C 177 16.67 42.05 -29.80
CA GLY C 177 17.14 43.41 -29.79
C GLY C 177 16.12 44.53 -29.83
N ARG C 178 14.81 44.26 -29.81
CA ARG C 178 13.89 45.34 -30.08
C ARG C 178 13.14 45.87 -28.85
N PHE C 179 12.28 45.11 -28.20
CA PHE C 179 11.52 45.66 -27.06
C PHE C 179 12.40 45.60 -25.82
N LEU C 180 13.28 46.60 -25.66
CA LEU C 180 14.24 46.54 -24.57
C LEU C 180 13.78 47.29 -23.34
N ARG C 181 14.00 46.65 -22.19
CA ARG C 181 13.73 47.23 -20.89
C ARG C 181 14.51 48.50 -20.58
N LEU C 182 13.77 49.50 -20.12
CA LEU C 182 14.25 50.78 -19.72
C LEU C 182 13.96 50.77 -18.24
N PRO C 183 14.89 51.17 -17.38
CA PRO C 183 14.66 51.07 -15.93
C PRO C 183 13.31 51.57 -15.42
N ILE C 184 12.67 52.50 -16.12
CA ILE C 184 11.41 53.07 -15.65
C ILE C 184 10.19 52.40 -16.27
N ALA C 185 10.37 51.56 -17.26
CA ALA C 185 9.27 50.74 -17.76
C ALA C 185 8.93 49.60 -16.82
N ALA C 186 7.63 49.38 -16.63
CA ALA C 186 7.11 48.29 -15.83
C ALA C 186 7.27 46.99 -16.61
N GLY C 187 7.13 45.87 -15.93
CA GLY C 187 7.25 44.66 -16.70
C GLY C 187 5.97 43.93 -17.01
N CYS C 188 6.04 43.09 -18.04
CA CYS C 188 4.94 42.23 -18.41
C CYS C 188 4.57 41.31 -17.26
N SER C 189 3.28 41.03 -17.13
CA SER C 189 2.83 40.14 -16.07
C SER C 189 3.22 38.69 -16.33
N VAL C 190 3.54 38.34 -17.58
CA VAL C 190 3.65 36.95 -17.98
C VAL C 190 4.94 36.66 -18.74
N SER C 191 5.75 37.66 -19.03
CA SER C 191 6.94 37.45 -19.82
C SER C 191 8.05 38.33 -19.27
N GLU C 192 9.21 38.25 -19.91
CA GLU C 192 10.41 38.92 -19.46
C GLU C 192 10.59 40.30 -20.08
N LEU C 193 9.69 40.72 -20.93
CA LEU C 193 9.72 41.98 -21.65
C LEU C 193 9.11 43.10 -20.82
N PRO C 194 9.43 44.35 -21.14
CA PRO C 194 8.68 45.46 -20.56
C PRO C 194 7.20 45.41 -20.95
N ALA C 195 6.36 45.86 -20.02
CA ALA C 195 4.94 46.01 -20.32
C ALA C 195 4.73 47.16 -21.28
N SER C 196 3.70 47.02 -22.11
CA SER C 196 3.47 47.96 -23.19
C SER C 196 2.01 48.42 -23.16
N ASP C 197 1.12 47.54 -22.74
CA ASP C 197 -0.26 47.91 -22.50
C ASP C 197 -0.88 46.92 -21.51
N PHE C 198 -2.19 46.77 -21.56
CA PHE C 198 -2.92 46.01 -20.55
C PHE C 198 -3.76 44.92 -21.20
N ASP C 199 -3.93 43.84 -20.47
CA ASP C 199 -4.93 42.83 -20.79
C ASP C 199 -5.53 42.37 -19.47
N TYR C 200 -6.10 41.19 -19.45
CA TYR C 200 -6.71 40.63 -18.25
C TYR C 200 -6.15 39.24 -18.03
N ASN C 201 -5.91 38.91 -16.76
CA ASN C 201 -5.67 37.53 -16.39
C ASN C 201 -6.97 36.75 -16.50
N ALA C 202 -6.88 35.43 -16.34
CA ALA C 202 -8.08 34.61 -16.48
C ALA C 202 -9.11 34.97 -15.40
N ASP C 203 -8.66 35.39 -14.22
CA ASP C 203 -9.58 35.80 -13.17
C ASP C 203 -10.39 37.03 -13.58
N GLY C 204 -9.87 37.83 -14.51
CA GLY C 204 -10.53 39.02 -15.01
C GLY C 204 -9.81 40.30 -14.68
N ASP C 205 -8.82 40.24 -13.80
CA ASP C 205 -8.11 41.42 -13.34
C ASP C 205 -7.24 42.02 -14.43
N LYS C 206 -7.25 43.35 -14.51
CA LYS C 206 -6.42 44.07 -15.46
C LYS C 206 -4.94 43.90 -15.11
N ILE C 207 -4.13 43.54 -16.12
CA ILE C 207 -2.71 43.24 -15.91
C ILE C 207 -1.88 43.86 -17.02
N PRO C 208 -0.69 44.36 -16.71
CA PRO C 208 0.21 44.86 -17.76
C PRO C 208 0.86 43.74 -18.55
N VAL C 209 0.90 43.90 -19.87
CA VAL C 209 1.40 42.88 -20.78
C VAL C 209 2.30 43.55 -21.81
N SER C 210 3.13 42.74 -22.44
CA SER C 210 3.98 43.18 -23.53
C SER C 210 3.20 43.35 -24.82
N THR C 211 3.80 44.08 -25.77
CA THR C 211 3.29 44.09 -27.13
C THR C 211 3.25 42.69 -27.71
N VAL C 212 4.29 41.90 -27.43
CA VAL C 212 4.36 40.51 -27.84
C VAL C 212 3.19 39.70 -27.26
N SER C 213 3.03 39.75 -25.94
CA SER C 213 1.93 39.06 -25.29
C SER C 213 0.57 39.56 -25.75
N LYS C 214 0.42 40.87 -25.92
CA LYS C 214 -0.84 41.42 -26.40
C LYS C 214 -1.20 40.87 -27.78
N VAL C 215 -0.26 40.87 -28.71
CA VAL C 215 -0.54 40.41 -30.07
C VAL C 215 -0.82 38.91 -30.11
N LYS C 216 -0.15 38.11 -29.28
CA LYS C 216 -0.47 36.69 -29.19
C LYS C 216 -1.90 36.48 -28.74
N ARG C 217 -2.29 37.11 -27.64
CA ARG C 217 -3.65 37.03 -27.12
C ARG C 217 -4.68 37.44 -28.17
N GLU C 218 -4.38 38.51 -28.91
CA GLU C 218 -5.25 38.94 -29.99
C GLU C 218 -5.41 37.86 -31.06
N THR C 219 -4.33 37.15 -31.37
CA THR C 219 -4.34 36.11 -32.38
C THR C 219 -4.89 34.77 -31.90
N ALA C 220 -5.07 34.58 -30.60
CA ALA C 220 -5.75 33.38 -30.12
C ALA C 220 -7.17 33.32 -30.62
N LYS C 221 -7.80 34.48 -30.83
CA LYS C 221 -9.12 34.54 -31.45
C LYS C 221 -9.15 33.94 -32.85
N SER C 222 -8.02 33.97 -33.55
CA SER C 222 -7.93 33.38 -34.88
C SER C 222 -7.82 31.86 -34.86
N ALA C 223 -7.35 31.26 -33.77
CA ALA C 223 -7.08 29.83 -33.78
C ALA C 223 -8.36 29.01 -33.86
N LYS C 224 -9.42 29.44 -33.17
CA LYS C 224 -10.68 28.71 -33.23
C LYS C 224 -11.24 28.64 -34.64
N LYS C 225 -10.84 29.55 -35.52
CA LYS C 225 -11.24 29.47 -36.91
C LYS C 225 -10.46 28.36 -37.63
N ARG C 226 -9.14 28.39 -37.51
CA ARG C 226 -8.29 27.34 -38.08
C ARG C 226 -8.72 25.95 -37.61
N LEU C 227 -8.92 25.77 -36.31
CA LEU C 227 -9.24 24.45 -35.77
C LEU C 227 -10.68 24.04 -36.00
N ARG C 228 -11.55 24.95 -36.44
CA ARG C 228 -12.94 24.60 -36.70
C ARG C 228 -13.03 23.49 -37.74
N SER C 229 -12.19 23.56 -38.77
CA SER C 229 -12.14 22.52 -39.79
C SER C 229 -11.58 21.21 -39.27
N VAL C 230 -10.77 21.25 -38.22
CA VAL C 230 -10.23 20.04 -37.61
C VAL C 230 -11.29 19.38 -36.74
N ASP C 231 -11.70 20.06 -35.67
CA ASP C 231 -12.75 19.53 -34.81
C ASP C 231 -13.35 20.68 -34.00
N GLY C 232 -14.65 20.86 -34.11
CA GLY C 232 -15.36 21.86 -33.34
C GLY C 232 -15.29 21.69 -31.84
N ARG C 233 -14.87 20.52 -31.37
CA ARG C 233 -14.66 20.30 -29.93
C ARG C 233 -13.34 20.85 -29.40
N LEU C 234 -12.44 21.33 -30.25
CA LEU C 234 -11.09 21.64 -29.78
C LEU C 234 -11.01 22.94 -28.98
N VAL C 235 -11.38 24.06 -29.59
CA VAL C 235 -11.31 25.35 -28.91
C VAL C 235 -12.57 26.13 -29.19
N ASN C 236 -13.20 26.60 -28.13
CA ASN C 236 -14.36 27.48 -28.24
C ASN C 236 -14.41 28.54 -27.15
N ASP C 237 -13.97 28.25 -25.93
CA ASP C 237 -13.93 29.20 -24.83
C ASP C 237 -12.51 29.14 -24.27
N LEU C 238 -11.63 29.99 -24.80
CA LEU C 238 -10.25 30.02 -24.34
C LEU C 238 -10.16 30.24 -22.84
N ALA C 239 -11.00 31.12 -22.30
CA ALA C 239 -10.98 31.41 -20.87
C ALA C 239 -11.37 30.19 -20.06
N GLN C 240 -12.43 29.50 -20.47
CA GLN C 240 -12.79 28.26 -19.78
C GLN C 240 -11.71 27.20 -19.96
N LEU C 241 -11.13 27.12 -21.16
CA LEU C 241 -10.04 26.19 -21.41
C LEU C 241 -8.81 26.51 -20.57
N GLU C 242 -8.38 27.78 -20.59
CA GLU C 242 -7.23 28.19 -19.80
C GLU C 242 -7.46 27.96 -18.31
N LYS C 243 -8.64 28.32 -17.81
CA LYS C 243 -9.00 28.01 -16.42
C LYS C 243 -9.03 26.51 -16.14
N SER C 244 -9.50 25.71 -17.10
CA SER C 244 -9.56 24.27 -16.85
C SER C 244 -8.18 23.66 -16.78
N PHE C 245 -7.27 24.09 -17.66
CA PHE C 245 -5.91 23.55 -17.66
C PHE C 245 -5.22 23.79 -16.33
N ASP C 246 -5.30 25.00 -15.81
CA ASP C 246 -4.63 25.27 -14.55
C ASP C 246 -5.39 24.77 -13.33
N GLU C 247 -6.45 24.00 -13.54
CA GLU C 247 -7.07 23.21 -12.49
C GLU C 247 -6.75 21.72 -12.60
N LEU C 248 -6.15 21.30 -13.71
CA LEU C 248 -5.70 19.93 -13.87
C LEU C 248 -4.53 19.65 -12.94
N ASP C 249 -4.35 18.38 -12.58
CA ASP C 249 -3.13 17.97 -11.90
C ASP C 249 -1.93 18.03 -12.84
N TRP C 250 -2.09 17.59 -14.08
CA TRP C 250 -0.98 17.47 -15.00
C TRP C 250 -1.38 17.97 -16.37
N LEU C 251 -0.47 18.72 -16.98
CA LEU C 251 -0.46 18.95 -18.41
C LEU C 251 0.57 18.04 -19.04
N ALA C 252 0.51 17.93 -20.36
CA ALA C 252 1.63 17.39 -21.10
C ALA C 252 1.99 18.29 -22.26
N VAL C 253 3.28 18.53 -22.43
CA VAL C 253 3.83 19.03 -23.69
C VAL C 253 4.17 17.80 -24.53
N VAL C 254 3.42 17.59 -25.60
CA VAL C 254 3.66 16.49 -26.51
C VAL C 254 4.27 17.08 -27.77
N HIS C 255 5.43 16.58 -28.15
CA HIS C 255 6.07 16.99 -29.39
C HIS C 255 6.35 15.75 -30.21
N ALA C 256 5.96 15.77 -31.48
CA ALA C 256 6.22 14.64 -32.37
C ALA C 256 6.85 15.13 -33.67
N ASP C 257 7.81 14.35 -34.17
CA ASP C 257 8.44 14.58 -35.45
C ASP C 257 8.35 13.31 -36.26
N GLY C 258 8.08 13.45 -37.55
CA GLY C 258 8.22 12.36 -38.49
C GLY C 258 9.59 11.74 -38.55
N ASN C 259 9.65 10.43 -38.32
CA ASN C 259 10.75 9.64 -38.83
C ASN C 259 10.60 9.45 -40.33
N GLY C 260 11.72 9.22 -40.99
CA GLY C 260 11.69 8.94 -42.41
C GLY C 260 11.49 10.12 -43.32
N LEU C 261 10.75 11.14 -42.88
CA LEU C 261 10.60 12.33 -43.71
C LEU C 261 11.93 13.02 -43.96
N GLY C 262 12.76 13.14 -42.93
CA GLY C 262 14.08 13.68 -43.13
C GLY C 262 14.95 12.77 -43.99
N GLN C 263 14.89 11.46 -43.75
CA GLN C 263 15.58 10.50 -44.59
C GLN C 263 15.12 10.58 -46.04
N ILE C 264 13.83 10.85 -46.27
CA ILE C 264 13.37 11.08 -47.64
C ILE C 264 13.93 12.40 -48.17
N LEU C 265 13.66 13.50 -47.47
CA LEU C 265 13.97 14.82 -47.98
C LEU C 265 15.47 15.09 -48.08
N LEU C 266 16.30 14.29 -47.41
CA LEU C 266 17.74 14.33 -47.67
C LEU C 266 18.08 13.89 -49.08
N SER C 267 17.18 13.17 -49.75
CA SER C 267 17.55 12.37 -50.92
C SER C 267 16.41 12.22 -51.91
N LEU C 268 15.38 13.07 -51.86
CA LEU C 268 14.09 12.75 -52.45
C LEU C 268 14.19 12.42 -53.93
N GLU C 269 15.10 13.07 -54.68
CA GLU C 269 15.22 12.73 -56.10
C GLU C 269 15.64 11.28 -56.34
N LYS C 270 16.16 10.58 -55.35
CA LYS C 270 16.36 9.14 -55.49
C LYS C 270 15.05 8.38 -55.57
N TYR C 271 13.95 8.94 -55.07
CA TYR C 271 12.71 8.20 -54.86
C TYR C 271 11.56 8.71 -55.72
N ILE C 272 11.72 9.84 -56.38
CA ILE C 272 10.65 10.39 -57.22
C ILE C 272 10.44 9.58 -58.48
N GLY C 273 11.36 8.72 -58.86
CA GLY C 273 11.37 8.14 -60.20
C GLY C 273 12.12 9.04 -61.18
N GLU C 274 11.41 9.57 -62.17
CA GLU C 274 12.04 10.41 -63.18
C GLU C 274 12.70 11.63 -62.53
N GLN C 275 13.95 11.87 -62.92
CA GLN C 275 14.80 12.86 -62.28
C GLN C 275 14.49 14.29 -62.69
N THR C 276 13.48 14.53 -63.52
CA THR C 276 13.15 15.89 -63.94
C THR C 276 12.72 16.74 -62.75
N ASN C 277 13.09 18.02 -62.80
CA ASN C 277 12.67 18.98 -61.78
C ASN C 277 11.16 19.01 -61.61
N ARG C 278 10.43 18.94 -62.73
CA ARG C 278 8.98 18.93 -62.66
C ARG C 278 8.46 17.80 -61.79
N ASN C 279 9.10 16.63 -61.88
CA ASN C 279 8.69 15.51 -61.04
C ASN C 279 9.13 15.67 -59.60
N TYR C 280 10.35 16.18 -59.36
CA TYR C 280 10.75 16.45 -57.98
C TYR C 280 9.77 17.40 -57.29
N ILE C 281 9.50 18.54 -57.91
CA ILE C 281 8.56 19.50 -57.35
C ILE C 281 7.21 18.86 -57.10
N ASP C 282 6.66 18.21 -58.12
CA ASP C 282 5.32 17.64 -58.00
C ASP C 282 5.27 16.58 -56.90
N LYS C 283 6.27 15.69 -56.90
CA LYS C 283 6.37 14.69 -55.84
C LYS C 283 6.64 15.33 -54.48
N TYR C 284 7.49 16.34 -54.43
CA TYR C 284 7.81 17.02 -53.18
C TYR C 284 6.57 17.65 -52.56
N ARG C 285 5.80 18.38 -53.36
CA ARG C 285 4.63 19.09 -52.87
C ARG C 285 3.57 18.12 -52.36
N ARG C 286 3.25 17.09 -53.13
CA ARG C 286 2.26 16.12 -52.69
C ARG C 286 2.71 15.39 -51.44
N LEU C 287 3.99 15.02 -51.37
CA LEU C 287 4.50 14.43 -50.13
C LEU C 287 4.27 15.35 -48.94
N SER C 288 4.55 16.65 -49.10
CA SER C 288 4.35 17.60 -48.01
C SER C 288 2.89 17.74 -47.65
N LEU C 289 2.03 17.98 -48.64
CA LEU C 289 0.60 18.13 -48.39
C LEU C 289 -0.02 16.87 -47.80
N ALA C 290 0.35 15.70 -48.33
CA ALA C 290 -0.21 14.45 -47.82
C ALA C 290 0.17 14.19 -46.37
N LEU C 291 1.36 14.59 -45.95
CA LEU C 291 1.74 14.40 -44.55
C LEU C 291 1.06 15.38 -43.60
N ASP C 292 0.75 16.60 -44.08
CA ASP C 292 -0.19 17.45 -43.36
C ASP C 292 -1.55 16.78 -43.23
N ASN C 293 -2.09 16.25 -44.31
CA ASN C 293 -3.38 15.56 -44.24
C ASN C 293 -3.30 14.36 -43.30
N CYS C 294 -2.25 13.56 -43.42
CA CYS C 294 -2.05 12.45 -42.49
C CYS C 294 -1.99 12.94 -41.06
N THR C 295 -1.28 14.04 -40.81
CA THR C 295 -1.15 14.56 -39.46
C THR C 295 -2.50 14.94 -38.87
N ILE C 296 -3.28 15.73 -39.61
CA ILE C 296 -4.56 16.21 -39.09
C ILE C 296 -5.56 15.08 -38.94
N ASN C 297 -5.59 14.13 -39.89
CA ASN C 297 -6.48 12.98 -39.77
C ASN C 297 -6.10 12.08 -38.61
N ALA C 298 -4.81 11.78 -38.46
CA ALA C 298 -4.36 11.01 -37.31
C ALA C 298 -4.67 11.71 -36.00
N PHE C 299 -4.67 13.04 -36.02
CA PHE C 299 -5.06 13.83 -34.86
C PHE C 299 -6.53 13.65 -34.50
N LYS C 300 -7.41 13.79 -35.49
CA LYS C 300 -8.84 13.56 -35.29
C LYS C 300 -9.11 12.20 -34.66
N MET C 301 -8.38 11.19 -35.12
CA MET C 301 -8.51 9.86 -34.52
C MET C 301 -8.02 9.83 -33.09
N ALA C 302 -6.83 10.40 -32.84
CA ALA C 302 -6.24 10.34 -31.52
C ALA C 302 -7.03 11.10 -30.46
N ILE C 303 -7.67 12.22 -30.82
CA ILE C 303 -8.43 12.98 -29.84
C ILE C 303 -9.70 12.26 -29.40
N ALA C 304 -9.99 11.10 -30.00
CA ALA C 304 -10.99 10.22 -29.43
C ALA C 304 -10.56 9.70 -28.07
N VAL C 305 -9.27 9.80 -27.75
CA VAL C 305 -8.78 9.37 -26.46
C VAL C 305 -9.33 10.22 -25.33
N PHE C 306 -9.55 11.51 -25.55
CA PHE C 306 -9.93 12.36 -24.44
C PHE C 306 -11.41 12.21 -24.14
N LYS C 307 -11.73 12.03 -22.86
CA LYS C 307 -13.11 11.88 -22.49
C LYS C 307 -13.85 13.21 -22.63
N GLU C 308 -15.16 13.13 -22.68
CA GLU C 308 -15.98 14.30 -22.93
C GLU C 308 -16.75 14.67 -21.67
N ASP C 309 -16.52 15.87 -21.18
CA ASP C 309 -17.24 16.42 -20.05
C ASP C 309 -18.34 17.31 -20.59
N SER C 310 -19.58 17.05 -20.16
CA SER C 310 -20.70 17.83 -20.69
C SER C 310 -20.55 19.29 -20.32
N LYS C 311 -20.07 19.57 -19.10
CA LYS C 311 -19.81 20.95 -18.69
C LYS C 311 -18.74 21.58 -19.57
N LYS C 312 -17.63 20.87 -19.80
CA LYS C 312 -16.49 21.38 -20.56
C LYS C 312 -16.82 21.41 -22.05
N ILE C 313 -17.15 22.60 -22.54
CA ILE C 313 -17.43 22.82 -23.95
C ILE C 313 -16.31 22.32 -24.86
N ASP C 314 -15.07 22.35 -24.39
CA ASP C 314 -13.89 22.04 -25.20
C ASP C 314 -13.18 20.79 -24.72
N LEU C 315 -12.58 20.07 -25.66
CA LEU C 315 -11.64 19.02 -25.34
C LEU C 315 -10.42 19.58 -24.61
N PRO C 316 -9.83 18.81 -23.69
CA PRO C 316 -8.65 19.25 -22.93
C PRO C 316 -7.34 19.11 -23.70
N ILE C 317 -7.31 19.60 -24.92
CA ILE C 317 -6.14 19.52 -25.78
C ILE C 317 -6.04 20.78 -26.61
N VAL C 318 -4.82 21.27 -26.75
CA VAL C 318 -4.54 22.44 -27.57
C VAL C 318 -3.52 22.05 -28.63
N PRO C 319 -3.97 21.79 -29.85
CA PRO C 319 -3.00 21.61 -30.93
C PRO C 319 -2.33 22.91 -31.30
N LEU C 320 -1.05 23.03 -30.94
CA LEU C 320 -0.28 24.23 -31.24
C LEU C 320 0.26 24.19 -32.66
N ILE C 321 0.88 23.08 -33.03
CA ILE C 321 1.39 22.86 -34.36
C ILE C 321 0.85 21.52 -34.81
N LEU C 322 0.40 21.46 -36.05
CA LEU C 322 -0.41 20.35 -36.48
C LEU C 322 -0.21 20.12 -37.98
N GLY C 323 1.02 19.86 -38.39
CA GLY C 323 1.18 19.50 -39.78
C GLY C 323 2.55 19.03 -40.20
N GLY C 324 2.56 18.03 -41.05
CA GLY C 324 3.78 17.56 -41.70
C GLY C 324 4.51 16.54 -40.83
N ASP C 325 5.74 16.86 -40.48
CA ASP C 325 6.42 16.17 -39.39
C ASP C 325 5.95 16.65 -38.03
N ASP C 326 5.99 17.95 -37.80
CA ASP C 326 5.77 18.51 -36.46
C ASP C 326 4.31 18.38 -36.05
N LEU C 327 4.05 17.62 -34.99
CA LEU C 327 2.89 17.83 -34.14
C LEU C 327 3.35 18.28 -32.77
N THR C 328 2.84 19.43 -32.33
CA THR C 328 3.08 19.92 -30.98
C THR C 328 1.73 20.24 -30.35
N VAL C 329 1.44 19.63 -29.20
CA VAL C 329 0.19 19.86 -28.51
C VAL C 329 0.47 20.02 -27.01
N ILE C 330 -0.38 20.82 -26.36
CA ILE C 330 -0.53 20.76 -24.91
C ILE C 330 -1.85 20.11 -24.61
N CYS C 331 -1.84 19.10 -23.75
CA CYS C 331 -3.06 18.42 -23.38
C CYS C 331 -3.01 18.08 -21.89
N ARG C 332 -4.12 17.55 -21.41
CA ARG C 332 -4.17 16.92 -20.10
C ARG C 332 -3.19 15.75 -20.03
N GLY C 333 -2.40 15.72 -18.95
CA GLY C 333 -1.21 14.89 -18.92
C GLY C 333 -1.41 13.42 -18.68
N ASP C 334 -2.49 13.03 -18.02
CA ASP C 334 -2.81 11.62 -17.87
C ASP C 334 -3.42 10.99 -19.11
N TYR C 335 -3.62 11.76 -20.17
CA TYR C 335 -4.18 11.28 -21.42
C TYR C 335 -3.22 11.45 -22.58
N ALA C 336 -2.03 11.99 -22.32
CA ALA C 336 -1.01 12.19 -23.35
C ALA C 336 -0.40 10.90 -23.87
N LEU C 337 -0.13 9.93 -22.99
CA LEU C 337 0.46 8.68 -23.45
C LEU C 337 -0.45 7.93 -24.40
N GLU C 338 -1.75 7.85 -24.08
CA GLU C 338 -2.69 7.20 -24.98
C GLU C 338 -2.97 8.03 -26.21
N PHE C 339 -3.02 9.36 -26.06
CA PHE C 339 -3.25 10.19 -27.22
C PHE C 339 -2.10 10.07 -28.21
N THR C 340 -0.87 10.01 -27.70
CA THR C 340 0.28 9.97 -28.58
C THR C 340 0.46 8.60 -29.20
N ARG C 341 0.23 7.53 -28.42
CA ARG C 341 0.17 6.19 -29.00
C ARG C 341 -0.86 6.13 -30.11
N GLU C 342 -2.09 6.56 -29.83
CA GLU C 342 -3.15 6.55 -30.83
C GLU C 342 -2.82 7.46 -31.99
N PHE C 343 -2.22 8.62 -31.73
CA PHE C 343 -1.78 9.48 -32.83
C PHE C 343 -0.75 8.79 -33.70
N LEU C 344 0.28 8.22 -33.09
CA LEU C 344 1.37 7.62 -33.86
C LEU C 344 0.87 6.40 -34.64
N GLU C 345 0.04 5.59 -34.01
CA GLU C 345 -0.60 4.47 -34.70
C GLU C 345 -1.49 4.95 -35.85
N ALA C 346 -2.32 5.96 -35.59
CA ALA C 346 -3.15 6.52 -36.64
C ALA C 346 -2.33 7.20 -37.73
N PHE C 347 -1.17 7.76 -37.37
CA PHE C 347 -0.32 8.41 -38.36
C PHE C 347 0.32 7.41 -39.32
N GLU C 348 0.87 6.31 -38.80
CA GLU C 348 1.41 5.25 -39.64
C GLU C 348 0.37 4.72 -40.63
N GLY C 349 -0.81 4.39 -40.12
CA GLY C 349 -1.88 3.91 -40.98
C GLY C 349 -2.29 4.90 -42.05
N GLN C 350 -2.27 6.18 -41.73
CA GLN C 350 -2.58 7.21 -42.73
C GLN C 350 -1.54 7.23 -43.85
N THR C 351 -0.26 7.26 -43.50
CA THR C 351 0.79 7.30 -44.51
C THR C 351 0.80 6.04 -45.36
N GLU C 352 0.40 4.90 -44.79
CA GLU C 352 0.20 3.68 -45.57
C GLU C 352 -0.80 3.87 -46.69
N THR C 353 -1.73 4.82 -46.55
CA THR C 353 -2.90 4.89 -47.40
C THR C 353 -2.97 6.17 -48.21
N HIS C 354 -1.86 6.88 -48.34
CA HIS C 354 -1.71 7.92 -49.36
C HIS C 354 -0.74 7.44 -50.43
N ASP C 355 -1.22 7.36 -51.67
CA ASP C 355 -0.34 7.04 -52.78
C ASP C 355 0.74 8.10 -52.95
N ASP C 356 0.44 9.35 -52.62
CA ASP C 356 1.42 10.42 -52.60
C ASP C 356 2.57 10.14 -51.63
N ILE C 357 2.39 9.20 -50.72
CA ILE C 357 3.45 8.78 -49.80
C ILE C 357 3.95 7.38 -50.11
N LYS C 358 3.03 6.46 -50.41
CA LYS C 358 3.31 5.03 -50.59
C LYS C 358 4.60 4.77 -51.36
N VAL C 359 4.64 5.26 -52.60
CA VAL C 359 5.72 4.94 -53.51
C VAL C 359 7.06 5.50 -53.04
N ILE C 360 7.06 6.65 -52.36
CA ILE C 360 8.32 7.21 -51.87
C ILE C 360 8.81 6.44 -50.65
N ALA C 361 7.90 6.17 -49.71
CA ALA C 361 8.26 5.35 -48.56
C ALA C 361 8.66 3.94 -48.98
N GLN C 362 7.99 3.40 -50.00
CA GLN C 362 8.38 2.10 -50.53
C GLN C 362 9.81 2.12 -51.05
N LYS C 363 10.13 3.10 -51.88
CA LYS C 363 11.46 3.17 -52.46
C LYS C 363 12.52 3.54 -51.43
N ALA C 364 12.16 4.32 -50.41
CA ALA C 364 13.12 4.68 -49.38
C ALA C 364 13.33 3.56 -48.36
N PHE C 365 12.28 2.85 -47.98
CA PHE C 365 12.35 1.99 -46.81
C PHE C 365 11.76 0.60 -47.03
N GLY C 366 11.22 0.32 -48.20
CA GLY C 366 10.65 -0.98 -48.45
C GLY C 366 9.30 -1.22 -47.81
N VAL C 367 8.66 -0.18 -47.31
CA VAL C 367 7.36 -0.28 -46.65
C VAL C 367 6.54 0.94 -47.06
N ASP C 368 5.22 0.77 -47.10
CA ASP C 368 4.37 1.87 -47.51
C ASP C 368 4.30 2.98 -46.47
N ARG C 369 4.51 2.68 -45.20
CA ARG C 369 4.32 3.65 -44.13
C ARG C 369 5.56 4.50 -43.90
N LEU C 370 5.34 5.70 -43.40
CA LEU C 370 6.30 6.43 -42.58
C LEU C 370 5.91 6.32 -41.11
N SER C 371 6.71 6.94 -40.25
CA SER C 371 6.48 6.84 -38.82
C SER C 371 6.95 8.14 -38.16
N ALA C 372 6.63 8.27 -36.89
CA ALA C 372 7.03 9.44 -36.13
C ALA C 372 7.43 9.03 -34.73
N CYS C 373 8.43 9.71 -34.20
CA CYS C 373 8.75 9.64 -32.77
C CYS C 373 8.03 10.75 -32.03
N ALA C 374 7.86 10.59 -30.73
CA ALA C 374 7.35 11.67 -29.91
C ALA C 374 8.05 11.75 -28.56
N GLY C 375 8.21 12.99 -28.08
CA GLY C 375 8.58 13.26 -26.70
C GLY C 375 7.45 13.91 -25.94
N ILE C 376 7.20 13.42 -24.73
CA ILE C 376 6.09 13.86 -23.90
C ILE C 376 6.62 14.31 -22.55
N SER C 377 6.50 15.61 -22.25
CA SER C 377 6.83 16.15 -20.94
C SER C 377 5.54 16.35 -20.15
N ILE C 378 5.39 15.59 -19.06
CA ILE C 378 4.20 15.66 -18.23
C ILE C 378 4.51 16.49 -17.00
N ILE C 379 3.83 17.62 -16.85
CA ILE C 379 4.24 18.71 -15.98
C ILE C 379 3.03 19.24 -15.23
N LYS C 380 3.28 19.78 -14.03
CA LYS C 380 2.25 20.53 -13.33
C LYS C 380 1.92 21.79 -14.12
N PRO C 381 0.69 22.29 -14.02
CA PRO C 381 0.32 23.47 -14.80
C PRO C 381 1.17 24.70 -14.53
N HIS C 382 1.75 24.82 -13.34
CA HIS C 382 2.64 25.92 -13.02
C HIS C 382 4.07 25.71 -13.50
N PHE C 383 4.41 24.53 -14.01
CA PHE C 383 5.75 24.28 -14.49
C PHE C 383 6.04 25.10 -15.75
N PRO C 384 7.25 25.63 -15.91
CA PRO C 384 7.60 26.40 -17.12
C PRO C 384 7.50 25.60 -18.42
N PHE C 385 6.59 26.00 -19.30
CA PHE C 385 6.41 25.29 -20.57
C PHE C 385 7.63 25.40 -21.47
N SER C 386 8.39 26.49 -21.33
CA SER C 386 9.71 26.60 -21.92
C SER C 386 10.59 25.40 -21.59
N VAL C 387 10.74 25.10 -20.30
CA VAL C 387 11.58 24.02 -19.84
C VAL C 387 10.99 22.67 -20.23
N ALA C 388 9.67 22.54 -20.13
CA ALA C 388 9.00 21.29 -20.48
C ALA C 388 9.20 20.94 -21.94
N TYR C 389 9.11 21.93 -22.83
CA TYR C 389 9.36 21.68 -24.24
C TYR C 389 10.80 21.32 -24.53
N THR C 390 11.76 21.99 -23.90
CA THR C 390 13.16 21.60 -24.02
C THR C 390 13.37 20.13 -23.68
N LEU C 391 12.66 19.65 -22.67
CA LEU C 391 12.73 18.24 -22.32
C LEU C 391 12.07 17.35 -23.39
N ALA C 392 10.93 17.78 -23.92
CA ALA C 392 10.27 17.02 -24.98
C ALA C 392 11.11 16.91 -26.23
N GLU C 393 11.96 17.91 -26.50
CA GLU C 393 12.98 17.81 -27.55
C GLU C 393 13.98 16.71 -27.26
N ARG C 394 14.49 16.66 -26.04
CA ARG C 394 15.45 15.63 -25.68
C ARG C 394 14.81 14.26 -25.59
N LEU C 395 13.53 14.19 -25.21
CA LEU C 395 12.81 12.92 -25.24
C LEU C 395 12.62 12.40 -26.66
N ILE C 396 12.23 13.25 -27.60
CA ILE C 396 12.12 12.79 -28.98
C ILE C 396 13.48 12.42 -29.56
N LYS C 397 14.54 13.12 -29.17
CA LYS C 397 15.89 12.71 -29.56
C LYS C 397 16.22 11.34 -29.01
N SER C 398 15.74 11.03 -27.81
CA SER C 398 15.86 9.69 -27.26
C SER C 398 14.97 8.70 -27.97
N ALA C 399 13.72 9.07 -28.25
CA ALA C 399 12.83 8.21 -29.02
C ALA C 399 13.41 7.84 -30.37
N LYS C 400 14.09 8.77 -31.03
CA LYS C 400 14.73 8.51 -32.30
C LYS C 400 15.91 7.55 -32.24
N GLU C 401 16.30 7.03 -31.08
CA GLU C 401 17.34 6.01 -31.07
C GLU C 401 16.92 4.74 -31.78
N VAL C 402 15.62 4.54 -32.01
CA VAL C 402 15.13 3.50 -32.91
C VAL C 402 15.77 3.58 -34.28
N LYS C 403 16.21 4.76 -34.69
CA LYS C 403 16.85 4.90 -36.00
C LYS C 403 18.15 4.13 -36.08
N GLN C 404 18.87 4.02 -34.97
CA GLN C 404 20.09 3.22 -34.95
C GLN C 404 19.80 1.74 -34.70
N LYS C 405 18.86 1.43 -33.82
CA LYS C 405 18.59 0.04 -33.44
C LYS C 405 17.75 -0.72 -34.44
N VAL C 406 16.80 -0.07 -35.11
CA VAL C 406 15.83 -0.74 -35.97
C VAL C 406 16.04 -0.26 -37.40
N THR C 407 16.50 -1.16 -38.25
CA THR C 407 17.06 -0.78 -39.54
C THR C 407 16.62 -1.75 -40.64
N VAL C 408 16.63 -1.25 -41.86
CA VAL C 408 16.25 -2.04 -43.04
C VAL C 408 17.36 -3.05 -43.33
N THR C 409 16.99 -4.33 -43.38
CA THR C 409 17.96 -5.39 -43.62
C THR C 409 18.68 -5.21 -44.94
N ASN C 410 19.99 -5.46 -44.93
CA ASN C 410 20.88 -5.35 -46.08
C ASN C 410 20.88 -3.96 -46.72
N SER C 411 20.50 -2.92 -45.99
CA SER C 411 20.61 -1.57 -46.50
C SER C 411 22.05 -1.08 -46.44
N SER C 412 22.46 -0.36 -47.47
CA SER C 412 23.81 0.18 -47.58
C SER C 412 23.77 1.57 -48.19
N PRO C 413 24.10 2.63 -47.43
CA PRO C 413 24.38 2.70 -45.99
C PRO C 413 23.22 2.22 -45.13
N ILE C 414 23.48 1.99 -43.85
CA ILE C 414 22.44 1.55 -42.93
C ILE C 414 21.34 2.59 -42.89
N THR C 415 20.09 2.16 -43.06
CA THR C 415 19.00 3.10 -43.03
C THR C 415 18.02 2.75 -41.92
N PRO C 416 17.43 3.73 -41.26
CA PRO C 416 16.41 3.43 -40.25
C PRO C 416 15.16 2.87 -40.90
N PHE C 417 14.54 1.93 -40.21
CA PHE C 417 13.33 1.29 -40.70
C PHE C 417 12.13 1.83 -39.94
N PRO C 418 11.09 2.29 -40.65
CA PRO C 418 9.97 3.01 -40.03
C PRO C 418 9.39 2.41 -38.76
N CYS C 419 9.77 2.98 -37.63
CA CYS C 419 9.40 2.47 -36.30
C CYS C 419 9.04 3.67 -35.43
N SER C 420 7.77 3.79 -35.05
CA SER C 420 7.37 4.84 -34.13
C SER C 420 7.84 4.52 -32.73
N ALA C 421 8.14 5.56 -31.97
CA ALA C 421 8.60 5.39 -30.60
C ALA C 421 8.18 6.60 -29.77
N ILE C 422 8.07 6.38 -28.47
CA ILE C 422 7.76 7.42 -27.50
C ILE C 422 8.85 7.44 -26.45
N ASP C 423 9.34 8.62 -26.11
CA ASP C 423 9.96 8.82 -24.82
C ASP C 423 9.21 9.92 -24.06
N PHE C 424 9.08 9.74 -22.75
CA PHE C 424 8.31 10.65 -21.92
C PHE C 424 9.03 10.85 -20.60
N HIS C 425 8.69 11.94 -19.92
CA HIS C 425 9.03 12.10 -18.51
C HIS C 425 7.88 12.76 -17.78
N ILE C 426 7.68 12.36 -16.52
CA ILE C 426 6.74 13.03 -15.63
C ILE C 426 7.57 13.78 -14.59
N LEU C 427 7.37 15.09 -14.50
CA LEU C 427 8.27 15.95 -13.75
C LEU C 427 7.83 16.05 -12.29
N TYR C 428 8.06 14.96 -11.58
CA TYR C 428 7.97 14.92 -10.15
C TYR C 428 9.02 15.82 -9.49
N ASP C 429 8.78 16.14 -8.22
CA ASP C 429 9.38 17.31 -7.59
C ASP C 429 10.90 17.29 -7.61
N SER C 430 11.52 16.17 -7.28
CA SER C 430 12.98 16.11 -7.20
C SER C 430 13.60 15.33 -8.36
N SER C 431 12.89 15.24 -9.48
CA SER C 431 13.25 14.33 -10.55
C SER C 431 14.28 14.90 -11.52
N GLY C 432 14.72 16.13 -11.31
CA GLY C 432 15.41 16.88 -12.33
C GLY C 432 14.45 17.51 -13.32
N ILE C 433 14.98 18.46 -14.08
CA ILE C 433 14.17 19.24 -15.02
C ILE C 433 14.85 19.29 -16.37
N ASP C 434 16.09 18.84 -16.45
CA ASP C 434 16.78 18.67 -17.71
C ASP C 434 17.10 17.21 -17.94
N PHE C 435 17.12 16.82 -19.21
CA PHE C 435 17.13 15.41 -19.60
C PHE C 435 18.29 14.64 -18.99
N ASP C 436 19.50 15.20 -19.06
CA ASP C 436 20.67 14.49 -18.55
C ASP C 436 20.63 14.34 -17.04
N ARG C 437 20.13 15.34 -16.34
CA ARG C 437 19.97 15.25 -14.89
C ARG C 437 18.86 14.29 -14.52
N ILE C 438 17.75 14.30 -15.24
CA ILE C 438 16.67 13.35 -15.01
C ILE C 438 17.18 11.92 -15.08
N ARG C 439 17.86 11.57 -16.17
CA ARG C 439 18.34 10.21 -16.38
C ARG C 439 19.48 9.84 -15.45
N GLU C 440 20.36 10.79 -15.13
CA GLU C 440 21.41 10.52 -14.15
C GLU C 440 20.85 10.16 -12.79
N LYS C 441 19.81 10.87 -12.36
CA LYS C 441 19.12 10.54 -11.12
C LYS C 441 18.48 9.16 -11.14
N LEU C 442 18.25 8.61 -12.31
CA LEU C 442 17.71 7.26 -12.46
C LEU C 442 18.77 6.21 -12.68
N ARG C 443 20.03 6.54 -12.47
CA ARG C 443 21.12 5.57 -12.51
C ARG C 443 21.75 5.47 -11.13
N PRO C 444 21.15 4.68 -10.23
CA PRO C 444 21.66 4.62 -8.85
C PRO C 444 23.03 4.00 -8.75
N GLU C 445 23.42 3.19 -9.73
CA GLU C 445 24.78 2.74 -9.91
C GLU C 445 25.09 2.79 -11.40
N ASP C 446 26.37 2.91 -11.72
CA ASP C 446 26.76 3.02 -13.13
C ASP C 446 26.50 1.75 -13.94
N ASN C 447 26.23 0.62 -13.29
CA ASN C 447 25.80 -0.58 -13.99
C ASN C 447 24.29 -0.65 -14.23
N THR C 448 23.52 0.28 -13.69
CA THR C 448 22.08 0.16 -13.55
C THR C 448 21.38 1.38 -14.11
N GLU C 449 20.34 1.16 -14.89
CA GLU C 449 19.42 2.19 -15.35
C GLU C 449 18.01 1.82 -14.90
N LEU C 450 17.37 2.70 -14.13
CA LEU C 450 15.97 2.52 -13.75
C LEU C 450 15.00 3.03 -14.79
N TYR C 451 15.33 2.86 -16.06
CA TYR C 451 14.44 3.20 -17.16
C TYR C 451 14.74 2.24 -18.31
N ASN C 452 13.74 2.00 -19.14
CA ASN C 452 13.87 1.15 -20.32
C ASN C 452 13.25 1.87 -21.49
N ARG C 453 13.97 2.85 -22.01
CA ARG C 453 13.38 3.78 -22.96
C ARG C 453 14.24 3.85 -24.20
N PRO C 454 13.67 4.22 -25.36
CA PRO C 454 12.28 4.60 -25.64
C PRO C 454 11.34 3.42 -25.76
N TYR C 455 10.05 3.71 -25.88
CA TYR C 455 9.02 2.71 -26.06
C TYR C 455 8.56 2.70 -27.51
N VAL C 456 8.73 1.56 -28.17
CA VAL C 456 8.30 1.39 -29.55
C VAL C 456 6.79 1.29 -29.63
N VAL C 457 6.21 2.03 -30.56
CA VAL C 457 4.76 2.08 -30.74
C VAL C 457 4.31 1.32 -31.97
N THR C 458 5.18 1.14 -32.96
CA THR C 458 4.87 0.33 -34.13
C THR C 458 4.51 -1.09 -33.70
N ALA C 459 3.52 -1.66 -34.38
CA ALA C 459 3.08 -3.02 -34.05
C ALA C 459 4.17 -4.03 -34.37
N ALA C 460 4.23 -5.08 -33.55
CA ALA C 460 5.25 -6.11 -33.67
C ALA C 460 5.21 -6.78 -35.04
N GLU C 461 4.03 -6.83 -35.64
CA GLU C 461 3.88 -7.43 -36.96
C GLU C 461 4.61 -6.63 -38.04
N ASN C 462 4.45 -5.30 -38.02
CA ASN C 462 5.09 -4.45 -39.02
C ASN C 462 6.60 -4.32 -38.86
N LEU C 463 7.16 -4.70 -37.72
CA LEU C 463 8.60 -4.66 -37.55
C LEU C 463 9.32 -5.95 -37.89
N SER C 464 8.62 -7.06 -38.11
CA SER C 464 9.25 -8.37 -38.10
C SER C 464 10.37 -8.49 -39.13
N GLN C 465 10.30 -7.75 -40.23
CA GLN C 465 11.36 -7.78 -41.24
C GLN C 465 12.53 -6.85 -40.93
N ALA C 466 12.46 -6.04 -39.88
CA ALA C 466 13.53 -5.12 -39.56
C ALA C 466 14.66 -5.83 -38.82
N GLN C 467 15.87 -5.29 -38.96
CA GLN C 467 16.90 -5.52 -37.96
C GLN C 467 16.51 -4.90 -36.64
N GLY C 468 16.92 -5.54 -35.55
CA GLY C 468 16.54 -5.05 -34.24
C GLY C 468 15.13 -5.38 -33.85
N TYR C 469 14.52 -6.39 -34.48
CA TYR C 469 13.16 -6.77 -34.14
C TYR C 469 13.06 -7.21 -32.69
N GLU C 470 13.98 -8.06 -32.25
CA GLU C 470 14.03 -8.48 -30.86
C GLU C 470 14.27 -7.29 -29.94
N TRP C 471 15.07 -6.31 -30.37
CA TRP C 471 15.22 -5.09 -29.60
C TRP C 471 13.90 -4.33 -29.47
N SER C 472 13.18 -4.17 -30.58
CA SER C 472 11.90 -3.47 -30.57
C SER C 472 10.89 -4.09 -29.63
N GLN C 473 10.93 -5.40 -29.45
CA GLN C 473 9.99 -6.05 -28.54
C GLN C 473 10.36 -5.85 -27.09
N ALA C 474 11.66 -5.83 -26.77
CA ALA C 474 12.07 -5.44 -25.42
C ALA C 474 11.66 -4.00 -25.12
N HIS C 475 11.69 -3.13 -26.12
CA HIS C 475 11.30 -1.74 -25.99
C HIS C 475 9.89 -1.45 -26.45
N SER C 476 9.04 -2.47 -26.58
CA SER C 476 7.68 -2.22 -27.02
C SER C 476 6.88 -1.50 -25.94
N LEU C 477 6.12 -0.47 -26.35
CA LEU C 477 5.24 0.22 -25.43
C LEU C 477 4.20 -0.69 -24.81
N GLN C 478 3.76 -1.72 -25.53
CA GLN C 478 2.79 -2.64 -24.99
C GLN C 478 3.29 -3.30 -23.70
N THR C 479 4.60 -3.56 -23.63
CA THR C 479 5.17 -4.13 -22.42
C THR C 479 5.01 -3.20 -21.22
N LEU C 480 5.14 -1.88 -21.45
CA LEU C 480 4.86 -0.93 -20.38
C LEU C 480 3.38 -0.88 -20.01
N ALA C 481 2.51 -0.82 -21.02
CA ALA C 481 1.08 -0.76 -20.77
C ALA C 481 0.55 -2.00 -20.05
N ASP C 482 1.12 -3.18 -20.33
CA ASP C 482 0.78 -4.37 -19.58
C ASP C 482 1.14 -4.23 -18.11
N ARG C 483 2.37 -3.82 -17.83
CA ARG C 483 2.83 -3.67 -16.47
C ARG C 483 2.02 -2.62 -15.71
N VAL C 484 1.64 -1.54 -16.40
CA VAL C 484 0.74 -0.56 -15.81
C VAL C 484 -0.63 -1.17 -15.53
N SER C 485 -1.14 -1.99 -16.45
CA SER C 485 -2.40 -2.69 -16.20
C SER C 485 -2.33 -3.59 -14.97
N TYR C 486 -1.24 -4.34 -14.83
CA TYR C 486 -1.07 -5.17 -13.63
C TYR C 486 -1.04 -4.33 -12.36
N LEU C 487 -0.35 -3.20 -12.38
CA LEU C 487 -0.35 -2.31 -11.22
C LEU C 487 -1.74 -1.81 -10.90
N ARG C 488 -2.52 -1.49 -11.93
CA ARG C 488 -3.87 -0.98 -11.73
C ARG C 488 -4.89 -2.07 -11.40
N SER C 489 -4.64 -3.30 -11.80
CA SER C 489 -5.59 -4.39 -11.62
C SER C 489 -5.89 -4.64 -10.14
N GLU C 490 -6.99 -5.34 -9.90
CA GLU C 490 -7.48 -5.63 -8.56
C GLU C 490 -7.57 -7.13 -8.34
N ASP C 491 -7.48 -7.52 -7.07
CA ASP C 491 -7.79 -8.88 -6.63
C ASP C 491 -9.30 -9.08 -6.47
N GLY C 492 -9.69 -10.31 -6.11
CA GLY C 492 -11.08 -10.64 -5.88
C GLY C 492 -11.73 -9.93 -4.71
N GLU C 493 -10.92 -9.40 -3.78
CA GLU C 493 -11.44 -8.51 -2.75
C GLU C 493 -11.79 -7.13 -3.28
N GLY C 494 -11.36 -6.81 -4.50
CA GLY C 494 -11.43 -5.43 -4.96
C GLY C 494 -10.31 -4.57 -4.43
N LYS C 495 -9.37 -5.16 -3.70
CA LYS C 495 -8.09 -4.53 -3.40
C LYS C 495 -7.13 -4.72 -4.56
N SER C 496 -6.15 -3.82 -4.64
CA SER C 496 -5.21 -3.82 -5.75
C SER C 496 -4.36 -5.09 -5.71
N ALA C 497 -4.03 -5.60 -6.91
CA ALA C 497 -3.25 -6.82 -6.98
C ALA C 497 -1.82 -6.62 -6.49
N LEU C 498 -1.25 -5.43 -6.65
CA LEU C 498 -0.09 -5.03 -5.86
C LEU C 498 -0.45 -3.82 -5.02
N PRO C 499 -0.31 -3.89 -3.69
CA PRO C 499 -0.57 -2.72 -2.86
C PRO C 499 0.47 -1.62 -3.07
N SER C 500 0.07 -0.40 -2.72
CA SER C 500 0.98 0.73 -2.76
C SER C 500 2.17 0.53 -1.83
N SER C 501 1.93 -0.02 -0.65
CA SER C 501 3.00 -0.28 0.30
C SER C 501 4.08 -1.16 -0.31
N GLN C 502 3.68 -2.18 -1.08
CA GLN C 502 4.63 -3.04 -1.75
C GLN C 502 5.24 -2.40 -2.99
N SER C 503 4.44 -1.63 -3.74
CA SER C 503 4.98 -0.86 -4.84
C SER C 503 6.07 0.10 -4.37
N HIS C 504 5.84 0.74 -3.23
CA HIS C 504 6.81 1.69 -2.71
C HIS C 504 8.08 1.00 -2.22
N ALA C 505 7.94 -0.17 -1.59
CA ALA C 505 9.10 -0.98 -1.23
C ALA C 505 9.92 -1.40 -2.45
N LEU C 506 9.25 -1.69 -3.57
CA LEU C 506 9.96 -2.02 -4.79
C LEU C 506 10.65 -0.81 -5.42
N ARG C 507 10.00 0.36 -5.38
CA ARG C 507 10.70 1.60 -5.72
C ARG C 507 11.99 1.76 -4.93
N THR C 508 11.92 1.57 -3.62
CA THR C 508 13.12 1.66 -2.79
C THR C 508 14.16 0.60 -3.15
N ALA C 509 13.72 -0.64 -3.37
CA ALA C 509 14.64 -1.72 -3.72
C ALA C 509 15.41 -1.43 -5.00
N LEU C 510 14.76 -0.80 -5.99
CA LEU C 510 15.41 -0.54 -7.26
C LEU C 510 16.66 0.33 -7.11
N TYR C 511 16.72 1.16 -6.08
CA TYR C 511 17.91 1.98 -5.85
C TYR C 511 19.03 1.25 -5.13
N LEU C 512 18.81 0.03 -4.69
CA LEU C 512 19.83 -0.72 -3.97
C LEU C 512 20.79 -1.40 -4.94
N GLU C 513 21.81 -2.06 -4.39
CA GLU C 513 22.65 -2.93 -5.19
C GLU C 513 21.78 -4.03 -5.80
N LYS C 514 22.15 -4.47 -7.00
CA LYS C 514 21.26 -5.35 -7.75
C LYS C 514 20.93 -6.61 -6.98
N ASN C 515 21.89 -7.13 -6.21
CA ASN C 515 21.58 -8.29 -5.38
C ASN C 515 20.62 -7.94 -4.24
N GLU C 516 20.68 -6.71 -3.72
CA GLU C 516 19.68 -6.28 -2.76
C GLU C 516 18.35 -6.01 -3.44
N ALA C 517 18.39 -5.39 -4.62
CA ALA C 517 17.16 -5.18 -5.39
C ALA C 517 16.50 -6.49 -5.77
N ASP C 518 17.30 -7.46 -6.26
CA ASP C 518 16.75 -8.76 -6.61
C ASP C 518 16.32 -9.57 -5.40
N ALA C 519 17.00 -9.43 -4.27
CA ALA C 519 16.56 -10.07 -3.04
C ALA C 519 15.19 -9.56 -2.61
N GLN C 520 15.03 -8.24 -2.58
CA GLN C 520 13.73 -7.65 -2.27
C GLN C 520 12.66 -8.09 -3.25
N TYR C 521 12.96 -8.09 -4.54
CA TYR C 521 12.01 -8.59 -5.54
C TYR C 521 11.62 -10.03 -5.29
N SER C 522 12.55 -10.87 -4.85
CA SER C 522 12.19 -12.25 -4.50
C SER C 522 11.22 -12.30 -3.34
N LEU C 523 11.52 -11.59 -2.26
CA LEU C 523 10.65 -11.57 -1.09
C LEU C 523 9.24 -11.10 -1.43
N ILE C 524 9.12 -10.02 -2.18
CA ILE C 524 7.80 -9.46 -2.44
C ILE C 524 7.03 -10.30 -3.46
N SER C 525 7.72 -10.86 -4.45
CA SER C 525 7.04 -11.70 -5.43
C SER C 525 6.66 -13.06 -4.88
N GLN C 526 7.31 -13.55 -3.83
CA GLN C 526 6.80 -14.71 -3.12
C GLN C 526 5.42 -14.44 -2.54
N ARG C 527 5.23 -13.24 -2.02
CA ARG C 527 4.00 -12.82 -1.37
C ARG C 527 2.93 -12.31 -2.32
N TYR C 528 3.31 -11.68 -3.42
CA TYR C 528 2.38 -11.09 -4.39
C TYR C 528 2.74 -11.56 -5.78
N LYS C 529 2.17 -12.69 -6.17
CA LYS C 529 2.64 -13.44 -7.33
C LYS C 529 2.45 -12.73 -8.65
N ILE C 530 1.61 -11.69 -8.71
CA ILE C 530 1.49 -10.89 -9.93
C ILE C 530 2.81 -10.28 -10.37
N LEU C 531 3.76 -10.07 -9.45
CA LEU C 531 5.07 -9.54 -9.81
C LEU C 531 5.88 -10.44 -10.73
N LYS C 532 5.52 -11.71 -10.87
CA LYS C 532 6.20 -12.56 -11.85
C LYS C 532 6.11 -11.98 -13.25
N ASN C 533 4.98 -11.36 -13.58
CA ASN C 533 4.81 -10.72 -14.87
C ASN C 533 5.71 -9.51 -15.04
N PHE C 534 6.19 -8.92 -13.95
CA PHE C 534 7.12 -7.80 -14.05
C PHE C 534 8.58 -8.24 -14.14
N ALA C 535 8.87 -9.53 -13.99
CA ALA C 535 10.23 -9.99 -14.16
C ALA C 535 10.70 -9.74 -15.57
N GLU C 536 12.01 -9.54 -15.73
CA GLU C 536 12.57 -9.21 -17.03
C GLU C 536 13.76 -10.07 -17.43
N ASP C 537 14.42 -10.74 -16.50
CA ASP C 537 15.59 -11.55 -16.80
C ASP C 537 15.23 -12.86 -17.50
N GLY C 538 13.96 -13.24 -17.51
CA GLY C 538 13.53 -14.54 -18.01
C GLY C 538 13.77 -15.69 -17.07
N GLU C 539 14.77 -15.57 -16.20
CA GLU C 539 14.92 -16.47 -15.07
C GLU C 539 13.88 -16.24 -13.99
N ASN C 540 13.01 -15.24 -14.18
CA ASN C 540 11.91 -14.93 -13.26
C ASN C 540 12.41 -14.61 -11.86
N LYS C 541 13.57 -13.96 -11.76
CA LYS C 541 14.15 -13.66 -10.46
C LYS C 541 14.73 -12.24 -10.36
N SER C 542 14.50 -11.38 -11.34
CA SER C 542 14.96 -10.01 -11.28
C SER C 542 13.97 -9.11 -11.99
N LEU C 543 13.79 -7.90 -11.46
CA LEU C 543 13.15 -6.84 -12.22
C LEU C 543 14.04 -6.26 -13.30
N PHE C 544 15.34 -6.53 -13.27
CA PHE C 544 16.28 -6.05 -14.26
C PHE C 544 16.52 -7.11 -15.33
N HIS C 545 16.81 -6.66 -16.55
CA HIS C 545 17.48 -7.48 -17.54
C HIS C 545 18.71 -6.75 -18.04
N LEU C 546 19.71 -7.53 -18.42
CA LEU C 546 20.93 -6.98 -19.00
C LEU C 546 20.69 -6.50 -20.41
N GLU C 547 21.13 -5.27 -20.69
CA GLU C 547 20.92 -4.61 -21.96
C GLU C 547 22.14 -3.74 -22.25
N ASN C 548 22.88 -4.08 -23.29
CA ASN C 548 24.10 -3.36 -23.66
C ASN C 548 25.04 -3.19 -22.47
N GLY C 549 25.13 -4.22 -21.64
CA GLY C 549 25.98 -4.19 -20.47
C GLY C 549 25.44 -3.46 -19.26
N LYS C 550 24.26 -2.85 -19.36
CA LYS C 550 23.60 -2.22 -18.23
C LYS C 550 22.42 -3.07 -17.78
N TYR C 551 22.22 -3.17 -16.48
CA TYR C 551 20.96 -3.66 -15.96
C TYR C 551 19.89 -2.57 -16.03
N VAL C 552 18.82 -2.85 -16.75
CA VAL C 552 17.75 -1.90 -16.99
C VAL C 552 16.44 -2.53 -16.51
N THR C 553 15.49 -1.70 -16.12
CA THR C 553 14.19 -2.18 -15.69
C THR C 553 13.09 -1.29 -16.23
N ARG C 554 11.97 -1.90 -16.59
CA ARG C 554 10.72 -1.22 -16.89
C ARG C 554 9.91 -0.89 -15.65
N PHE C 555 10.27 -1.41 -14.48
CA PHE C 555 9.37 -1.34 -13.34
C PHE C 555 9.15 0.09 -12.83
N LEU C 556 10.21 0.89 -12.77
CA LEU C 556 10.04 2.25 -12.30
C LEU C 556 9.27 3.11 -13.28
N ASP C 557 9.42 2.84 -14.57
CA ASP C 557 8.57 3.48 -15.57
C ASP C 557 7.11 3.17 -15.35
N ALA C 558 6.80 1.91 -15.03
CA ALA C 558 5.42 1.51 -14.76
C ALA C 558 4.88 2.16 -13.49
N LEU C 559 5.67 2.21 -12.43
CA LEU C 559 5.22 2.86 -11.20
C LEU C 559 4.92 4.33 -11.42
N ASP C 560 5.81 5.03 -12.10
CA ASP C 560 5.61 6.43 -12.39
C ASP C 560 4.44 6.65 -13.35
N ALA C 561 4.41 5.92 -14.46
CA ALA C 561 3.38 6.09 -15.47
C ALA C 561 2.04 5.49 -15.09
N LYS C 562 1.91 4.95 -13.88
CA LYS C 562 0.71 4.22 -13.48
C LYS C 562 -0.58 4.96 -13.77
N ASP C 563 -0.62 6.27 -13.51
CA ASP C 563 -1.82 7.07 -13.68
C ASP C 563 -1.88 7.85 -14.98
N PHE C 564 -1.04 7.53 -15.96
CA PHE C 564 -0.94 8.34 -17.16
C PHE C 564 -1.31 7.59 -18.44
N PHE C 565 -2.05 6.50 -18.32
CA PHE C 565 -2.54 5.69 -19.43
C PHE C 565 -4.06 5.72 -19.47
N ALA C 566 -4.65 6.89 -19.20
CA ALA C 566 -6.09 6.96 -18.94
C ALA C 566 -6.97 6.57 -20.13
N ASN C 567 -6.62 7.02 -21.34
CA ASN C 567 -7.41 6.71 -22.53
C ASN C 567 -8.79 7.36 -22.45
N ALA C 568 -9.87 6.56 -22.45
CA ALA C 568 -11.30 6.93 -22.51
C ALA C 568 -11.87 6.46 -23.83
N ASN C 569 -11.04 5.73 -24.58
CA ASN C 569 -11.45 4.99 -25.76
C ASN C 569 -11.44 3.51 -25.43
N HIS C 570 -11.40 3.21 -24.13
CA HIS C 570 -11.52 1.88 -23.56
C HIS C 570 -10.43 0.98 -24.12
N MET D 1 -1.24 40.57 7.76
CA MET D 1 -1.85 39.94 8.92
C MET D 1 -2.04 38.43 8.69
N ALA D 2 -2.24 37.70 9.79
CA ALA D 2 -2.62 36.30 9.75
C ALA D 2 -4.13 36.19 9.53
N ARG D 3 -4.68 35.00 9.73
CA ARG D 3 -6.12 34.85 9.90
C ARG D 3 -6.55 35.55 11.18
N LYS D 4 -7.58 36.38 11.09
CA LYS D 4 -8.08 37.07 12.27
C LYS D 4 -8.82 36.10 13.18
N VAL D 5 -8.33 35.98 14.42
CA VAL D 5 -8.93 35.13 15.44
C VAL D 5 -9.41 36.02 16.57
N THR D 6 -10.68 35.87 16.94
CA THR D 6 -11.20 36.61 18.10
C THR D 6 -10.82 35.91 19.40
N THR D 7 -11.21 34.65 19.55
CA THR D 7 -10.78 33.83 20.68
C THR D 7 -10.28 32.51 20.14
N ARG D 8 -9.11 32.09 20.60
CA ARG D 8 -8.65 30.73 20.41
C ARG D 8 -9.09 29.88 21.59
N TRP D 9 -9.68 28.73 21.30
CA TRP D 9 -10.14 27.80 22.31
C TRP D 9 -9.28 26.55 22.26
N LYS D 10 -8.56 26.29 23.33
CA LYS D 10 -7.95 24.97 23.53
C LYS D 10 -8.95 24.09 24.26
N ILE D 11 -9.30 22.98 23.63
CA ILE D 11 -10.41 22.14 24.07
C ILE D 11 -9.83 20.76 24.26
N THR D 12 -9.73 20.32 25.50
CA THR D 12 -8.92 19.15 25.83
C THR D 12 -9.69 18.24 26.79
N GLY D 13 -9.25 17.00 26.84
CA GLY D 13 -9.85 16.02 27.70
C GLY D 13 -9.32 14.64 27.35
N THR D 14 -9.89 13.63 27.99
CA THR D 14 -9.49 12.26 27.76
C THR D 14 -10.61 11.53 27.07
N LEU D 15 -10.35 11.05 25.86
CA LEU D 15 -11.24 10.13 25.17
C LEU D 15 -10.92 8.71 25.58
N ILE D 16 -11.92 7.99 26.07
CA ILE D 16 -11.78 6.61 26.51
C ILE D 16 -12.50 5.72 25.51
N ALA D 17 -11.84 4.63 25.13
CA ALA D 17 -12.44 3.54 24.36
C ALA D 17 -13.52 2.85 25.19
N GLU D 18 -14.77 3.02 24.81
CA GLU D 18 -15.87 2.35 25.48
C GLU D 18 -16.18 0.97 24.89
N THR D 19 -15.71 0.70 23.70
CA THR D 19 -15.58 -0.64 23.14
C THR D 19 -14.11 -0.77 22.76
N PRO D 20 -13.65 -1.90 22.24
CA PRO D 20 -12.37 -1.87 21.54
C PRO D 20 -12.42 -0.94 20.34
N LEU D 21 -11.26 -0.65 19.80
CA LEU D 21 -11.16 0.26 18.68
C LEU D 21 -10.19 -0.29 17.67
N HIS D 22 -10.49 -0.04 16.41
CA HIS D 22 -9.57 -0.32 15.34
C HIS D 22 -9.57 0.87 14.41
N ILE D 23 -8.39 1.45 14.23
CA ILE D 23 -8.16 2.43 13.19
C ILE D 23 -7.06 1.80 12.38
N GLY D 24 -7.29 1.67 11.13
CA GLY D 24 -6.34 0.99 10.30
C GLY D 24 -5.29 1.89 9.70
N GLY D 25 -4.22 1.22 9.33
CA GLY D 25 -3.06 1.88 8.78
C GLY D 25 -2.75 1.14 7.50
N VAL D 26 -1.83 1.69 6.72
CA VAL D 26 -1.44 0.96 5.51
C VAL D 26 -0.72 -0.34 5.88
N GLY D 27 0.27 -0.26 6.75
CA GLY D 27 1.06 -1.43 7.10
C GLY D 27 1.16 -1.78 8.57
N THR D 32 -4.67 -8.71 7.12
CA THR D 32 -6.06 -8.60 6.69
C THR D 32 -6.72 -7.39 7.33
N ASP D 33 -6.65 -7.34 8.66
CA ASP D 33 -7.03 -6.17 9.45
C ASP D 33 -6.19 -6.16 10.71
N LEU D 34 -4.95 -6.59 10.60
CA LEU D 34 -4.01 -6.69 11.69
C LEU D 34 -3.05 -5.51 11.75
N ALA D 35 -3.21 -4.53 10.88
CA ALA D 35 -2.40 -3.32 10.90
C ALA D 35 -3.20 -2.19 11.52
N LEU D 36 -2.81 -1.78 12.71
CA LEU D 36 -3.37 -0.62 13.38
C LEU D 36 -2.53 0.59 13.06
N ALA D 37 -3.18 1.76 12.98
CA ALA D 37 -2.48 3.01 12.79
C ALA D 37 -1.41 3.24 13.86
N VAL D 38 -0.18 3.48 13.43
CA VAL D 38 0.94 3.75 14.32
C VAL D 38 1.61 5.04 13.86
N ASN D 39 1.99 5.89 14.80
CA ASN D 39 2.79 7.06 14.46
C ASN D 39 4.23 6.65 14.08
N GLY D 40 5.07 7.65 13.86
CA GLY D 40 6.47 7.42 13.52
C GLY D 40 7.30 6.77 14.59
N ALA D 41 6.90 6.90 15.86
CA ALA D 41 7.50 6.13 16.94
C ALA D 41 7.00 4.69 16.99
N GLY D 42 6.08 4.30 16.11
CA GLY D 42 5.48 2.99 16.16
C GLY D 42 4.49 2.78 17.28
N GLU D 43 4.13 3.83 18.00
CA GLU D 43 3.07 3.76 18.98
C GLU D 43 1.71 3.84 18.31
N TYR D 44 0.75 3.06 18.81
CA TYR D 44 -0.62 3.19 18.36
C TYR D 44 -1.17 4.56 18.71
N TYR D 45 -1.92 5.13 17.77
CA TYR D 45 -2.41 6.47 17.92
C TYR D 45 -3.72 6.61 17.17
N VAL D 46 -4.46 7.66 17.47
CA VAL D 46 -5.58 8.11 16.66
C VAL D 46 -5.06 9.20 15.73
N PRO D 47 -5.05 8.99 14.42
CA PRO D 47 -4.81 10.10 13.49
C PRO D 47 -5.86 11.18 13.60
N GLY D 48 -5.42 12.43 13.62
CA GLY D 48 -6.35 13.54 13.61
C GLY D 48 -7.25 13.61 12.41
N THR D 49 -6.81 13.07 11.27
CA THR D 49 -7.71 12.93 10.12
C THR D 49 -8.87 11.99 10.42
N SER D 50 -8.61 10.90 11.14
CA SER D 50 -9.67 9.95 11.45
C SER D 50 -10.59 10.48 12.55
N LEU D 51 -10.05 11.17 13.55
CA LEU D 51 -10.89 11.79 14.57
C LEU D 51 -11.69 12.94 14.00
N ALA D 52 -11.08 13.76 13.14
CA ALA D 52 -11.82 14.86 12.53
C ALA D 52 -13.03 14.36 11.74
N GLY D 53 -12.83 13.32 10.93
CA GLY D 53 -13.93 12.82 10.14
C GLY D 53 -15.03 12.20 10.95
N ALA D 54 -14.68 11.60 12.08
CA ALA D 54 -15.68 11.17 13.05
C ALA D 54 -16.49 12.34 13.59
N LEU D 55 -15.80 13.38 14.04
CA LEU D 55 -16.47 14.56 14.55
C LEU D 55 -17.20 15.32 13.46
N ARG D 56 -16.52 15.55 12.32
CA ARG D 56 -17.18 16.19 11.18
C ARG D 56 -18.33 15.35 10.66
N GLY D 57 -18.16 14.03 10.62
CA GLY D 57 -19.23 13.16 10.19
C GLY D 57 -20.47 13.27 11.05
N TRP D 58 -20.29 13.26 12.37
CA TRP D 58 -21.40 13.43 13.28
C TRP D 58 -22.14 14.75 13.07
N MET D 59 -21.40 15.86 13.04
CA MET D 59 -22.01 17.15 12.81
C MET D 59 -22.77 17.21 11.48
N THR D 60 -22.28 16.51 10.47
CA THR D 60 -22.99 16.45 9.20
C THR D 60 -24.34 15.76 9.34
N GLN D 61 -24.38 14.67 10.12
CA GLN D 61 -25.65 14.01 10.40
C GLN D 61 -26.54 14.88 11.30
N LEU D 62 -25.94 15.57 12.27
CA LEU D 62 -26.67 16.52 13.09
C LEU D 62 -27.36 17.58 12.23
N LEU D 63 -26.59 18.27 11.40
CA LEU D 63 -27.07 19.44 10.69
C LEU D 63 -27.76 19.10 9.38
N ASN D 64 -28.25 17.88 9.24
CA ASN D 64 -29.04 17.47 8.07
C ASN D 64 -28.29 17.77 6.77
N ASN D 65 -26.97 17.58 6.81
CA ASN D 65 -26.09 17.87 5.69
C ASN D 65 -26.17 19.32 5.22
N ASP D 66 -26.46 20.25 6.13
CA ASP D 66 -26.32 21.68 5.84
C ASP D 66 -24.83 21.95 5.63
N GLU D 67 -24.40 21.92 4.36
CA GLU D 67 -22.97 21.98 4.05
C GLU D 67 -22.34 23.28 4.54
N SER D 68 -23.09 24.39 4.49
CA SER D 68 -22.52 25.69 4.81
C SER D 68 -22.08 25.76 6.28
N GLN D 69 -22.92 25.30 7.19
CA GLN D 69 -22.54 25.28 8.60
C GLN D 69 -21.35 24.37 8.86
N ILE D 70 -21.26 23.26 8.13
CA ILE D 70 -20.12 22.36 8.28
C ILE D 70 -18.83 23.02 7.79
N LYS D 71 -18.86 23.54 6.57
CA LYS D 71 -17.69 24.17 5.98
C LYS D 71 -17.26 25.42 6.73
N ASP D 72 -18.17 26.07 7.45
CA ASP D 72 -17.77 27.18 8.29
C ASP D 72 -16.91 26.76 9.48
N LEU D 73 -17.04 25.52 9.93
CA LEU D 73 -16.13 25.01 10.95
C LEU D 73 -14.96 24.20 10.39
N TRP D 74 -15.23 23.32 9.45
CA TRP D 74 -14.28 22.31 9.02
C TRP D 74 -13.52 22.70 7.78
N GLY D 75 -13.82 23.86 7.19
CA GLY D 75 -13.11 24.33 6.02
C GLY D 75 -13.59 23.72 4.72
N ASP D 76 -13.11 24.31 3.63
CA ASP D 76 -13.48 23.93 2.28
C ASP D 76 -12.39 24.38 1.34
N HIS D 77 -11.89 23.46 0.52
CA HIS D 77 -10.91 23.82 -0.49
C HIS D 77 -11.51 24.52 -1.71
N LEU D 78 -12.82 24.42 -1.91
CA LEU D 78 -13.48 24.93 -3.11
C LEU D 78 -13.99 26.36 -3.01
N ASP D 79 -14.74 26.69 -1.95
CA ASP D 79 -15.35 28.01 -1.83
C ASP D 79 -14.29 29.08 -1.62
N ALA D 80 -14.32 30.12 -2.46
CA ALA D 80 -13.36 31.21 -2.41
C ALA D 80 -13.34 31.96 -1.08
N LYS D 81 -14.39 31.85 -0.27
CA LYS D 81 -14.42 32.53 1.03
C LYS D 81 -13.89 31.68 2.18
N ARG D 82 -13.55 30.42 1.95
CA ARG D 82 -13.38 29.51 3.08
C ARG D 82 -11.95 29.04 3.33
N GLY D 83 -11.50 28.00 2.65
CA GLY D 83 -10.19 27.43 2.94
C GLY D 83 -10.06 26.61 4.21
N ALA D 84 -9.08 26.97 5.04
CA ALA D 84 -8.66 26.11 6.14
C ALA D 84 -9.70 25.95 7.25
N SER D 85 -9.70 24.76 7.83
CA SER D 85 -10.48 24.45 9.02
C SER D 85 -10.17 25.38 10.20
N PHE D 86 -11.21 25.77 10.91
CA PHE D 86 -11.07 26.48 12.17
C PHE D 86 -10.93 25.54 13.37
N VAL D 87 -11.39 24.30 13.23
CA VAL D 87 -11.04 23.22 14.15
C VAL D 87 -9.69 22.65 13.75
N ILE D 88 -8.74 22.62 14.68
CA ILE D 88 -7.55 21.79 14.57
C ILE D 88 -7.78 20.53 15.38
N VAL D 89 -7.55 19.38 14.78
CA VAL D 89 -7.61 18.10 15.47
C VAL D 89 -6.21 17.49 15.45
N ASP D 90 -5.57 17.43 16.61
CA ASP D 90 -4.28 16.80 16.75
C ASP D 90 -4.35 15.28 16.76
N ASP D 91 -3.22 14.65 16.44
CA ASP D 91 -3.00 13.23 16.64
C ASP D 91 -2.89 12.90 18.13
N ALA D 92 -3.44 11.76 18.54
CA ALA D 92 -3.43 11.37 19.96
C ALA D 92 -2.90 9.96 20.14
N VAL D 93 -1.81 9.83 20.90
CA VAL D 93 -1.26 8.52 21.22
C VAL D 93 -2.21 7.79 22.16
N ILE D 94 -2.44 6.51 21.86
CA ILE D 94 -3.34 5.69 22.66
C ILE D 94 -2.54 5.06 23.80
N HIS D 95 -2.99 5.33 25.02
CA HIS D 95 -2.44 4.68 26.21
C HIS D 95 -3.26 3.45 26.54
N ILE D 96 -2.79 2.33 26.02
CA ILE D 96 -3.31 1.02 26.42
C ILE D 96 -2.93 0.76 27.87
N PRO D 97 -3.86 0.44 28.75
CA PRO D 97 -3.53 0.28 30.16
C PRO D 97 -2.52 -0.82 30.41
N ASN D 98 -1.91 -0.78 31.60
CA ASN D 98 -0.87 -1.73 31.95
C ASN D 98 -1.40 -3.16 31.98
N ASN D 99 -0.49 -4.09 31.66
CA ASN D 99 -0.81 -5.51 31.49
C ASN D 99 -1.79 -5.76 30.35
N ALA D 100 -1.86 -4.84 29.38
CA ALA D 100 -2.71 -5.06 28.21
C ALA D 100 -1.93 -4.77 26.93
N ASP D 101 -2.41 -5.39 25.86
CA ASP D 101 -1.80 -5.30 24.55
C ASP D 101 -2.92 -5.32 23.51
N VAL D 102 -2.54 -5.09 22.26
CA VAL D 102 -3.46 -5.32 21.15
C VAL D 102 -3.95 -6.76 21.15
N GLU D 103 -5.26 -6.93 21.01
CA GLU D 103 -5.92 -8.22 20.85
C GLU D 103 -6.15 -8.46 19.37
N ILE D 104 -6.39 -9.73 19.02
CA ILE D 104 -6.85 -10.09 17.68
C ILE D 104 -8.20 -10.77 17.77
N ARG D 105 -9.20 -10.14 17.18
CA ARG D 105 -10.51 -10.74 16.92
C ARG D 105 -10.44 -11.67 15.72
N GLU D 106 -10.76 -12.93 15.90
CA GLU D 106 -10.87 -13.91 14.82
C GLU D 106 -12.34 -14.21 14.57
N GLY D 107 -12.76 -14.18 13.31
CA GLY D 107 -14.13 -14.58 13.06
C GLY D 107 -14.37 -15.19 11.69
N VAL D 108 -15.64 -15.54 11.45
CA VAL D 108 -16.02 -16.30 10.27
C VAL D 108 -17.44 -15.93 9.87
N GLY D 109 -17.68 -15.89 8.56
CA GLY D 109 -19.03 -15.90 8.04
C GLY D 109 -19.68 -17.26 8.10
N ILE D 110 -20.99 -17.27 8.31
CA ILE D 110 -21.75 -18.51 8.42
C ILE D 110 -22.66 -18.63 7.21
N ASP D 111 -22.48 -19.71 6.46
CA ASP D 111 -23.32 -20.03 5.31
C ASP D 111 -24.77 -20.14 5.72
N ARG D 112 -25.65 -19.44 5.00
CA ARG D 112 -27.04 -19.38 5.44
C ARG D 112 -27.81 -20.65 5.17
N HIS D 113 -27.42 -21.41 4.15
CA HIS D 113 -28.05 -22.70 3.91
C HIS D 113 -27.58 -23.77 4.89
N PHE D 114 -26.28 -24.02 4.95
CA PHE D 114 -25.77 -25.11 5.78
C PHE D 114 -25.63 -24.75 7.24
N GLY D 115 -25.58 -23.47 7.59
CA GLY D 115 -25.45 -23.10 8.98
C GLY D 115 -24.06 -23.24 9.52
N THR D 116 -23.06 -23.32 8.66
CA THR D 116 -21.71 -23.66 9.03
C THR D 116 -20.77 -22.61 8.46
N ALA D 117 -19.57 -22.57 8.99
CA ALA D 117 -18.53 -21.66 8.53
C ALA D 117 -18.36 -21.72 7.02
N ALA D 118 -18.66 -20.61 6.38
CA ALA D 118 -18.54 -20.50 4.93
C ALA D 118 -17.08 -20.49 4.51
N ASN D 119 -16.75 -21.29 3.50
CA ASN D 119 -15.37 -21.43 3.06
C ASN D 119 -14.89 -20.16 2.37
N GLY D 120 -13.77 -19.63 2.82
CA GLY D 120 -13.25 -18.39 2.31
C GLY D 120 -13.68 -17.13 3.02
N PHE D 121 -14.42 -17.26 4.12
CA PHE D 121 -14.98 -16.11 4.83
C PHE D 121 -14.50 -15.99 6.28
N LYS D 122 -13.31 -16.52 6.57
CA LYS D 122 -12.61 -16.19 7.81
C LYS D 122 -11.99 -14.80 7.75
N TYR D 123 -11.91 -14.16 8.92
CA TYR D 123 -11.36 -12.81 9.02
C TYR D 123 -10.68 -12.65 10.38
N SER D 124 -9.68 -11.78 10.43
CA SER D 124 -8.98 -11.43 11.66
C SER D 124 -8.88 -9.92 11.79
N ARG D 125 -9.11 -9.41 12.99
CA ARG D 125 -8.95 -7.98 13.22
C ARG D 125 -8.27 -7.68 14.55
N ALA D 126 -7.23 -6.86 14.48
CA ALA D 126 -6.53 -6.36 15.66
C ALA D 126 -7.26 -5.15 16.23
N VAL D 127 -7.37 -5.09 17.54
CA VAL D 127 -8.17 -4.05 18.18
C VAL D 127 -7.44 -3.49 19.39
N ILE D 128 -7.41 -2.16 19.49
CA ILE D 128 -7.01 -1.48 20.72
C ILE D 128 -8.00 -1.86 21.81
N PRO D 129 -7.56 -2.35 22.97
CA PRO D 129 -8.51 -2.84 23.96
C PRO D 129 -9.36 -1.74 24.59
N LYS D 130 -10.52 -2.17 25.09
CA LYS D 130 -11.42 -1.30 25.81
C LYS D 130 -10.76 -0.71 27.05
N GLY D 131 -11.17 0.50 27.40
CA GLY D 131 -10.59 1.24 28.49
C GLY D 131 -9.31 1.97 28.16
N SER D 132 -8.79 1.81 26.94
CA SER D 132 -7.67 2.60 26.48
C SER D 132 -8.04 4.07 26.35
N LYS D 133 -7.07 4.93 26.64
CA LYS D 133 -7.27 6.37 26.72
C LYS D 133 -6.40 7.08 25.70
N PHE D 134 -6.93 8.16 25.14
CA PHE D 134 -6.16 9.10 24.36
C PHE D 134 -6.74 10.49 24.55
N LYS D 135 -5.91 11.49 24.33
CA LYS D 135 -6.29 12.89 24.54
C LYS D 135 -7.30 13.35 23.51
N LEU D 136 -8.32 14.09 23.96
CA LEU D 136 -9.08 14.95 23.07
C LEU D 136 -8.22 16.16 22.71
N PRO D 137 -7.83 16.30 21.47
CA PRO D 137 -6.74 17.21 21.15
C PRO D 137 -7.17 18.36 20.23
N LEU D 138 -8.21 19.09 20.63
CA LEU D 138 -8.90 20.03 19.75
C LEU D 138 -8.48 21.46 20.04
N THR D 139 -8.33 22.25 18.98
CA THR D 139 -8.25 23.69 19.09
C THR D 139 -9.29 24.30 18.15
N PHE D 140 -10.01 25.30 18.65
CA PHE D 140 -10.97 26.04 17.84
C PHE D 140 -10.60 27.51 17.80
N ASP D 141 -10.43 28.05 16.59
CA ASP D 141 -10.31 29.49 16.36
C ASP D 141 -11.69 30.09 16.12
N SER D 142 -12.16 30.91 17.06
CA SER D 142 -13.41 31.63 16.90
C SER D 142 -13.17 32.97 16.23
N GLN D 143 -13.99 33.29 15.23
CA GLN D 143 -14.03 34.61 14.65
C GLN D 143 -15.20 35.47 15.15
N ASP D 144 -15.90 35.03 16.18
CA ASP D 144 -16.87 35.88 16.87
C ASP D 144 -16.86 35.55 18.36
N ASP D 145 -17.48 36.44 19.14
CA ASP D 145 -17.39 36.40 20.60
C ASP D 145 -18.39 35.38 21.18
N GLY D 146 -18.13 34.11 20.90
CA GLY D 146 -18.90 33.06 21.51
C GLY D 146 -18.25 31.72 21.29
N LEU D 147 -19.07 30.67 21.36
CA LEU D 147 -18.63 29.35 20.99
C LEU D 147 -19.79 28.79 20.18
N PRO D 148 -19.52 28.15 19.03
CA PRO D 148 -20.61 27.75 18.15
C PRO D 148 -21.50 26.67 18.75
N ASN D 149 -22.79 26.76 18.43
CA ASN D 149 -23.74 25.79 18.96
C ASN D 149 -23.41 24.37 18.52
N ALA D 150 -23.17 24.18 17.23
CA ALA D 150 -22.85 22.86 16.72
C ALA D 150 -21.58 22.29 17.33
N LEU D 151 -20.66 23.14 17.75
CA LEU D 151 -19.48 22.68 18.45
C LEU D 151 -19.77 22.32 19.90
N ILE D 152 -20.64 23.09 20.56
CA ILE D 152 -21.14 22.70 21.87
C ILE D 152 -21.92 21.40 21.79
N GLN D 153 -22.73 21.24 20.75
CA GLN D 153 -23.45 19.99 20.53
C GLN D 153 -22.50 18.83 20.33
N LEU D 154 -21.42 19.05 19.58
CA LEU D 154 -20.40 18.02 19.38
C LEU D 154 -19.75 17.59 20.69
N LEU D 155 -19.38 18.55 21.52
CA LEU D 155 -18.77 18.21 22.80
C LEU D 155 -19.74 17.47 23.71
N CYS D 156 -21.02 17.86 23.69
CA CYS D 156 -22.04 17.10 24.40
C CYS D 156 -22.16 15.69 23.86
N ALA D 157 -22.12 15.52 22.55
CA ALA D 157 -22.17 14.20 21.95
C ALA D 157 -20.96 13.35 22.35
N LEU D 158 -19.77 13.96 22.39
CA LEU D 158 -18.59 13.26 22.85
C LEU D 158 -18.70 12.83 24.30
N GLU D 159 -19.25 13.68 25.16
CA GLU D 159 -19.46 13.31 26.56
C GLU D 159 -20.56 12.27 26.71
N ALA D 160 -21.56 12.29 25.83
CA ALA D 160 -22.59 11.27 25.80
C ALA D 160 -22.10 9.92 25.26
N GLY D 161 -20.93 9.87 24.63
CA GLY D 161 -20.49 8.67 23.96
C GLY D 161 -21.12 8.42 22.60
N ASP D 162 -21.70 9.45 21.99
CA ASP D 162 -22.49 9.31 20.76
C ASP D 162 -21.67 9.18 19.48
N ILE D 163 -20.37 9.43 19.52
CA ILE D 163 -19.55 9.47 18.31
C ILE D 163 -18.72 8.19 18.22
N ARG D 164 -18.70 7.59 17.04
CA ARG D 164 -17.93 6.38 16.80
C ARG D 164 -16.70 6.65 15.94
N LEU D 165 -15.65 5.92 16.25
CA LEU D 165 -14.31 6.12 15.71
C LEU D 165 -13.79 4.80 15.16
N GLY D 166 -13.18 4.85 14.00
CA GLY D 166 -12.51 3.69 13.44
C GLY D 166 -13.41 2.74 12.67
N ALA D 167 -12.87 1.54 12.44
CA ALA D 167 -13.53 0.49 11.70
C ALA D 167 -14.50 -0.31 12.56
N ALA D 168 -15.28 -1.16 11.88
CA ALA D 168 -16.20 -2.11 12.49
C ALA D 168 -17.16 -1.44 13.46
N LYS D 169 -17.61 -0.25 13.10
CA LYS D 169 -18.51 0.54 13.95
C LYS D 169 -19.83 -0.18 14.19
N THR D 170 -20.39 -0.80 13.16
CA THR D 170 -21.64 -1.54 13.32
C THR D 170 -21.45 -2.92 13.90
N ARG D 171 -20.22 -3.42 13.93
CA ARG D 171 -20.03 -4.82 14.23
C ARG D 171 -19.09 -5.00 15.42
N GLY D 172 -19.33 -4.21 16.47
CA GLY D 172 -18.70 -4.42 17.76
C GLY D 172 -17.93 -3.22 18.29
N LEU D 173 -17.40 -2.37 17.41
CA LEU D 173 -16.29 -1.51 17.77
C LEU D 173 -16.66 -0.03 17.70
N GLY D 174 -15.67 0.81 18.04
CA GLY D 174 -15.66 2.22 17.75
C GLY D 174 -16.25 3.18 18.77
N ARG D 175 -16.84 2.69 19.85
CA ARG D 175 -17.44 3.58 20.83
C ARG D 175 -16.39 4.26 21.70
N ILE D 176 -16.49 5.59 21.83
CA ILE D 176 -15.60 6.40 22.67
C ILE D 176 -16.43 7.34 23.52
N LYS D 177 -15.93 7.66 24.71
CA LYS D 177 -16.55 8.67 25.56
C LYS D 177 -15.51 9.66 26.07
N LEU D 178 -15.92 10.93 26.16
CA LEU D 178 -15.07 12.01 26.63
C LEU D 178 -15.25 12.29 28.12
N ASP D 179 -14.14 12.42 28.83
CA ASP D 179 -14.13 12.83 30.22
C ASP D 179 -13.09 13.94 30.39
N ASP D 180 -13.16 14.62 31.54
CA ASP D 180 -12.20 15.68 31.90
C ASP D 180 -12.16 16.85 30.91
N LEU D 181 -13.26 17.09 30.20
CA LEU D 181 -13.30 18.16 29.22
C LEU D 181 -12.97 19.51 29.84
N LYS D 182 -11.95 20.17 29.30
CA LYS D 182 -11.56 21.52 29.71
C LYS D 182 -11.55 22.44 28.51
N LEU D 183 -12.03 23.66 28.71
CA LEU D 183 -12.01 24.69 27.69
C LEU D 183 -11.16 25.85 28.16
N LYS D 184 -10.11 26.18 27.40
CA LYS D 184 -9.26 27.33 27.68
C LYS D 184 -9.41 28.37 26.59
N SER D 185 -9.69 29.59 27.00
CA SER D 185 -9.95 30.70 26.09
C SER D 185 -8.73 31.62 26.02
N PHE D 186 -8.34 32.01 24.81
CA PHE D 186 -7.30 33.01 24.58
C PHE D 186 -7.84 34.10 23.66
N ALA D 187 -8.04 35.30 24.22
CA ALA D 187 -8.54 36.44 23.46
C ALA D 187 -7.42 37.01 22.58
N LEU D 188 -7.14 36.29 21.49
CA LEU D 188 -6.08 36.73 20.58
C LEU D 188 -6.38 38.05 19.90
N ASP D 189 -7.61 38.56 20.00
CA ASP D 189 -7.90 39.93 19.59
C ASP D 189 -7.27 41.00 20.47
N LYS D 190 -6.76 40.65 21.64
CA LYS D 190 -6.40 41.60 22.67
C LYS D 190 -5.02 41.31 23.24
N PRO D 191 -4.34 42.33 23.75
CA PRO D 191 -3.00 42.11 24.30
C PRO D 191 -2.99 41.17 25.49
N GLU D 192 -3.97 41.28 26.37
CA GLU D 192 -3.99 40.40 27.54
C GLU D 192 -4.16 38.95 27.14
N GLY D 193 -4.92 38.69 26.08
CA GLY D 193 -5.09 37.33 25.62
C GLY D 193 -3.96 36.77 24.81
N ILE D 194 -3.26 37.62 24.05
CA ILE D 194 -2.07 37.14 23.37
C ILE D 194 -0.96 36.82 24.36
N PHE D 195 -0.72 37.69 25.35
CA PHE D 195 0.28 37.38 26.35
C PHE D 195 -0.14 36.23 27.24
N SER D 196 -1.45 36.08 27.47
CA SER D 196 -1.93 34.88 28.12
C SER D 196 -1.62 33.65 27.30
N ALA D 197 -1.75 33.75 25.97
CA ALA D 197 -1.41 32.64 25.10
C ALA D 197 0.07 32.31 25.16
N LEU D 198 0.90 33.32 25.35
CA LEU D 198 2.34 33.11 25.42
C LEU D 198 2.79 32.63 26.78
N LEU D 199 2.05 32.95 27.84
CA LEU D 199 2.58 32.78 29.18
C LEU D 199 1.69 32.04 30.17
N ASP D 200 0.37 32.20 30.08
CA ASP D 200 -0.51 32.02 31.25
C ASP D 200 -1.48 30.84 31.16
N GLN D 201 -1.48 30.08 30.07
CA GLN D 201 -2.30 28.87 29.91
C GLN D 201 -3.81 29.12 29.98
N GLY D 202 -4.27 30.36 29.86
CA GLY D 202 -5.61 30.64 29.38
C GLY D 202 -6.68 30.79 30.45
N LYS D 203 -7.75 31.47 30.05
CA LYS D 203 -8.94 31.66 30.88
C LYS D 203 -9.79 30.39 30.89
N LYS D 204 -10.00 29.83 32.09
CA LYS D 204 -10.81 28.62 32.23
C LYS D 204 -12.30 28.91 32.06
N LEU D 205 -12.95 28.08 31.26
CA LEU D 205 -14.41 28.03 31.17
C LEU D 205 -14.92 26.82 31.95
N ASP D 206 -15.90 27.04 32.81
CA ASP D 206 -16.67 25.93 33.36
C ASP D 206 -17.61 25.39 32.29
N TRP D 207 -17.32 24.17 31.83
CA TRP D 207 -18.16 23.54 30.82
C TRP D 207 -19.58 23.32 31.33
N ASN D 208 -19.72 23.00 32.61
CA ASN D 208 -21.03 22.72 33.19
C ASN D 208 -22.02 23.87 33.02
N GLN D 209 -21.53 25.10 32.92
CA GLN D 209 -22.42 26.23 32.66
C GLN D 209 -23.01 26.15 31.26
N LEU D 210 -22.15 26.16 30.23
CA LEU D 210 -22.63 26.10 28.85
C LEU D 210 -23.38 24.82 28.55
N LYS D 211 -22.91 23.68 29.09
CA LYS D 211 -23.61 22.42 28.88
C LYS D 211 -25.02 22.44 29.45
N ALA D 212 -25.25 23.17 30.54
CA ALA D 212 -26.60 23.35 31.05
C ALA D 212 -27.40 24.35 30.22
N ASN D 213 -26.74 25.37 29.70
CA ASN D 213 -27.41 26.51 29.05
C ASN D 213 -27.86 26.23 27.63
N VAL D 214 -27.71 25.01 27.11
CA VAL D 214 -28.33 24.66 25.84
C VAL D 214 -28.75 23.19 25.87
N THR D 215 -29.84 22.90 25.19
CA THR D 215 -30.33 21.53 25.04
C THR D 215 -29.45 20.74 24.08
N TYR D 216 -29.00 19.57 24.51
CA TYR D 216 -28.31 18.65 23.62
C TYR D 216 -29.28 18.05 22.61
N GLN D 217 -28.92 18.16 21.34
CA GLN D 217 -29.68 17.57 20.24
C GLN D 217 -28.84 16.50 19.57
N SER D 218 -29.30 15.20 19.67
CA SER D 218 -28.77 14.12 18.84
C SER D 218 -29.49 14.06 17.51
N PRO D 219 -28.82 13.60 16.46
CA PRO D 219 -29.54 13.04 15.31
C PRO D 219 -30.40 11.85 15.72
N PRO D 220 -31.43 11.54 14.95
CA PRO D 220 -32.35 10.46 15.30
C PRO D 220 -31.65 9.12 15.50
N TYR D 221 -31.90 8.48 16.64
CA TYR D 221 -31.49 7.11 16.77
C TYR D 221 -32.44 6.41 17.72
N LEU D 222 -32.48 5.08 17.62
CA LEU D 222 -33.17 4.26 18.58
C LEU D 222 -32.12 3.39 19.27
N GLY D 223 -31.93 3.61 20.56
CA GLY D 223 -31.18 2.69 21.37
C GLY D 223 -32.03 1.49 21.75
N ILE D 224 -31.44 0.31 21.62
CA ILE D 224 -32.01 -0.92 22.17
C ILE D 224 -31.03 -1.47 23.17
N SER D 225 -31.46 -1.58 24.43
CA SER D 225 -30.68 -2.20 25.48
C SER D 225 -31.40 -3.46 25.91
N ILE D 226 -30.76 -4.60 25.70
CA ILE D 226 -31.38 -5.89 26.01
C ILE D 226 -30.75 -6.43 27.28
N THR D 227 -31.54 -6.52 28.33
CA THR D 227 -31.11 -7.20 29.54
C THR D 227 -31.37 -8.68 29.37
N TRP D 228 -30.31 -9.46 29.46
CA TRP D 228 -30.37 -10.86 29.15
C TRP D 228 -29.51 -11.62 30.13
N ASN D 229 -29.80 -12.90 30.24
CA ASN D 229 -28.95 -13.80 30.99
C ASN D 229 -28.83 -15.07 30.16
N PRO D 230 -27.71 -15.78 30.30
CA PRO D 230 -27.60 -17.10 29.67
C PRO D 230 -28.63 -18.04 30.27
N LYS D 231 -29.52 -18.53 29.42
CA LYS D 231 -30.40 -19.61 29.82
C LYS D 231 -29.65 -20.94 29.84
N ASP D 232 -28.79 -21.15 28.86
CA ASP D 232 -27.73 -22.13 28.84
C ASP D 232 -26.42 -21.39 28.63
N PRO D 233 -25.27 -21.99 28.97
CA PRO D 233 -24.01 -21.24 28.93
C PRO D 233 -23.85 -20.55 27.59
N VAL D 234 -23.48 -19.28 27.62
CA VAL D 234 -23.24 -18.52 26.41
C VAL D 234 -21.78 -18.13 26.41
N MET D 235 -21.07 -18.54 25.38
CA MET D 235 -19.71 -18.13 25.15
C MET D 235 -19.46 -18.04 23.65
N VAL D 236 -18.57 -17.19 23.29
CA VAL D 236 -17.82 -17.35 22.05
C VAL D 236 -16.62 -18.23 22.35
N LYS D 237 -16.25 -19.06 21.39
CA LYS D 237 -15.07 -19.89 21.52
C LYS D 237 -13.79 -19.05 21.42
N ALA D 238 -12.85 -19.30 22.32
CA ALA D 238 -11.48 -18.82 22.13
C ALA D 238 -10.77 -19.67 21.08
N GLU D 239 -10.00 -19.03 20.21
CA GLU D 239 -9.47 -19.73 19.05
C GLU D 239 -8.44 -20.80 19.44
N GLY D 240 -7.77 -20.63 20.57
CA GLY D 240 -6.80 -21.61 21.02
C GLY D 240 -7.37 -22.56 22.06
N ASP D 241 -7.07 -23.84 21.89
CA ASP D 241 -7.33 -24.79 22.96
C ASP D 241 -6.47 -24.46 24.17
N GLY D 242 -7.03 -24.66 25.35
CA GLY D 242 -6.23 -24.74 26.56
C GLY D 242 -5.61 -26.10 26.72
N LEU D 243 -4.89 -26.25 27.82
CA LEU D 243 -4.23 -27.51 28.13
C LEU D 243 -5.16 -28.46 28.88
N ALA D 244 -5.76 -28.01 29.97
CA ALA D 244 -6.79 -28.82 30.60
C ALA D 244 -8.10 -28.77 29.83
N ILE D 245 -8.51 -27.58 29.37
CA ILE D 245 -9.77 -27.40 28.66
C ILE D 245 -9.48 -27.19 27.19
N ASP D 246 -10.17 -27.93 26.34
CA ASP D 246 -10.10 -27.64 24.90
C ASP D 246 -10.78 -26.32 24.57
N ILE D 247 -12.08 -26.24 24.77
CA ILE D 247 -12.88 -25.11 24.31
C ILE D 247 -13.02 -24.13 25.48
N LEU D 248 -12.40 -22.95 25.33
CA LEU D 248 -12.38 -21.91 26.35
C LEU D 248 -13.17 -20.69 25.93
N PRO D 249 -13.81 -20.00 26.88
CA PRO D 249 -14.45 -18.72 26.55
C PRO D 249 -13.46 -17.69 26.03
N LEU D 250 -13.91 -16.89 25.08
CA LEU D 250 -13.16 -15.72 24.66
C LEU D 250 -13.19 -14.66 25.74
N VAL D 251 -12.01 -14.18 26.14
CA VAL D 251 -11.88 -13.03 27.02
C VAL D 251 -11.31 -11.85 26.24
N SER D 252 -11.48 -10.67 26.80
CA SER D 252 -10.89 -9.47 26.24
C SER D 252 -10.45 -8.55 27.38
N GLN D 253 -9.41 -7.76 27.11
CA GLN D 253 -8.92 -6.81 28.10
C GLN D 253 -9.88 -5.63 28.21
N VAL D 254 -10.24 -5.28 29.43
CA VAL D 254 -11.22 -4.23 29.69
C VAL D 254 -10.68 -3.37 30.81
N GLY D 255 -10.02 -2.27 30.45
CA GLY D 255 -9.18 -1.59 31.41
C GLY D 255 -8.00 -2.47 31.76
N SER D 256 -7.67 -2.53 33.04
CA SER D 256 -6.60 -3.39 33.51
C SER D 256 -7.04 -4.83 33.75
N ASP D 257 -8.32 -5.14 33.64
CA ASP D 257 -8.85 -6.48 33.82
C ASP D 257 -9.13 -7.16 32.48
N VAL D 258 -9.34 -8.48 32.54
CA VAL D 258 -9.99 -9.22 31.45
C VAL D 258 -11.41 -9.56 31.85
N ARG D 259 -12.30 -9.53 30.85
CA ARG D 259 -13.70 -9.95 30.99
C ARG D 259 -14.01 -10.94 29.88
N PHE D 260 -14.97 -11.83 30.12
CA PHE D 260 -15.53 -12.61 29.04
C PHE D 260 -16.29 -11.70 28.09
N VAL D 261 -16.23 -11.99 26.81
CA VAL D 261 -16.84 -11.13 25.81
C VAL D 261 -17.63 -11.96 24.81
N ILE D 262 -18.79 -11.43 24.42
CA ILE D 262 -19.45 -11.78 23.17
C ILE D 262 -19.26 -10.61 22.22
N PRO D 263 -18.44 -10.75 21.19
CA PRO D 263 -18.28 -9.65 20.24
C PRO D 263 -19.60 -9.25 19.62
N GLY D 264 -19.74 -7.95 19.37
CA GLY D 264 -20.90 -7.48 18.65
C GLY D 264 -20.96 -7.99 17.23
N SER D 265 -19.84 -8.48 16.71
CA SER D 265 -19.85 -9.22 15.45
C SER D 265 -20.72 -10.47 15.55
N SER D 266 -20.66 -11.17 16.68
CA SER D 266 -21.41 -12.39 16.84
C SER D 266 -22.89 -12.13 17.00
N ILE D 267 -23.25 -11.14 17.81
CA ILE D 267 -24.65 -10.78 17.98
C ILE D 267 -25.21 -10.15 16.71
N LYS D 268 -24.43 -9.31 16.04
CA LYS D 268 -24.87 -8.80 14.75
C LYS D 268 -25.21 -9.92 13.77
N GLY D 269 -24.31 -10.89 13.63
CA GLY D 269 -24.50 -11.93 12.62
C GLY D 269 -25.68 -12.84 12.89
N ILE D 270 -25.95 -13.16 14.15
CA ILE D 270 -27.13 -13.94 14.48
C ILE D 270 -28.40 -13.15 14.22
N LEU D 271 -28.41 -11.86 14.53
CA LEU D 271 -29.56 -11.03 14.24
C LEU D 271 -29.76 -10.86 12.74
N ARG D 272 -28.67 -10.68 11.99
CA ARG D 272 -28.79 -10.61 10.54
C ARG D 272 -29.34 -11.89 9.96
N THR D 273 -28.89 -13.02 10.47
CA THR D 273 -29.36 -14.32 10.02
C THR D 273 -30.87 -14.48 10.23
N GLN D 274 -31.37 -14.04 11.37
CA GLN D 274 -32.80 -14.14 11.63
C GLN D 274 -33.59 -13.18 10.78
N ALA D 275 -33.10 -11.97 10.58
CA ALA D 275 -33.73 -11.04 9.66
C ALA D 275 -33.87 -11.66 8.27
N GLU D 276 -32.76 -12.13 7.73
CA GLU D 276 -32.74 -12.74 6.40
C GLU D 276 -33.63 -13.97 6.31
N ARG D 277 -33.70 -14.75 7.38
CA ARG D 277 -34.57 -15.92 7.39
C ARG D 277 -36.04 -15.54 7.33
N ILE D 278 -36.43 -14.50 8.07
CA ILE D 278 -37.82 -14.04 8.05
C ILE D 278 -38.22 -13.55 6.67
N ILE D 279 -37.37 -12.75 6.02
CA ILE D 279 -37.68 -12.23 4.69
C ILE D 279 -37.74 -13.36 3.66
N ARG D 280 -36.79 -14.28 3.70
CA ARG D 280 -36.79 -15.37 2.73
C ARG D 280 -37.96 -16.31 2.95
N THR D 281 -38.46 -16.43 4.17
CA THR D 281 -39.67 -17.20 4.41
C THR D 281 -40.89 -16.51 3.81
N ILE D 282 -41.06 -15.23 4.10
CA ILE D 282 -42.17 -14.45 3.58
C ILE D 282 -42.17 -14.48 2.06
N CYS D 283 -40.99 -14.47 1.45
CA CYS D 283 -40.86 -14.61 0.01
C CYS D 283 -40.76 -16.06 -0.45
N GLN D 284 -40.60 -17.01 0.47
CA GLN D 284 -40.33 -18.41 0.13
C GLN D 284 -39.14 -18.55 -0.81
N SER D 285 -38.11 -17.76 -0.55
CA SER D 285 -36.92 -17.66 -1.37
C SER D 285 -35.86 -18.57 -0.77
N ASN D 286 -35.16 -19.29 -1.64
CA ASN D 286 -34.20 -20.29 -1.23
C ASN D 286 -32.79 -19.77 -1.45
N GLY D 287 -31.93 -19.91 -0.43
CA GLY D 287 -30.56 -19.51 -0.59
C GLY D 287 -29.60 -20.67 -0.72
N SER D 288 -30.13 -21.86 -1.04
CA SER D 288 -29.28 -23.04 -1.16
C SER D 288 -28.33 -22.95 -2.34
N GLU D 289 -28.83 -22.47 -3.49
CA GLU D 289 -27.99 -22.33 -4.66
C GLU D 289 -26.98 -21.19 -4.53
N LYS D 290 -27.39 -20.09 -3.93
CA LYS D 290 -26.54 -18.90 -3.91
C LYS D 290 -25.30 -19.09 -3.04
N ASN D 291 -24.24 -18.38 -3.42
CA ASN D 291 -23.02 -18.34 -2.65
C ASN D 291 -23.21 -17.42 -1.44
N PHE D 292 -22.22 -17.39 -0.55
CA PHE D 292 -22.36 -16.64 0.69
C PHE D 292 -22.67 -15.17 0.46
N LEU D 293 -21.97 -14.54 -0.46
CA LEU D 293 -22.25 -13.13 -0.74
C LEU D 293 -23.64 -12.92 -1.33
N GLU D 294 -24.09 -13.85 -2.17
CA GLU D 294 -25.45 -13.80 -2.70
C GLU D 294 -26.47 -14.06 -1.61
N GLN D 295 -26.15 -14.94 -0.66
CA GLN D 295 -27.07 -15.31 0.39
C GLN D 295 -27.37 -14.16 1.32
N LEU D 296 -26.52 -13.15 1.34
CA LEU D 296 -26.66 -12.03 2.25
C LEU D 296 -27.46 -10.91 1.64
N ARG D 297 -27.44 -10.79 0.32
CA ARG D 297 -28.11 -9.71 -0.37
C ARG D 297 -29.60 -9.98 -0.38
N ILE D 298 -30.32 -9.29 0.49
CA ILE D 298 -31.76 -9.44 0.63
C ILE D 298 -32.29 -8.08 1.07
N ASN D 299 -33.58 -7.86 0.81
CA ASN D 299 -34.19 -6.56 1.06
C ASN D 299 -34.54 -6.35 2.53
N LEU D 300 -34.20 -5.16 3.03
CA LEU D 300 -34.42 -4.65 4.39
C LEU D 300 -33.28 -5.08 5.30
N VAL D 301 -32.53 -6.09 4.90
CA VAL D 301 -31.42 -6.54 5.73
C VAL D 301 -30.16 -5.85 5.23
N ASN D 302 -30.16 -5.43 3.98
CA ASN D 302 -29.03 -4.75 3.37
C ASN D 302 -28.89 -3.34 3.92
N GLU D 303 -29.92 -2.83 4.59
CA GLU D 303 -29.94 -1.49 5.16
C GLU D 303 -29.80 -1.52 6.67
N LEU D 304 -30.44 -2.48 7.32
CA LEU D 304 -30.30 -2.59 8.76
C LEU D 304 -28.95 -3.16 9.13
N PHE D 305 -28.38 -4.01 8.28
CA PHE D 305 -27.13 -4.66 8.60
C PHE D 305 -26.00 -4.29 7.66
N GLY D 306 -26.28 -3.76 6.49
CA GLY D 306 -25.25 -3.34 5.58
C GLY D 306 -24.96 -4.36 4.49
N SER D 307 -24.33 -3.87 3.44
CA SER D 307 -23.93 -4.68 2.31
C SER D 307 -22.47 -4.38 2.04
N ALA D 308 -21.74 -5.37 1.56
CA ALA D 308 -20.33 -5.20 1.35
C ALA D 308 -20.07 -4.26 0.19
N SER D 309 -18.99 -3.50 0.32
CA SER D 309 -18.67 -2.49 -0.68
C SER D 309 -17.94 -3.22 -1.79
N LEU D 310 -18.70 -3.63 -2.79
CA LEU D 310 -18.19 -4.33 -3.97
C LEU D 310 -18.57 -3.56 -5.22
N SER D 311 -17.58 -3.26 -6.05
CA SER D 311 -17.81 -2.46 -7.25
C SER D 311 -18.18 -3.33 -8.45
N ASP D 320 -21.85 0.67 -6.74
CA ASP D 320 -21.51 -0.07 -5.54
C ASP D 320 -22.76 -0.28 -4.70
N LEU D 321 -22.98 -1.50 -4.23
CA LEU D 321 -24.11 -1.81 -3.35
C LEU D 321 -23.74 -1.73 -1.88
N GLY D 322 -22.48 -1.47 -1.56
CA GLY D 322 -22.02 -1.31 -0.20
C GLY D 322 -22.76 -0.29 0.62
N LYS D 323 -23.07 -0.66 1.86
CA LYS D 323 -23.79 0.17 2.79
C LYS D 323 -23.30 -0.18 4.19
N ILE D 324 -23.29 0.78 5.03
CA ILE D 324 -23.00 0.51 6.42
C ILE D 324 -24.33 0.15 7.05
N GLY D 325 -24.30 -0.67 8.09
CA GLY D 325 -25.52 -1.01 8.78
C GLY D 325 -26.06 0.19 9.54
N ALA D 326 -27.36 0.42 9.43
CA ALA D 326 -28.02 1.33 10.33
C ALA D 326 -28.04 0.80 11.76
N LEU D 327 -27.96 -0.52 11.92
CA LEU D 327 -27.99 -1.16 13.22
C LEU D 327 -26.58 -1.52 13.65
N ALA D 328 -26.19 -1.09 14.84
CA ALA D 328 -24.86 -1.34 15.38
C ALA D 328 -25.00 -2.05 16.71
N VAL D 329 -24.12 -3.02 16.96
CA VAL D 329 -24.17 -3.84 18.16
C VAL D 329 -22.84 -3.72 18.88
N ASN D 330 -22.88 -3.47 20.18
CA ASN D 330 -21.66 -3.41 20.98
C ASN D 330 -21.13 -4.80 21.28
N ASP D 331 -19.81 -4.86 21.48
CA ASP D 331 -19.24 -5.96 22.26
C ASP D 331 -19.89 -5.99 23.63
N CYS D 332 -20.38 -7.14 24.02
CA CYS D 332 -21.01 -7.33 25.31
C CYS D 332 -20.02 -8.04 26.22
N PHE D 333 -19.68 -7.42 27.34
CA PHE D 333 -18.72 -7.98 28.26
C PHE D 333 -19.46 -8.52 29.48
N SER D 334 -18.86 -9.50 30.13
CA SER D 334 -19.41 -10.05 31.36
C SER D 334 -19.30 -9.05 32.51
N SER D 335 -20.26 -9.12 33.41
CA SER D 335 -20.13 -8.39 34.66
C SER D 335 -18.98 -8.90 35.52
N LEU D 336 -18.69 -10.20 35.46
CA LEU D 336 -17.47 -10.75 36.03
C LEU D 336 -16.22 -10.20 35.34
N SER D 337 -15.17 -9.94 36.13
CA SER D 337 -13.86 -9.63 35.58
C SER D 337 -12.78 -10.32 36.40
N MET D 338 -11.60 -10.45 35.79
CA MET D 338 -10.45 -11.14 36.36
C MET D 338 -9.21 -10.31 36.12
N THR D 339 -8.21 -10.48 36.97
CA THR D 339 -6.89 -9.98 36.64
C THR D 339 -6.30 -10.80 35.49
N PRO D 340 -5.47 -10.18 34.65
CA PRO D 340 -4.90 -10.91 33.52
C PRO D 340 -4.13 -12.17 33.90
N ASP D 341 -3.35 -12.14 34.98
CA ASP D 341 -2.62 -13.33 35.39
C ASP D 341 -3.55 -14.40 35.96
N GLN D 342 -4.67 -14.02 36.57
CA GLN D 342 -5.66 -15.00 36.98
C GLN D 342 -6.20 -15.80 35.81
N TRP D 343 -6.48 -15.14 34.68
CA TRP D 343 -6.98 -15.89 33.52
C TRP D 343 -5.88 -16.70 32.87
N LYS D 344 -4.67 -16.16 32.79
CA LYS D 344 -3.54 -16.95 32.31
C LYS D 344 -3.35 -18.22 33.14
N ALA D 345 -3.59 -18.12 34.45
CA ALA D 345 -3.54 -19.31 35.29
C ALA D 345 -4.55 -20.36 34.86
N VAL D 346 -5.72 -19.94 34.39
CA VAL D 346 -6.69 -20.87 33.84
C VAL D 346 -6.22 -21.40 32.49
N GLU D 347 -5.76 -20.50 31.60
CA GLU D 347 -5.29 -20.94 30.30
C GLU D 347 -4.11 -21.90 30.40
N ASN D 348 -3.22 -21.68 31.35
CA ASN D 348 -2.05 -22.52 31.50
C ASN D 348 -2.35 -23.81 32.23
N ALA D 349 -3.49 -23.90 32.91
CA ALA D 349 -3.79 -25.06 33.74
C ALA D 349 -3.72 -26.34 32.91
N THR D 350 -2.93 -27.28 33.41
CA THR D 350 -2.62 -28.51 32.70
C THR D 350 -3.52 -29.68 33.08
N GLU D 351 -4.16 -29.63 34.25
CA GLU D 351 -4.92 -30.75 34.77
C GLU D 351 -6.27 -30.29 35.26
N MET D 352 -7.33 -30.92 34.75
CA MET D 352 -8.68 -30.45 35.02
C MET D 352 -9.02 -30.54 36.51
N THR D 353 -8.57 -31.59 37.17
CA THR D 353 -8.74 -31.72 38.61
C THR D 353 -7.46 -31.39 39.35
N GLY D 354 -6.43 -30.99 38.63
CA GLY D 354 -5.24 -30.45 39.23
C GLY D 354 -5.28 -28.95 39.30
N ASN D 355 -4.26 -28.31 38.77
CA ASN D 355 -4.06 -26.87 38.91
C ASN D 355 -5.16 -26.04 38.27
N LEU D 356 -6.07 -26.62 37.50
CA LEU D 356 -7.24 -25.89 37.02
C LEU D 356 -8.19 -25.49 38.14
N GLN D 357 -8.34 -26.33 39.16
CA GLN D 357 -9.27 -26.00 40.23
C GLN D 357 -8.84 -24.78 41.04
N PRO D 358 -7.58 -24.66 41.48
CA PRO D 358 -7.13 -23.35 41.99
C PRO D 358 -7.37 -22.19 41.04
N ALA D 359 -6.97 -22.34 39.78
CA ALA D 359 -7.08 -21.26 38.82
C ALA D 359 -8.52 -20.83 38.61
N LEU D 360 -9.46 -21.77 38.55
CA LEU D 360 -10.87 -21.40 38.40
C LEU D 360 -11.44 -20.82 39.68
N LYS D 361 -11.06 -21.34 40.83
CA LYS D 361 -11.46 -20.73 42.09
C LYS D 361 -11.01 -19.28 42.18
N GLN D 362 -9.77 -18.98 41.79
CA GLN D 362 -9.29 -17.61 41.80
C GLN D 362 -10.04 -16.72 40.83
N ALA D 363 -10.17 -17.16 39.57
CA ALA D 363 -10.77 -16.32 38.55
C ALA D 363 -12.23 -15.99 38.82
N THR D 364 -13.03 -16.96 39.26
CA THR D 364 -14.42 -16.69 39.59
C THR D 364 -14.60 -15.90 40.87
N GLY D 365 -13.54 -15.70 41.65
CA GLY D 365 -13.65 -14.98 42.90
C GLY D 365 -14.12 -15.79 44.07
N TYR D 366 -14.00 -17.12 44.01
CA TYR D 366 -14.40 -18.00 45.11
C TYR D 366 -13.26 -18.92 45.52
N PRO D 367 -12.15 -18.35 46.00
CA PRO D 367 -10.92 -19.15 46.17
C PRO D 367 -11.08 -20.35 47.10
N ASN D 368 -12.05 -20.32 48.02
CA ASN D 368 -12.22 -21.35 49.03
C ASN D 368 -13.47 -22.19 48.83
N ASN D 369 -14.19 -21.98 47.74
CA ASN D 369 -15.45 -22.68 47.46
C ASN D 369 -15.41 -23.17 46.02
N ILE D 370 -15.10 -24.45 45.84
CA ILE D 370 -15.09 -25.02 44.49
C ILE D 370 -16.50 -25.10 43.96
N SER D 371 -17.49 -25.31 44.84
CA SER D 371 -18.89 -25.31 44.43
C SER D 371 -19.32 -23.97 43.83
N GLN D 372 -19.06 -22.87 44.53
CA GLN D 372 -19.43 -21.57 44.00
C GLN D 372 -18.60 -21.17 42.80
N ALA D 373 -17.34 -21.60 42.74
CA ALA D 373 -16.54 -21.34 41.55
C ALA D 373 -17.16 -22.01 40.33
N TYR D 374 -17.55 -23.28 40.46
CA TYR D 374 -18.08 -24.04 39.34
C TYR D 374 -19.54 -23.74 39.04
N LYS D 375 -20.23 -23.02 39.93
CA LYS D 375 -21.50 -22.40 39.56
C LYS D 375 -21.33 -21.19 38.67
N VAL D 376 -20.11 -20.71 38.47
CA VAL D 376 -19.86 -19.61 37.56
C VAL D 376 -19.24 -20.16 36.29
N LEU D 377 -18.07 -20.77 36.41
CA LEU D 377 -17.37 -21.41 35.29
C LEU D 377 -17.27 -22.91 35.52
N GLN D 378 -17.97 -23.68 34.71
CA GLN D 378 -18.05 -25.12 34.92
C GLN D 378 -17.29 -25.87 33.84
N PRO D 379 -16.28 -26.66 34.18
CA PRO D 379 -15.69 -27.56 33.18
C PRO D 379 -16.63 -28.70 32.85
N ALA D 380 -16.74 -29.01 31.57
CA ALA D 380 -17.66 -30.03 31.08
C ALA D 380 -16.95 -30.94 30.11
N MET D 381 -17.03 -32.24 30.35
CA MET D 381 -16.55 -33.25 29.41
C MET D 381 -17.63 -33.71 28.47
N HIS D 382 -17.25 -33.94 27.22
CA HIS D 382 -18.13 -34.50 26.19
C HIS D 382 -17.46 -35.69 25.53
N VAL D 383 -18.19 -36.78 25.38
CA VAL D 383 -17.66 -37.98 24.76
C VAL D 383 -18.63 -38.46 23.69
N ALA D 384 -18.10 -38.77 22.50
CA ALA D 384 -18.86 -39.44 21.44
C ALA D 384 -18.86 -40.94 21.68
N VAL D 385 -20.02 -41.56 21.54
CA VAL D 385 -20.20 -42.98 21.81
C VAL D 385 -20.33 -43.72 20.50
N ASP D 386 -19.51 -44.76 20.31
CA ASP D 386 -19.63 -45.61 19.14
C ASP D 386 -20.98 -46.30 19.10
N ARG D 387 -21.61 -46.26 17.92
CA ARG D 387 -22.94 -46.82 17.76
C ARG D 387 -22.95 -48.35 17.78
N TRP D 388 -21.97 -48.98 17.16
CA TRP D 388 -21.88 -50.44 17.19
C TRP D 388 -21.43 -51.01 18.52
N THR D 389 -20.46 -50.41 19.19
CA THR D 389 -19.91 -51.06 20.37
C THR D 389 -20.35 -50.43 21.68
N GLY D 390 -20.73 -49.17 21.68
CA GLY D 390 -21.16 -48.55 22.90
C GLY D 390 -19.99 -48.01 23.68
N GLY D 391 -18.81 -48.07 23.08
CA GLY D 391 -17.62 -47.55 23.69
C GLY D 391 -17.44 -46.08 23.40
N ALA D 392 -16.86 -45.38 24.36
CA ALA D 392 -16.38 -44.04 24.10
C ALA D 392 -15.45 -44.04 22.91
N ALA D 393 -15.81 -43.28 21.89
CA ALA D 393 -14.99 -43.19 20.69
C ALA D 393 -13.75 -42.36 20.97
N GLU D 394 -12.83 -42.92 21.76
CA GLU D 394 -11.72 -42.15 22.30
C GLU D 394 -10.90 -41.48 21.21
N GLY D 395 -10.42 -40.28 21.52
CA GLY D 395 -10.05 -39.32 20.52
C GLY D 395 -11.17 -38.37 20.15
N MET D 396 -12.42 -38.78 20.33
CA MET D 396 -13.57 -37.88 20.33
C MET D 396 -14.01 -37.50 21.74
N LEU D 397 -13.09 -37.45 22.69
CA LEU D 397 -13.30 -36.80 23.97
C LEU D 397 -12.82 -35.35 23.93
N TYR D 398 -13.68 -34.42 24.32
CA TYR D 398 -13.31 -33.02 24.36
C TYR D 398 -13.94 -32.36 25.58
N SER D 399 -13.38 -31.23 26.00
CA SER D 399 -13.80 -30.54 27.20
C SER D 399 -14.10 -29.08 26.90
N VAL D 400 -15.11 -28.55 27.59
CA VAL D 400 -15.54 -27.16 27.44
C VAL D 400 -15.58 -26.55 28.83
N LEU D 401 -15.04 -25.35 28.96
CA LEU D 401 -15.27 -24.53 30.15
C LEU D 401 -16.53 -23.69 29.91
N GLU D 402 -17.64 -24.18 30.43
CA GLU D 402 -18.94 -23.57 30.21
C GLU D 402 -19.19 -22.44 31.19
N PRO D 403 -19.35 -21.21 30.73
CA PRO D 403 -19.67 -20.08 31.62
C PRO D 403 -21.13 -20.09 32.06
N ILE D 404 -21.50 -21.13 32.82
CA ILE D 404 -22.88 -21.35 33.24
C ILE D 404 -23.42 -20.23 34.12
N GLY D 405 -22.58 -19.59 34.91
CA GLY D 405 -23.06 -18.58 35.83
C GLY D 405 -22.41 -17.23 35.68
N VAL D 406 -21.78 -17.01 34.52
CA VAL D 406 -21.31 -15.69 34.14
C VAL D 406 -22.50 -14.77 33.88
N THR D 407 -22.56 -13.67 34.61
CA THR D 407 -23.50 -12.59 34.35
C THR D 407 -22.93 -11.64 33.30
N TRP D 408 -23.81 -11.10 32.47
CA TRP D 408 -23.42 -10.30 31.31
C TRP D 408 -24.04 -8.92 31.42
N GLU D 409 -23.33 -7.92 30.91
CA GLU D 409 -23.93 -6.61 30.79
C GLU D 409 -24.99 -6.63 29.69
N PRO D 410 -25.94 -5.71 29.75
CA PRO D 410 -26.97 -5.64 28.70
C PRO D 410 -26.40 -5.45 27.31
N ILE D 411 -26.97 -6.17 26.33
CA ILE D 411 -26.59 -5.97 24.94
C ILE D 411 -27.04 -4.59 24.51
N GLN D 412 -26.12 -3.79 24.00
CA GLN D 412 -26.42 -2.47 23.47
C GLN D 412 -26.51 -2.56 21.96
N VAL D 413 -27.70 -2.31 21.43
CA VAL D 413 -27.92 -2.17 20.00
C VAL D 413 -28.30 -0.72 19.71
N HIS D 414 -27.71 -0.16 18.66
CA HIS D 414 -27.97 1.21 18.25
C HIS D 414 -28.50 1.19 16.83
N LEU D 415 -29.76 1.60 16.67
CA LEU D 415 -30.30 1.82 15.33
C LEU D 415 -30.11 3.30 14.98
N ASP D 416 -29.27 3.55 13.99
CA ASP D 416 -29.10 4.87 13.40
C ASP D 416 -30.30 5.19 12.51
N ILE D 417 -31.34 5.79 13.08
CA ILE D 417 -32.51 6.19 12.32
C ILE D 417 -32.17 7.20 11.24
N ALA D 418 -31.21 8.08 11.51
CA ALA D 418 -30.75 9.03 10.50
C ALA D 418 -30.12 8.34 9.29
N ARG D 419 -29.35 7.28 9.53
CA ARG D 419 -28.81 6.47 8.44
C ARG D 419 -29.90 5.84 7.58
N LEU D 420 -30.92 5.26 8.21
CA LEU D 420 -32.05 4.72 7.46
C LEU D 420 -32.75 5.78 6.62
N LYS D 421 -32.99 6.96 7.19
CA LYS D 421 -33.62 8.04 6.43
C LYS D 421 -32.83 8.38 5.16
N ASN D 422 -31.51 8.47 5.24
CA ASN D 422 -30.70 8.73 4.06
C ASN D 422 -30.85 7.62 3.03
N TYR D 423 -31.07 6.39 3.48
CA TYR D 423 -31.17 5.28 2.54
C TYR D 423 -32.53 5.30 1.89
N TYR D 424 -33.52 5.75 2.62
CA TYR D 424 -34.90 5.76 2.18
C TYR D 424 -35.28 7.12 1.63
N HIS D 425 -34.33 8.06 1.61
CA HIS D 425 -34.52 9.39 1.07
C HIS D 425 -35.51 10.18 1.93
N GLY D 426 -35.17 10.34 3.21
CA GLY D 426 -35.92 11.14 4.14
C GLY D 426 -37.34 10.75 4.49
N LYS D 427 -38.02 9.99 3.64
CA LYS D 427 -39.43 9.67 3.89
C LYS D 427 -39.55 8.57 4.93
N GLU D 428 -40.03 8.95 6.12
CA GLU D 428 -40.15 8.05 7.27
C GLU D 428 -41.24 7.00 7.12
N GLU D 429 -42.05 7.05 6.07
CA GLU D 429 -43.02 5.97 5.89
C GLU D 429 -42.32 4.68 5.48
N LYS D 430 -41.20 4.79 4.75
CA LYS D 430 -40.39 3.64 4.40
C LYS D 430 -39.72 3.03 5.61
N LEU D 431 -39.54 3.80 6.68
CA LEU D 431 -38.90 3.27 7.87
C LEU D 431 -39.69 2.14 8.47
N LYS D 432 -41.01 2.19 8.35
CA LYS D 432 -41.87 1.23 9.02
C LYS D 432 -41.64 -0.23 8.63
N PRO D 433 -41.39 -0.60 7.37
CA PRO D 433 -41.03 -1.99 7.11
C PRO D 433 -39.70 -2.42 7.73
N ALA D 434 -38.73 -1.53 7.79
CA ALA D 434 -37.46 -1.84 8.47
C ALA D 434 -37.65 -1.96 9.97
N ILE D 435 -38.33 -0.99 10.59
CA ILE D 435 -38.69 -1.08 12.00
C ILE D 435 -39.49 -2.36 12.28
N ALA D 436 -40.42 -2.71 11.40
CA ALA D 436 -41.21 -3.92 11.58
C ALA D 436 -40.33 -5.17 11.62
N LEU D 437 -39.41 -5.30 10.66
CA LEU D 437 -38.46 -6.40 10.69
C LEU D 437 -37.64 -6.41 11.96
N LEU D 438 -37.13 -5.25 12.36
CA LEU D 438 -36.34 -5.17 13.58
C LEU D 438 -37.12 -5.63 14.80
N LEU D 439 -38.40 -5.25 14.90
CA LEU D 439 -39.24 -5.74 15.98
C LEU D 439 -39.56 -7.23 15.87
N LEU D 440 -39.76 -7.74 14.66
CA LEU D 440 -39.94 -9.17 14.48
C LEU D 440 -38.70 -9.96 14.86
N VAL D 441 -37.52 -9.39 14.64
CA VAL D 441 -36.28 -10.04 15.07
C VAL D 441 -36.13 -9.98 16.58
N LEU D 442 -36.46 -8.85 17.20
CA LEU D 442 -36.43 -8.77 18.66
C LEU D 442 -37.47 -9.65 19.32
N ARG D 443 -38.62 -9.84 18.68
CA ARG D 443 -39.57 -10.83 19.16
C ARG D 443 -38.99 -12.24 19.16
N ASP D 444 -38.22 -12.59 18.13
CA ASP D 444 -37.55 -13.89 18.11
C ASP D 444 -36.42 -13.99 19.12
N LEU D 445 -35.65 -12.92 19.27
CA LEU D 445 -34.61 -12.88 20.28
C LEU D 445 -35.17 -13.05 21.68
N ALA D 446 -36.31 -12.45 21.96
CA ALA D 446 -36.93 -12.61 23.26
C ALA D 446 -37.61 -13.96 23.46
N ASN D 447 -37.99 -14.64 22.38
CA ASN D 447 -38.60 -15.96 22.47
C ASN D 447 -37.60 -17.10 22.34
N LYS D 448 -36.31 -16.83 22.59
CA LYS D 448 -35.24 -17.82 22.60
C LYS D 448 -35.00 -18.46 21.25
N LYS D 449 -35.45 -17.85 20.17
CA LYS D 449 -35.26 -18.40 18.85
C LYS D 449 -33.91 -18.01 18.23
N ILE D 450 -33.13 -17.16 18.87
CA ILE D 450 -31.84 -16.77 18.32
C ILE D 450 -30.73 -17.10 19.32
N PRO D 451 -30.19 -18.30 19.28
CA PRO D 451 -29.06 -18.63 20.17
C PRO D 451 -27.80 -17.91 19.75
N VAL D 452 -26.91 -17.68 20.71
CA VAL D 452 -25.74 -16.87 20.49
C VAL D 452 -24.47 -17.65 20.81
N GLY D 453 -23.46 -17.50 19.97
CA GLY D 453 -22.15 -18.05 20.18
C GLY D 453 -21.97 -19.50 19.78
N TYR D 454 -20.99 -20.12 20.43
CA TYR D 454 -20.57 -21.47 20.12
C TYR D 454 -21.57 -22.51 20.59
N GLY D 455 -21.60 -23.64 19.89
CA GLY D 455 -22.22 -24.83 20.42
C GLY D 455 -23.71 -24.74 20.66
N THR D 456 -24.43 -24.06 19.77
CA THR D 456 -25.84 -23.79 20.02
C THR D 456 -26.71 -25.03 19.90
N ASN D 457 -26.39 -25.96 19.01
CA ASN D 457 -27.05 -27.25 18.98
C ASN D 457 -26.44 -28.25 19.93
N ARG D 458 -25.45 -27.85 20.71
CA ARG D 458 -24.65 -28.72 21.55
C ARG D 458 -24.63 -28.19 22.97
N GLY D 459 -25.79 -27.71 23.42
CA GLY D 459 -26.07 -27.44 24.81
C GLY D 459 -25.71 -26.06 25.29
N MET D 460 -25.38 -25.13 24.40
CA MET D 460 -25.03 -23.79 24.79
C MET D 460 -25.86 -22.79 23.99
N GLY D 461 -25.84 -21.54 24.43
CA GLY D 461 -26.24 -20.42 23.59
C GLY D 461 -27.66 -19.89 23.71
N THR D 462 -28.57 -20.60 24.37
CA THR D 462 -29.90 -20.02 24.58
C THR D 462 -29.86 -18.97 25.68
N ILE D 463 -30.56 -17.86 25.45
CA ILE D 463 -30.57 -16.73 26.36
C ILE D 463 -31.98 -16.42 26.80
N THR D 464 -32.11 -15.98 28.04
CA THR D 464 -33.31 -15.30 28.50
C THR D 464 -33.18 -13.82 28.20
N VAL D 465 -34.27 -13.20 27.79
CA VAL D 465 -34.36 -11.75 27.68
C VAL D 465 -35.35 -11.27 28.73
N SER D 466 -34.84 -10.52 29.71
CA SER D 466 -35.69 -9.99 30.76
C SER D 466 -36.42 -8.75 30.30
N GLN D 467 -35.74 -7.91 29.52
CA GLN D 467 -36.22 -6.57 29.27
C GLN D 467 -35.55 -6.05 28.01
N ILE D 468 -36.34 -5.39 27.17
CA ILE D 468 -35.83 -4.63 26.05
C ILE D 468 -36.22 -3.18 26.29
N THR D 469 -35.23 -2.32 26.45
CA THR D 469 -35.45 -0.90 26.59
C THR D 469 -35.21 -0.24 25.24
N LEU D 470 -36.25 0.37 24.71
CA LEU D 470 -36.17 1.11 23.46
C LEU D 470 -36.09 2.59 23.80
N ASN D 471 -35.00 3.23 23.41
CA ASN D 471 -34.67 4.58 23.86
C ASN D 471 -34.39 5.44 22.64
N GLY D 472 -35.44 5.99 22.06
CA GLY D 472 -35.31 6.85 20.89
C GLY D 472 -34.99 8.28 21.24
N LYS D 473 -33.98 8.84 20.57
CA LYS D 473 -33.68 10.27 20.65
C LYS D 473 -34.02 10.92 19.32
N ALA D 474 -34.80 12.01 19.40
CA ALA D 474 -35.27 12.76 18.23
C ALA D 474 -36.02 11.89 17.23
N LEU D 475 -36.75 10.89 17.70
CA LEU D 475 -37.55 10.08 16.80
C LEU D 475 -38.69 10.91 16.19
N PRO D 476 -39.10 10.59 14.97
CA PRO D 476 -40.34 11.17 14.44
C PRO D 476 -41.55 10.70 15.23
N THR D 477 -42.57 11.56 15.26
CA THR D 477 -43.77 11.34 16.06
C THR D 477 -44.43 9.99 15.81
N GLU D 478 -44.37 9.47 14.58
CA GLU D 478 -45.01 8.19 14.28
C GLU D 478 -44.25 7.00 14.83
N LEU D 479 -42.95 7.15 15.08
CA LEU D 479 -42.15 6.14 15.72
C LEU D 479 -41.97 6.39 17.21
N GLU D 480 -42.39 7.55 17.71
CA GLU D 480 -42.40 7.90 19.12
C GLU D 480 -42.98 6.82 20.03
N PRO D 481 -43.98 6.03 19.61
CA PRO D 481 -44.39 4.90 20.46
C PRO D 481 -43.30 3.87 20.68
N LEU D 482 -42.22 3.89 19.90
CA LEU D 482 -41.07 3.05 20.19
C LEU D 482 -40.38 3.39 21.51
N ASN D 483 -40.52 4.60 22.03
CA ASN D 483 -39.85 4.93 23.29
C ASN D 483 -40.49 4.21 24.46
N LYS D 484 -40.02 3.00 24.73
CA LYS D 484 -40.74 2.05 25.57
C LYS D 484 -39.72 1.14 26.22
N THR D 485 -40.10 0.59 27.37
CA THR D 485 -39.40 -0.53 27.96
C THR D 485 -40.32 -1.75 27.92
N MET D 486 -39.89 -2.77 27.21
CA MET D 486 -40.70 -3.96 26.99
C MET D 486 -40.28 -5.09 27.93
N THR D 487 -41.27 -5.82 28.42
CA THR D 487 -41.01 -7.03 29.18
C THR D 487 -41.86 -8.21 28.74
N CYS D 488 -42.91 -7.99 27.97
CA CYS D 488 -43.51 -9.07 27.21
C CYS D 488 -42.59 -9.41 26.03
N PRO D 489 -42.21 -10.68 25.85
CA PRO D 489 -41.40 -11.02 24.68
C PRO D 489 -42.08 -10.75 23.36
N ASN D 490 -43.40 -10.78 23.31
CA ASN D 490 -44.17 -10.58 22.09
C ASN D 490 -44.48 -9.14 21.78
N LEU D 491 -43.83 -8.20 22.45
CA LEU D 491 -43.90 -6.77 22.15
C LEU D 491 -45.27 -6.16 22.39
N THR D 492 -46.09 -6.75 23.25
CA THR D 492 -47.38 -6.16 23.55
C THR D 492 -47.29 -4.93 24.44
N ASP D 493 -46.11 -4.56 24.93
CA ASP D 493 -45.91 -3.26 25.55
C ASP D 493 -45.89 -2.13 24.53
N LEU D 494 -45.64 -2.42 23.27
CA LEU D 494 -45.85 -1.46 22.21
C LEU D 494 -47.32 -1.26 21.92
N ASP D 495 -47.71 0.00 21.71
CA ASP D 495 -49.11 0.33 21.50
C ASP D 495 -49.69 -0.47 20.34
N GLU D 496 -50.85 -1.08 20.57
CA GLU D 496 -51.44 -1.95 19.56
C GLU D 496 -51.79 -1.17 18.30
N ALA D 497 -52.20 0.08 18.43
CA ALA D 497 -52.43 0.93 17.27
C ALA D 497 -51.14 1.17 16.51
N PHE D 498 -50.04 1.34 17.23
CA PHE D 498 -48.73 1.45 16.58
C PHE D 498 -48.27 0.12 15.99
N ARG D 499 -48.44 -0.98 16.72
CA ARG D 499 -48.11 -2.28 16.15
C ARG D 499 -49.00 -2.67 14.98
N GLN D 500 -50.26 -2.28 15.01
CA GLN D 500 -51.10 -2.47 13.85
C GLN D 500 -50.68 -1.54 12.71
N ASP D 501 -50.30 -0.32 13.06
CA ASP D 501 -49.77 0.61 12.07
C ASP D 501 -48.54 0.02 11.38
N LEU D 502 -47.56 -0.41 12.16
CA LEU D 502 -46.41 -1.11 11.59
C LEU D 502 -46.82 -2.35 10.81
N SER D 503 -47.68 -3.17 11.41
CA SER D 503 -48.15 -4.38 10.73
C SER D 503 -48.78 -4.10 9.37
N THR D 504 -49.39 -2.93 9.18
CA THR D 504 -50.00 -2.67 7.89
C THR D 504 -48.95 -2.30 6.85
N ALA D 505 -48.00 -1.45 7.23
CA ALA D 505 -46.91 -1.09 6.33
C ALA D 505 -46.05 -2.30 6.03
N TRP D 506 -45.86 -3.17 7.02
CA TRP D 506 -45.15 -4.43 6.80
C TRP D 506 -45.86 -5.30 5.78
N LYS D 507 -47.17 -5.50 5.94
CA LYS D 507 -47.93 -6.36 5.04
C LYS D 507 -47.97 -5.80 3.64
N GLU D 508 -47.91 -4.48 3.50
CA GLU D 508 -47.92 -3.85 2.18
C GLU D 508 -46.61 -4.12 1.46
N TRP D 509 -45.50 -3.98 2.17
CA TRP D 509 -44.19 -4.32 1.62
C TRP D 509 -44.11 -5.80 1.28
N ILE D 510 -44.68 -6.68 2.10
CA ILE D 510 -44.67 -8.10 1.81
C ILE D 510 -45.34 -8.37 0.47
N ALA D 511 -46.46 -7.68 0.22
CA ALA D 511 -47.18 -7.87 -1.04
C ALA D 511 -46.30 -7.54 -2.25
N ASP D 512 -45.53 -6.47 -2.17
CA ASP D 512 -44.53 -6.14 -3.19
C ASP D 512 -43.20 -6.03 -2.48
N PRO D 513 -42.45 -7.12 -2.35
CA PRO D 513 -41.20 -7.06 -1.58
C PRO D 513 -40.14 -6.29 -2.34
N ILE D 514 -40.41 -5.01 -2.58
CA ILE D 514 -39.52 -4.20 -3.42
C ILE D 514 -38.36 -3.75 -2.57
N ASP D 515 -37.35 -3.18 -3.21
CA ASP D 515 -36.21 -2.62 -2.51
C ASP D 515 -36.53 -1.20 -2.09
N LEU D 516 -36.76 -1.00 -0.80
CA LEU D 516 -36.94 0.36 -0.32
C LEU D 516 -35.54 0.90 -0.28
N CYS D 517 -35.31 2.03 -0.96
CA CYS D 517 -34.00 2.58 -1.27
C CYS D 517 -34.02 2.97 -2.74
N GLN D 518 -35.07 2.52 -3.44
CA GLN D 518 -35.36 2.90 -4.82
C GLN D 518 -34.15 2.90 -5.73
N ASN E 113 -31.97 -67.85 34.70
CA ASN E 113 -31.86 -67.31 33.36
C ASN E 113 -31.71 -65.81 33.42
N PHE E 114 -31.12 -65.22 32.40
CA PHE E 114 -30.84 -63.80 32.43
C PHE E 114 -30.76 -63.25 31.03
N HIS E 115 -30.85 -61.93 30.94
CA HIS E 115 -30.61 -61.21 29.70
C HIS E 115 -29.32 -60.44 29.81
N ASN E 116 -28.57 -60.42 28.73
CA ASN E 116 -27.43 -59.53 28.65
C ASN E 116 -27.91 -58.08 28.74
N PRO E 117 -27.15 -57.20 29.40
CA PRO E 117 -27.61 -55.82 29.58
C PRO E 117 -27.53 -54.95 28.34
N TYR E 118 -27.00 -55.43 27.24
CA TYR E 118 -27.10 -54.74 25.97
C TYR E 118 -27.61 -55.69 24.89
N ASN E 119 -28.07 -55.12 23.80
CA ASN E 119 -28.35 -55.86 22.58
C ASN E 119 -28.22 -54.90 21.41
N PHE E 120 -28.83 -55.23 20.28
CA PHE E 120 -28.65 -54.44 19.07
C PHE E 120 -29.91 -54.34 18.25
N VAL E 121 -30.29 -53.13 17.87
CA VAL E 121 -31.27 -53.02 16.82
C VAL E 121 -30.53 -53.11 15.49
N PRO E 122 -30.94 -53.99 14.58
CA PRO E 122 -30.19 -54.17 13.34
C PRO E 122 -30.23 -52.94 12.44
N ALA E 123 -29.05 -52.57 11.97
CA ALA E 123 -28.89 -51.56 10.94
C ALA E 123 -28.94 -52.26 9.59
N LEU E 124 -30.01 -52.06 8.87
CA LEU E 124 -30.26 -52.67 7.58
C LEU E 124 -29.58 -51.89 6.47
N PRO E 125 -29.05 -52.55 5.45
CA PRO E 125 -28.53 -51.84 4.29
C PRO E 125 -29.59 -50.96 3.65
N ARG E 126 -29.15 -49.87 3.06
CA ARG E 126 -30.05 -48.81 2.64
C ARG E 126 -29.93 -48.52 1.15
N ASP E 127 -29.51 -49.50 0.36
CA ASP E 127 -29.65 -49.41 -1.09
C ASP E 127 -31.12 -49.40 -1.48
N GLY E 128 -31.44 -48.53 -2.45
CA GLY E 128 -32.80 -48.44 -2.93
C GLY E 128 -33.79 -47.89 -1.95
N ILE E 129 -33.32 -47.28 -0.86
CA ILE E 129 -34.15 -46.53 0.05
C ILE E 129 -34.35 -45.14 -0.55
N THR E 130 -35.58 -44.83 -0.94
CA THR E 130 -35.86 -43.72 -1.85
C THR E 130 -37.04 -42.97 -1.30
N GLY E 131 -36.74 -41.88 -0.58
CA GLY E 131 -37.77 -41.12 0.11
C GLY E 131 -37.12 -40.21 1.11
N ASP E 132 -37.87 -39.89 2.16
CA ASP E 132 -37.26 -39.09 3.22
C ASP E 132 -36.29 -39.92 4.05
N LEU E 133 -36.50 -41.22 4.12
CA LEU E 133 -35.59 -42.12 4.81
C LEU E 133 -34.32 -42.38 4.02
N GLY E 134 -34.31 -42.05 2.74
CA GLY E 134 -33.13 -42.13 1.93
C GLY E 134 -32.15 -41.03 2.23
N ASP E 135 -31.00 -41.12 1.59
CA ASP E 135 -30.03 -40.02 1.63
C ASP E 135 -30.45 -38.93 0.67
N CYS E 136 -30.22 -37.70 1.10
CA CYS E 136 -30.89 -36.54 0.56
C CYS E 136 -30.04 -35.32 0.85
N ALA E 137 -30.16 -34.30 0.01
CA ALA E 137 -29.64 -33.00 0.38
C ALA E 137 -30.46 -32.42 1.51
N PRO E 138 -29.83 -31.86 2.53
CA PRO E 138 -30.57 -31.28 3.65
C PRO E 138 -31.43 -30.10 3.23
N ALA E 139 -32.50 -29.85 4.00
CA ALA E 139 -33.42 -28.77 3.73
C ALA E 139 -32.78 -27.40 3.89
N GLY E 140 -31.78 -27.27 4.73
CA GLY E 140 -31.12 -26.00 4.95
C GLY E 140 -31.70 -25.20 6.08
N HIS E 141 -31.13 -24.00 6.24
CA HIS E 141 -31.46 -23.11 7.33
C HIS E 141 -31.93 -21.75 6.84
N SER E 142 -32.00 -21.54 5.53
CA SER E 142 -32.18 -20.21 4.96
C SER E 142 -33.55 -19.64 5.18
N TYR E 143 -34.58 -20.49 5.19
CA TYR E 143 -35.95 -20.03 5.32
C TYR E 143 -36.74 -21.21 5.82
N TYR E 144 -37.93 -20.92 6.34
CA TYR E 144 -38.90 -21.96 6.67
C TYR E 144 -39.67 -22.38 5.44
N HIS E 145 -39.43 -23.60 4.97
CA HIS E 145 -40.07 -24.12 3.79
C HIS E 145 -41.55 -24.31 4.04
N GLY E 146 -42.37 -23.93 3.07
CA GLY E 146 -43.80 -23.97 3.24
C GLY E 146 -44.33 -25.35 3.60
N ASP E 147 -43.63 -26.39 3.20
CA ASP E 147 -44.07 -27.77 3.38
C ASP E 147 -43.42 -28.50 4.56
N LYS E 148 -42.47 -27.88 5.24
CA LYS E 148 -41.72 -28.51 6.31
C LYS E 148 -41.92 -27.72 7.60
N TYR E 149 -41.88 -28.44 8.70
CA TYR E 149 -42.33 -27.95 10.00
C TYR E 149 -41.17 -27.51 10.88
N SER E 150 -41.34 -26.37 11.53
CA SER E 150 -40.36 -25.77 12.39
C SER E 150 -41.06 -25.28 13.64
N GLY E 151 -40.31 -25.11 14.69
CA GLY E 151 -40.85 -24.60 15.93
C GLY E 151 -40.30 -25.34 17.12
N ARG E 152 -41.01 -25.23 18.22
CA ARG E 152 -40.55 -25.69 19.53
C ARG E 152 -41.41 -26.83 20.01
N ILE E 153 -40.78 -27.91 20.44
CA ILE E 153 -41.42 -29.00 21.16
C ILE E 153 -41.00 -28.93 22.62
N ALA E 154 -41.95 -28.88 23.52
CA ALA E 154 -41.67 -28.94 24.94
C ALA E 154 -41.76 -30.37 25.42
N VAL E 155 -40.75 -30.84 26.13
CA VAL E 155 -40.65 -32.22 26.54
C VAL E 155 -40.59 -32.28 28.06
N LYS E 156 -41.46 -33.08 28.65
CA LYS E 156 -41.32 -33.47 30.03
C LYS E 156 -40.51 -34.75 30.12
N LEU E 157 -39.39 -34.70 30.83
CA LEU E 157 -38.61 -35.88 31.14
C LEU E 157 -38.77 -36.17 32.62
N THR E 158 -39.14 -37.39 32.94
CA THR E 158 -39.13 -37.84 34.31
C THR E 158 -38.34 -39.13 34.40
N THR E 159 -37.48 -39.19 35.42
CA THR E 159 -36.64 -40.35 35.62
C THR E 159 -37.44 -41.49 36.19
N VAL E 160 -37.15 -42.70 35.74
CA VAL E 160 -37.83 -43.89 36.20
C VAL E 160 -36.95 -44.71 37.12
N THR E 161 -35.69 -44.86 36.77
CA THR E 161 -34.63 -45.33 37.61
C THR E 161 -33.71 -44.16 37.97
N PRO E 162 -32.80 -44.33 38.93
CA PRO E 162 -31.88 -43.23 39.24
C PRO E 162 -31.03 -42.86 38.04
N LEU E 163 -30.70 -41.58 37.96
CA LEU E 163 -29.96 -41.03 36.84
C LEU E 163 -28.59 -40.59 37.33
N LEU E 164 -27.55 -41.06 36.64
CA LEU E 164 -26.18 -40.62 36.92
C LEU E 164 -25.82 -39.45 36.02
N ILE E 165 -25.41 -38.34 36.64
CA ILE E 165 -24.83 -37.21 35.94
C ILE E 165 -23.49 -36.90 36.59
N PRO E 166 -22.43 -37.59 36.22
CA PRO E 166 -21.13 -37.37 36.86
C PRO E 166 -20.57 -35.99 36.56
N ASP E 167 -20.01 -35.36 37.58
CA ASP E 167 -19.20 -34.16 37.37
C ASP E 167 -17.73 -34.60 37.33
N ALA E 168 -17.23 -34.88 36.13
CA ALA E 168 -15.83 -35.23 35.97
C ALA E 168 -14.91 -34.07 36.36
N SER E 169 -15.40 -32.85 36.30
CA SER E 169 -14.62 -31.69 36.73
C SER E 169 -14.34 -31.69 38.23
N LYS E 170 -15.06 -32.48 39.01
CA LYS E 170 -14.87 -32.56 40.45
C LYS E 170 -14.50 -33.96 40.91
N GLU E 171 -14.03 -34.81 40.00
CA GLU E 171 -13.69 -36.19 40.33
C GLU E 171 -12.57 -36.28 41.38
N GLU E 172 -12.92 -36.81 42.55
CA GLU E 172 -11.93 -37.17 43.54
C GLU E 172 -11.26 -38.48 43.16
N ILE E 173 -9.93 -38.56 43.32
CA ILE E 173 -9.17 -39.74 42.92
C ILE E 173 -8.34 -40.22 44.10
N ASN E 174 -8.60 -41.43 44.56
CA ASN E 174 -7.79 -42.08 45.59
C ASN E 174 -7.55 -43.52 45.18
N ASN E 175 -6.30 -43.96 45.29
CA ASN E 175 -5.90 -45.29 44.87
C ASN E 175 -6.30 -45.57 43.43
N ASN E 176 -6.26 -44.53 42.61
CA ASN E 176 -6.69 -44.54 41.21
C ASN E 176 -8.19 -44.83 41.04
N HIS E 177 -8.96 -44.84 42.13
CA HIS E 177 -10.41 -44.93 42.08
C HIS E 177 -11.02 -43.53 42.06
N LYS E 178 -11.84 -43.25 41.04
CA LYS E 178 -12.47 -41.95 40.85
C LYS E 178 -13.85 -41.92 41.48
N THR E 179 -14.14 -40.85 42.22
CA THR E 179 -15.45 -40.62 42.83
C THR E 179 -16.06 -39.37 42.22
N TYR E 180 -17.27 -39.49 41.68
CA TYR E 180 -17.91 -38.40 40.98
C TYR E 180 -19.10 -37.88 41.76
N PRO E 181 -19.19 -36.59 42.03
CA PRO E 181 -20.45 -35.99 42.46
C PRO E 181 -21.38 -35.75 41.28
N VAL E 182 -22.64 -35.50 41.59
CA VAL E 182 -23.59 -35.06 40.58
C VAL E 182 -23.25 -33.66 40.10
N ARG E 183 -23.26 -33.47 38.79
CA ARG E 183 -23.16 -32.13 38.21
C ARG E 183 -24.39 -31.31 38.54
N ILE E 184 -24.18 -30.11 39.06
CA ILE E 184 -25.27 -29.22 39.43
C ILE E 184 -25.11 -27.89 38.71
N GLY E 185 -26.24 -27.23 38.48
CA GLY E 185 -26.25 -25.92 37.87
C GLY E 185 -26.10 -24.80 38.88
N LYS E 186 -26.16 -23.57 38.36
CA LYS E 186 -26.04 -22.38 39.19
C LYS E 186 -27.07 -22.31 40.32
N ASP E 187 -28.18 -23.04 40.22
CA ASP E 187 -29.17 -23.11 41.28
C ASP E 187 -28.99 -24.30 42.21
N GLY E 188 -27.98 -25.13 41.98
CA GLY E 188 -27.73 -26.28 42.82
C GLY E 188 -28.62 -27.46 42.56
N LYS E 189 -29.52 -27.37 41.58
CA LYS E 189 -30.25 -28.53 41.11
C LYS E 189 -29.39 -29.33 40.14
N PRO E 190 -29.69 -30.61 39.96
CA PRO E 190 -28.92 -31.41 39.00
C PRO E 190 -28.96 -30.83 37.60
N TYR E 191 -27.78 -30.67 37.03
CA TYR E 191 -27.60 -30.19 35.67
C TYR E 191 -27.54 -31.38 34.72
N LEU E 192 -28.68 -31.75 34.17
CA LEU E 192 -28.71 -32.70 33.07
C LEU E 192 -28.28 -32.00 31.78
N PRO E 193 -27.13 -32.34 31.21
CA PRO E 193 -26.62 -31.59 30.07
C PRO E 193 -27.42 -31.83 28.80
N PRO E 194 -27.72 -30.79 28.04
CA PRO E 194 -28.40 -30.98 26.74
C PRO E 194 -27.69 -31.91 25.78
N THR E 195 -26.36 -31.93 25.78
CA THR E 195 -25.61 -32.88 24.96
C THR E 195 -25.86 -34.33 25.35
N SER E 196 -26.12 -34.59 26.64
CA SER E 196 -26.46 -35.94 27.06
C SER E 196 -27.84 -36.35 26.57
N ILE E 197 -28.81 -35.45 26.65
CA ILE E 197 -30.13 -35.71 26.07
C ILE E 197 -30.03 -35.84 24.56
N LYS E 198 -29.22 -34.99 23.93
CA LYS E 198 -29.08 -35.05 22.48
C LYS E 198 -28.54 -36.39 22.01
N GLY E 199 -27.56 -36.94 22.70
CA GLY E 199 -27.00 -38.21 22.28
C GLY E 199 -27.93 -39.37 22.52
N MET E 200 -28.65 -39.35 23.64
CA MET E 200 -29.74 -40.30 23.85
C MET E 200 -30.76 -40.23 22.72
N LEU E 201 -31.25 -39.02 22.43
CA LEU E 201 -32.22 -38.83 21.36
C LEU E 201 -31.66 -39.22 20.00
N ARG E 202 -30.44 -38.80 19.70
CA ARG E 202 -29.88 -39.08 18.38
C ARG E 202 -29.75 -40.57 18.13
N SER E 203 -29.16 -41.30 19.07
CA SER E 203 -28.99 -42.73 18.88
C SER E 203 -30.33 -43.46 18.78
N ALA E 204 -31.33 -43.03 19.56
CA ALA E 204 -32.68 -43.58 19.42
C ALA E 204 -33.31 -43.20 18.11
N TYR E 205 -33.09 -41.96 17.66
CA TYR E 205 -33.62 -41.52 16.38
C TYR E 205 -33.00 -42.28 15.24
N GLU E 206 -31.69 -42.38 15.27
CA GLU E 206 -30.90 -43.06 14.26
C GLU E 206 -31.24 -44.54 14.16
N ALA E 207 -31.58 -45.16 15.27
CA ALA E 207 -32.14 -46.51 15.26
C ALA E 207 -33.42 -46.59 14.44
N VAL E 208 -34.44 -45.83 14.84
CA VAL E 208 -35.78 -45.98 14.28
C VAL E 208 -35.93 -45.42 12.88
N THR E 209 -35.01 -44.60 12.40
CA THR E 209 -35.02 -44.19 11.00
C THR E 209 -34.09 -45.01 10.12
N ASN E 210 -33.35 -45.95 10.71
CA ASN E 210 -32.29 -46.69 10.05
C ASN E 210 -31.32 -45.78 9.31
N SER E 211 -30.82 -44.78 10.02
CA SER E 211 -29.86 -43.83 9.47
C SER E 211 -28.46 -44.43 9.40
N ARG E 212 -27.50 -43.65 8.87
CA ARG E 212 -26.08 -43.94 9.03
C ARG E 212 -25.73 -44.15 10.49
N LEU E 213 -24.62 -44.78 10.78
CA LEU E 213 -24.10 -44.81 12.13
C LEU E 213 -23.26 -43.56 12.29
N ALA E 214 -23.64 -42.69 13.23
CA ALA E 214 -22.95 -41.41 13.32
C ALA E 214 -21.56 -41.55 13.89
N VAL E 215 -21.39 -42.36 14.94
CA VAL E 215 -20.07 -42.63 15.51
C VAL E 215 -19.72 -44.08 15.23
N PHE E 216 -18.88 -44.30 14.23
CA PHE E 216 -18.26 -45.59 13.89
C PHE E 216 -16.77 -45.32 13.76
N GLU E 217 -16.05 -45.45 14.86
CA GLU E 217 -14.62 -45.14 14.93
C GLU E 217 -13.71 -46.35 15.08
N ASP E 218 -12.61 -46.32 14.33
CA ASP E 218 -11.46 -47.23 14.47
C ASP E 218 -11.83 -48.72 14.49
N HIS E 219 -12.42 -49.15 13.38
CA HIS E 219 -12.81 -50.55 13.21
C HIS E 219 -12.19 -51.16 11.98
N ASP E 220 -11.10 -50.58 11.48
CA ASP E 220 -10.46 -51.05 10.27
C ASP E 220 -9.37 -52.10 10.48
N SER E 221 -8.90 -52.33 11.69
CA SER E 221 -8.08 -53.52 11.88
C SER E 221 -8.99 -54.73 12.10
N ARG E 222 -8.44 -55.91 11.85
CA ARG E 222 -9.04 -57.15 12.33
C ARG E 222 -8.98 -57.21 13.86
N LEU E 223 -9.93 -57.90 14.44
CA LEU E 223 -9.95 -58.14 15.87
C LEU E 223 -9.20 -59.43 16.21
N ALA E 224 -8.71 -59.49 17.44
CA ALA E 224 -7.84 -60.58 17.84
C ALA E 224 -8.48 -61.40 18.96
N TYR E 225 -8.15 -62.67 18.98
CA TYR E 225 -8.64 -63.60 19.99
C TYR E 225 -7.65 -64.74 20.14
N ARG E 226 -7.78 -65.49 21.23
CA ARG E 226 -7.00 -66.71 21.40
C ARG E 226 -7.40 -67.75 20.37
N MET E 227 -6.41 -68.20 19.59
CA MET E 227 -6.58 -69.31 18.68
C MET E 227 -6.57 -70.63 19.43
N PRO E 228 -7.05 -71.71 18.80
CA PRO E 228 -7.04 -73.01 19.46
C PRO E 228 -5.64 -73.47 19.86
N ALA E 229 -5.56 -74.13 21.01
CA ALA E 229 -4.30 -74.67 21.47
C ALA E 229 -3.76 -75.78 20.58
N THR E 230 -4.63 -76.42 19.80
CA THR E 230 -4.18 -77.37 18.80
C THR E 230 -3.49 -76.71 17.61
N MET E 231 -3.67 -75.40 17.43
CA MET E 231 -3.11 -74.73 16.26
C MET E 231 -1.60 -74.57 16.35
N GLY E 232 -1.04 -74.61 17.55
CA GLY E 232 0.40 -74.47 17.69
C GLY E 232 1.20 -75.59 17.06
N LEU E 233 0.61 -76.77 16.94
CA LEU E 233 1.28 -77.86 16.27
C LEU E 233 1.52 -77.58 14.80
N GLN E 234 0.71 -76.72 14.19
CA GLN E 234 0.79 -76.42 12.77
C GLN E 234 1.77 -75.30 12.42
N MET E 235 2.65 -74.88 13.31
CA MET E 235 3.51 -73.74 13.02
C MET E 235 4.96 -74.16 12.88
N VAL E 236 5.61 -73.62 11.86
CA VAL E 236 7.01 -73.89 11.54
C VAL E 236 7.85 -72.68 11.95
N PRO E 237 9.04 -72.89 12.51
CA PRO E 237 9.98 -71.79 12.73
C PRO E 237 10.25 -71.02 11.46
N ALA E 238 10.27 -69.70 11.59
CA ALA E 238 10.45 -68.87 10.43
C ALA E 238 11.26 -67.66 10.80
N ARG E 239 11.96 -67.14 9.82
CA ARG E 239 12.72 -65.91 9.92
C ARG E 239 12.40 -65.14 8.65
N ILE E 240 12.19 -63.85 8.77
CA ILE E 240 12.13 -63.07 7.55
C ILE E 240 13.55 -62.71 7.16
N GLU E 241 13.85 -62.83 5.88
CA GLU E 241 15.17 -62.50 5.34
C GLU E 241 14.93 -61.70 4.07
N GLY E 242 15.00 -60.38 4.18
CA GLY E 242 14.60 -59.50 3.11
C GLY E 242 13.11 -59.53 2.87
N ASP E 243 12.72 -59.52 1.60
CA ASP E 243 11.32 -59.61 1.20
C ASP E 243 10.77 -61.03 1.25
N ASN E 244 11.50 -61.98 1.80
CA ASN E 244 11.02 -63.35 1.95
C ASN E 244 10.87 -63.69 3.42
N ILE E 245 9.82 -64.42 3.75
CA ILE E 245 9.79 -65.23 4.96
C ILE E 245 10.32 -66.60 4.59
N VAL E 246 11.37 -67.04 5.27
CA VAL E 246 11.99 -68.31 4.98
C VAL E 246 11.73 -69.28 6.13
N LEU E 247 11.08 -70.40 5.80
CA LEU E 247 10.78 -71.45 6.77
C LEU E 247 12.04 -72.21 7.14
N TYR E 248 12.09 -72.64 8.40
CA TYR E 248 13.23 -73.41 8.92
C TYR E 248 12.70 -74.63 9.65
N PRO E 249 12.26 -75.66 8.91
CA PRO E 249 11.79 -76.88 9.56
C PRO E 249 12.90 -77.71 10.17
N GLY E 250 14.16 -77.43 9.85
CA GLY E 250 15.23 -78.22 10.41
C GLY E 250 15.27 -79.63 9.86
N THR E 251 15.65 -80.56 10.73
CA THR E 251 15.79 -81.95 10.31
C THR E 251 14.45 -82.56 9.90
N SER E 252 13.35 -82.08 10.49
CA SER E 252 12.03 -82.54 10.14
C SER E 252 11.52 -81.87 8.87
N ARG E 253 10.44 -82.42 8.32
CA ARG E 253 9.83 -81.92 7.11
C ARG E 253 8.36 -81.61 7.37
N ILE E 254 7.87 -80.58 6.68
CA ILE E 254 6.53 -80.05 6.90
C ILE E 254 5.50 -81.01 6.34
N GLY E 255 4.68 -81.57 7.23
CA GLY E 255 3.58 -82.38 6.79
C GLY E 255 2.51 -81.54 6.13
N ASN E 256 1.58 -82.23 5.46
CA ASN E 256 0.57 -81.53 4.66
C ASN E 256 -0.26 -80.60 5.54
N ASN E 257 -0.73 -81.09 6.70
CA ASN E 257 -1.48 -80.26 7.62
C ASN E 257 -0.63 -79.23 8.34
N GLY E 258 0.69 -79.27 8.20
CA GLY E 258 1.60 -78.34 8.83
C GLY E 258 2.29 -78.87 10.08
N ARG E 259 1.86 -80.01 10.59
CA ARG E 259 2.53 -80.69 11.69
C ARG E 259 3.77 -81.43 11.21
N PRO E 260 4.73 -81.66 12.10
CA PRO E 260 5.91 -82.47 11.73
C PRO E 260 5.53 -83.87 11.28
N ALA E 261 5.98 -84.22 10.08
CA ALA E 261 5.45 -85.37 9.37
C ALA E 261 5.87 -86.70 9.99
N ASN E 262 4.93 -87.64 10.02
CA ASN E 262 5.13 -89.05 10.43
C ASN E 262 5.94 -89.19 11.72
N ASN E 263 5.69 -88.29 12.67
CA ASN E 263 6.31 -88.34 14.01
C ASN E 263 7.83 -88.21 13.93
N ASP E 264 8.33 -87.46 12.96
CA ASP E 264 9.67 -86.92 13.05
C ASP E 264 9.69 -85.83 14.11
N PRO E 265 10.85 -85.31 14.50
CA PRO E 265 10.89 -84.44 15.68
C PRO E 265 10.37 -83.04 15.41
N MET E 266 10.06 -82.35 16.51
CA MET E 266 9.64 -80.96 16.47
C MET E 266 10.62 -80.12 15.65
N TYR E 267 10.06 -79.14 14.93
CA TYR E 267 10.85 -78.40 13.97
C TYR E 267 11.94 -77.57 14.63
N ALA E 268 11.73 -77.13 15.86
CA ALA E 268 12.75 -76.39 16.60
C ALA E 268 13.38 -77.24 17.68
N ALA E 269 14.66 -77.00 17.91
CA ALA E 269 15.30 -77.50 19.11
C ALA E 269 14.73 -76.83 20.35
N TRP E 270 14.72 -77.56 21.46
CA TRP E 270 14.31 -77.01 22.74
C TRP E 270 15.57 -76.64 23.52
N LEU E 271 15.69 -75.37 23.86
CA LEU E 271 16.79 -74.90 24.68
C LEU E 271 16.35 -74.91 26.14
N PRO E 272 16.83 -75.85 26.96
CA PRO E 272 16.44 -75.84 28.37
C PRO E 272 16.93 -74.57 29.05
N TYR E 273 16.00 -73.85 29.65
CA TYR E 273 16.25 -72.46 30.05
C TYR E 273 15.90 -72.20 31.51
N TYR E 274 14.94 -72.94 32.06
CA TYR E 274 14.42 -72.61 33.38
C TYR E 274 14.50 -73.81 34.30
N GLN E 275 13.85 -74.91 33.96
CA GLN E 275 13.83 -76.05 34.85
C GLN E 275 15.15 -76.80 34.84
N ASN E 276 15.83 -76.82 33.70
CA ASN E 276 17.25 -77.12 33.61
C ASN E 276 17.85 -76.09 32.68
N ARG E 277 19.10 -75.72 32.93
CA ARG E 277 19.66 -74.53 32.30
C ARG E 277 20.92 -74.90 31.52
N ILE E 278 20.95 -74.50 30.25
CA ILE E 278 22.10 -74.71 29.36
C ILE E 278 22.64 -73.34 28.99
N ALA E 279 23.55 -72.81 29.80
CA ALA E 279 24.22 -71.57 29.45
C ALA E 279 25.23 -71.83 28.32
N TYR E 280 25.80 -70.75 27.80
CA TYR E 280 26.84 -70.89 26.78
C TYR E 280 28.00 -71.72 27.31
N ASP E 281 28.59 -72.50 26.42
CA ASP E 281 29.60 -73.49 26.76
C ASP E 281 29.08 -74.48 27.81
N MET E 288 23.84 -66.78 29.61
CA MET E 288 22.59 -67.33 29.13
C MET E 288 22.19 -66.72 27.80
N ALA E 289 21.77 -67.56 26.86
CA ALA E 289 21.43 -67.11 25.52
C ALA E 289 20.19 -66.21 25.53
N GLU E 290 20.17 -65.27 24.60
CA GLU E 290 19.11 -64.28 24.51
C GLU E 290 18.47 -64.32 23.13
N HIS E 291 17.28 -63.73 23.04
CA HIS E 291 16.50 -63.79 21.82
C HIS E 291 17.26 -63.24 20.62
N GLY E 292 17.32 -64.03 19.56
CA GLY E 292 18.03 -63.66 18.36
C GLY E 292 19.53 -63.85 18.40
N ASP E 293 20.07 -64.54 19.40
CA ASP E 293 21.48 -64.92 19.32
C ASP E 293 21.68 -65.97 18.24
N HIS E 294 22.58 -65.68 17.31
CA HIS E 294 23.03 -66.67 16.34
C HIS E 294 23.97 -67.62 17.06
N VAL E 295 23.63 -68.90 17.07
CA VAL E 295 24.26 -69.86 17.98
C VAL E 295 24.58 -71.13 17.20
N ARG E 296 25.55 -71.86 17.72
CA ARG E 296 25.94 -73.17 17.21
C ARG E 296 25.90 -74.12 18.39
N PHE E 297 25.31 -75.29 18.21
CA PHE E 297 25.02 -76.09 19.39
C PHE E 297 24.89 -77.55 19.03
N TRP E 298 25.17 -78.40 20.01
CA TRP E 298 24.81 -79.80 19.95
C TRP E 298 23.37 -79.96 20.39
N ALA E 299 22.66 -80.90 19.78
CA ALA E 299 21.35 -81.25 20.28
C ALA E 299 21.16 -82.76 20.24
N GLU E 300 20.33 -83.25 21.13
CA GLU E 300 20.02 -84.66 21.23
C GLU E 300 18.53 -84.84 21.05
N ARG E 301 18.15 -85.84 20.27
CA ARG E 301 16.75 -86.18 20.12
C ARG E 301 16.21 -86.81 21.41
N TYR E 302 15.18 -86.17 21.97
CA TYR E 302 14.54 -86.58 23.22
C TYR E 302 13.06 -86.84 22.97
N THR E 303 12.48 -87.73 23.78
CA THR E 303 11.11 -88.20 23.57
C THR E 303 10.24 -87.85 24.77
N ARG E 304 9.02 -87.40 24.48
CA ARG E 304 7.94 -87.34 25.46
C ARG E 304 6.62 -87.61 24.77
N GLY E 305 5.77 -88.39 25.43
CA GLY E 305 4.44 -88.68 24.95
C GLY E 305 4.40 -89.20 23.52
N ASN E 306 3.63 -88.52 22.68
CA ASN E 306 3.49 -88.85 21.26
C ASN E 306 4.57 -88.24 20.38
N PHE E 307 5.50 -87.46 20.92
CA PHE E 307 6.33 -86.61 20.09
C PHE E 307 7.79 -86.66 20.56
N CYS E 308 8.68 -86.16 19.73
CA CYS E 308 10.08 -86.07 20.07
C CYS E 308 10.65 -84.74 19.57
N TYR E 309 11.80 -84.36 20.13
CA TYR E 309 12.39 -83.06 19.86
C TYR E 309 13.89 -83.12 20.06
N TRP E 310 14.58 -82.14 19.47
CA TRP E 310 16.03 -81.96 19.66
C TRP E 310 16.29 -81.13 20.92
N ARG E 311 16.72 -81.80 21.99
CA ARG E 311 17.13 -81.12 23.20
C ARG E 311 18.53 -80.53 23.03
N VAL E 312 18.65 -79.21 23.12
CA VAL E 312 19.97 -78.57 23.10
C VAL E 312 20.79 -79.11 24.26
N ARG E 313 21.94 -79.71 23.93
CA ARG E 313 22.82 -80.29 24.92
C ARG E 313 23.89 -79.31 25.39
N GLN E 314 24.54 -78.61 24.47
CA GLN E 314 25.38 -77.48 24.82
C GLN E 314 25.46 -76.55 23.63
N ILE E 315 25.73 -75.29 23.90
CA ILE E 315 25.50 -74.23 22.94
C ILE E 315 26.63 -73.21 23.00
N ALA E 316 26.95 -72.64 21.86
CA ALA E 316 27.98 -71.61 21.73
C ALA E 316 27.50 -70.56 20.74
N ARG E 317 28.07 -69.37 20.85
CA ARG E 317 27.87 -68.39 19.80
C ARG E 317 28.50 -68.88 18.50
N HIS E 318 27.96 -68.43 17.36
CA HIS E 318 28.27 -69.03 16.07
C HIS E 318 29.75 -68.94 15.71
N ASN E 319 30.49 -68.02 16.34
CA ASN E 319 31.93 -67.92 16.11
C ASN E 319 32.69 -68.97 16.89
N GLN E 320 32.23 -69.28 18.11
CA GLN E 320 32.90 -70.18 19.01
C GLN E 320 32.74 -71.63 18.56
N ASN E 321 33.57 -72.50 19.14
CA ASN E 321 33.54 -73.93 18.87
C ASN E 321 32.76 -74.63 19.96
N LEU E 322 31.81 -75.49 19.56
CA LEU E 322 30.91 -76.14 20.51
C LEU E 322 31.53 -77.36 21.19
N GLY E 323 32.71 -77.79 20.78
CA GLY E 323 33.37 -78.92 21.43
C GLY E 323 32.89 -80.29 20.97
N ASN E 324 33.50 -81.29 21.60
CA ASN E 324 33.31 -82.68 21.20
C ASN E 324 31.88 -83.16 21.44
N ARG E 325 31.48 -84.16 20.66
CA ARG E 325 30.18 -84.78 20.71
C ARG E 325 29.84 -85.28 22.12
N PRO E 326 28.77 -84.79 22.74
CA PRO E 326 28.38 -85.30 24.05
C PRO E 326 27.85 -86.73 23.97
N GLU E 327 27.93 -87.42 25.11
CA GLU E 327 27.41 -88.77 25.25
C GLU E 327 25.93 -88.76 25.63
N ARG E 328 25.37 -89.96 25.76
CA ARG E 328 23.98 -90.18 26.17
C ARG E 328 23.57 -89.24 27.30
N GLY E 329 22.58 -88.40 27.03
CA GLY E 329 22.08 -87.51 28.04
C GLY E 329 21.27 -88.22 29.10
N ARG E 330 21.19 -87.58 30.26
CA ARG E 330 20.30 -88.02 31.32
C ARG E 330 18.85 -87.82 30.91
N ASN E 331 18.01 -88.80 31.21
CA ASN E 331 16.57 -88.62 31.12
C ASN E 331 16.10 -87.62 32.17
N TYR E 332 15.47 -86.54 31.71
CA TYR E 332 14.99 -85.47 32.59
C TYR E 332 13.52 -85.71 32.88
N GLY E 333 13.26 -86.47 33.94
CA GLY E 333 11.90 -86.91 34.23
C GLY E 333 11.34 -87.74 33.10
N GLN E 334 10.24 -87.25 32.51
CA GLN E 334 9.59 -87.94 31.41
C GLN E 334 10.22 -87.64 30.05
N HIS E 335 11.19 -86.73 29.98
CA HIS E 335 11.95 -86.51 28.74
C HIS E 335 13.05 -87.54 28.63
N HIS E 336 12.92 -88.48 27.70
CA HIS E 336 13.85 -89.59 27.58
C HIS E 336 14.78 -89.38 26.39
N SER E 337 16.08 -89.57 26.62
CA SER E 337 17.08 -89.54 25.57
C SER E 337 16.92 -90.66 24.57
N THR E 338 17.13 -90.36 23.29
CA THR E 338 17.26 -91.37 22.25
C THR E 338 18.71 -91.70 21.92
N GLY E 339 19.65 -90.83 22.28
CA GLY E 339 21.05 -90.91 21.87
C GLY E 339 21.38 -90.43 20.47
N VAL E 340 20.39 -90.12 19.63
CA VAL E 340 20.68 -89.57 18.31
C VAL E 340 21.10 -88.12 18.51
N ILE E 341 22.38 -87.82 18.28
CA ILE E 341 22.95 -86.52 18.59
C ILE E 341 23.48 -85.89 17.31
N GLU E 342 23.27 -84.59 17.17
CA GLU E 342 23.62 -83.81 16.00
C GLU E 342 24.08 -82.44 16.47
N GLN E 343 24.76 -81.71 15.60
CA GLN E 343 25.00 -80.30 15.85
C GLN E 343 24.40 -79.47 14.74
N PHE E 344 24.03 -78.24 15.09
CA PHE E 344 23.30 -77.35 14.19
C PHE E 344 23.78 -75.93 14.42
N GLU E 345 23.60 -75.08 13.43
CA GLU E 345 23.46 -73.67 13.70
C GLU E 345 21.99 -73.32 13.85
N GLY E 346 21.73 -72.20 14.51
CA GLY E 346 20.38 -71.72 14.61
C GLY E 346 20.33 -70.36 15.27
N PHE E 347 19.11 -69.86 15.41
CA PHE E 347 18.83 -68.71 16.25
C PHE E 347 18.00 -69.18 17.44
N VAL E 348 18.41 -68.78 18.64
CA VAL E 348 17.55 -68.98 19.80
C VAL E 348 16.36 -68.04 19.70
N TYR E 349 15.17 -68.62 19.66
CA TYR E 349 13.93 -67.87 19.85
C TYR E 349 13.57 -67.95 21.32
N LYS E 350 13.68 -66.83 22.02
CA LYS E 350 13.31 -66.79 23.43
C LYS E 350 12.09 -65.90 23.59
N THR E 351 11.13 -66.39 24.36
CA THR E 351 10.10 -65.60 25.00
C THR E 351 10.23 -65.88 26.49
N ASN E 352 9.81 -64.93 27.30
CA ASN E 352 10.14 -65.00 28.70
C ASN E 352 9.47 -66.20 29.36
N LYS E 353 9.66 -66.36 30.66
CA LYS E 353 8.97 -67.44 31.38
C LYS E 353 7.50 -67.03 31.49
N ASN E 354 6.79 -67.19 30.38
CA ASN E 354 5.59 -66.43 30.11
C ASN E 354 4.30 -67.22 30.35
N ILE E 355 4.38 -68.53 30.57
CA ILE E 355 3.35 -69.26 31.29
C ILE E 355 4.03 -70.21 32.26
N GLY E 356 3.25 -70.69 33.23
CA GLY E 356 3.83 -71.34 34.39
C GLY E 356 4.57 -72.63 34.10
N ASN E 357 4.12 -73.41 33.14
CA ASN E 357 4.78 -74.68 32.84
C ASN E 357 6.02 -74.53 31.97
N LYS E 358 6.38 -73.31 31.57
CA LYS E 358 7.46 -73.13 30.60
C LYS E 358 8.81 -73.45 31.20
N HIS E 359 9.57 -74.29 30.50
CA HIS E 359 10.89 -74.76 30.88
C HIS E 359 11.97 -74.32 29.92
N ASP E 360 11.65 -74.31 28.62
CA ASP E 360 12.62 -74.24 27.55
C ASP E 360 12.28 -73.14 26.57
N GLU E 361 13.31 -72.42 26.10
CA GLU E 361 13.16 -71.60 24.91
C GLU E 361 13.29 -72.48 23.68
N ARG E 362 13.39 -71.86 22.52
CA ARG E 362 13.51 -72.58 21.26
C ARG E 362 14.75 -72.12 20.51
N VAL E 363 15.35 -73.04 19.76
CA VAL E 363 16.37 -72.69 18.79
C VAL E 363 15.89 -73.12 17.41
N PHE E 364 15.76 -72.14 16.51
CA PHE E 364 15.35 -72.37 15.13
C PHE E 364 16.54 -72.93 14.37
N ILE E 365 16.52 -74.24 14.12
CA ILE E 365 17.66 -74.94 13.54
C ILE E 365 17.79 -74.58 12.07
N ILE E 366 18.60 -73.56 11.79
CA ILE E 366 18.82 -73.06 10.43
C ILE E 366 19.68 -74.00 9.60
N ASP E 367 20.60 -74.71 10.25
CA ASP E 367 21.61 -75.51 9.56
C ASP E 367 21.03 -76.44 8.49
N ARG E 368 19.91 -77.11 8.78
CA ARG E 368 19.58 -78.32 8.02
C ARG E 368 18.69 -78.13 6.79
N GLU E 369 17.50 -77.55 6.95
CA GLU E 369 16.56 -77.51 5.83
C GLU E 369 15.75 -76.22 5.87
N SER E 370 15.41 -75.71 4.69
CA SER E 370 14.83 -74.38 4.60
C SER E 370 14.01 -74.21 3.32
N ILE E 371 13.03 -73.29 3.39
CA ILE E 371 12.13 -72.97 2.29
C ILE E 371 11.83 -71.47 2.33
N GLU E 372 12.34 -70.72 1.36
CA GLU E 372 11.98 -69.31 1.22
C GLU E 372 10.62 -69.14 0.56
N ILE E 373 9.79 -68.28 1.14
CA ILE E 373 8.42 -68.03 0.71
C ILE E 373 8.21 -66.52 0.65
N PRO E 374 7.51 -66.00 -0.35
CA PRO E 374 7.28 -64.55 -0.42
C PRO E 374 6.49 -64.02 0.77
N LEU E 375 6.96 -62.91 1.32
CA LEU E 375 6.28 -62.21 2.41
C LEU E 375 5.39 -61.10 1.85
N SER E 376 4.12 -61.43 1.60
CA SER E 376 3.16 -60.48 1.09
C SER E 376 2.85 -59.39 2.12
N ARG E 377 2.35 -58.26 1.62
CA ARG E 377 1.88 -57.18 2.48
C ARG E 377 0.78 -57.63 3.43
N ASP E 378 -0.08 -58.54 2.98
CA ASP E 378 -1.16 -58.99 3.84
C ASP E 378 -0.63 -59.72 5.06
N LEU E 379 0.40 -60.55 4.89
CA LEU E 379 1.03 -61.17 6.05
C LEU E 379 1.65 -60.15 6.98
N ARG E 380 2.34 -59.15 6.44
CA ARG E 380 2.99 -58.18 7.32
C ARG E 380 2.00 -57.22 7.98
N ARG E 381 0.91 -56.87 7.32
CA ARG E 381 -0.11 -56.07 8.00
C ARG E 381 -0.92 -56.88 9.02
N LYS E 382 -1.13 -58.17 8.79
CA LYS E 382 -1.69 -59.03 9.83
C LYS E 382 -0.81 -59.07 11.07
N TRP E 383 0.50 -59.21 10.88
CA TRP E 383 1.45 -59.18 11.99
C TRP E 383 1.39 -57.87 12.76
N ARG E 384 1.34 -56.74 12.06
CA ARG E 384 1.21 -55.47 12.74
C ARG E 384 -0.05 -55.42 13.59
N GLU E 385 -1.18 -55.81 13.03
CA GLU E 385 -2.44 -55.85 13.77
C GLU E 385 -2.36 -56.83 14.94
N LEU E 386 -1.72 -57.97 14.74
CA LEU E 386 -1.62 -58.95 15.80
C LEU E 386 -0.75 -58.45 16.95
N ILE E 387 0.39 -57.85 16.62
CA ILE E 387 1.31 -57.42 17.68
C ILE E 387 0.81 -56.15 18.36
N THR E 388 0.17 -55.24 17.64
CA THR E 388 -0.45 -54.10 18.32
C THR E 388 -1.52 -54.56 19.30
N SER E 389 -2.28 -55.60 18.94
CA SER E 389 -3.22 -56.20 19.89
C SER E 389 -2.51 -56.64 21.16
N TYR E 390 -1.46 -57.46 21.02
CA TYR E 390 -0.70 -57.93 22.16
C TYR E 390 -0.21 -56.79 23.04
N GLN E 391 0.24 -55.70 22.42
CA GLN E 391 0.78 -54.58 23.17
C GLN E 391 -0.29 -53.73 23.83
N GLU E 392 -1.31 -53.31 23.06
CA GLU E 392 -2.30 -52.38 23.59
C GLU E 392 -3.16 -52.98 24.69
N ILE E 393 -3.49 -54.26 24.60
CA ILE E 393 -4.33 -54.90 25.61
C ILE E 393 -3.67 -54.94 26.97
N HIS E 394 -2.36 -54.85 27.02
CA HIS E 394 -1.63 -54.85 28.28
C HIS E 394 -1.01 -53.52 28.65
N LYS E 395 -1.29 -52.46 27.88
CA LYS E 395 -0.69 -51.16 28.16
C LYS E 395 -1.05 -50.66 29.56
N LYS E 396 -2.32 -50.77 29.92
CA LYS E 396 -2.76 -50.44 31.28
C LYS E 396 -2.10 -51.35 32.31
N GLU E 397 -1.87 -52.62 31.96
CA GLU E 397 -1.27 -53.56 32.90
C GLU E 397 0.18 -53.22 33.18
N VAL E 398 0.95 -52.94 32.14
CA VAL E 398 2.37 -52.62 32.31
C VAL E 398 2.57 -51.21 32.84
N ASP E 399 1.62 -50.31 32.60
CA ASP E 399 1.65 -48.99 33.24
C ASP E 399 1.40 -49.09 34.75
N ARG E 400 0.47 -49.94 35.17
CA ARG E 400 0.32 -50.29 36.58
C ARG E 400 1.57 -50.92 37.18
N GLY E 401 2.52 -51.32 36.35
CA GLY E 401 3.71 -51.98 36.86
C GLY E 401 3.54 -53.45 37.11
N ASP E 402 2.49 -54.06 36.57
CA ASP E 402 2.31 -55.51 36.67
C ASP E 402 3.35 -56.25 35.82
N THR E 403 3.89 -57.33 36.37
CA THR E 403 4.95 -58.07 35.71
C THR E 403 4.45 -59.27 34.90
N GLY E 404 3.18 -59.64 35.01
CA GLY E 404 2.71 -60.80 34.30
C GLY E 404 1.20 -60.92 34.09
N PRO E 405 0.82 -61.99 33.39
CA PRO E 405 -0.56 -62.13 32.90
C PRO E 405 -1.63 -61.96 33.97
N SER E 406 -2.77 -61.43 33.53
CA SER E 406 -3.83 -60.98 34.42
C SER E 406 -4.44 -62.10 35.26
N ALA E 407 -4.26 -63.36 34.87
CA ALA E 407 -4.78 -64.46 35.66
C ALA E 407 -3.77 -65.60 35.86
N VAL E 408 -2.49 -65.35 35.64
CA VAL E 408 -1.44 -66.36 35.83
C VAL E 408 -0.30 -65.70 36.57
N ASN E 409 -0.25 -65.88 37.89
CA ASN E 409 0.80 -65.32 38.71
C ASN E 409 2.11 -66.09 38.50
N GLY E 410 3.22 -65.41 38.78
CA GLY E 410 4.54 -65.98 38.60
C GLY E 410 5.01 -66.08 37.16
N ALA E 411 4.12 -65.96 36.19
CA ALA E 411 4.54 -65.79 34.81
C ALA E 411 4.96 -64.35 34.55
N VAL E 412 5.69 -64.17 33.46
CA VAL E 412 6.26 -62.89 33.08
C VAL E 412 5.76 -62.55 31.68
N TRP E 413 5.59 -61.27 31.41
CA TRP E 413 5.07 -60.83 30.12
C TRP E 413 5.88 -61.43 28.97
N SER E 414 5.16 -61.91 27.97
CA SER E 414 5.76 -62.46 26.77
C SER E 414 6.43 -61.36 25.96
N ARG E 415 7.55 -61.71 25.32
CA ARG E 415 8.47 -60.70 24.82
C ARG E 415 7.79 -59.67 23.92
N GLN E 416 6.98 -60.14 22.97
CA GLN E 416 6.32 -59.22 22.04
C GLN E 416 5.41 -58.24 22.73
N ILE E 417 4.94 -58.54 23.95
CA ILE E 417 4.07 -57.62 24.65
C ILE E 417 4.87 -56.46 25.21
N ILE E 418 6.04 -56.75 25.79
CA ILE E 418 6.88 -55.71 26.39
C ILE E 418 7.73 -55.03 25.34
N ALA E 419 8.08 -55.74 24.27
CA ALA E 419 8.78 -55.13 23.15
C ALA E 419 8.06 -53.88 22.69
N ASP E 420 8.81 -52.98 22.07
CA ASP E 420 8.28 -51.70 21.62
C ASP E 420 7.59 -51.85 20.26
N GLU E 421 7.21 -50.70 19.69
CA GLU E 421 6.67 -50.56 18.35
C GLU E 421 7.43 -51.34 17.28
N SER E 422 8.74 -51.46 17.45
CA SER E 422 9.57 -52.18 16.48
C SER E 422 9.15 -53.63 16.33
N GLU E 423 8.49 -54.21 17.33
CA GLU E 423 8.02 -55.59 17.23
C GLU E 423 6.90 -55.72 16.21
N ARG E 424 6.12 -54.66 16.01
CA ARG E 424 5.06 -54.64 15.02
C ARG E 424 5.60 -54.63 13.60
N ASN E 425 6.87 -54.29 13.41
CA ASN E 425 7.32 -53.86 12.09
C ASN E 425 7.70 -55.02 11.18
N LEU E 426 8.00 -56.18 11.73
CA LEU E 426 8.38 -57.35 10.95
C LEU E 426 9.54 -57.00 10.01
N SER E 427 10.61 -56.52 10.62
CA SER E 427 11.81 -56.10 9.94
C SER E 427 12.72 -57.29 9.66
N ASP E 428 13.67 -57.07 8.75
CA ASP E 428 14.58 -58.10 8.30
C ASP E 428 15.28 -58.80 9.47
N GLY E 429 15.39 -60.13 9.37
CA GLY E 429 15.98 -60.96 10.38
C GLY E 429 15.12 -61.26 11.60
N THR E 430 13.95 -60.64 11.74
CA THR E 430 13.07 -61.00 12.83
C THR E 430 12.54 -62.42 12.65
N LEU E 431 12.30 -63.08 13.77
CA LEU E 431 11.90 -64.48 13.78
C LEU E 431 10.42 -64.58 14.13
N CYS E 432 9.74 -65.55 13.52
CA CYS E 432 8.33 -65.75 13.70
C CYS E 432 8.03 -67.24 13.69
N TYR E 433 6.84 -67.60 14.12
CA TYR E 433 6.21 -68.83 13.66
C TYR E 433 5.31 -68.57 12.46
N ALA E 434 5.41 -69.43 11.46
CA ALA E 434 4.52 -69.40 10.31
C ALA E 434 3.55 -70.56 10.42
N HIS E 435 2.25 -70.25 10.38
CA HIS E 435 1.24 -71.27 10.22
C HIS E 435 1.23 -71.69 8.76
N VAL E 436 1.53 -72.95 8.50
CA VAL E 436 1.74 -73.40 7.12
C VAL E 436 0.92 -74.65 6.86
N LYS E 437 0.54 -74.81 5.60
CA LYS E 437 -0.04 -76.05 5.11
C LYS E 437 0.42 -76.26 3.68
N LYS E 438 0.48 -77.54 3.27
CA LYS E 438 0.91 -77.89 1.92
C LYS E 438 -0.25 -78.02 0.96
N GLU E 439 -1.23 -77.13 1.04
CA GLU E 439 -2.37 -77.19 0.14
C GLU E 439 -1.95 -76.87 -1.30
N ASP E 440 -2.62 -77.53 -2.25
CA ASP E 440 -2.40 -77.40 -3.68
C ASP E 440 -0.94 -77.67 -4.10
N GLY E 441 -0.20 -78.42 -3.30
CA GLY E 441 1.17 -78.77 -3.66
C GLY E 441 2.21 -77.71 -3.39
N GLN E 442 1.86 -76.65 -2.69
CA GLN E 442 2.79 -75.60 -2.32
C GLN E 442 2.75 -75.44 -0.81
N TYR E 443 3.86 -75.01 -0.24
CA TYR E 443 3.82 -74.55 1.15
C TYR E 443 3.14 -73.19 1.19
N LYS E 444 1.86 -73.20 1.53
CA LYS E 444 1.13 -71.97 1.78
C LYS E 444 1.42 -71.50 3.18
N ILE E 445 1.81 -70.24 3.31
CA ILE E 445 1.89 -69.61 4.62
C ILE E 445 0.59 -68.88 4.89
N LEU E 446 -0.12 -69.32 5.92
CA LEU E 446 -1.39 -68.70 6.27
C LEU E 446 -1.16 -67.43 7.07
N ASN E 447 -0.40 -67.52 8.15
CA ASN E 447 -0.23 -66.39 9.05
C ASN E 447 1.11 -66.51 9.76
N LEU E 448 1.57 -65.37 10.28
CA LEU E 448 2.77 -65.29 11.10
C LEU E 448 2.37 -65.04 12.54
N TYR E 449 2.98 -65.78 13.46
CA TYR E 449 2.59 -65.74 14.86
C TYR E 449 3.81 -65.63 15.77
N PRO E 450 3.69 -64.88 16.88
CA PRO E 450 4.83 -64.70 17.77
C PRO E 450 5.04 -65.81 18.77
N VAL E 451 4.09 -66.73 18.93
CA VAL E 451 4.16 -67.79 19.93
C VAL E 451 3.46 -69.00 19.36
N MET E 452 3.73 -70.16 19.97
CA MET E 452 3.14 -71.39 19.45
C MET E 452 1.64 -71.38 19.60
N ILE E 453 1.13 -71.13 20.80
CA ILE E 453 -0.30 -70.97 21.03
C ILE E 453 -0.55 -69.50 21.28
N THR E 454 -1.31 -68.89 20.39
CA THR E 454 -1.19 -67.47 20.13
C THR E 454 -2.57 -66.82 20.07
N ARG E 455 -2.57 -65.51 20.26
CA ARG E 455 -3.62 -64.69 19.70
C ARG E 455 -3.58 -64.80 18.18
N GLY E 456 -4.74 -64.70 17.56
CA GLY E 456 -4.82 -64.52 16.13
C GLY E 456 -5.97 -63.61 15.80
N LEU E 457 -6.16 -63.40 14.51
CA LEU E 457 -7.09 -62.40 14.00
C LEU E 457 -8.28 -63.06 13.35
N TYR E 458 -9.45 -62.45 13.48
CA TYR E 458 -10.55 -62.81 12.61
C TYR E 458 -10.21 -62.41 11.18
N GLU E 459 -10.88 -63.07 10.23
CA GLU E 459 -10.53 -62.91 8.83
C GLU E 459 -10.81 -61.50 8.31
N ILE E 460 -11.85 -60.84 8.79
CA ILE E 460 -12.35 -59.61 8.20
C ILE E 460 -12.41 -58.52 9.24
N ALA E 461 -12.04 -57.29 8.84
CA ALA E 461 -12.20 -56.12 9.69
C ALA E 461 -13.66 -55.70 9.82
N PRO E 462 -14.10 -55.31 11.01
CA PRO E 462 -15.47 -54.83 11.18
C PRO E 462 -15.92 -53.70 10.26
N VAL E 463 -15.01 -52.86 9.78
CA VAL E 463 -15.40 -51.81 8.84
C VAL E 463 -15.82 -52.42 7.50
N ASP E 464 -15.33 -53.60 7.16
CA ASP E 464 -15.73 -54.26 5.94
C ASP E 464 -17.03 -55.03 6.09
N LEU E 465 -17.48 -55.24 7.32
CA LEU E 465 -18.77 -55.85 7.57
C LEU E 465 -19.91 -54.85 7.65
N LEU E 466 -19.64 -53.56 7.56
CA LEU E 466 -20.69 -52.54 7.59
C LEU E 466 -20.85 -51.94 6.20
N ASP E 467 -22.09 -51.82 5.77
CA ASP E 467 -22.40 -51.35 4.43
C ASP E 467 -22.05 -49.86 4.27
N GLU E 468 -21.70 -49.49 3.04
CA GLU E 468 -21.35 -48.11 2.73
C GLU E 468 -22.53 -47.16 2.87
N THR E 469 -23.76 -47.65 2.75
CA THR E 469 -24.95 -46.87 3.02
C THR E 469 -25.24 -46.72 4.50
N LEU E 470 -24.46 -47.38 5.36
CA LEU E 470 -24.63 -47.30 6.78
C LEU E 470 -23.46 -46.67 7.50
N LYS E 471 -22.28 -46.62 6.86
CA LYS E 471 -21.15 -45.90 7.41
C LYS E 471 -21.48 -44.43 7.57
N PRO E 472 -20.79 -43.73 8.47
CA PRO E 472 -20.93 -42.27 8.56
C PRO E 472 -20.82 -41.63 7.19
N ALA E 473 -21.59 -40.57 7.00
CA ALA E 473 -21.64 -39.88 5.73
C ALA E 473 -20.32 -39.21 5.41
N THR E 474 -19.98 -39.19 4.13
CA THR E 474 -18.77 -38.55 3.65
C THR E 474 -19.06 -37.56 2.54
N ASP E 475 -20.32 -37.32 2.22
CA ASP E 475 -20.70 -36.32 1.23
C ASP E 475 -22.05 -35.73 1.62
N LYS E 476 -22.22 -34.44 1.34
CA LYS E 476 -23.48 -33.75 1.56
C LYS E 476 -24.63 -34.39 0.79
N LYS E 477 -24.34 -35.02 -0.34
CA LYS E 477 -25.35 -35.72 -1.11
C LYS E 477 -25.81 -37.02 -0.47
N GLN E 478 -25.13 -37.49 0.57
CA GLN E 478 -25.46 -38.77 1.19
C GLN E 478 -25.81 -38.63 2.67
N LEU E 479 -26.42 -37.50 3.05
CA LEU E 479 -26.85 -37.29 4.42
C LEU E 479 -28.13 -38.06 4.69
N SER E 480 -28.09 -38.93 5.69
CA SER E 480 -29.23 -39.73 6.08
C SER E 480 -30.18 -38.92 6.97
N PRO E 481 -31.34 -39.48 7.33
CA PRO E 481 -32.27 -38.72 8.19
C PRO E 481 -31.67 -38.14 9.45
N ALA E 482 -30.93 -38.92 10.26
CA ALA E 482 -30.33 -38.37 11.47
C ALA E 482 -29.16 -37.43 11.20
N ASP E 483 -28.49 -37.55 10.06
CA ASP E 483 -27.46 -36.56 9.71
C ASP E 483 -28.10 -35.23 9.38
N ARG E 484 -29.30 -35.25 8.84
CA ARG E 484 -30.01 -34.02 8.54
C ARG E 484 -30.64 -33.42 9.79
N VAL E 485 -31.29 -34.25 10.60
CA VAL E 485 -31.94 -33.75 11.81
C VAL E 485 -30.91 -33.27 12.82
N PHE E 486 -29.89 -34.07 13.10
CA PHE E 486 -28.93 -33.75 14.14
C PHE E 486 -27.64 -33.12 13.64
N GLY E 487 -27.45 -33.03 12.34
CA GLY E 487 -26.28 -32.39 11.79
C GLY E 487 -25.10 -33.32 11.63
N TRP E 488 -24.11 -32.84 10.88
CA TRP E 488 -23.03 -33.70 10.43
C TRP E 488 -21.77 -32.88 10.27
N VAL E 489 -20.63 -33.49 10.59
CA VAL E 489 -19.32 -33.02 10.15
C VAL E 489 -18.61 -34.21 9.52
N ASN E 490 -18.05 -34.00 8.33
CA ASN E 490 -17.28 -35.03 7.66
C ASN E 490 -15.99 -35.31 8.40
N GLN E 491 -15.78 -36.56 8.81
CA GLN E 491 -14.57 -36.97 9.51
C GLN E 491 -13.46 -37.35 8.55
N ARG E 492 -13.81 -37.69 7.31
CA ARG E 492 -12.87 -38.14 6.31
C ARG E 492 -12.97 -37.25 5.08
N GLY E 493 -12.88 -35.94 5.28
CA GLY E 493 -12.99 -35.02 4.18
C GLY E 493 -13.50 -33.68 4.67
N ASN E 494 -13.79 -32.81 3.71
CA ASN E 494 -14.51 -31.58 3.95
C ASN E 494 -16.01 -31.83 3.95
N GLY E 495 -16.75 -30.94 4.61
CA GLY E 495 -18.19 -31.03 4.63
C GLY E 495 -18.75 -31.04 6.03
N CYS E 496 -19.80 -30.26 6.25
CA CYS E 496 -20.48 -30.21 7.53
C CYS E 496 -21.87 -29.66 7.33
N TYR E 497 -22.73 -29.94 8.29
CA TYR E 497 -24.10 -29.47 8.27
C TYR E 497 -24.49 -29.14 9.71
N LYS E 498 -25.07 -27.98 9.91
CA LYS E 498 -25.64 -27.64 11.19
C LYS E 498 -26.91 -28.45 11.43
N GLY E 499 -27.06 -28.95 12.65
CA GLY E 499 -28.25 -29.70 12.99
C GLY E 499 -29.51 -28.88 12.90
N GLN E 500 -30.55 -29.50 12.38
CA GLN E 500 -31.90 -28.94 12.35
C GLN E 500 -32.65 -29.10 13.66
N LEU E 501 -32.04 -29.67 14.70
CA LEU E 501 -32.68 -29.93 15.98
C LEU E 501 -31.81 -29.37 17.08
N ARG E 502 -32.42 -28.63 18.01
CA ARG E 502 -31.72 -27.97 19.10
C ARG E 502 -32.40 -28.29 20.42
N ILE E 503 -31.68 -28.89 21.35
CA ILE E 503 -32.15 -29.14 22.70
C ILE E 503 -31.63 -28.02 23.59
N HIS E 504 -32.51 -27.47 24.41
CA HIS E 504 -32.18 -26.29 25.19
C HIS E 504 -33.13 -26.18 26.37
N SER E 505 -32.78 -25.29 27.30
CA SER E 505 -33.62 -24.91 28.43
C SER E 505 -33.90 -26.07 29.38
N VAL E 506 -32.94 -26.97 29.56
CA VAL E 506 -33.15 -28.11 30.45
C VAL E 506 -33.26 -27.61 31.88
N THR E 507 -34.43 -27.77 32.48
CA THR E 507 -34.72 -27.26 33.80
C THR E 507 -35.13 -28.43 34.67
N CYS E 508 -34.43 -28.64 35.78
CA CYS E 508 -34.92 -29.55 36.80
C CYS E 508 -36.07 -28.90 37.56
N GLN E 509 -37.20 -29.60 37.65
CA GLN E 509 -38.37 -29.08 38.35
C GLN E 509 -38.35 -29.39 39.84
N HIS E 510 -37.80 -30.53 40.23
CA HIS E 510 -37.67 -30.87 41.64
C HIS E 510 -36.45 -30.19 42.25
N ASP E 511 -36.58 -29.77 43.50
CA ASP E 511 -35.48 -29.11 44.19
C ASP E 511 -34.60 -30.09 44.96
N ASP E 512 -35.20 -30.95 45.77
CA ASP E 512 -34.43 -31.95 46.49
C ASP E 512 -34.12 -33.18 45.64
N ALA E 513 -33.79 -32.97 44.36
CA ALA E 513 -33.74 -34.04 43.38
C ALA E 513 -32.56 -34.98 43.54
N ILE E 514 -31.51 -34.59 44.24
CA ILE E 514 -30.29 -35.37 44.32
C ILE E 514 -30.30 -36.16 45.61
N ASP E 515 -30.19 -37.47 45.48
CA ASP E 515 -29.95 -38.36 46.60
C ASP E 515 -28.47 -38.34 46.94
N ASP E 516 -28.13 -37.80 48.11
CA ASP E 516 -26.88 -38.12 48.78
C ASP E 516 -27.23 -39.06 49.91
N PHE E 517 -26.53 -40.17 49.98
CA PHE E 517 -27.09 -41.36 50.60
C PHE E 517 -27.06 -41.29 52.11
N GLY E 518 -26.99 -40.09 52.69
CA GLY E 518 -26.98 -39.93 54.12
C GLY E 518 -26.09 -38.79 54.53
N ASN E 519 -24.97 -38.65 53.84
CA ASN E 519 -24.02 -37.57 54.06
C ASN E 519 -23.35 -37.24 52.75
N GLN E 520 -22.86 -36.00 52.66
CA GLN E 520 -22.13 -35.58 51.47
C GLN E 520 -20.81 -36.33 51.30
N ASN E 521 -20.33 -37.01 52.33
CA ASN E 521 -19.12 -37.80 52.21
C ASN E 521 -19.39 -39.29 51.97
N PHE E 522 -20.64 -39.72 51.93
CA PHE E 522 -20.92 -41.09 51.51
C PHE E 522 -20.84 -41.24 49.99
N SER E 523 -20.64 -42.48 49.55
CA SER E 523 -20.72 -42.82 48.14
C SER E 523 -21.08 -44.29 48.03
N VAL E 524 -21.70 -44.65 46.92
CA VAL E 524 -21.88 -46.04 46.51
C VAL E 524 -20.82 -46.38 45.47
N PRO E 525 -20.01 -47.41 45.68
CA PRO E 525 -19.15 -47.95 44.61
C PRO E 525 -19.95 -48.72 43.58
N LEU E 526 -19.93 -48.24 42.33
CA LEU E 526 -20.67 -48.87 41.25
C LEU E 526 -20.02 -50.18 40.83
N ALA E 527 -20.83 -51.07 40.25
CA ALA E 527 -20.31 -52.27 39.62
C ALA E 527 -19.39 -51.90 38.46
N ILE E 528 -18.45 -52.80 38.17
CA ILE E 528 -17.45 -52.55 37.14
C ILE E 528 -18.13 -52.27 35.81
N LEU E 529 -17.80 -51.14 35.21
CA LEU E 529 -18.20 -50.80 33.85
C LEU E 529 -17.03 -51.05 32.90
N GLY E 530 -16.95 -52.27 32.36
CA GLY E 530 -15.86 -52.66 31.50
C GLY E 530 -15.96 -52.10 30.09
N GLN E 531 -14.83 -52.08 29.41
CA GLN E 531 -14.81 -51.76 27.99
C GLN E 531 -15.61 -52.78 27.16
N PRO E 532 -16.46 -52.33 26.24
CA PRO E 532 -16.99 -53.21 25.20
C PRO E 532 -15.91 -53.91 24.40
N LYS E 533 -16.08 -55.22 24.22
CA LYS E 533 -15.11 -56.10 23.59
C LYS E 533 -15.73 -56.71 22.35
N PRO E 534 -15.79 -55.96 21.24
CA PRO E 534 -16.36 -56.52 20.01
C PRO E 534 -15.67 -57.77 19.49
N GLU E 535 -14.45 -58.04 19.93
CA GLU E 535 -13.74 -59.26 19.59
C GLU E 535 -14.47 -60.52 20.01
N GLN E 536 -15.46 -60.44 20.90
CA GLN E 536 -16.40 -61.54 21.16
C GLN E 536 -17.43 -61.57 20.04
N ALA E 537 -17.06 -62.25 18.95
CA ALA E 537 -17.85 -62.24 17.72
C ALA E 537 -19.28 -62.70 17.92
N ARG E 538 -19.51 -63.63 18.83
CA ARG E 538 -20.87 -64.14 19.03
C ARG E 538 -21.84 -63.09 19.55
N PHE E 539 -21.32 -62.01 20.11
CA PHE E 539 -22.15 -60.91 20.60
C PHE E 539 -22.26 -59.75 19.64
N TYR E 540 -21.20 -59.47 18.88
CA TYR E 540 -21.11 -58.27 18.08
C TYR E 540 -21.18 -58.51 16.59
N CYS E 541 -21.00 -59.74 16.13
CA CYS E 541 -21.05 -60.06 14.71
C CYS E 541 -22.44 -60.60 14.35
N ALA E 542 -22.87 -60.28 13.14
CA ALA E 542 -24.10 -60.80 12.57
C ALA E 542 -23.80 -61.82 11.48
N ASP E 543 -24.73 -62.75 11.29
CA ASP E 543 -24.55 -63.77 10.27
C ASP E 543 -24.93 -63.29 8.88
N ASP E 544 -25.55 -62.12 8.75
CA ASP E 544 -25.81 -61.50 7.46
C ASP E 544 -25.91 -59.99 7.66
N ARG E 545 -25.99 -59.28 6.53
CA ARG E 545 -26.10 -57.83 6.55
C ARG E 545 -27.43 -57.32 7.09
N LYS E 546 -28.47 -58.15 7.14
CA LYS E 546 -29.70 -57.74 7.83
C LYS E 546 -29.66 -58.00 9.35
N GLY E 547 -28.51 -58.29 9.92
CA GLY E 547 -28.30 -58.20 11.36
C GLY E 547 -28.71 -59.39 12.18
N ILE E 548 -28.88 -60.55 11.56
CA ILE E 548 -29.19 -61.80 12.25
C ILE E 548 -28.01 -62.22 13.12
N PRO E 549 -28.21 -62.72 14.35
CA PRO E 549 -27.10 -63.23 15.14
C PRO E 549 -26.34 -64.34 14.41
N LEU E 550 -25.07 -64.49 14.77
CA LEU E 550 -24.34 -65.70 14.40
C LEU E 550 -25.09 -66.93 14.85
N GLU E 551 -24.96 -67.99 14.08
CA GLU E 551 -25.52 -69.28 14.48
C GLU E 551 -24.79 -69.84 15.69
N ASP E 552 -25.54 -70.47 16.58
CA ASP E 552 -24.95 -71.10 17.75
C ASP E 552 -24.19 -72.38 17.37
N GLY E 553 -23.23 -72.75 18.21
CA GLY E 553 -22.51 -73.98 18.08
C GLY E 553 -21.30 -73.93 17.18
N TYR E 554 -21.21 -72.95 16.31
CA TYR E 554 -20.13 -72.89 15.34
C TYR E 554 -18.81 -72.52 16.00
N ASP E 555 -17.73 -72.84 15.30
CA ASP E 555 -16.39 -72.48 15.75
C ASP E 555 -16.19 -70.97 15.76
N ARG E 556 -15.36 -70.53 16.71
CA ARG E 556 -15.12 -69.11 16.90
C ARG E 556 -14.52 -68.46 15.65
N ASP E 557 -13.73 -69.22 14.89
CA ASP E 557 -13.26 -68.83 13.57
C ASP E 557 -14.36 -68.34 12.64
N ASP E 558 -15.61 -68.72 12.88
CA ASP E 558 -16.73 -68.40 12.01
C ASP E 558 -17.33 -67.01 12.24
N GLY E 559 -16.83 -66.24 13.19
CA GLY E 559 -17.16 -64.84 13.28
C GLY E 559 -16.23 -63.96 12.47
N TYR E 560 -16.80 -62.87 11.95
CA TYR E 560 -16.09 -61.92 11.09
C TYR E 560 -15.36 -62.62 9.95
N SER E 561 -16.03 -63.59 9.32
CA SER E 561 -15.37 -64.51 8.41
C SER E 561 -15.69 -64.28 6.95
N ASP E 562 -16.88 -63.76 6.63
CA ASP E 562 -17.36 -63.65 5.27
C ASP E 562 -17.82 -62.22 5.03
N SER E 563 -17.59 -61.73 3.82
CA SER E 563 -18.07 -60.40 3.47
C SER E 563 -19.59 -60.32 3.50
N GLU E 564 -20.27 -61.43 3.26
CA GLU E 564 -21.72 -61.49 3.37
C GLU E 564 -22.22 -61.56 4.81
N GLN E 565 -21.36 -61.73 5.80
CA GLN E 565 -21.74 -61.49 7.18
C GLN E 565 -21.92 -60.00 7.44
N GLY E 566 -22.31 -59.67 8.65
CA GLY E 566 -22.52 -58.28 8.99
C GLY E 566 -22.23 -57.92 10.42
N LEU E 567 -22.53 -56.69 10.78
CA LEU E 567 -22.42 -56.23 12.15
C LEU E 567 -23.80 -56.40 12.79
N ARG E 568 -23.82 -56.52 14.12
CA ARG E 568 -25.12 -56.68 14.76
C ARG E 568 -26.01 -55.46 14.64
N GLY E 569 -25.48 -54.27 14.45
CA GLY E 569 -26.28 -53.07 14.34
C GLY E 569 -25.89 -52.05 15.40
N ARG E 570 -26.90 -51.44 15.99
CA ARG E 570 -26.75 -50.37 16.98
C ARG E 570 -26.92 -50.95 18.37
N LYS E 571 -25.91 -50.77 19.21
CA LYS E 571 -25.96 -51.27 20.58
C LYS E 571 -26.92 -50.44 21.41
N VAL E 572 -27.79 -51.12 22.14
CA VAL E 572 -28.79 -50.48 22.99
C VAL E 572 -28.82 -51.22 24.31
N TYR E 573 -29.29 -50.52 25.34
CA TYR E 573 -29.35 -51.09 26.67
C TYR E 573 -30.83 -51.16 27.06
N PRO E 574 -31.49 -52.30 26.85
CA PRO E 574 -32.91 -52.40 27.18
C PRO E 574 -33.23 -51.99 28.62
N HIS E 575 -34.38 -51.34 28.77
CA HIS E 575 -34.88 -50.93 30.07
C HIS E 575 -34.93 -52.10 31.03
N HIS E 576 -34.47 -51.89 32.26
CA HIS E 576 -34.51 -52.94 33.28
C HIS E 576 -35.92 -53.03 33.85
N LYS E 577 -36.78 -53.74 33.11
CA LYS E 577 -38.15 -53.93 33.54
C LYS E 577 -38.24 -54.73 34.84
N GLY E 578 -39.16 -54.32 35.70
CA GLY E 578 -39.54 -55.14 36.83
C GLY E 578 -38.56 -55.18 37.97
N LEU E 579 -37.76 -54.14 38.13
CA LEU E 579 -36.94 -54.00 39.31
C LEU E 579 -37.81 -53.89 40.57
N PRO E 580 -37.48 -54.61 41.64
CA PRO E 580 -38.38 -54.67 42.80
C PRO E 580 -38.36 -53.36 43.59
N ASN E 581 -39.40 -53.19 44.39
CA ASN E 581 -39.46 -52.05 45.30
C ASN E 581 -38.29 -52.09 46.27
N GLY E 582 -37.62 -50.95 46.44
CA GLY E 582 -36.47 -50.87 47.31
C GLY E 582 -35.16 -51.32 46.68
N TYR E 583 -35.19 -51.78 45.43
CA TYR E 583 -33.97 -52.16 44.74
C TYR E 583 -32.94 -51.04 44.75
N TRP E 584 -33.36 -49.82 44.44
CA TRP E 584 -32.50 -48.67 44.46
C TRP E 584 -32.39 -47.98 45.82
N SER E 585 -33.22 -48.33 46.79
CA SER E 585 -33.17 -47.66 48.08
C SER E 585 -31.95 -48.06 48.90
N ASN E 586 -31.50 -47.12 49.72
CA ASN E 586 -30.38 -47.31 50.64
C ASN E 586 -29.15 -47.96 49.98
N PRO E 587 -28.64 -47.38 48.90
CA PRO E 587 -27.69 -48.12 48.05
C PRO E 587 -26.34 -48.36 48.68
N THR E 588 -25.99 -47.67 49.76
CA THR E 588 -24.75 -47.92 50.45
C THR E 588 -24.74 -49.25 51.18
N GLU E 589 -25.89 -49.88 51.36
CA GLU E 589 -25.95 -51.25 51.83
C GLU E 589 -25.59 -52.22 50.71
N ASP E 590 -24.63 -53.10 50.98
CA ASP E 590 -24.34 -54.22 50.10
C ASP E 590 -25.42 -55.28 50.25
N ARG E 591 -26.34 -55.33 49.29
CA ARG E 591 -27.34 -56.38 49.20
C ARG E 591 -27.11 -57.34 48.04
N SER E 592 -26.00 -57.19 47.32
CA SER E 592 -25.78 -57.95 46.09
C SER E 592 -25.58 -59.45 46.32
N GLN E 593 -25.18 -59.87 47.51
CA GLN E 593 -25.04 -61.28 47.82
C GLN E 593 -26.31 -61.92 48.36
N GLN E 594 -27.47 -61.48 47.91
CA GLN E 594 -28.74 -61.95 48.44
C GLN E 594 -29.83 -61.62 47.43
N ALA E 595 -30.62 -62.63 47.08
CA ALA E 595 -31.76 -62.39 46.20
C ALA E 595 -32.83 -61.63 46.95
N ILE E 596 -33.36 -60.59 46.31
CA ILE E 596 -34.59 -59.94 46.73
C ILE E 596 -35.53 -60.00 45.55
N GLN E 597 -36.62 -60.75 45.70
CA GLN E 597 -37.54 -61.07 44.61
C GLN E 597 -36.83 -61.67 43.40
N GLY E 598 -35.63 -62.22 43.59
CA GLY E 598 -34.84 -62.74 42.49
C GLY E 598 -33.88 -61.77 41.82
N HIS E 599 -33.83 -60.52 42.23
CA HIS E 599 -32.82 -59.59 41.75
C HIS E 599 -31.65 -59.49 42.74
N TYR E 600 -30.47 -59.16 42.21
CA TYR E 600 -29.23 -59.16 42.97
C TYR E 600 -28.48 -57.85 42.89
N GLN E 601 -29.16 -56.72 43.03
CA GLN E 601 -28.53 -55.42 43.23
C GLN E 601 -27.34 -55.16 42.29
N GLU E 602 -27.59 -55.34 40.99
CA GLU E 602 -26.50 -55.37 40.02
C GLU E 602 -25.72 -54.05 39.93
N TYR E 603 -26.31 -52.95 40.37
CA TYR E 603 -25.69 -51.64 40.18
C TYR E 603 -24.51 -51.39 41.11
N ARG E 604 -24.43 -52.12 42.22
CA ARG E 604 -23.43 -51.92 43.25
C ARG E 604 -22.31 -52.96 43.13
N ARG E 605 -21.07 -52.51 43.31
CA ARG E 605 -19.96 -53.42 43.56
C ARG E 605 -20.20 -54.21 44.84
N PRO E 606 -19.95 -55.52 44.83
CA PRO E 606 -19.99 -56.27 46.09
C PRO E 606 -18.87 -55.88 47.05
N LYS E 607 -19.12 -56.13 48.34
CA LYS E 607 -18.06 -56.17 49.34
C LYS E 607 -17.08 -57.29 49.01
N LYS E 608 -15.81 -57.09 49.36
CA LYS E 608 -14.86 -58.17 49.46
C LYS E 608 -14.36 -58.22 50.90
N ASP E 609 -14.54 -59.38 51.54
CA ASP E 609 -14.10 -59.58 52.92
C ASP E 609 -14.62 -58.50 53.86
N GLY E 610 -15.77 -57.91 53.52
CA GLY E 610 -16.38 -56.87 54.32
C GLY E 610 -15.95 -55.45 54.05
N LEU E 611 -15.05 -55.21 53.11
CA LEU E 611 -14.64 -53.84 52.80
C LEU E 611 -14.94 -53.51 51.35
N GLU E 612 -15.18 -52.23 51.08
CA GLU E 612 -15.59 -51.80 49.75
C GLU E 612 -14.48 -51.96 48.73
N GLN E 613 -14.83 -52.53 47.59
CA GLN E 613 -13.95 -52.66 46.43
C GLN E 613 -13.89 -51.37 45.62
N ARG E 614 -13.36 -50.33 46.23
CA ARG E 614 -13.02 -49.09 45.52
C ARG E 614 -11.63 -49.22 44.94
N ASP E 615 -11.55 -49.53 43.64
CA ASP E 615 -10.28 -49.65 42.94
C ASP E 615 -10.45 -49.01 41.57
N ASP E 616 -9.45 -49.15 40.71
CA ASP E 616 -9.47 -48.55 39.39
C ASP E 616 -10.30 -49.32 38.36
N GLN E 617 -10.98 -50.39 38.74
CA GLN E 617 -11.90 -51.07 37.82
C GLN E 617 -13.28 -50.46 37.79
N ASN E 618 -13.69 -49.78 38.85
CA ASN E 618 -15.01 -49.18 38.93
C ASN E 618 -14.92 -47.69 39.26
N ARG E 619 -16.06 -47.06 39.52
CA ARG E 619 -16.12 -45.69 39.95
C ARG E 619 -17.09 -45.60 41.12
N SER E 620 -17.05 -44.48 41.83
CA SER E 620 -18.03 -44.17 42.84
C SER E 620 -18.82 -42.95 42.43
N VAL E 621 -20.07 -42.89 42.87
CA VAL E 621 -20.88 -41.68 42.76
C VAL E 621 -21.23 -41.22 44.17
N LYS E 622 -21.08 -39.91 44.41
CA LYS E 622 -21.47 -39.34 45.69
C LYS E 622 -22.98 -39.20 45.82
N GLY E 623 -23.70 -39.26 44.72
CA GLY E 623 -25.14 -39.21 44.75
C GLY E 623 -25.66 -39.48 43.36
N TRP E 624 -26.98 -39.55 43.26
CA TRP E 624 -27.62 -39.61 41.95
C TRP E 624 -28.93 -38.86 42.00
N VAL E 625 -29.45 -38.58 40.82
CA VAL E 625 -30.78 -37.98 40.67
C VAL E 625 -31.83 -39.04 40.95
N LYS E 626 -32.69 -38.78 41.91
CA LYS E 626 -33.68 -39.77 42.34
C LYS E 626 -34.59 -40.18 41.20
N PRO E 627 -35.12 -41.41 41.23
CA PRO E 627 -36.29 -41.74 40.42
C PRO E 627 -37.44 -40.76 40.63
N LEU E 628 -38.28 -40.65 39.61
CA LEU E 628 -39.46 -39.78 39.55
C LEU E 628 -39.17 -38.29 39.60
N THR E 629 -37.92 -37.87 39.60
CA THR E 629 -37.68 -36.44 39.49
C THR E 629 -37.90 -36.01 38.05
N GLU E 630 -38.39 -34.79 37.89
CA GLU E 630 -38.84 -34.31 36.60
C GLU E 630 -37.93 -33.20 36.09
N PHE E 631 -37.58 -33.31 34.82
CA PHE E 631 -36.92 -32.26 34.08
C PHE E 631 -37.83 -31.83 32.95
N THR E 632 -37.76 -30.57 32.60
CA THR E 632 -38.35 -30.10 31.37
C THR E 632 -37.24 -29.55 30.48
N PHE E 633 -37.35 -29.78 29.19
CA PHE E 633 -36.50 -29.16 28.21
C PHE E 633 -37.32 -28.85 26.97
N GLU E 634 -36.76 -28.05 26.08
CA GLU E 634 -37.39 -27.81 24.79
C GLU E 634 -36.52 -28.29 23.65
N ILE E 635 -37.17 -28.76 22.60
CA ILE E 635 -36.52 -29.02 21.33
C ILE E 635 -36.97 -27.96 20.35
N ASP E 636 -36.02 -27.25 19.77
CA ASP E 636 -36.29 -26.39 18.63
C ASP E 636 -35.88 -27.13 17.36
N VAL E 637 -36.79 -27.22 16.40
CA VAL E 637 -36.55 -27.94 15.16
C VAL E 637 -36.82 -27.01 13.99
N THR E 638 -36.06 -27.20 12.92
CA THR E 638 -36.15 -26.39 11.71
C THR E 638 -36.37 -27.30 10.51
N ASN E 639 -37.36 -26.96 9.69
CA ASN E 639 -37.56 -27.57 8.37
C ASN E 639 -37.57 -29.10 8.39
N LEU E 640 -38.20 -29.69 9.39
CA LEU E 640 -38.42 -31.13 9.38
C LEU E 640 -39.54 -31.50 8.41
N SER E 641 -39.30 -32.50 7.58
CA SER E 641 -40.37 -33.17 6.86
C SER E 641 -41.29 -33.88 7.83
N GLU E 642 -42.48 -34.25 7.35
CA GLU E 642 -43.42 -35.01 8.17
C GLU E 642 -42.88 -36.36 8.59
N VAL E 643 -42.05 -36.99 7.75
CA VAL E 643 -41.40 -38.23 8.14
C VAL E 643 -40.36 -37.98 9.21
N GLU E 644 -39.51 -36.97 9.02
CA GLU E 644 -38.52 -36.66 10.03
C GLU E 644 -39.16 -36.21 11.33
N LEU E 645 -40.18 -35.36 11.26
CA LEU E 645 -40.91 -34.97 12.44
C LEU E 645 -41.67 -36.13 13.04
N GLY E 646 -42.29 -36.96 12.20
CA GLY E 646 -43.00 -38.12 12.71
C GLY E 646 -42.13 -39.07 13.51
N ALA E 647 -40.92 -39.34 13.02
CA ALA E 647 -39.98 -40.17 13.77
C ALA E 647 -39.68 -39.57 15.12
N LEU E 648 -39.40 -38.27 15.16
CA LEU E 648 -39.12 -37.59 16.42
C LEU E 648 -40.31 -37.62 17.36
N LEU E 649 -41.48 -37.22 16.88
CA LEU E 649 -42.66 -37.21 17.74
C LEU E 649 -43.08 -38.60 18.14
N TRP E 650 -42.80 -39.59 17.31
CA TRP E 650 -43.02 -40.98 17.71
C TRP E 650 -42.18 -41.34 18.93
N LEU E 651 -40.90 -40.98 18.91
CA LEU E 651 -40.02 -41.18 20.06
C LEU E 651 -40.48 -40.39 21.28
N LEU E 652 -41.06 -39.22 21.07
CA LEU E 652 -41.55 -38.39 22.17
C LEU E 652 -42.97 -38.73 22.59
N THR E 653 -43.63 -39.67 21.92
CA THR E 653 -44.97 -40.10 22.31
C THR E 653 -45.07 -41.61 22.27
N LEU E 654 -44.05 -42.30 22.74
CA LEU E 654 -44.09 -43.75 22.82
C LEU E 654 -45.24 -44.20 23.71
N PRO E 655 -45.79 -45.39 23.46
CA PRO E 655 -46.77 -45.98 24.38
C PRO E 655 -46.28 -46.08 25.81
N ASP E 656 -47.20 -46.30 26.75
CA ASP E 656 -46.83 -46.45 28.15
C ASP E 656 -45.80 -47.54 28.35
N LEU E 657 -44.98 -47.36 29.39
CA LEU E 657 -43.93 -48.29 29.77
C LEU E 657 -42.86 -48.46 28.70
N HIS E 658 -42.75 -47.52 27.77
CA HIS E 658 -41.58 -47.42 26.90
C HIS E 658 -40.72 -46.30 27.42
N PHE E 659 -39.44 -46.58 27.62
CA PHE E 659 -38.53 -45.67 28.29
C PHE E 659 -37.27 -45.51 27.46
N HIS E 660 -36.78 -44.29 27.43
CA HIS E 660 -35.47 -44.03 26.88
C HIS E 660 -34.40 -44.29 27.92
N ARG E 661 -33.17 -44.43 27.45
CA ARG E 661 -32.04 -44.76 28.31
C ARG E 661 -31.01 -43.64 28.22
N LEU E 662 -30.72 -43.02 29.35
CA LEU E 662 -30.00 -41.76 29.42
C LEU E 662 -28.84 -41.90 30.40
N GLY E 663 -27.79 -41.12 30.15
CA GLY E 663 -26.68 -41.00 31.08
C GLY E 663 -25.81 -42.24 31.21
N GLY E 664 -25.14 -42.33 32.35
CA GLY E 664 -24.17 -43.37 32.59
C GLY E 664 -24.73 -44.51 33.37
N GLY E 665 -24.00 -45.62 33.33
CA GLY E 665 -24.41 -46.80 34.05
C GLY E 665 -25.67 -47.45 33.52
N LYS E 666 -26.02 -47.20 32.26
CA LYS E 666 -27.19 -47.82 31.66
C LYS E 666 -27.21 -49.34 31.79
N PRO E 667 -26.12 -50.07 31.55
CA PRO E 667 -26.15 -51.52 31.78
C PRO E 667 -26.36 -51.93 33.23
N LEU E 668 -26.18 -51.04 34.18
CA LEU E 668 -26.48 -51.35 35.57
C LEU E 668 -27.94 -51.08 35.90
N GLY E 669 -28.66 -50.44 34.99
CA GLY E 669 -30.06 -50.14 35.13
C GLY E 669 -30.36 -48.68 35.26
N PHE E 670 -29.34 -47.86 35.48
CA PHE E 670 -29.53 -46.43 35.64
C PHE E 670 -30.03 -45.79 34.36
N GLY E 671 -30.73 -44.67 34.52
CA GLY E 671 -31.05 -43.77 33.44
C GLY E 671 -32.18 -44.15 32.52
N SER E 672 -33.10 -44.99 32.97
CA SER E 672 -34.35 -45.18 32.26
C SER E 672 -35.26 -43.99 32.51
N VAL E 673 -35.78 -43.38 31.44
CA VAL E 673 -36.55 -42.14 31.56
C VAL E 673 -37.80 -42.21 30.71
N ARG E 674 -38.83 -41.50 31.16
CA ARG E 674 -40.09 -41.33 30.42
C ARG E 674 -40.08 -39.95 29.76
N LEU E 675 -40.23 -39.93 28.44
CA LEU E 675 -40.37 -38.69 27.67
C LEU E 675 -41.79 -38.55 27.18
N ASP E 676 -42.39 -37.40 27.46
CA ASP E 676 -43.64 -37.04 26.82
C ASP E 676 -43.73 -35.55 26.57
N ILE E 677 -44.32 -35.22 25.42
CA ILE E 677 -44.54 -33.84 25.00
C ILE E 677 -45.48 -33.12 25.96
N ASP E 678 -45.14 -31.88 26.29
CA ASP E 678 -46.08 -30.94 26.89
C ASP E 678 -46.75 -30.12 25.80
N PRO E 679 -48.00 -30.41 25.45
CA PRO E 679 -48.60 -29.79 24.25
C PRO E 679 -48.85 -28.30 24.37
N ASP E 680 -49.14 -27.79 25.56
CA ASP E 680 -49.46 -26.37 25.69
C ASP E 680 -48.26 -25.48 25.40
N LYS E 681 -47.05 -25.96 25.66
CA LYS E 681 -45.83 -25.22 25.38
C LYS E 681 -45.25 -25.49 23.99
N THR E 682 -45.82 -26.43 23.26
CA THR E 682 -45.32 -26.82 21.94
C THR E 682 -45.90 -25.90 20.87
N ASP E 683 -45.08 -25.51 19.89
CA ASP E 683 -45.56 -24.65 18.80
C ASP E 683 -44.83 -25.06 17.52
N LEU E 684 -45.45 -25.93 16.74
CA LEU E 684 -44.93 -26.34 15.44
C LEU E 684 -45.80 -25.80 14.32
N ARG E 685 -45.17 -25.25 13.29
CA ARG E 685 -45.87 -24.79 12.09
C ARG E 685 -45.03 -25.12 10.87
N ASN E 686 -45.68 -25.25 9.73
CA ASN E 686 -44.96 -25.24 8.47
C ASN E 686 -44.60 -23.81 8.07
N GLY E 687 -43.78 -23.70 7.03
CA GLY E 687 -43.33 -22.39 6.58
C GLY E 687 -44.43 -21.47 6.11
N ALA E 688 -45.56 -22.03 5.70
CA ALA E 688 -46.73 -21.20 5.42
C ALA E 688 -47.32 -20.63 6.70
N GLY E 689 -47.36 -21.43 7.77
CA GLY E 689 -47.76 -20.92 9.06
C GLY E 689 -46.80 -19.91 9.67
N TRP E 690 -45.49 -20.09 9.45
CA TRP E 690 -44.53 -19.09 9.89
C TRP E 690 -44.59 -17.83 9.05
N ARG E 691 -44.85 -17.98 7.76
CA ARG E 691 -45.05 -16.83 6.89
C ARG E 691 -46.22 -15.96 7.36
N ASP E 692 -47.27 -16.57 7.89
CA ASP E 692 -48.35 -15.81 8.51
C ASP E 692 -47.94 -15.20 9.85
N TYR E 693 -47.12 -15.91 10.61
CA TYR E 693 -46.64 -15.40 11.89
C TYR E 693 -45.76 -14.17 11.74
N TYR E 694 -44.81 -14.21 10.80
CA TYR E 694 -43.98 -13.05 10.53
C TYR E 694 -44.68 -11.99 9.72
N GLY E 695 -45.83 -12.30 9.16
CA GLY E 695 -46.65 -11.32 8.51
C GLY E 695 -47.31 -10.31 9.41
N SER E 696 -47.12 -10.38 10.72
CA SER E 696 -47.80 -9.46 11.61
C SER E 696 -46.99 -9.21 12.87
N LEU E 697 -47.08 -7.99 13.39
CA LEU E 697 -46.59 -7.66 14.71
C LEU E 697 -47.64 -7.86 15.79
N LEU E 698 -48.89 -8.07 15.40
CA LEU E 698 -49.95 -8.40 16.34
C LEU E 698 -49.98 -9.89 16.61
N GLU E 699 -50.41 -10.24 17.83
CA GLU E 699 -50.64 -11.62 18.20
C GLU E 699 -51.61 -12.29 17.23
N THR E 700 -51.31 -13.54 16.89
CA THR E 700 -51.98 -14.24 15.81
C THR E 700 -52.21 -15.68 16.27
N SER E 701 -53.21 -16.32 15.69
CA SER E 701 -53.50 -17.70 16.04
C SER E 701 -52.33 -18.61 15.71
N GLN E 702 -52.03 -19.53 16.64
CA GLN E 702 -51.12 -20.59 16.26
C GLN E 702 -51.91 -21.85 15.91
N PRO E 703 -51.52 -22.56 14.85
CA PRO E 703 -52.18 -23.82 14.53
C PRO E 703 -51.94 -24.87 15.59
N ASP E 704 -52.98 -25.63 15.91
CA ASP E 704 -52.90 -26.68 16.94
C ASP E 704 -52.24 -27.91 16.34
N PHE E 705 -50.96 -28.09 16.68
CA PHE E 705 -50.22 -29.28 16.24
C PHE E 705 -50.87 -30.59 16.71
N THR E 706 -51.62 -30.56 17.80
CA THR E 706 -52.22 -31.79 18.32
C THR E 706 -53.23 -32.42 17.37
N THR E 707 -53.76 -31.67 16.42
CA THR E 707 -54.59 -32.29 15.40
C THR E 707 -53.76 -32.97 14.32
N LEU E 708 -52.48 -32.63 14.21
CA LEU E 708 -51.64 -33.14 13.14
C LEU E 708 -50.63 -34.18 13.58
N ILE E 709 -50.37 -34.31 14.88
CA ILE E 709 -49.33 -35.23 15.33
C ILE E 709 -49.54 -36.65 14.84
N SER E 710 -50.79 -37.13 14.87
CA SER E 710 -51.06 -38.48 14.36
C SER E 710 -50.75 -38.58 12.88
N GLN E 711 -51.07 -37.56 12.11
CA GLN E 711 -50.72 -37.55 10.69
C GLN E 711 -49.23 -37.72 10.47
N TRP E 712 -48.42 -36.91 11.16
CA TRP E 712 -46.97 -36.98 11.02
C TRP E 712 -46.40 -38.32 11.45
N ILE E 713 -46.84 -38.84 12.60
CA ILE E 713 -46.36 -40.15 13.05
C ILE E 713 -46.75 -41.25 12.08
N ASN E 714 -47.96 -41.21 11.54
CA ASN E 714 -48.35 -42.16 10.50
C ASN E 714 -47.57 -41.94 9.20
N ALA E 715 -47.18 -40.71 8.90
CA ALA E 715 -46.33 -40.48 7.74
C ALA E 715 -45.00 -41.20 7.91
N PHE E 716 -44.41 -41.07 9.09
CA PHE E 716 -43.20 -41.79 9.43
C PHE E 716 -43.40 -43.30 9.31
N GLN E 717 -44.46 -43.81 9.92
CA GLN E 717 -44.71 -45.24 9.94
C GLN E 717 -44.96 -45.80 8.54
N THR E 718 -45.70 -45.09 7.69
CA THR E 718 -45.93 -45.59 6.34
C THR E 718 -44.66 -45.55 5.49
N ALA E 719 -43.82 -44.53 5.68
CA ALA E 719 -42.54 -44.50 5.00
C ALA E 719 -41.64 -45.65 5.42
N VAL E 720 -41.62 -45.99 6.70
CA VAL E 720 -40.80 -47.12 7.15
C VAL E 720 -41.31 -48.43 6.57
N LYS E 721 -42.61 -48.65 6.61
CA LYS E 721 -43.21 -49.82 5.97
C LYS E 721 -42.83 -49.90 4.51
N GLU E 722 -43.01 -48.81 3.78
CA GLU E 722 -42.89 -48.84 2.33
C GLU E 722 -41.44 -49.00 1.90
N GLU E 723 -40.53 -48.28 2.54
CA GLU E 723 -39.13 -48.36 2.14
C GLU E 723 -38.44 -49.61 2.69
N TYR E 724 -38.86 -50.12 3.83
CA TYR E 724 -38.30 -51.36 4.37
C TYR E 724 -39.31 -52.51 4.39
N GLY E 725 -40.07 -52.62 3.30
CA GLY E 725 -40.62 -53.89 2.85
C GLY E 725 -41.40 -54.72 3.85
N SER E 726 -42.27 -54.09 4.62
CA SER E 726 -42.97 -54.79 5.68
C SER E 726 -44.46 -54.57 5.56
N SER E 727 -45.22 -55.58 5.95
CA SER E 727 -46.68 -55.49 5.96
C SER E 727 -47.21 -54.81 7.20
N SER E 728 -46.33 -54.40 8.12
CA SER E 728 -46.70 -53.64 9.29
C SER E 728 -45.50 -52.80 9.68
N PHE E 729 -45.76 -51.67 10.36
CA PHE E 729 -44.69 -50.86 10.90
C PHE E 729 -44.00 -51.54 12.08
N ASP E 730 -44.78 -52.07 13.03
CA ASP E 730 -44.23 -52.68 14.21
C ASP E 730 -43.58 -54.03 13.97
N GLN E 731 -43.66 -54.56 12.75
CA GLN E 731 -42.96 -55.76 12.36
C GLN E 731 -41.72 -55.48 11.51
N VAL E 732 -41.38 -54.21 11.28
CA VAL E 732 -40.07 -53.88 10.76
C VAL E 732 -39.02 -54.22 11.80
N THR E 733 -37.98 -54.94 11.39
CA THR E 733 -37.06 -55.55 12.35
C THR E 733 -36.39 -54.52 13.24
N PHE E 734 -35.90 -53.42 12.68
CA PHE E 734 -35.31 -52.40 13.55
C PHE E 734 -36.36 -51.72 14.43
N ILE E 735 -37.57 -51.55 13.94
CA ILE E 735 -38.65 -51.03 14.80
C ILE E 735 -39.00 -52.05 15.88
N LYS E 736 -39.20 -53.30 15.49
CA LYS E 736 -39.50 -54.36 16.46
C LYS E 736 -38.42 -54.46 17.53
N ALA E 737 -37.16 -54.44 17.12
CA ALA E 737 -36.04 -54.48 18.07
C ALA E 737 -36.01 -53.24 18.95
N SER E 738 -36.10 -52.06 18.34
CA SER E 738 -36.04 -50.82 19.11
C SER E 738 -37.14 -50.74 20.16
N GLY E 739 -38.35 -51.15 19.82
CA GLY E 739 -39.43 -51.19 20.80
C GLY E 739 -39.12 -52.08 22.00
N GLN E 740 -38.59 -53.27 21.74
CA GLN E 740 -38.21 -54.17 22.81
C GLN E 740 -37.17 -53.56 23.75
N SER E 741 -36.22 -52.80 23.20
CA SER E 741 -35.27 -52.09 24.03
C SER E 741 -35.96 -51.10 24.96
N LEU E 742 -36.80 -50.23 24.40
CA LEU E 742 -37.48 -49.21 25.19
C LEU E 742 -38.38 -49.85 26.24
N GLN E 743 -38.99 -50.97 25.87
CA GLN E 743 -39.94 -51.67 26.72
C GLN E 743 -39.28 -52.60 27.75
N GLY E 744 -38.06 -53.08 27.49
CA GLY E 744 -37.48 -54.15 28.28
C GLY E 744 -38.06 -55.53 27.99
N PHE E 745 -37.71 -56.48 28.84
CA PHE E 745 -38.01 -57.89 28.64
C PHE E 745 -39.14 -58.33 29.55
N HIS E 746 -40.14 -58.97 28.97
CA HIS E 746 -41.38 -59.32 29.67
C HIS E 746 -41.30 -60.64 30.42
N ASP E 747 -40.28 -61.44 30.18
CA ASP E 747 -40.16 -62.76 30.80
C ASP E 747 -39.63 -62.72 32.23
N ASN E 748 -39.40 -61.52 32.78
CA ASN E 748 -38.88 -61.29 34.13
C ASN E 748 -37.58 -62.03 34.44
N ALA E 749 -36.84 -62.47 33.43
CA ALA E 749 -35.43 -62.80 33.67
C ALA E 749 -34.65 -61.53 33.95
N SER E 750 -33.81 -61.57 34.97
CA SER E 750 -33.01 -60.40 35.35
C SER E 750 -32.05 -60.00 34.24
N ILE E 751 -31.86 -58.71 34.05
CA ILE E 751 -30.76 -58.21 33.25
C ILE E 751 -29.50 -58.19 34.09
N HIS E 752 -28.48 -58.91 33.66
CA HIS E 752 -27.13 -58.73 34.18
C HIS E 752 -26.14 -59.28 33.17
N TYR E 753 -24.90 -58.81 33.27
CA TYR E 753 -23.84 -59.36 32.45
C TYR E 753 -23.68 -60.86 32.73
N PRO E 754 -23.24 -61.64 31.76
CA PRO E 754 -23.14 -63.09 31.95
C PRO E 754 -22.19 -63.46 33.07
N ARG E 755 -22.58 -64.48 33.82
CA ARG E 755 -21.78 -64.99 34.92
C ARG E 755 -22.22 -66.41 35.21
N SER E 756 -21.36 -67.16 35.88
CA SER E 756 -21.64 -68.57 36.10
C SER E 756 -22.52 -68.85 37.31
N THR E 757 -22.70 -67.87 38.19
CA THR E 757 -23.48 -67.98 39.41
C THR E 757 -24.62 -66.97 39.37
N PRO E 758 -25.80 -67.32 39.87
CA PRO E 758 -26.91 -66.35 39.81
C PRO E 758 -26.63 -65.10 40.61
N GLU E 759 -25.97 -65.28 41.73
CA GLU E 759 -25.44 -64.17 42.51
C GLU E 759 -24.20 -63.56 41.83
N PRO E 760 -24.05 -62.25 41.85
CA PRO E 760 -22.77 -61.66 41.44
C PRO E 760 -21.69 -61.92 42.48
N LYS E 761 -20.70 -62.72 42.12
CA LYS E 761 -19.60 -62.97 43.03
C LYS E 761 -18.76 -61.72 43.21
N PRO E 762 -18.21 -61.51 44.42
CA PRO E 762 -17.44 -60.29 44.69
C PRO E 762 -16.13 -60.19 43.92
N ASP E 763 -15.83 -61.12 43.02
CA ASP E 763 -14.65 -61.03 42.17
C ASP E 763 -15.06 -60.93 40.71
N GLY E 764 -14.26 -60.20 39.94
CA GLY E 764 -14.52 -59.98 38.52
C GLY E 764 -14.27 -61.20 37.66
N GLU E 765 -15.09 -62.24 37.81
CA GLU E 765 -14.88 -63.53 37.19
C GLU E 765 -16.01 -63.92 36.26
N ALA E 766 -16.75 -62.93 35.77
CA ALA E 766 -17.84 -63.15 34.83
C ALA E 766 -17.38 -63.76 33.51
N PHE E 767 -16.10 -63.65 33.17
CA PHE E 767 -15.56 -64.39 32.02
C PHE E 767 -15.79 -65.88 32.11
N LYS E 768 -15.97 -66.42 33.32
CA LYS E 768 -16.15 -67.85 33.49
C LYS E 768 -17.38 -68.35 32.74
N TRP E 769 -18.43 -67.53 32.62
CA TRP E 769 -19.56 -67.91 31.80
C TRP E 769 -19.19 -67.99 30.34
N PHE E 770 -18.38 -67.05 29.87
CA PHE E 770 -18.00 -67.01 28.45
C PHE E 770 -17.14 -68.20 28.07
N VAL E 771 -16.19 -68.58 28.92
CA VAL E 771 -15.39 -69.76 28.62
C VAL E 771 -16.25 -71.02 28.70
N ALA E 772 -17.21 -71.08 29.62
CA ALA E 772 -18.16 -72.18 29.64
C ALA E 772 -19.02 -72.19 28.39
N ASN E 773 -19.38 -71.01 27.90
CA ASN E 773 -20.12 -70.91 26.65
C ASN E 773 -19.28 -71.39 25.47
N GLU E 774 -18.00 -71.00 25.45
CA GLU E 774 -17.12 -71.38 24.36
C GLU E 774 -16.92 -72.89 24.30
N LYS E 775 -16.81 -73.54 25.46
CA LYS E 775 -16.77 -75.00 25.48
C LYS E 775 -18.16 -75.64 25.44
N GLY E 776 -19.21 -74.90 25.78
CA GLY E 776 -20.56 -75.43 25.83
C GLY E 776 -21.35 -75.26 24.55
N ARG E 777 -22.56 -74.72 24.66
CA ARG E 777 -23.46 -74.56 23.51
C ARG E 777 -23.03 -73.45 22.57
N ARG E 778 -22.08 -72.61 22.94
CA ARG E 778 -21.56 -71.56 22.08
C ARG E 778 -22.68 -70.64 21.58
N LEU E 779 -23.50 -70.20 22.53
CA LEU E 779 -24.64 -69.33 22.21
C LEU E 779 -24.19 -67.97 21.70
N ALA E 780 -24.77 -67.52 20.60
CA ALA E 780 -24.72 -66.12 20.24
C ALA E 780 -25.66 -65.31 21.11
N LEU E 781 -25.38 -64.01 21.20
CA LEU E 781 -26.29 -63.07 21.83
C LEU E 781 -27.63 -63.14 21.12
N PRO E 782 -28.72 -63.49 21.80
CA PRO E 782 -30.00 -63.67 21.11
C PRO E 782 -30.47 -62.38 20.46
N ALA E 783 -31.24 -62.53 19.39
CA ALA E 783 -31.80 -61.36 18.72
C ALA E 783 -32.66 -60.56 19.68
N LEU E 784 -32.57 -59.24 19.60
CA LEU E 784 -33.30 -58.39 20.52
C LEU E 784 -34.80 -58.58 20.36
N GLU E 785 -35.28 -58.73 19.13
CA GLU E 785 -36.69 -59.00 18.90
C GLU E 785 -37.16 -60.29 19.55
N LYS E 786 -36.31 -61.30 19.63
CA LYS E 786 -36.76 -62.61 20.11
C LYS E 786 -36.90 -62.66 21.62
N SER E 787 -36.27 -61.74 22.35
CA SER E 787 -36.35 -61.66 23.81
C SER E 787 -35.97 -62.96 24.51
N GLN E 788 -34.99 -63.68 23.97
CA GLN E 788 -34.53 -64.93 24.59
C GLN E 788 -33.44 -64.65 25.62
N SER E 789 -33.62 -65.20 26.83
CA SER E 789 -32.64 -65.10 27.90
C SER E 789 -31.54 -66.16 27.77
N PHE E 790 -30.33 -65.80 28.24
CA PHE E 790 -29.24 -66.74 28.39
C PHE E 790 -29.42 -67.62 29.62
N PRO E 791 -28.96 -68.87 29.55
CA PRO E 791 -28.89 -69.71 30.74
C PRO E 791 -27.69 -69.37 31.59
N ILE E 792 -27.82 -69.57 32.90
CA ILE E 792 -26.66 -69.35 33.75
C ILE E 792 -25.58 -70.40 33.55
N LYS E 793 -25.95 -71.60 33.09
CA LYS E 793 -24.96 -72.60 32.65
C LYS E 793 -25.11 -72.81 31.16
N PRO E 794 -24.28 -72.19 30.32
CA PRO E 794 -24.35 -72.42 28.89
C PRO E 794 -23.67 -73.69 28.41
N SER E 795 -23.29 -74.56 29.34
CA SER E 795 -22.71 -75.86 29.02
C SER E 795 -23.71 -76.74 28.27
#